data_5KUA
#
_entry.id   5KUA
#
_cell.length_a   1
_cell.length_b   1
_cell.length_c   1
_cell.angle_alpha   90.00
_cell.angle_beta   90.00
_cell.angle_gamma   90.00
#
_symmetry.space_group_name_H-M   'P 1'
#
_entity_poly.entity_id   1
_entity_poly.type   'polypeptide(L)'
_entity_poly.pdbx_seq_one_letter_code
;FTLIELMIVIAIVGILAAVALPAYQDYTARAQVSEAILLAEGQKSAVTEYYLNHGEWPGDNSSAGVATSADIKGKYVQSV
TVANGVITAQMASSNVNNEIKSKKLSLWAKRQNGSVKWFCGQPVTRTTATATDVAAANGKTDDKINTKHLPSTCRDDSSA
S
;
_entity_poly.pdbx_strand_id   A,B,C,D,E,F,G,H,I,J,K,L,M,N,O,P,Q,R,S,T,U,V,W,X,Y,Z
#
# COMPACT_ATOMS: atom_id res chain seq x y z
N PHE A 1 -43.10 -54.35 21.39
CA PHE A 1 -44.09 -55.25 20.81
C PHE A 1 -44.13 -56.55 21.57
N THR A 2 -43.44 -56.58 22.70
CA THR A 2 -43.86 -57.46 23.77
C THR A 2 -45.34 -57.24 24.05
N LEU A 3 -45.82 -56.02 23.83
CA LEU A 3 -47.25 -55.76 23.79
C LEU A 3 -47.96 -56.76 22.90
N ILE A 4 -47.46 -57.00 21.69
CA ILE A 4 -48.01 -58.09 20.90
C ILE A 4 -47.95 -59.36 21.70
N GLU A 5 -46.73 -59.77 22.08
CA GLU A 5 -46.57 -60.90 22.98
C GLU A 5 -47.57 -60.84 24.12
N LEU A 6 -47.72 -59.67 24.73
CA LEU A 6 -48.81 -59.45 25.67
C LEU A 6 -50.15 -59.69 25.01
N MET A 7 -50.48 -58.88 24.02
CA MET A 7 -51.76 -59.02 23.36
C MET A 7 -51.92 -60.42 22.78
N ILE A 8 -50.81 -61.07 22.40
CA ILE A 8 -50.85 -62.49 22.13
C ILE A 8 -51.40 -63.24 23.34
N VAL A 9 -50.70 -63.12 24.47
CA VAL A 9 -51.18 -63.74 25.69
C VAL A 9 -52.61 -63.32 25.94
N ILE A 10 -52.93 -62.06 25.68
CA ILE A 10 -54.32 -61.65 25.67
C ILE A 10 -55.08 -62.43 24.60
N ALA A 11 -54.58 -62.38 23.37
CA ALA A 11 -55.28 -63.01 22.26
C ALA A 11 -55.54 -64.49 22.55
N ILE A 12 -54.49 -65.22 22.96
CA ILE A 12 -54.68 -66.63 23.23
C ILE A 12 -55.66 -66.82 24.38
N VAL A 13 -55.61 -65.91 25.36
CA VAL A 13 -56.68 -65.85 26.33
C VAL A 13 -57.97 -65.40 25.66
N GLY A 14 -57.83 -64.53 24.67
CA GLY A 14 -58.98 -64.01 23.94
C GLY A 14 -59.90 -65.11 23.47
N ILE A 15 -59.34 -66.09 22.77
CA ILE A 15 -60.13 -67.21 22.26
C ILE A 15 -59.90 -68.47 23.10
N LEU A 16 -59.72 -68.28 24.39
CA LEU A 16 -59.49 -69.40 25.31
C LEU A 16 -60.66 -69.58 26.27
N ALA A 17 -61.41 -68.50 26.48
CA ALA A 17 -62.57 -68.54 27.38
C ALA A 17 -63.87 -68.69 26.61
N ALA A 18 -63.80 -69.36 25.47
CA ALA A 18 -64.97 -69.57 24.64
C ALA A 18 -64.92 -70.89 23.88
N VAL A 19 -65.98 -71.68 24.03
CA VAL A 19 -66.13 -73.00 23.38
C VAL A 19 -65.15 -74.10 23.79
N ALA A 20 -64.47 -73.93 24.93
CA ALA A 20 -63.51 -74.90 25.43
C ALA A 20 -64.12 -75.78 26.51
N LEU A 21 -65.43 -75.98 26.44
CA LEU A 21 -66.14 -76.80 27.41
C LEU A 21 -67.16 -77.71 26.74
N PRO A 22 -66.75 -78.94 26.46
CA PRO A 22 -67.64 -79.91 25.80
C PRO A 22 -68.68 -80.45 26.78
N ALA A 23 -69.83 -80.87 26.27
CA ALA A 23 -70.55 -82.02 26.80
C ALA A 23 -70.83 -82.05 28.29
N TYR A 24 -70.71 -80.95 29.02
CA TYR A 24 -70.96 -81.07 30.45
C TYR A 24 -72.44 -80.94 30.77
N GLN A 25 -73.15 -80.07 30.05
CA GLN A 25 -74.60 -80.13 30.12
C GLN A 25 -75.06 -81.50 29.64
N ASP A 26 -74.28 -82.10 28.74
CA ASP A 26 -74.44 -83.50 28.39
C ASP A 26 -74.19 -84.41 29.57
N TYR A 27 -73.14 -84.15 30.35
CA TYR A 27 -72.74 -85.10 31.38
C TYR A 27 -73.68 -85.06 32.57
N THR A 28 -73.87 -83.88 33.17
CA THR A 28 -74.83 -83.72 34.27
C THR A 28 -76.10 -84.47 33.97
N ALA A 29 -76.59 -84.32 32.74
CA ALA A 29 -77.76 -85.04 32.28
C ALA A 29 -77.73 -86.49 32.69
N ARG A 30 -76.67 -87.21 32.30
CA ARG A 30 -76.55 -88.62 32.61
C ARG A 30 -76.96 -88.91 34.04
N ALA A 31 -76.26 -88.30 34.99
CA ALA A 31 -76.63 -88.45 36.40
C ALA A 31 -78.03 -87.93 36.64
N GLN A 32 -78.28 -86.67 36.25
CA GLN A 32 -79.62 -86.12 36.31
C GLN A 32 -80.64 -87.08 35.73
N VAL A 33 -80.34 -87.64 34.55
CA VAL A 33 -81.08 -88.80 34.07
C VAL A 33 -81.00 -89.93 35.09
N SER A 34 -79.78 -90.37 35.39
CA SER A 34 -79.60 -91.57 36.19
C SER A 34 -80.31 -91.47 37.52
N GLU A 35 -80.39 -90.26 38.07
CA GLU A 35 -81.25 -90.04 39.23
C GLU A 35 -82.63 -90.64 38.99
N ALA A 36 -83.24 -90.30 37.86
CA ALA A 36 -84.53 -90.88 37.53
C ALA A 36 -84.46 -92.40 37.49
N ILE A 37 -83.35 -92.96 37.00
CA ILE A 37 -83.21 -94.41 36.95
C ILE A 37 -83.33 -95.00 38.34
N LEU A 38 -82.91 -94.25 39.35
CA LEU A 38 -82.72 -94.81 40.67
C LEU A 38 -84.05 -95.23 41.31
N LEU A 39 -85.16 -94.78 40.77
CA LEU A 39 -86.38 -94.78 41.57
C LEU A 39 -87.27 -95.98 41.27
N ALA A 40 -87.71 -96.14 40.01
CA ALA A 40 -88.64 -97.20 39.64
C ALA A 40 -88.07 -98.58 39.86
N GLU A 41 -86.79 -98.67 40.20
CA GLU A 41 -86.13 -99.93 40.47
C GLU A 41 -86.95 -100.82 41.38
N GLY A 42 -87.41 -100.27 42.50
CA GLY A 42 -88.15 -101.08 43.45
C GLY A 42 -89.43 -101.63 42.87
N GLN A 43 -90.03 -100.94 41.91
CA GLN A 43 -91.27 -101.39 41.31
C GLN A 43 -91.10 -102.78 40.69
N LYS A 44 -89.88 -103.07 40.20
CA LYS A 44 -89.57 -104.33 39.56
C LYS A 44 -90.02 -105.54 40.38
N SER A 45 -90.05 -105.41 41.70
CA SER A 45 -90.37 -106.54 42.55
C SER A 45 -91.79 -107.04 42.34
N ALA A 46 -92.78 -106.21 42.68
CA ALA A 46 -94.16 -106.63 42.51
C ALA A 46 -94.44 -106.92 41.05
N VAL A 47 -93.85 -106.14 40.16
CA VAL A 47 -93.85 -106.46 38.75
C VAL A 47 -93.41 -107.90 38.54
N THR A 48 -92.23 -108.25 39.05
CA THR A 48 -91.83 -109.64 39.06
C THR A 48 -92.84 -110.49 39.79
N GLU A 49 -93.15 -110.11 41.03
CA GLU A 49 -94.11 -110.85 41.85
C GLU A 49 -95.39 -111.11 41.08
N TYR A 50 -95.93 -110.05 40.48
CA TYR A 50 -97.08 -110.22 39.60
C TYR A 50 -96.78 -111.26 38.55
N TYR A 51 -95.67 -111.08 37.84
CA TYR A 51 -95.22 -112.11 36.92
C TYR A 51 -94.89 -113.39 37.67
N LEU A 52 -94.41 -113.25 38.90
CA LEU A 52 -94.03 -114.40 39.70
C LEU A 52 -95.26 -115.17 40.11
N ASN A 53 -96.16 -114.49 40.82
CA ASN A 53 -97.46 -115.06 41.11
C ASN A 53 -98.09 -115.63 39.85
N HIS A 54 -98.34 -114.78 38.87
CA HIS A 54 -99.24 -115.12 37.78
C HIS A 54 -98.53 -115.92 36.68
N GLY A 55 -97.29 -115.55 36.37
CA GLY A 55 -96.70 -115.88 35.10
C GLY A 55 -96.85 -114.80 34.07
N GLU A 56 -97.56 -113.72 34.40
CA GLU A 56 -97.74 -112.58 33.53
C GLU A 56 -97.22 -111.33 34.24
N TRP A 57 -96.55 -110.48 33.49
CA TRP A 57 -96.16 -109.20 34.07
C TRP A 57 -97.41 -108.41 34.41
N PRO A 58 -97.29 -107.42 35.28
CA PRO A 58 -98.42 -106.53 35.52
C PRO A 58 -98.52 -105.52 34.40
N GLY A 59 -99.71 -105.42 33.83
CA GLY A 59 -99.93 -104.45 32.77
C GLY A 59 -99.40 -103.08 33.15
N ASP A 60 -99.37 -102.78 34.43
CA ASP A 60 -98.87 -101.51 34.90
C ASP A 60 -98.67 -101.59 36.41
N ASN A 61 -98.44 -100.43 37.00
CA ASN A 61 -98.47 -100.24 38.44
C ASN A 61 -99.75 -100.79 39.06
N SER A 62 -100.90 -100.45 38.48
CA SER A 62 -102.18 -100.83 39.07
C SER A 62 -102.45 -102.33 38.89
N SER A 63 -102.16 -102.88 37.72
CA SER A 63 -102.18 -104.32 37.56
C SER A 63 -101.36 -104.97 38.66
N ALA A 64 -100.11 -104.53 38.82
CA ALA A 64 -99.33 -104.94 39.97
C ALA A 64 -99.99 -104.48 41.26
N GLY A 65 -100.74 -103.38 41.20
CA GLY A 65 -101.25 -102.77 42.40
C GLY A 65 -100.29 -101.83 43.08
N VAL A 66 -99.40 -101.21 42.31
CA VAL A 66 -98.33 -100.42 42.92
C VAL A 66 -98.35 -98.99 42.41
N ALA A 67 -97.40 -98.20 42.89
CA ALA A 67 -97.42 -96.76 42.71
C ALA A 67 -97.39 -96.37 41.24
N THR A 68 -98.40 -95.60 40.81
CA THR A 68 -98.66 -95.36 39.41
C THR A 68 -97.69 -94.34 38.80
N SER A 69 -97.99 -93.94 37.57
CA SER A 69 -97.16 -92.98 36.84
C SER A 69 -96.85 -91.76 37.68
N ALA A 70 -97.87 -90.99 38.00
CA ALA A 70 -97.74 -89.82 38.85
C ALA A 70 -97.42 -90.18 40.29
N ASP A 71 -97.46 -91.46 40.63
CA ASP A 71 -96.89 -91.88 41.89
C ASP A 71 -95.39 -91.97 41.74
N ILE A 72 -94.79 -92.76 42.63
CA ILE A 72 -93.54 -92.45 43.29
C ILE A 72 -92.62 -91.57 42.44
N LYS A 73 -92.21 -90.43 43.02
CA LYS A 73 -91.51 -89.37 42.28
C LYS A 73 -90.72 -88.47 43.22
N GLY A 74 -90.08 -87.49 42.59
CA GLY A 74 -89.31 -86.48 43.29
C GLY A 74 -88.51 -85.63 42.31
N LYS A 75 -87.24 -85.41 42.65
CA LYS A 75 -86.32 -84.73 41.75
C LYS A 75 -86.09 -85.53 40.48
N TYR A 76 -86.10 -84.82 39.35
CA TYR A 76 -85.79 -85.42 38.06
C TYR A 76 -86.75 -86.55 37.71
N VAL A 77 -87.84 -86.68 38.45
CA VAL A 77 -88.81 -87.74 38.26
C VAL A 77 -90.19 -87.12 38.25
N GLN A 78 -90.76 -86.93 37.06
CA GLN A 78 -92.11 -86.43 36.96
C GLN A 78 -93.08 -87.50 36.49
N SER A 79 -92.66 -88.76 36.51
CA SER A 79 -93.54 -89.91 36.34
C SER A 79 -92.72 -91.16 36.61
N VAL A 80 -93.42 -92.22 37.03
CA VAL A 80 -92.84 -93.55 37.20
C VAL A 80 -93.91 -94.58 36.85
N THR A 81 -93.70 -95.35 35.80
CA THR A 81 -94.80 -96.09 35.21
C THR A 81 -94.35 -97.49 34.80
N VAL A 82 -95.27 -98.46 34.94
CA VAL A 82 -95.05 -99.83 34.49
C VAL A 82 -95.92 -100.08 33.26
N ALA A 83 -95.40 -100.87 32.34
CA ALA A 83 -96.11 -101.18 31.09
C ALA A 83 -95.99 -102.67 30.82
N ASN A 84 -97.00 -103.45 31.21
CA ASN A 84 -96.94 -104.89 31.06
C ASN A 84 -95.66 -105.44 31.69
N GLY A 85 -95.40 -104.99 32.91
CA GLY A 85 -94.14 -105.28 33.54
C GLY A 85 -92.99 -104.43 33.10
N VAL A 86 -93.17 -103.61 32.07
CA VAL A 86 -92.10 -102.72 31.62
C VAL A 86 -92.24 -101.39 32.31
N ILE A 87 -91.23 -101.00 33.08
CA ILE A 87 -91.33 -99.90 34.00
C ILE A 87 -90.58 -98.71 33.42
N THR A 88 -91.05 -97.49 33.72
CA THR A 88 -90.48 -96.31 33.09
C THR A 88 -90.72 -95.10 33.98
N ALA A 89 -89.76 -94.17 33.95
CA ALA A 89 -89.85 -92.93 34.71
C ALA A 89 -89.35 -91.79 33.84
N GLN A 90 -89.78 -90.57 34.15
CA GLN A 90 -89.48 -89.42 33.30
C GLN A 90 -88.62 -88.39 34.00
N MET A 91 -87.77 -87.72 33.21
CA MET A 91 -87.02 -86.60 33.72
C MET A 91 -87.95 -85.47 34.11
N ALA A 92 -87.47 -84.64 35.04
CA ALA A 92 -88.17 -83.43 35.36
C ALA A 92 -88.19 -82.50 34.17
N SER A 93 -88.92 -81.40 34.32
CA SER A 93 -89.02 -80.42 33.25
C SER A 93 -88.32 -79.11 33.59
N SER A 94 -87.29 -79.14 34.44
CA SER A 94 -86.57 -77.93 34.82
C SER A 94 -85.40 -78.30 35.71
N ASN A 95 -84.48 -77.34 35.87
CA ASN A 95 -83.28 -77.52 36.69
C ASN A 95 -82.50 -78.74 36.24
N VAL A 96 -82.70 -79.11 34.98
CA VAL A 96 -82.09 -80.27 34.39
C VAL A 96 -81.13 -79.78 33.33
N ASN A 97 -80.42 -80.72 32.75
CA ASN A 97 -79.98 -80.48 31.39
C ASN A 97 -81.18 -80.09 30.56
N ASN A 98 -81.14 -78.85 30.07
CA ASN A 98 -82.18 -78.36 29.17
C ASN A 98 -82.50 -79.39 28.11
N GLU A 99 -81.51 -80.21 27.74
CA GLU A 99 -81.71 -81.25 26.76
C GLU A 99 -82.64 -82.34 27.28
N ILE A 100 -82.19 -83.06 28.31
CA ILE A 100 -82.86 -84.26 28.76
C ILE A 100 -84.16 -83.92 29.44
N LYS A 101 -84.49 -82.64 29.47
CA LYS A 101 -85.66 -82.19 30.18
C LYS A 101 -86.86 -83.05 29.82
N SER A 102 -87.42 -83.70 30.84
CA SER A 102 -88.62 -84.51 30.69
C SER A 102 -88.39 -85.69 29.73
N LYS A 103 -87.55 -86.63 30.17
CA LYS A 103 -87.22 -87.79 29.36
C LYS A 103 -87.33 -89.07 30.18
N LYS A 104 -87.48 -90.19 29.46
CA LYS A 104 -87.75 -91.49 30.06
C LYS A 104 -86.86 -92.59 29.50
N LEU A 105 -86.96 -93.75 30.14
CA LEU A 105 -86.45 -94.97 29.55
C LEU A 105 -87.08 -96.13 30.29
N SER A 106 -87.49 -97.15 29.54
CA SER A 106 -88.24 -98.24 30.10
C SER A 106 -87.34 -99.26 30.79
N LEU A 107 -87.99 -100.27 31.35
CA LEU A 107 -87.33 -101.26 32.19
C LEU A 107 -88.09 -102.57 31.99
N TRP A 108 -87.54 -103.47 31.21
CA TRP A 108 -88.30 -104.62 30.75
C TRP A 108 -87.48 -105.88 30.93
N ALA A 109 -88.08 -106.87 31.59
CA ALA A 109 -87.41 -108.12 31.90
C ALA A 109 -88.02 -109.22 31.04
N LYS A 110 -87.16 -109.97 30.35
CA LYS A 110 -87.60 -111.05 29.48
C LYS A 110 -86.92 -112.33 29.90
N ARG A 111 -87.68 -113.41 29.90
CA ARG A 111 -87.38 -114.56 30.76
C ARG A 111 -86.14 -115.31 30.29
N GLN A 112 -85.35 -115.79 31.25
CA GLN A 112 -83.99 -116.26 31.05
C GLN A 112 -83.86 -117.77 31.20
N ASN A 113 -82.67 -118.28 30.90
CA ASN A 113 -82.21 -119.49 31.56
C ASN A 113 -82.43 -119.34 33.05
N GLY A 114 -81.98 -118.23 33.61
CA GLY A 114 -82.39 -117.82 34.93
C GLY A 114 -83.84 -117.41 34.89
N SER A 115 -84.23 -116.53 35.80
CA SER A 115 -85.60 -116.07 35.74
C SER A 115 -85.82 -115.21 34.52
N VAL A 116 -85.15 -114.07 34.46
CA VAL A 116 -85.58 -113.03 33.56
C VAL A 116 -84.46 -112.00 33.53
N LYS A 117 -84.34 -111.23 32.45
CA LYS A 117 -83.41 -110.12 32.50
C LYS A 117 -84.08 -108.81 32.12
N TRP A 118 -84.06 -107.88 33.07
CA TRP A 118 -84.49 -106.51 32.86
C TRP A 118 -83.58 -105.80 31.89
N PHE A 119 -83.92 -104.54 31.59
CA PHE A 119 -83.06 -103.71 30.76
C PHE A 119 -83.30 -102.25 31.08
N CYS A 120 -82.23 -101.59 31.50
CA CYS A 120 -82.23 -100.14 31.59
C CYS A 120 -82.05 -99.57 30.19
N GLY A 121 -83.13 -99.07 29.62
CA GLY A 121 -83.02 -98.52 28.29
C GLY A 121 -84.33 -97.93 27.84
N GLN A 122 -84.37 -97.58 26.57
CA GLN A 122 -85.32 -96.65 25.98
C GLN A 122 -86.75 -96.91 26.40
N PRO A 123 -87.54 -95.85 26.51
CA PRO A 123 -88.98 -96.01 26.77
C PRO A 123 -89.58 -96.98 25.79
N VAL A 124 -90.04 -98.12 26.31
CA VAL A 124 -90.65 -99.18 25.53
C VAL A 124 -91.75 -99.78 26.40
N THR A 125 -92.50 -100.74 25.85
CA THR A 125 -93.58 -101.37 26.60
C THR A 125 -93.72 -102.82 26.18
N ARG A 126 -94.19 -103.64 27.09
CA ARG A 126 -94.31 -105.05 26.77
C ARG A 126 -95.58 -105.32 26.00
N THR A 127 -95.44 -106.14 24.96
CA THR A 127 -96.57 -106.45 24.08
C THR A 127 -97.79 -106.83 24.89
N THR A 128 -97.64 -107.75 25.83
CA THR A 128 -98.70 -108.06 26.76
C THR A 128 -98.14 -108.16 28.15
N ALA A 129 -98.98 -107.86 29.14
CA ALA A 129 -98.66 -108.21 30.51
C ALA A 129 -98.30 -109.67 30.63
N THR A 130 -98.95 -110.51 29.82
CA THR A 130 -98.62 -111.93 29.78
C THR A 130 -97.23 -112.17 29.22
N ALA A 131 -96.83 -111.38 28.24
CA ALA A 131 -95.62 -111.65 27.48
C ALA A 131 -94.38 -111.39 28.31
N THR A 132 -93.23 -111.51 27.64
CA THR A 132 -91.99 -110.91 28.10
C THR A 132 -91.48 -109.91 27.08
N ASP A 133 -91.61 -110.25 25.79
CA ASP A 133 -91.19 -109.36 24.71
C ASP A 133 -91.93 -108.02 24.78
N VAL A 134 -91.18 -106.95 24.54
CA VAL A 134 -91.68 -105.61 24.76
C VAL A 134 -91.53 -104.80 23.48
N ALA A 135 -92.31 -103.74 23.38
CA ALA A 135 -92.43 -102.96 22.16
C ALA A 135 -91.82 -101.59 22.35
N ALA A 136 -91.05 -101.16 21.35
CA ALA A 136 -90.29 -99.92 21.43
C ALA A 136 -91.22 -98.74 21.27
N ALA A 137 -92.15 -98.55 22.20
CA ALA A 137 -93.05 -97.41 22.17
C ALA A 137 -92.21 -96.18 22.45
N ASN A 138 -91.85 -95.46 21.40
CA ASN A 138 -90.71 -94.56 21.46
C ASN A 138 -91.08 -93.13 21.85
N GLY A 139 -92.36 -92.78 21.83
CA GLY A 139 -92.80 -91.45 22.22
C GLY A 139 -92.05 -90.37 21.47
N LYS A 140 -91.72 -90.66 20.22
CA LYS A 140 -90.97 -89.74 19.38
C LYS A 140 -89.66 -89.33 20.05
N THR A 141 -89.13 -90.25 20.84
CA THR A 141 -87.78 -90.19 21.38
C THR A 141 -87.57 -89.03 22.34
N ASP A 142 -88.56 -88.17 22.55
CA ASP A 142 -88.36 -87.09 23.52
C ASP A 142 -88.05 -87.70 24.87
N ASP A 143 -89.00 -88.45 25.43
CA ASP A 143 -88.72 -89.18 26.65
C ASP A 143 -87.55 -90.13 26.47
N LYS A 144 -87.43 -90.76 25.31
CA LYS A 144 -86.23 -91.54 25.04
C LYS A 144 -85.00 -90.67 25.30
N ILE A 145 -83.95 -91.30 25.78
CA ILE A 145 -82.81 -90.56 26.28
C ILE A 145 -81.60 -90.85 25.41
N ASN A 146 -80.83 -89.81 25.14
CA ASN A 146 -79.62 -89.94 24.34
C ASN A 146 -78.69 -90.97 24.95
N THR A 147 -78.37 -91.99 24.16
CA THR A 147 -77.35 -92.94 24.57
C THR A 147 -76.06 -92.24 24.94
N LYS A 148 -75.77 -91.11 24.29
CA LYS A 148 -74.70 -90.27 24.80
C LYS A 148 -75.06 -89.76 26.18
N HIS A 149 -76.16 -89.02 26.29
CA HIS A 149 -76.64 -88.60 27.61
C HIS A 149 -77.06 -89.78 28.48
N LEU A 150 -77.01 -90.95 27.96
CA LEU A 150 -77.04 -92.10 28.82
C LEU A 150 -75.63 -92.61 29.05
N PRO A 151 -75.40 -93.28 30.14
CA PRO A 151 -74.14 -94.00 30.27
C PRO A 151 -74.05 -95.17 29.30
N SER A 152 -72.89 -95.80 29.25
CA SER A 152 -72.64 -96.83 28.24
C SER A 152 -73.62 -97.99 28.39
N THR A 153 -73.84 -98.45 29.61
CA THR A 153 -74.70 -99.63 29.78
C THR A 153 -76.15 -99.33 29.45
N CYS A 154 -76.74 -98.32 30.09
CA CYS A 154 -78.18 -98.13 30.06
C CYS A 154 -78.55 -97.62 28.68
N ARG A 155 -78.37 -98.48 27.68
CA ARG A 155 -78.63 -98.17 26.30
C ARG A 155 -79.49 -99.24 25.65
N ASP A 156 -80.63 -99.55 26.24
CA ASP A 156 -81.41 -100.72 25.85
C ASP A 156 -82.68 -100.33 25.08
N ASP A 157 -83.00 -101.12 24.06
CA ASP A 157 -84.24 -101.03 23.33
C ASP A 157 -85.15 -102.19 23.70
N SER A 158 -86.46 -101.99 23.46
CA SER A 158 -87.45 -103.04 23.68
C SER A 158 -86.94 -104.40 23.27
N SER A 159 -86.32 -104.44 22.08
CA SER A 159 -85.61 -105.61 21.60
C SER A 159 -84.77 -106.29 22.66
N ALA A 160 -84.24 -105.54 23.62
CA ALA A 160 -83.44 -106.14 24.68
C ALA A 160 -84.26 -107.20 25.41
N SER A 161 -83.75 -108.42 25.44
CA SER A 161 -84.50 -109.57 25.89
C SER A 161 -83.77 -110.42 26.93
N PHE B 1 -37.29 -43.48 24.82
CA PHE B 1 -38.52 -43.56 25.58
C PHE B 1 -39.25 -44.86 25.26
N THR B 2 -38.57 -45.72 24.53
CA THR B 2 -38.86 -47.14 24.67
C THR B 2 -38.82 -47.52 26.13
N LEU B 3 -37.99 -46.83 26.90
CA LEU B 3 -38.06 -46.91 28.36
C LEU B 3 -39.49 -46.74 28.85
N ILE B 4 -40.19 -45.72 28.36
CA ILE B 4 -41.62 -45.64 28.67
C ILE B 4 -42.28 -46.94 28.26
N GLU B 5 -42.21 -47.26 26.96
CA GLU B 5 -42.69 -48.55 26.48
C GLU B 5 -42.25 -49.67 27.41
N LEU B 6 -40.98 -49.65 27.81
CA LEU B 6 -40.54 -50.55 28.87
C LEU B 6 -41.32 -50.32 30.14
N MET B 7 -41.19 -49.13 30.71
CA MET B 7 -41.89 -48.83 31.95
C MET B 7 -43.39 -49.02 31.79
N ILE B 8 -43.91 -48.82 30.57
CA ILE B 8 -45.26 -49.27 30.27
C ILE B 8 -45.39 -50.75 30.57
N VAL B 9 -44.59 -51.55 29.87
CA VAL B 9 -44.60 -53.00 30.12
C VAL B 9 -44.39 -53.25 31.59
N ILE B 10 -43.51 -52.47 32.21
CA ILE B 10 -43.44 -52.50 33.66
C ILE B 10 -44.76 -52.08 34.26
N ALA B 11 -45.24 -50.90 33.86
CA ALA B 11 -46.47 -50.36 34.43
C ALA B 11 -47.62 -51.35 34.29
N ILE B 12 -47.84 -51.88 33.10
CA ILE B 12 -48.94 -52.82 32.92
C ILE B 12 -48.69 -54.06 33.75
N VAL B 13 -47.43 -54.47 33.88
CA VAL B 13 -47.10 -55.46 34.89
C VAL B 13 -47.29 -54.87 36.28
N GLY B 14 -47.03 -53.58 36.41
CA GLY B 14 -47.17 -52.90 37.68
C GLY B 14 -48.51 -53.16 38.33
N ILE B 15 -49.59 -52.94 37.58
CA ILE B 15 -50.93 -53.15 38.09
C ILE B 15 -51.54 -54.44 37.52
N LEU B 16 -50.69 -55.44 37.32
CA LEU B 16 -51.14 -56.73 36.79
C LEU B 16 -51.03 -57.84 37.83
N ALA B 17 -50.15 -57.63 38.81
CA ALA B 17 -49.95 -58.61 39.87
C ALA B 17 -50.71 -58.23 41.14
N ALA B 18 -51.84 -57.55 40.96
CA ALA B 18 -52.65 -57.13 42.08
C ALA B 18 -54.14 -57.10 41.74
N VAL B 19 -54.94 -57.77 42.56
CA VAL B 19 -56.40 -57.88 42.43
C VAL B 19 -56.94 -58.59 41.17
N ALA B 20 -56.09 -59.37 40.52
CA ALA B 20 -56.49 -60.09 39.31
C ALA B 20 -56.80 -61.55 39.63
N LEU B 21 -57.25 -61.81 40.86
CA LEU B 21 -57.59 -63.15 41.29
C LEU B 21 -58.89 -63.17 42.10
N PRO B 22 -60.00 -63.45 41.41
CA PRO B 22 -61.30 -63.50 42.06
C PRO B 22 -61.47 -64.76 42.88
N ALA B 23 -62.29 -64.72 43.92
CA ALA B 23 -63.14 -65.83 44.32
C ALA B 23 -62.47 -67.19 44.50
N TYR B 24 -61.16 -67.27 44.62
CA TYR B 24 -60.59 -68.61 44.76
C TYR B 24 -60.60 -69.07 46.21
N GLN B 25 -60.36 -68.14 47.15
CA GLN B 25 -60.65 -68.47 48.53
C GLN B 25 -62.13 -68.79 48.66
N ASP B 26 -62.94 -68.17 47.80
CA ASP B 26 -64.34 -68.55 47.64
C ASP B 26 -64.46 -69.97 47.11
N TYR B 27 -63.65 -70.34 46.13
CA TYR B 27 -63.86 -71.63 45.46
C TYR B 27 -63.41 -72.79 46.32
N THR B 28 -62.15 -72.77 46.75
CA THR B 28 -61.65 -73.80 47.66
C THR B 28 -62.68 -74.11 48.72
N ALA B 29 -63.25 -73.06 49.29
CA ALA B 29 -64.31 -73.19 50.28
C ALA B 29 -65.33 -74.24 49.87
N ARG B 30 -65.93 -74.06 48.69
CA ARG B 30 -66.95 -74.98 48.21
C ARG B 30 -66.54 -76.43 48.46
N ALA B 31 -65.42 -76.84 47.89
CA ALA B 31 -64.92 -78.18 48.14
C ALA B 31 -64.62 -78.39 49.62
N GLN B 32 -63.81 -77.49 50.18
CA GLN B 32 -63.55 -77.50 51.61
C GLN B 32 -64.85 -77.62 52.39
N VAL B 33 -65.85 -76.82 52.02
CA VAL B 33 -67.22 -77.09 52.48
C VAL B 33 -67.65 -78.48 52.08
N SER B 34 -67.64 -78.75 50.77
CA SER B 34 -68.22 -79.99 50.27
C SER B 34 -67.60 -81.20 50.90
N GLU B 35 -66.32 -81.12 51.26
CA GLU B 35 -65.72 -82.15 52.08
C GLU B 35 -66.60 -82.46 53.28
N ALA B 36 -66.99 -81.42 54.02
CA ALA B 36 -67.90 -81.63 55.14
C ALA B 36 -69.19 -82.29 54.70
N ILE B 37 -69.69 -81.96 53.51
CA ILE B 37 -70.92 -82.58 53.02
C ILE B 37 -70.74 -84.09 52.92
N LEU B 38 -69.52 -84.53 52.65
CA LEU B 38 -69.31 -85.92 52.27
C LEU B 38 -69.59 -86.88 53.41
N LEU B 39 -69.70 -86.38 54.63
CA LEU B 39 -69.52 -87.28 55.77
C LEU B 39 -70.85 -87.74 56.36
N ALA B 40 -71.69 -86.79 56.80
CA ALA B 40 -72.96 -87.12 57.46
C ALA B 40 -73.91 -87.88 56.55
N GLU B 41 -73.56 -88.01 55.28
CA GLU B 41 -74.38 -88.73 54.30
C GLU B 41 -74.82 -90.08 54.84
N GLY B 42 -73.88 -90.87 55.36
CA GLY B 42 -74.23 -92.18 55.84
C GLY B 42 -75.23 -92.16 56.97
N GLN B 43 -75.23 -91.10 57.77
CA GLN B 43 -76.16 -91.01 58.89
C GLN B 43 -77.60 -91.09 58.41
N LYS B 44 -77.87 -90.60 57.20
CA LYS B 44 -79.20 -90.61 56.60
C LYS B 44 -79.89 -91.96 56.70
N SER B 45 -79.12 -93.05 56.70
CA SER B 45 -79.70 -94.37 56.70
C SER B 45 -80.51 -94.66 57.96
N ALA B 46 -79.83 -94.73 59.10
CA ALA B 46 -80.53 -95.01 60.34
C ALA B 46 -81.56 -93.94 60.62
N VAL B 47 -81.23 -92.69 60.28
CA VAL B 47 -82.21 -91.61 60.27
C VAL B 47 -83.45 -92.05 59.50
N THR B 48 -83.26 -92.47 58.25
CA THR B 48 -84.36 -93.06 57.51
C THR B 48 -84.90 -94.28 58.25
N GLU B 49 -84.02 -95.22 58.57
CA GLU B 49 -84.41 -96.43 59.29
C GLU B 49 -85.25 -96.11 60.50
N TYR B 50 -84.78 -95.18 61.32
CA TYR B 50 -85.57 -94.69 62.44
C TYR B 50 -86.92 -94.21 61.93
N TYR B 51 -86.91 -93.33 60.94
CA TYR B 51 -88.16 -92.95 60.29
C TYR B 51 -88.80 -94.15 59.62
N LEU B 52 -87.98 -95.07 59.13
CA LEU B 52 -88.47 -96.24 58.45
C LEU B 52 -89.15 -97.17 59.43
N ASN B 53 -88.39 -97.61 60.42
CA ASN B 53 -88.98 -98.35 61.52
C ASN B 53 -90.21 -97.65 62.07
N HIS B 54 -90.03 -96.42 62.56
CA HIS B 54 -91.04 -95.79 63.40
C HIS B 54 -92.11 -95.11 62.57
N GLY B 55 -91.72 -94.46 61.48
CA GLY B 55 -92.53 -93.42 60.89
C GLY B 55 -92.16 -92.04 61.36
N GLU B 56 -91.23 -91.93 62.29
CA GLU B 56 -90.72 -90.66 62.79
C GLU B 56 -89.22 -90.59 62.56
N TRP B 57 -88.74 -89.43 62.16
CA TRP B 57 -87.32 -89.27 62.06
C TRP B 57 -86.70 -89.39 63.45
N PRO B 58 -85.41 -89.64 63.53
CA PRO B 58 -84.74 -89.62 64.82
C PRO B 58 -84.47 -88.19 65.23
N GLY B 59 -84.91 -87.83 66.43
CA GLY B 59 -84.64 -86.50 66.94
C GLY B 59 -83.21 -86.09 66.74
N ASP B 60 -82.30 -87.06 66.73
CA ASP B 60 -80.89 -86.78 66.52
C ASP B 60 -80.18 -88.08 66.24
N ASN B 61 -78.86 -88.00 66.28
CA ASN B 61 -77.98 -89.15 66.28
C ASN B 61 -78.38 -90.17 67.36
N SER B 62 -78.59 -89.70 68.58
CA SER B 62 -78.87 -90.60 69.70
C SER B 62 -80.27 -91.20 69.61
N SER B 63 -81.26 -90.40 69.24
CA SER B 63 -82.57 -90.95 68.91
C SER B 63 -82.41 -92.07 67.90
N ALA B 64 -81.73 -91.79 66.79
CA ALA B 64 -81.34 -92.87 65.88
C ALA B 64 -80.44 -93.86 66.56
N GLY B 65 -79.68 -93.42 67.56
CA GLY B 65 -78.66 -94.25 68.16
C GLY B 65 -77.35 -94.23 67.43
N VAL B 66 -77.03 -93.12 66.75
CA VAL B 66 -75.87 -93.10 65.88
C VAL B 66 -74.91 -91.98 66.28
N ALA B 67 -73.82 -91.86 65.52
CA ALA B 67 -72.70 -91.02 65.93
C ALA B 67 -73.10 -89.56 66.05
N THR B 68 -72.86 -88.99 67.24
CA THR B 68 -73.41 -87.71 67.63
C THR B 68 -72.67 -86.55 66.96
N SER B 69 -73.00 -85.33 67.41
CA SER B 69 -72.41 -84.11 66.88
C SER B 69 -70.89 -84.21 66.83
N ALA B 70 -70.27 -84.29 68.01
CA ALA B 70 -68.84 -84.44 68.12
C ALA B 70 -68.36 -85.81 67.65
N ASP B 71 -69.28 -86.71 67.37
CA ASP B 71 -68.89 -87.90 66.64
C ASP B 71 -68.76 -87.57 65.18
N ILE B 72 -68.87 -88.61 64.35
CA ILE B 72 -68.04 -88.83 63.18
C ILE B 72 -67.54 -87.53 62.55
N LYS B 73 -66.21 -87.42 62.41
CA LYS B 73 -65.56 -86.16 62.03
C LYS B 73 -64.18 -86.42 61.44
N GLY B 74 -63.55 -85.30 61.09
CA GLY B 74 -62.19 -85.29 60.56
C GLY B 74 -61.83 -83.92 60.05
N LYS B 75 -61.23 -83.90 58.85
CA LYS B 75 -60.93 -82.64 58.18
C LYS B 75 -62.18 -81.89 57.82
N TYR B 76 -62.17 -80.58 58.05
CA TYR B 76 -63.26 -79.69 57.67
C TYR B 76 -64.56 -80.08 58.34
N VAL B 77 -64.51 -80.97 59.33
CA VAL B 77 -65.70 -81.46 60.01
C VAL B 77 -65.44 -81.39 61.50
N GLN B 78 -65.98 -80.37 62.16
CA GLN B 78 -65.86 -80.26 63.59
C GLN B 78 -67.18 -80.53 64.30
N SER B 79 -68.16 -81.07 63.57
CA SER B 79 -69.37 -81.63 64.15
C SER B 79 -70.14 -82.32 63.05
N VAL B 80 -70.96 -83.30 63.44
CA VAL B 80 -71.88 -83.99 62.55
C VAL B 80 -73.13 -84.34 63.34
N THR B 81 -74.27 -83.75 63.00
CA THR B 81 -75.41 -83.79 63.91
C THR B 81 -76.70 -84.03 63.16
N VAL B 82 -77.62 -84.75 63.79
CA VAL B 82 -78.97 -84.98 63.27
C VAL B 82 -79.96 -84.19 64.11
N ALA B 83 -81.00 -83.68 63.46
CA ALA B 83 -82.01 -82.86 64.13
C ALA B 83 -83.39 -83.32 63.66
N ASN B 84 -84.03 -84.19 64.42
CA ASN B 84 -85.32 -84.74 64.02
C ASN B 84 -85.22 -85.33 62.62
N GLY B 85 -84.19 -86.14 62.41
CA GLY B 85 -83.87 -86.61 61.10
C GLY B 85 -83.16 -85.62 60.22
N VAL B 86 -83.01 -84.37 60.63
CA VAL B 86 -82.29 -83.39 59.84
C VAL B 86 -80.84 -83.38 60.27
N ILE B 87 -79.94 -83.69 59.36
CA ILE B 87 -78.56 -83.99 59.68
C ILE B 87 -77.70 -82.79 59.26
N THR B 88 -76.62 -82.56 60.01
CA THR B 88 -75.83 -81.36 59.78
C THR B 88 -74.41 -81.59 60.26
N ALA B 89 -73.46 -80.95 59.57
CA ALA B 89 -72.04 -81.03 59.92
C ALA B 89 -71.42 -79.65 59.76
N GLN B 90 -70.31 -79.42 60.47
CA GLN B 90 -69.72 -78.09 60.49
C GLN B 90 -68.33 -78.07 59.89
N MET B 91 -68.01 -76.93 59.27
CA MET B 91 -66.66 -76.71 58.79
C MET B 91 -65.68 -76.66 59.94
N ALA B 92 -64.43 -77.00 59.64
CA ALA B 92 -63.38 -76.81 60.61
C ALA B 92 -63.19 -75.34 60.91
N SER B 93 -62.33 -75.06 61.88
CA SER B 93 -62.04 -73.70 62.27
C SER B 93 -60.64 -73.25 61.89
N SER B 94 -60.04 -73.83 60.85
CA SER B 94 -58.70 -73.46 60.43
C SER B 94 -58.35 -74.21 59.16
N ASN B 95 -57.28 -73.74 58.50
CA ASN B 95 -56.80 -74.34 57.25
C ASN B 95 -57.90 -74.40 56.22
N VAL B 96 -58.88 -73.53 56.39
CA VAL B 96 -60.04 -73.47 55.54
C VAL B 96 -59.98 -72.16 54.78
N ASN B 97 -60.94 -71.99 53.89
CA ASN B 97 -61.33 -70.63 53.59
C ASN B 97 -61.62 -69.92 54.89
N ASN B 98 -60.82 -68.91 55.19
CA ASN B 98 -61.06 -68.06 56.35
C ASN B 98 -62.52 -67.68 56.46
N GLU B 99 -63.20 -67.59 55.33
CA GLU B 99 -64.63 -67.27 55.30
C GLU B 99 -65.45 -68.40 55.91
N ILE B 100 -65.47 -69.55 55.25
CA ILE B 100 -66.38 -70.64 55.57
C ILE B 100 -66.00 -71.27 56.89
N LYS B 101 -64.96 -70.74 57.52
CA LYS B 101 -64.44 -71.33 58.74
C LYS B 101 -65.58 -71.63 59.70
N SER B 102 -65.73 -72.91 60.04
CA SER B 102 -66.72 -73.36 60.99
C SER B 102 -68.15 -73.06 60.54
N LYS B 103 -68.56 -73.73 59.47
CA LYS B 103 -69.88 -73.54 58.91
C LYS B 103 -70.58 -74.87 58.65
N LYS B 104 -71.91 -74.81 58.56
CA LYS B 104 -72.75 -76.00 58.47
C LYS B 104 -73.79 -75.88 57.37
N LEU B 105 -74.47 -77.00 57.14
CA LEU B 105 -75.71 -76.99 56.38
C LEU B 105 -76.44 -78.29 56.67
N SER B 106 -77.75 -78.18 56.86
CA SER B 106 -78.54 -79.32 57.29
C SER B 106 -78.89 -80.24 56.13
N LEU B 107 -79.58 -81.32 56.48
CA LEU B 107 -79.87 -82.40 55.56
C LEU B 107 -81.22 -82.98 55.98
N TRP B 108 -82.27 -82.65 55.26
CA TRP B 108 -83.61 -82.92 55.74
C TRP B 108 -84.43 -83.54 54.63
N ALA B 109 -85.04 -84.67 54.93
CA ALA B 109 -85.83 -85.43 53.97
C ALA B 109 -87.30 -85.32 54.32
N LYS B 110 -88.11 -84.93 53.34
CA LYS B 110 -89.54 -84.76 53.55
C LYS B 110 -90.29 -85.63 52.55
N ARG B 111 -91.35 -86.27 53.02
CA ARG B 111 -91.82 -87.51 52.40
C ARG B 111 -92.46 -87.24 51.04
N GLN B 112 -92.24 -88.18 50.11
CA GLN B 112 -92.48 -88.00 48.69
C GLN B 112 -93.65 -88.82 48.19
N ASN B 113 -94.00 -88.61 46.92
CA ASN B 113 -94.61 -89.69 46.15
C ASN B 113 -93.78 -90.94 46.33
N GLY B 114 -92.48 -90.81 46.14
CA GLY B 114 -91.55 -91.83 46.57
C GLY B 114 -91.50 -91.85 48.08
N SER B 115 -90.37 -92.27 48.62
CA SER B 115 -90.27 -92.23 50.07
C SER B 115 -90.20 -90.80 50.56
N VAL B 116 -89.14 -90.10 50.18
CA VAL B 116 -88.79 -88.89 50.90
C VAL B 116 -87.72 -88.20 50.07
N LYS B 117 -87.59 -86.88 50.20
CA LYS B 117 -86.45 -86.23 49.57
C LYS B 117 -85.66 -85.41 50.57
N TRP B 118 -84.40 -85.77 50.72
CA TRP B 118 -83.44 -85.02 51.49
C TRP B 118 -83.14 -83.69 50.83
N PHE B 119 -82.30 -82.89 51.48
CA PHE B 119 -81.84 -81.63 50.89
C PHE B 119 -80.50 -81.25 51.46
N CYS B 120 -79.52 -81.11 50.58
CA CYS B 120 -78.25 -80.52 50.92
C CYS B 120 -78.44 -79.01 50.96
N GLY B 121 -78.51 -78.45 52.16
CA GLY B 121 -78.69 -77.03 52.25
C GLY B 121 -78.66 -76.57 53.69
N GLN B 122 -79.01 -75.31 53.87
CA GLN B 122 -78.70 -74.52 55.05
C GLN B 122 -78.98 -75.24 56.36
N PRO B 123 -78.18 -74.97 57.38
CA PRO B 123 -78.46 -75.51 58.71
C PRO B 123 -79.89 -75.21 59.10
N VAL B 124 -80.66 -76.28 59.24
CA VAL B 124 -82.07 -76.21 59.62
C VAL B 124 -82.35 -77.42 60.49
N THR B 125 -83.57 -77.53 60.99
CA THR B 125 -83.93 -78.65 61.86
C THR B 125 -85.40 -79.00 61.66
N ARG B 126 -85.72 -80.26 61.86
CA ARG B 126 -87.10 -80.67 61.65
C ARG B 126 -87.95 -80.34 62.86
N THR B 127 -89.15 -79.82 62.57
CA THR B 127 -90.07 -79.39 63.62
C THR B 127 -90.20 -80.46 64.68
N THR B 128 -90.49 -81.69 64.26
CA THR B 128 -90.48 -82.82 65.17
C THR B 128 -89.76 -83.99 64.52
N ALA B 129 -89.18 -84.82 65.37
CA ALA B 129 -88.71 -86.12 64.91
C ALA B 129 -89.83 -86.87 64.18
N THR B 130 -91.07 -86.67 64.64
CA THR B 130 -92.22 -87.27 63.98
C THR B 130 -92.44 -86.66 62.61
N ALA B 131 -92.19 -85.36 62.46
CA ALA B 131 -92.58 -84.64 61.26
C ALA B 131 -91.71 -85.03 60.08
N THR B 132 -91.92 -84.33 58.97
CA THR B 132 -90.95 -84.23 57.89
C THR B 132 -90.52 -82.79 57.70
N ASP B 133 -91.48 -81.85 57.81
CA ASP B 133 -91.18 -80.43 57.69
C ASP B 133 -90.16 -79.98 58.71
N VAL B 134 -89.23 -79.14 58.26
CA VAL B 134 -88.08 -78.77 59.07
C VAL B 134 -88.01 -77.25 59.18
N ALA B 135 -87.32 -76.79 60.21
CA ALA B 135 -87.29 -75.40 60.58
C ALA B 135 -85.92 -74.80 60.30
N ALA B 136 -85.92 -73.61 59.73
CA ALA B 136 -84.68 -72.97 59.29
C ALA B 136 -83.94 -72.40 60.48
N ALA B 137 -83.49 -73.28 61.38
CA ALA B 137 -82.71 -72.87 62.54
C ALA B 137 -81.38 -72.38 62.01
N ASN B 138 -81.23 -71.07 61.89
CA ASN B 138 -80.22 -70.50 61.01
C ASN B 138 -78.89 -70.23 61.70
N GLY B 139 -78.85 -70.25 63.02
CA GLY B 139 -77.61 -70.03 63.75
C GLY B 139 -76.93 -68.74 63.33
N LYS B 140 -77.73 -67.75 63.00
CA LYS B 140 -77.24 -66.46 62.54
C LYS B 140 -76.32 -66.63 61.35
N THR B 141 -76.58 -67.66 60.56
CA THR B 141 -76.00 -67.87 59.25
C THR B 141 -74.51 -68.11 59.28
N ASP B 142 -73.87 -68.04 60.44
CA ASP B 142 -72.44 -68.35 60.46
C ASP B 142 -72.21 -69.76 59.96
N ASP B 143 -72.75 -70.75 60.66
CA ASP B 143 -72.71 -72.10 60.15
C ASP B 143 -73.37 -72.20 58.79
N LYS B 144 -74.47 -71.48 58.57
CA LYS B 144 -75.02 -71.42 57.23
C LYS B 144 -73.94 -71.04 56.25
N ILE B 145 -74.03 -71.58 55.06
CA ILE B 145 -72.94 -71.47 54.11
C ILE B 145 -73.39 -70.65 52.91
N ASN B 146 -72.50 -69.80 52.42
CA ASN B 146 -72.78 -68.98 51.26
C ASN B 146 -73.17 -69.83 50.09
N THR B 147 -74.37 -69.58 49.56
CA THR B 147 -74.77 -70.22 48.32
C THR B 147 -73.75 -69.99 47.23
N LYS B 148 -73.07 -68.85 47.25
CA LYS B 148 -71.90 -68.72 46.40
C LYS B 148 -70.83 -69.72 46.80
N HIS B 149 -70.37 -69.66 48.04
CA HIS B 149 -69.44 -70.67 48.55
C HIS B 149 -70.08 -72.04 48.62
N LEU B 150 -71.32 -72.15 48.31
CA LEU B 150 -71.87 -73.45 48.02
C LEU B 150 -71.92 -73.66 46.51
N PRO B 151 -71.90 -74.87 46.08
CA PRO B 151 -72.21 -75.12 44.66
C PRO B 151 -73.66 -74.83 44.35
N SER B 152 -74.00 -74.89 43.06
CA SER B 152 -75.33 -74.48 42.62
C SER B 152 -76.41 -75.30 43.28
N THR B 153 -76.25 -76.62 43.32
CA THR B 153 -77.31 -77.47 43.85
C THR B 153 -77.49 -77.27 45.35
N CYS B 154 -76.43 -77.45 46.13
CA CYS B 154 -76.56 -77.57 47.57
C CYS B 154 -76.88 -76.19 48.12
N ARG B 155 -78.08 -75.72 47.79
CA ARG B 155 -78.56 -74.40 48.18
C ARG B 155 -79.94 -74.49 48.78
N ASP B 156 -80.13 -75.35 49.79
CA ASP B 156 -81.47 -75.70 50.28
C ASP B 156 -81.76 -75.06 51.64
N ASP B 157 -83.00 -74.60 51.80
CA ASP B 157 -83.53 -74.13 53.06
C ASP B 157 -84.49 -75.15 53.65
N SER B 158 -84.69 -75.07 54.96
CA SER B 158 -85.65 -75.92 55.66
C SER B 158 -86.91 -76.12 54.85
N SER B 159 -87.42 -75.01 54.30
CA SER B 159 -88.52 -75.04 53.35
C SER B 159 -88.40 -76.15 52.31
N ALA B 160 -87.19 -76.53 51.93
CA ALA B 160 -87.02 -77.60 50.96
C ALA B 160 -87.69 -78.87 51.45
N SER B 161 -88.62 -79.38 50.66
CA SER B 161 -89.51 -80.45 51.09
C SER B 161 -89.57 -81.62 50.12
N PHE C 1 -25.30 -40.32 21.69
CA PHE C 1 -25.21 -41.22 22.83
C PHE C 1 -26.60 -41.68 23.23
N THR C 2 -27.58 -41.34 22.40
CA THR C 2 -28.76 -42.18 22.32
C THR C 2 -28.34 -43.63 22.12
N LEU C 3 -27.21 -43.83 21.44
CA LEU C 3 -26.56 -45.14 21.42
C LEU C 3 -26.44 -45.72 22.82
N ILE C 4 -25.96 -44.92 23.78
CA ILE C 4 -26.00 -45.38 25.16
C ILE C 4 -27.44 -45.76 25.50
N GLU C 5 -28.34 -44.78 25.42
CA GLU C 5 -29.76 -45.05 25.59
C GLU C 5 -30.15 -46.31 24.84
N LEU C 6 -29.71 -46.45 23.60
CA LEU C 6 -29.85 -47.72 22.90
C LEU C 6 -29.17 -48.83 23.65
N MET C 7 -27.84 -48.73 23.79
CA MET C 7 -27.11 -49.78 24.47
C MET C 7 -27.64 -49.98 25.89
N ILE C 8 -28.17 -48.92 26.50
CA ILE C 8 -28.96 -49.10 27.72
C ILE C 8 -30.09 -50.08 27.46
N VAL C 9 -30.97 -49.72 26.53
CA VAL C 9 -32.06 -50.63 26.17
C VAL C 9 -31.49 -51.99 25.83
N ILE C 10 -30.36 -52.02 25.14
CA ILE C 10 -29.64 -53.27 24.98
C ILE C 10 -29.24 -53.80 26.35
N ALA C 11 -28.54 -52.97 27.12
CA ALA C 11 -28.03 -53.41 28.42
C ALA C 11 -29.15 -53.95 29.29
N ILE C 12 -30.24 -53.21 29.43
CA ILE C 12 -31.33 -53.68 30.27
C ILE C 12 -31.92 -54.95 29.68
N VAL C 13 -31.95 -55.05 28.36
CA VAL C 13 -32.22 -56.34 27.74
C VAL C 13 -31.07 -57.29 28.01
N GLY C 14 -29.86 -56.73 28.06
CA GLY C 14 -28.67 -57.54 28.31
C GLY C 14 -28.82 -58.45 29.51
N ILE C 15 -29.21 -57.87 30.64
CA ILE C 15 -29.40 -58.63 31.86
C ILE C 15 -30.89 -58.85 32.16
N LEU C 16 -31.67 -59.02 31.10
CA LEU C 16 -33.11 -59.24 31.25
C LEU C 16 -33.50 -60.64 30.82
N ALA C 17 -32.67 -61.26 29.98
CA ALA C 17 -32.94 -62.61 29.48
C ALA C 17 -32.12 -63.65 30.25
N ALA C 18 -31.85 -63.35 31.52
CA ALA C 18 -31.08 -64.26 32.36
C ALA C 18 -31.50 -64.20 33.81
N VAL C 19 -31.82 -65.35 34.37
CA VAL C 19 -32.24 -65.53 35.78
C VAL C 19 -33.58 -64.87 36.19
N ALA C 20 -34.41 -64.54 35.20
CA ALA C 20 -35.70 -63.92 35.47
C ALA C 20 -36.83 -64.93 35.40
N LEU C 21 -36.51 -66.18 35.71
CA LEU C 21 -37.50 -67.25 35.68
C LEU C 21 -37.36 -68.17 36.91
N PRO C 22 -38.14 -67.89 37.94
CA PRO C 22 -38.10 -68.69 39.17
C PRO C 22 -38.79 -70.03 38.97
N ALA C 23 -38.38 -71.05 39.73
CA ALA C 23 -39.30 -72.05 40.25
C ALA C 23 -40.23 -72.74 39.27
N TYR C 24 -39.99 -72.67 37.96
CA TYR C 24 -40.94 -73.34 37.08
C TYR C 24 -40.60 -74.81 36.91
N GLN C 25 -39.31 -75.14 36.86
CA GLN C 25 -38.94 -76.54 36.99
C GLN C 25 -39.43 -77.05 38.33
N ASP C 26 -39.49 -76.15 39.31
CA ASP C 26 -40.15 -76.41 40.58
C ASP C 26 -41.64 -76.65 40.38
N TYR C 27 -42.30 -75.85 39.55
CA TYR C 27 -43.75 -75.92 39.47
C TYR C 27 -44.22 -77.14 38.71
N THR C 28 -43.75 -77.29 37.47
CA THR C 28 -44.07 -78.49 36.69
C THR C 28 -44.00 -79.72 37.55
N ALA C 29 -42.93 -79.82 38.34
CA ALA C 29 -42.75 -80.90 39.28
C ALA C 29 -44.04 -81.22 40.03
N ARG C 30 -44.58 -80.21 40.71
CA ARG C 30 -45.79 -80.40 41.50
C ARG C 30 -46.81 -81.24 40.74
N ALA C 31 -47.24 -80.75 39.57
CA ALA C 31 -48.16 -81.52 38.76
C ALA C 31 -47.53 -82.85 38.34
N GLN C 32 -46.33 -82.77 37.74
CA GLN C 32 -45.58 -83.97 37.43
C GLN C 32 -45.53 -84.92 38.62
N VAL C 33 -45.23 -84.39 39.80
CA VAL C 33 -45.48 -85.14 41.04
C VAL C 33 -46.95 -85.52 41.12
N SER C 34 -47.83 -84.52 41.11
CA SER C 34 -49.24 -84.76 41.40
C SER C 34 -49.83 -85.79 40.46
N GLU C 35 -49.33 -85.84 39.23
CA GLU C 35 -49.68 -86.96 38.35
C GLU C 35 -49.51 -88.28 39.07
N ALA C 36 -48.34 -88.48 39.68
CA ALA C 36 -48.12 -89.70 40.44
C ALA C 36 -49.16 -89.86 41.55
N ILE C 37 -49.55 -88.74 42.18
CA ILE C 37 -50.56 -88.82 43.23
C ILE C 37 -51.84 -89.42 42.70
N LEU C 38 -52.12 -89.20 41.42
CA LEU C 38 -53.44 -89.49 40.89
C LEU C 38 -53.74 -90.99 40.88
N LEU C 39 -52.72 -91.83 41.03
CA LEU C 39 -52.87 -93.20 40.59
C LEU C 39 -53.22 -94.14 41.74
N ALA C 40 -52.37 -94.22 42.77
CA ALA C 40 -52.56 -95.15 43.87
C ALA C 40 -53.83 -94.88 44.65
N GLU C 41 -54.51 -93.78 44.34
CA GLU C 41 -55.75 -93.42 45.01
C GLU C 41 -56.71 -94.61 45.08
N GLY C 42 -56.94 -95.27 43.94
CA GLY C 42 -57.88 -96.37 43.94
C GLY C 42 -57.48 -97.51 44.86
N GLN C 43 -56.18 -97.69 45.08
CA GLN C 43 -55.73 -98.76 45.95
C GLN C 43 -56.31 -98.63 47.35
N LYS C 44 -56.56 -97.39 47.78
CA LYS C 44 -57.10 -97.10 49.10
C LYS C 44 -58.32 -97.95 49.43
N SER C 45 -59.10 -98.33 48.42
CA SER C 45 -60.34 -99.06 48.65
C SER C 45 -60.10 -100.41 49.31
N ALA C 46 -59.46 -101.32 48.57
CA ALA C 46 -59.20 -102.64 49.12
C ALA C 46 -58.35 -102.54 50.37
N VAL C 47 -57.41 -101.60 50.37
CA VAL C 47 -56.70 -101.24 51.59
C VAL C 47 -57.68 -100.99 52.71
N THR C 48 -58.62 -100.08 52.49
CA THR C 48 -59.70 -99.90 53.45
C THR C 48 -60.45 -101.21 53.63
N GLU C 49 -60.93 -101.79 52.54
CA GLU C 49 -61.67 -103.05 52.58
C GLU C 49 -60.95 -104.09 53.41
N TYR C 50 -59.65 -104.27 53.14
CA TYR C 50 -58.83 -105.13 53.97
C TYR C 50 -58.95 -104.69 55.42
N TYR C 51 -58.70 -103.41 55.68
CA TYR C 51 -58.94 -102.87 57.01
C TYR C 51 -60.41 -102.97 57.36
N LEU C 52 -61.26 -102.85 56.37
CA LEU C 52 -62.70 -102.89 56.60
C LEU C 52 -63.12 -104.29 56.98
N ASN C 53 -62.84 -105.24 56.09
CA ASN C 53 -63.03 -106.64 56.41
C ASN C 53 -62.40 -106.98 57.76
N HIS C 54 -61.08 -106.80 57.86
CA HIS C 54 -60.32 -107.38 58.94
C HIS C 54 -60.36 -106.53 60.20
N GLY C 55 -60.28 -105.21 60.04
CA GLY C 55 -59.86 -104.34 61.11
C GLY C 55 -58.39 -104.03 61.06
N GLU C 56 -57.65 -104.63 60.13
CA GLU C 56 -56.23 -104.38 59.94
C GLU C 56 -56.01 -103.90 58.51
N TRP C 57 -55.14 -102.92 58.35
CA TRP C 57 -54.77 -102.52 57.01
C TRP C 57 -54.07 -103.68 56.32
N PRO C 58 -54.00 -103.65 55.01
CA PRO C 58 -53.20 -104.66 54.31
C PRO C 58 -51.75 -104.27 54.37
N GLY C 59 -50.92 -105.22 54.82
CA GLY C 59 -49.50 -104.98 54.87
C GLY C 59 -48.97 -104.38 53.59
N ASP C 60 -49.63 -104.68 52.48
CA ASP C 60 -49.23 -104.13 51.19
C ASP C 60 -50.33 -104.39 50.19
N ASN C 61 -49.99 -104.16 48.93
CA ASN C 61 -50.81 -104.58 47.80
C ASN C 61 -51.20 -106.05 47.89
N SER C 62 -50.23 -106.92 48.14
CA SER C 62 -50.48 -108.36 48.14
C SER C 62 -51.30 -108.80 49.34
N SER C 63 -50.99 -108.27 50.53
CA SER C 63 -51.87 -108.45 51.67
C SER C 63 -53.30 -108.09 51.30
N ALA C 64 -53.48 -106.88 50.75
CA ALA C 64 -54.77 -106.54 50.16
C ALA C 64 -55.10 -107.46 49.00
N GLY C 65 -54.08 -107.99 48.34
CA GLY C 65 -54.29 -108.73 47.11
C GLY C 65 -54.39 -107.87 45.89
N VAL C 66 -53.74 -106.71 45.88
CA VAL C 66 -53.93 -105.75 44.81
C VAL C 66 -52.61 -105.41 44.13
N ALA C 67 -52.68 -104.52 43.15
CA ALA C 67 -51.56 -104.27 42.25
C ALA C 67 -50.34 -103.77 42.99
N THR C 68 -49.23 -104.48 42.83
CA THR C 68 -48.05 -104.29 43.67
C THR C 68 -47.25 -103.05 43.27
N SER C 69 -46.07 -102.92 43.87
CA SER C 69 -45.18 -101.77 43.62
C SER C 69 -45.00 -101.53 42.13
N ALA C 70 -44.37 -102.48 41.45
CA ALA C 70 -44.18 -102.41 40.01
C ALA C 70 -45.47 -102.58 39.25
N ASP C 71 -46.56 -102.91 39.92
CA ASP C 71 -47.85 -102.79 39.30
C ASP C 71 -48.28 -101.33 39.32
N ILE C 72 -49.58 -101.15 39.21
CA ILE C 72 -50.20 -100.10 38.41
C ILE C 72 -49.33 -98.86 38.28
N LYS C 73 -49.05 -98.46 37.03
CA LYS C 73 -48.06 -97.42 36.73
C LYS C 73 -48.31 -96.81 35.35
N GLY C 74 -47.42 -95.87 35.03
CA GLY C 74 -47.42 -95.19 33.75
C GLY C 74 -46.45 -94.03 33.76
N LYS C 75 -46.91 -92.89 33.25
CA LYS C 75 -46.14 -91.66 33.29
C LYS C 75 -45.92 -91.20 34.72
N TYR C 76 -44.69 -90.78 35.01
CA TYR C 76 -44.34 -90.21 36.30
C TYR C 76 -44.58 -91.18 37.44
N VAL C 77 -44.83 -92.45 37.12
CA VAL C 77 -45.12 -93.47 38.11
C VAL C 77 -44.26 -94.68 37.80
N GLN C 78 -43.17 -94.85 38.55
CA GLN C 78 -42.35 -96.02 38.39
C GLN C 78 -42.47 -96.98 39.56
N SER C 79 -43.48 -96.77 40.41
CA SER C 79 -43.87 -97.74 41.43
C SER C 79 -45.17 -97.23 42.05
N VAL C 80 -45.95 -98.17 42.59
CA VAL C 80 -47.16 -97.88 43.35
C VAL C 80 -47.30 -98.95 44.43
N THR C 81 -47.19 -98.56 45.70
CA THR C 81 -46.97 -99.55 46.75
C THR C 81 -47.80 -99.22 47.98
N VAL C 82 -48.26 -100.27 48.65
CA VAL C 82 -48.98 -100.16 49.93
C VAL C 82 -48.07 -100.66 51.04
N ALA C 83 -48.16 -100.03 52.20
CA ALA C 83 -47.33 -100.39 53.35
C ALA C 83 -48.20 -100.42 54.60
N ASN C 84 -48.69 -101.61 54.96
CA ASN C 84 -49.60 -101.73 56.10
C ASN C 84 -50.77 -100.79 55.93
N GLY C 85 -51.37 -100.82 54.74
CA GLY C 85 -52.37 -99.85 54.39
C GLY C 85 -51.83 -98.50 53.98
N VAL C 86 -50.55 -98.25 54.12
CA VAL C 86 -49.97 -96.97 53.70
C VAL C 86 -49.48 -97.10 52.29
N ILE C 87 -50.04 -96.31 51.39
CA ILE C 87 -49.85 -96.50 49.96
C ILE C 87 -48.89 -95.44 49.45
N THR C 88 -48.12 -95.78 48.42
CA THR C 88 -47.07 -94.89 47.96
C THR C 88 -46.75 -95.18 46.50
N ALA C 89 -46.39 -94.12 45.76
CA ALA C 89 -46.01 -94.23 44.37
C ALA C 89 -44.81 -93.34 44.10
N GLN C 90 -44.04 -93.65 43.06
CA GLN C 90 -42.79 -92.94 42.81
C GLN C 90 -42.81 -92.17 41.50
N MET C 91 -42.10 -91.06 41.49
CA MET C 91 -41.90 -90.32 40.27
C MET C 91 -41.10 -91.13 39.27
N ALA C 92 -41.30 -90.82 38.01
CA ALA C 92 -40.46 -91.40 36.98
C ALA C 92 -39.03 -90.93 37.15
N SER C 93 -38.15 -91.49 36.33
CA SER C 93 -36.75 -91.13 36.38
C SER C 93 -36.29 -90.36 35.14
N SER C 94 -37.19 -89.64 34.48
CA SER C 94 -36.83 -88.87 33.29
C SER C 94 -38.04 -88.07 32.82
N ASN C 95 -37.77 -87.11 31.93
CA ASN C 95 -38.80 -86.24 31.38
C ASN C 95 -39.59 -85.56 32.49
N VAL C 96 -38.95 -85.44 33.64
CA VAL C 96 -39.54 -84.87 34.82
C VAL C 96 -38.80 -83.58 35.11
N ASN C 97 -39.28 -82.89 36.13
CA ASN C 97 -38.36 -82.05 36.86
C ASN C 97 -37.17 -82.89 37.26
N ASN C 98 -36.02 -82.53 36.72
CA ASN C 98 -34.76 -83.17 37.09
C ASN C 98 -34.66 -83.33 38.61
N GLU C 99 -35.28 -82.42 39.34
CA GLU C 99 -35.29 -82.48 40.80
C GLU C 99 -36.10 -83.67 41.30
N ILE C 100 -37.40 -83.66 41.05
CA ILE C 100 -38.33 -84.60 41.65
C ILE C 100 -38.13 -85.98 41.07
N LYS C 101 -37.17 -86.10 40.16
CA LYS C 101 -36.96 -87.34 39.45
C LYS C 101 -36.95 -88.51 40.43
N SER C 102 -37.89 -89.43 40.24
CA SER C 102 -37.98 -90.64 41.05
C SER C 102 -38.23 -90.33 42.52
N LYS C 103 -39.41 -89.81 42.80
CA LYS C 103 -39.77 -89.44 44.16
C LYS C 103 -41.15 -89.97 44.53
N LYS C 104 -41.40 -90.08 45.83
CA LYS C 104 -42.61 -90.71 46.36
C LYS C 104 -43.26 -89.87 47.45
N LEU C 105 -44.45 -90.31 47.85
CA LEU C 105 -45.06 -89.87 49.08
C LEU C 105 -46.15 -90.85 49.45
N SER C 106 -46.21 -91.17 50.74
CA SER C 106 -47.09 -92.22 51.20
C SER C 106 -48.52 -91.71 51.36
N LEU C 107 -49.39 -92.64 51.75
CA LEU C 107 -50.83 -92.41 51.82
C LEU C 107 -51.36 -93.27 52.95
N TRP C 108 -51.63 -92.65 54.09
CA TRP C 108 -51.88 -93.43 55.30
C TRP C 108 -53.11 -92.90 56.00
N ALA C 109 -54.04 -93.79 56.30
CA ALA C 109 -55.31 -93.46 56.92
C ALA C 109 -55.31 -93.95 58.36
N LYS C 110 -55.63 -93.05 59.28
CA LYS C 110 -55.65 -93.39 60.70
C LYS C 110 -57.02 -93.05 61.25
N ARG C 111 -57.54 -93.94 62.10
CA ARG C 111 -58.97 -94.08 62.29
C ARG C 111 -59.56 -92.88 63.04
N GLN C 112 -60.77 -92.48 62.64
CA GLN C 112 -61.38 -91.21 62.99
C GLN C 112 -62.54 -91.36 63.95
N ASN C 113 -63.06 -90.23 64.40
CA ASN C 113 -64.48 -90.17 64.76
C ASN C 113 -65.29 -90.78 63.64
N GLY C 114 -65.04 -90.35 62.42
CA GLY C 114 -65.50 -91.05 61.25
C GLY C 114 -64.74 -92.35 61.13
N SER C 115 -64.62 -92.83 59.90
CA SER C 115 -63.85 -94.05 59.74
C SER C 115 -62.38 -93.77 60.00
N VAL C 116 -61.77 -92.95 59.16
CA VAL C 116 -60.33 -92.94 59.09
C VAL C 116 -59.95 -91.72 58.27
N LYS C 117 -58.75 -91.18 58.45
CA LYS C 117 -58.31 -90.14 57.55
C LYS C 117 -56.96 -90.48 56.94
N TRP C 118 -56.96 -90.57 55.61
CA TRP C 118 -55.74 -90.72 54.82
C TRP C 118 -54.90 -89.46 54.91
N PHE C 119 -53.74 -89.50 54.25
CA PHE C 119 -52.88 -88.33 54.15
C PHE C 119 -52.03 -88.43 52.91
N CYS C 120 -52.17 -87.44 52.05
CA CYS C 120 -51.25 -87.24 50.94
C CYS C 120 -50.00 -86.59 51.50
N GLY C 121 -48.94 -87.36 51.65
CA GLY C 121 -47.72 -86.80 52.17
C GLY C 121 -46.61 -87.82 52.18
N GLN C 122 -45.52 -87.42 52.83
CA GLN C 122 -44.20 -88.02 52.66
C GLN C 122 -44.21 -89.54 52.69
N PRO C 123 -43.32 -90.17 51.93
CA PRO C 123 -43.15 -91.62 51.99
C PRO C 123 -42.98 -92.06 53.44
N VAL C 124 -43.95 -92.82 53.91
CA VAL C 124 -43.97 -93.33 55.28
C VAL C 124 -44.62 -94.71 55.21
N THR C 125 -44.69 -95.40 56.34
CA THR C 125 -45.27 -96.74 56.37
C THR C 125 -45.94 -96.98 57.70
N ARG C 126 -46.97 -97.80 57.70
CA ARG C 126 -47.68 -98.04 58.94
C ARG C 126 -46.95 -99.06 59.79
N THR C 127 -46.88 -98.77 61.09
CA THR C 127 -46.17 -99.62 62.03
C THR C 127 -46.58 -101.07 61.85
N THR C 128 -47.88 -101.33 61.84
CA THR C 128 -48.37 -102.66 61.51
C THR C 128 -49.54 -102.53 60.56
N ALA C 129 -49.72 -103.57 59.75
CA ALA C 129 -50.96 -103.71 59.00
C ALA C 129 -52.16 -103.63 59.94
N THR C 130 -52.00 -104.13 61.16
CA THR C 130 -53.06 -104.03 62.17
C THR C 130 -53.27 -102.59 62.60
N ALA C 131 -52.20 -101.81 62.68
CA ALA C 131 -52.27 -100.49 63.29
C ALA C 131 -53.02 -99.51 62.40
N THR C 132 -53.01 -98.26 62.84
CA THR C 132 -53.30 -97.13 61.97
C THR C 132 -52.09 -96.20 61.93
N ASP C 133 -51.42 -96.01 63.08
CA ASP C 133 -50.24 -95.17 63.15
C ASP C 133 -49.15 -95.68 62.22
N VAL C 134 -48.49 -94.74 61.55
CA VAL C 134 -47.55 -95.07 60.49
C VAL C 134 -46.21 -94.44 60.79
N ALA C 135 -45.17 -94.99 60.17
CA ALA C 135 -43.80 -94.63 60.48
C ALA C 135 -43.17 -93.90 59.31
N ALA C 136 -42.45 -92.83 59.63
CA ALA C 136 -41.90 -91.93 58.62
C ALA C 136 -40.69 -92.59 57.97
N ALA C 137 -40.89 -93.70 57.29
CA ALA C 137 -39.81 -94.38 56.58
C ALA C 137 -39.42 -93.47 55.43
N ASN C 138 -38.34 -92.72 55.61
CA ASN C 138 -38.11 -91.52 54.81
C ASN C 138 -37.28 -91.76 53.56
N GLY C 139 -36.63 -92.91 53.45
CA GLY C 139 -35.84 -93.24 52.28
C GLY C 139 -34.84 -92.15 51.95
N LYS C 140 -34.31 -91.52 52.99
CA LYS C 140 -33.36 -90.43 52.85
C LYS C 140 -33.93 -89.33 51.97
N THR C 141 -35.24 -89.19 52.01
CA THR C 141 -35.98 -88.05 51.47
C THR C 141 -35.88 -87.95 49.96
N ASP C 142 -35.12 -88.81 49.30
CA ASP C 142 -35.09 -88.74 47.83
C ASP C 142 -36.50 -88.93 47.31
N ASP C 143 -37.08 -90.10 47.53
CA ASP C 143 -38.48 -90.30 47.19
C ASP C 143 -39.37 -89.28 47.88
N LYS C 144 -39.08 -88.93 49.13
CA LYS C 144 -39.80 -87.84 49.75
C LYS C 144 -39.75 -86.62 48.83
N ILE C 145 -40.82 -85.86 48.85
CA ILE C 145 -41.01 -84.82 47.87
C ILE C 145 -41.01 -83.47 48.56
N ASN C 146 -40.36 -82.50 47.94
CA ASN C 146 -40.29 -81.15 48.46
C ASN C 146 -41.68 -80.60 48.70
N THR C 147 -41.96 -80.22 49.95
CA THR C 147 -43.20 -79.52 50.24
C THR C 147 -43.36 -78.30 49.36
N LYS C 148 -42.25 -77.66 48.98
CA LYS C 148 -42.34 -76.66 47.92
C LYS C 148 -42.79 -77.32 46.63
N HIS C 149 -42.02 -78.29 46.12
CA HIS C 149 -42.46 -79.05 44.97
C HIS C 149 -43.70 -79.87 45.23
N LEU C 150 -44.18 -79.87 46.42
CA LEU C 150 -45.53 -80.32 46.65
C LEU C 150 -46.46 -79.13 46.72
N PRO C 151 -47.71 -79.32 46.42
CA PRO C 151 -48.68 -78.26 46.73
C PRO C 151 -48.87 -78.09 48.23
N SER C 152 -49.63 -77.07 48.60
CA SER C 152 -49.74 -76.71 50.01
C SER C 152 -50.32 -77.86 50.83
N THR C 153 -51.38 -78.48 50.34
CA THR C 153 -52.03 -79.52 51.13
C THR C 153 -51.16 -80.75 51.29
N CYS C 154 -50.72 -81.33 50.18
CA CYS C 154 -50.12 -82.67 50.20
C CYS C 154 -48.74 -82.54 50.83
N ARG C 155 -48.73 -82.22 52.11
CA ARG C 155 -47.51 -82.02 52.87
C ARG C 155 -47.55 -82.80 54.18
N ASP C 156 -47.80 -84.12 54.10
CA ASP C 156 -48.10 -84.91 55.28
C ASP C 156 -46.94 -85.83 55.65
N ASP C 157 -46.71 -85.97 56.96
CA ASP C 157 -45.78 -86.92 57.52
C ASP C 157 -46.53 -88.07 58.17
N SER C 158 -45.85 -89.20 58.32
CA SER C 158 -46.39 -90.36 59.01
C SER C 158 -47.20 -89.97 60.22
N SER C 159 -46.65 -89.05 61.01
CA SER C 159 -47.34 -88.42 62.11
C SER C 159 -48.78 -88.03 61.78
N ALA C 160 -49.06 -87.69 60.52
CA ALA C 160 -50.42 -87.33 60.15
C ALA C 160 -51.38 -88.48 60.46
N SER C 161 -52.38 -88.18 61.28
CA SER C 161 -53.24 -89.21 61.85
C SER C 161 -54.72 -88.94 61.66
N PHE D 1 -21.92 -34.14 11.01
CA PHE D 1 -22.09 -35.53 10.66
C PHE D 1 -22.55 -36.33 11.86
N THR D 2 -22.87 -35.60 12.93
CA THR D 2 -23.84 -36.14 13.87
C THR D 2 -25.08 -36.57 13.12
N LEU D 3 -25.37 -35.91 12.01
CA LEU D 3 -26.36 -36.40 11.07
C LEU D 3 -26.14 -37.87 10.74
N ILE D 4 -24.89 -38.24 10.42
CA ILE D 4 -24.59 -39.66 10.28
C ILE D 4 -25.01 -40.37 11.56
N GLU D 5 -24.39 -39.98 12.67
CA GLU D 5 -24.82 -40.49 13.98
C GLU D 5 -26.32 -40.51 14.08
N LEU D 6 -26.98 -39.43 13.68
CA LEU D 6 -28.42 -39.45 13.55
C LEU D 6 -28.87 -40.52 12.56
N MET D 7 -28.46 -40.36 11.31
CA MET D 7 -28.86 -41.33 10.30
C MET D 7 -28.42 -42.74 10.69
N ILE D 8 -27.33 -42.86 11.44
CA ILE D 8 -27.01 -44.12 12.11
C ILE D 8 -28.18 -44.55 12.97
N VAL D 9 -28.51 -43.72 13.96
CA VAL D 9 -29.67 -44.02 14.81
C VAL D 9 -30.87 -44.28 13.94
N ILE D 10 -31.03 -43.51 12.87
CA ILE D 10 -32.04 -43.85 11.88
C ILE D 10 -31.73 -45.22 11.28
N ALA D 11 -30.50 -45.38 10.77
CA ALA D 11 -30.13 -46.62 10.11
C ALA D 11 -30.36 -47.81 11.01
N ILE D 12 -29.86 -47.75 12.25
CA ILE D 12 -30.05 -48.89 13.15
C ILE D 12 -31.53 -49.09 13.43
N VAL D 13 -32.29 -48.00 13.51
CA VAL D 13 -33.73 -48.12 13.48
C VAL D 13 -34.18 -48.60 12.12
N GLY D 14 -33.46 -48.20 11.08
CA GLY D 14 -33.79 -48.59 9.72
C GLY D 14 -33.99 -50.10 9.59
N ILE D 15 -33.01 -50.86 10.05
CA ILE D 15 -33.07 -52.31 9.98
C ILE D 15 -33.39 -52.91 11.34
N LEU D 16 -34.21 -52.21 12.12
CA LEU D 16 -34.60 -52.68 13.45
C LEU D 16 -36.07 -53.04 13.50
N ALA D 17 -36.86 -52.46 12.60
CA ALA D 17 -38.29 -52.73 12.54
C ALA D 17 -38.62 -53.74 11.46
N ALA D 18 -37.69 -54.67 11.21
CA ALA D 18 -37.89 -55.69 10.20
C ALA D 18 -37.19 -56.99 10.55
N VAL D 19 -37.95 -58.08 10.55
CA VAL D 19 -37.48 -59.44 10.84
C VAL D 19 -36.97 -59.70 12.27
N ALA D 20 -37.33 -58.83 13.21
CA ALA D 20 -36.91 -58.98 14.60
C ALA D 20 -38.03 -59.58 15.45
N LEU D 21 -38.87 -60.41 14.82
CA LEU D 21 -39.98 -61.05 15.51
C LEU D 21 -40.11 -62.51 15.09
N PRO D 22 -39.50 -63.41 15.87
CA PRO D 22 -39.56 -64.84 15.57
C PRO D 22 -40.91 -65.42 15.92
N ALA D 23 -41.31 -66.49 15.24
CA ALA D 23 -42.08 -67.58 15.84
C ALA D 23 -43.33 -67.21 16.62
N TYR D 24 -43.88 -66.01 16.47
CA TYR D 24 -45.06 -65.72 17.27
C TYR D 24 -46.32 -66.20 16.59
N GLN D 25 -46.39 -66.10 15.26
CA GLN D 25 -47.44 -66.82 14.56
C GLN D 25 -47.28 -68.31 14.84
N ASP D 26 -46.05 -68.74 15.07
CA ASP D 26 -45.76 -70.06 15.58
C ASP D 26 -46.34 -70.26 16.99
N TYR D 27 -46.20 -69.27 17.85
CA TYR D 27 -46.57 -69.46 19.25
C TYR D 27 -48.08 -69.46 19.44
N THR D 28 -48.74 -68.39 19.01
CA THR D 28 -50.20 -68.33 19.06
C THR D 28 -50.81 -69.66 18.64
N ALA D 29 -50.28 -70.21 17.54
CA ALA D 29 -50.69 -71.51 17.06
C ALA D 29 -50.82 -72.51 18.19
N ARG D 30 -49.74 -72.72 18.93
CA ARG D 30 -49.74 -73.69 20.02
C ARG D 30 -51.01 -73.60 20.84
N ALA D 31 -51.27 -72.43 21.42
CA ALA D 31 -52.50 -72.23 22.17
C ALA D 31 -53.70 -72.40 21.26
N GLN D 32 -53.72 -71.66 20.15
CA GLN D 32 -54.75 -71.83 19.13
C GLN D 32 -54.94 -73.30 18.80
N VAL D 33 -53.85 -74.03 18.58
CA VAL D 33 -53.91 -75.48 18.57
C VAL D 33 -54.46 -75.99 19.90
N SER D 34 -53.79 -75.64 20.99
CA SER D 34 -54.11 -76.25 22.28
C SER D 34 -55.58 -76.02 22.64
N GLU D 35 -56.14 -74.90 22.23
CA GLU D 35 -57.58 -74.72 22.33
C GLU D 35 -58.31 -75.95 21.80
N ALA D 36 -57.96 -76.38 20.58
CA ALA D 36 -58.56 -77.58 20.04
C ALA D 36 -58.33 -78.78 20.94
N ILE D 37 -57.16 -78.85 21.57
CA ILE D 37 -56.87 -79.97 22.47
C ILE D 37 -57.90 -80.00 23.60
N LEU D 38 -58.40 -78.85 23.98
CA LEU D 38 -59.16 -78.75 25.22
C LEU D 38 -60.49 -79.49 25.14
N LEU D 39 -60.93 -79.85 23.95
CA LEU D 39 -62.34 -80.15 23.78
C LEU D 39 -62.62 -81.66 23.83
N ALA D 40 -62.01 -82.43 22.93
CA ALA D 40 -62.28 -83.86 22.82
C ALA D 40 -61.91 -84.63 24.08
N GLU D 41 -61.26 -83.95 25.03
CA GLU D 41 -60.86 -84.55 26.29
C GLU D 41 -62.00 -85.33 26.92
N GLY D 42 -63.17 -84.72 27.03
CA GLY D 42 -64.29 -85.39 27.68
C GLY D 42 -64.72 -86.65 26.96
N GLN D 43 -64.50 -86.72 25.65
CA GLN D 43 -64.89 -87.91 24.90
C GLN D 43 -64.19 -89.14 25.43
N LYS D 44 -62.98 -88.97 25.95
CA LYS D 44 -62.17 -90.06 26.49
C LYS D 44 -62.95 -90.94 27.45
N SER D 45 -63.92 -90.39 28.15
CA SER D 45 -64.66 -91.15 29.16
C SER D 45 -65.43 -92.30 28.56
N ALA D 46 -66.44 -92.00 27.75
CA ALA D 46 -67.24 -93.06 27.16
C ALA D 46 -66.37 -93.95 26.29
N VAL D 47 -65.39 -93.34 25.61
CA VAL D 47 -64.35 -94.11 24.95
C VAL D 47 -63.75 -95.13 25.91
N THR D 48 -63.28 -94.66 27.05
CA THR D 48 -62.85 -95.57 28.10
C THR D 48 -64.00 -96.49 28.50
N GLU D 49 -65.14 -95.88 28.86
CA GLU D 49 -66.31 -96.66 29.27
C GLU D 49 -66.64 -97.74 28.27
N TYR D 50 -66.68 -97.38 26.99
CA TYR D 50 -66.84 -98.37 25.95
C TYR D 50 -65.77 -99.44 26.09
N TYR D 51 -64.51 -99.01 26.15
CA TYR D 51 -63.44 -99.95 26.45
C TYR D 51 -63.62 -100.55 27.83
N LEU D 52 -64.18 -99.77 28.75
CA LEU D 52 -64.37 -100.22 30.11
C LEU D 52 -65.44 -101.28 30.16
N ASN D 53 -66.64 -100.92 29.69
CA ASN D 53 -67.70 -101.90 29.51
C ASN D 53 -67.18 -103.11 28.76
N HIS D 54 -66.73 -102.90 27.52
CA HIS D 54 -66.54 -103.98 26.58
C HIS D 54 -65.19 -104.67 26.77
N GLY D 55 -64.15 -103.90 27.03
CA GLY D 55 -62.79 -104.33 26.78
C GLY D 55 -62.27 -103.90 25.44
N GLU D 56 -63.11 -103.26 24.61
CA GLU D 56 -62.72 -102.74 23.32
C GLU D 56 -62.99 -101.24 23.29
N TRP D 57 -62.08 -100.50 22.69
CA TRP D 57 -62.35 -99.09 22.51
C TRP D 57 -63.53 -98.93 21.57
N PRO D 58 -64.16 -97.77 21.58
CA PRO D 58 -65.21 -97.51 20.59
C PRO D 58 -64.58 -97.15 19.27
N GLY D 59 -65.00 -97.85 18.22
CA GLY D 59 -64.50 -97.54 16.90
C GLY D 59 -64.54 -96.06 16.60
N ASP D 60 -65.46 -95.35 17.21
CA ASP D 60 -65.57 -93.91 17.02
C ASP D 60 -66.51 -93.35 18.08
N ASN D 61 -66.88 -92.10 17.87
CA ASN D 61 -67.95 -91.45 18.61
C ASN D 61 -69.21 -92.29 18.63
N SER D 62 -69.64 -92.77 17.46
CA SER D 62 -70.90 -93.48 17.35
C SER D 62 -70.83 -94.87 17.98
N SER D 63 -69.73 -95.59 17.75
CA SER D 63 -69.49 -96.81 18.50
C SER D 63 -69.63 -96.55 19.99
N ALA D 64 -68.92 -95.55 20.49
CA ALA D 64 -69.18 -95.08 21.85
C ALA D 64 -70.60 -94.57 22.00
N GLY D 65 -71.18 -94.08 20.92
CA GLY D 65 -72.46 -93.41 21.01
C GLY D 65 -72.36 -91.96 21.37
N VAL D 66 -71.27 -91.29 21.03
CA VAL D 66 -71.03 -89.94 21.50
C VAL D 66 -70.83 -88.98 20.34
N ALA D 67 -70.58 -87.72 20.67
CA ALA D 67 -70.62 -86.63 19.70
C ALA D 67 -69.59 -86.84 18.60
N THR D 68 -70.05 -86.85 17.36
CA THR D 68 -69.25 -87.28 16.22
C THR D 68 -68.25 -86.22 15.78
N SER D 69 -67.61 -86.48 14.63
CA SER D 69 -66.61 -85.58 14.07
C SER D 69 -67.12 -84.15 14.03
N ALA D 70 -68.14 -83.91 13.22
CA ALA D 70 -68.76 -82.60 13.11
C ALA D 70 -69.54 -82.22 14.36
N ASP D 71 -69.68 -83.15 15.30
CA ASP D 71 -70.14 -82.77 16.61
C ASP D 71 -68.98 -82.17 17.38
N ILE D 72 -69.13 -82.20 18.70
CA ILE D 72 -68.75 -81.11 19.60
C ILE D 72 -67.60 -80.26 19.07
N LYS D 73 -67.84 -78.95 18.95
CA LYS D 73 -66.93 -78.03 18.27
C LYS D 73 -67.15 -76.59 18.72
N GLY D 74 -66.35 -75.72 18.10
CA GLY D 74 -66.42 -74.29 18.34
C GLY D 74 -65.25 -73.58 17.68
N LYS D 75 -64.63 -72.67 18.45
CA LYS D 75 -63.42 -72.00 17.99
C LYS D 75 -62.28 -72.98 17.82
N TYR D 76 -61.54 -72.83 16.73
CA TYR D 76 -60.35 -73.62 16.46
C TYR D 76 -60.65 -75.10 16.40
N VAL D 77 -61.93 -75.47 16.34
CA VAL D 77 -62.35 -76.86 16.32
C VAL D 77 -63.36 -77.02 15.21
N GLN D 78 -62.92 -77.57 14.08
CA GLN D 78 -63.84 -77.86 13.00
C GLN D 78 -64.08 -79.35 12.82
N SER D 79 -63.67 -80.15 13.80
CA SER D 79 -64.05 -81.55 13.90
C SER D 79 -63.56 -82.06 15.25
N VAL D 80 -64.23 -83.10 15.75
CA VAL D 80 -63.82 -83.83 16.95
C VAL D 80 -64.21 -85.29 16.77
N THR D 81 -63.23 -86.17 16.70
CA THR D 81 -63.50 -87.51 16.20
C THR D 81 -62.77 -88.56 17.02
N VAL D 82 -63.41 -89.72 17.17
CA VAL D 82 -62.80 -90.88 17.82
C VAL D 82 -62.50 -91.94 16.77
N ALA D 83 -61.40 -92.66 16.96
CA ALA D 83 -60.97 -93.69 16.01
C ALA D 83 -60.54 -94.92 16.79
N ASN D 84 -61.45 -95.89 16.94
CA ASN D 84 -61.16 -97.07 17.73
C ASN D 84 -60.67 -96.67 19.12
N GLY D 85 -61.41 -95.75 19.74
CA GLY D 85 -60.96 -95.16 20.96
C GLY D 85 -59.92 -94.07 20.81
N VAL D 86 -59.39 -93.87 19.61
CA VAL D 86 -58.41 -92.80 19.38
C VAL D 86 -59.14 -91.56 18.94
N ILE D 87 -59.03 -90.49 19.73
CA ILE D 87 -59.87 -89.32 19.57
C ILE D 87 -59.05 -88.21 18.93
N THR D 88 -59.71 -87.36 18.14
CA THR D 88 -58.98 -86.37 17.37
C THR D 88 -59.89 -85.20 17.07
N ALA D 89 -59.30 -84.00 17.01
CA ALA D 89 -60.03 -82.77 16.68
C ALA D 89 -59.17 -81.92 15.76
N GLN D 90 -59.81 -81.05 14.98
CA GLN D 90 -59.11 -80.29 13.96
C GLN D 90 -59.11 -78.80 14.23
N MET D 91 -58.04 -78.14 13.83
CA MET D 91 -57.99 -76.70 13.87
C MET D 91 -59.03 -76.09 12.94
N ALA D 92 -59.44 -74.88 13.28
CA ALA D 92 -60.28 -74.13 12.38
C ALA D 92 -59.52 -73.82 11.09
N SER D 93 -60.24 -73.23 10.14
CA SER D 93 -59.66 -72.87 8.88
C SER D 93 -59.52 -71.36 8.68
N SER D 94 -59.43 -70.60 9.77
CA SER D 94 -59.31 -69.14 9.67
C SER D 94 -59.10 -68.55 11.05
N ASN D 95 -58.68 -67.28 11.07
CA ASN D 95 -58.41 -66.56 12.32
C ASN D 95 -57.42 -67.33 13.19
N VAL D 96 -56.63 -68.17 12.53
CA VAL D 96 -55.67 -69.01 13.20
C VAL D 96 -54.30 -68.53 12.79
N ASN D 97 -53.29 -69.16 13.36
CA ASN D 97 -52.05 -69.24 12.65
C ASN D 97 -52.33 -69.78 11.27
N ASN D 98 -52.08 -68.95 10.27
CA ASN D 98 -52.19 -69.38 8.88
C ASN D 98 -51.55 -70.75 8.67
N GLU D 99 -50.53 -71.05 9.45
CA GLU D 99 -49.86 -72.34 9.38
C GLU D 99 -50.77 -73.47 9.84
N ILE D 100 -51.13 -73.46 11.11
CA ILE D 100 -51.80 -74.59 11.75
C ILE D 100 -53.22 -74.70 11.25
N LYS D 101 -53.59 -73.81 10.35
CA LYS D 101 -54.95 -73.77 9.87
C LYS D 101 -55.45 -75.16 9.52
N SER D 102 -56.49 -75.59 10.21
CA SER D 102 -57.13 -76.87 9.96
C SER D 102 -56.18 -78.04 10.20
N LYS D 103 -55.81 -78.23 11.46
CA LYS D 103 -54.90 -79.30 11.84
C LYS D 103 -55.42 -80.09 13.03
N LYS D 104 -54.91 -81.31 13.18
CA LYS D 104 -55.40 -82.26 14.16
C LYS D 104 -54.28 -82.91 14.94
N LEU D 105 -54.68 -83.66 15.96
CA LEU D 105 -53.79 -84.62 16.60
C LEU D 105 -54.64 -85.59 17.40
N SER D 106 -54.28 -86.86 17.32
CA SER D 106 -55.11 -87.91 17.89
C SER D 106 -54.87 -88.04 19.39
N LEU D 107 -55.62 -88.96 19.98
CA LEU D 107 -55.66 -89.15 21.43
C LEU D 107 -55.92 -90.63 21.67
N TRP D 108 -54.88 -91.37 22.03
CA TRP D 108 -54.98 -92.81 22.03
C TRP D 108 -54.41 -93.37 23.31
N ALA D 109 -55.19 -94.20 23.97
CA ALA D 109 -54.84 -94.78 25.25
C ALA D 109 -54.54 -96.26 25.07
N LYS D 110 -53.37 -96.69 25.55
CA LYS D 110 -52.96 -98.08 25.42
C LYS D 110 -52.65 -98.63 26.80
N ARG D 111 -53.07 -99.87 27.04
CA ARG D 111 -53.36 -100.33 28.39
C ARG D 111 -52.09 -100.50 29.21
N GLN D 112 -52.19 -100.17 30.50
CA GLN D 112 -51.05 -99.96 31.39
C GLN D 112 -50.92 -101.06 32.43
N ASN D 113 -49.83 -101.00 33.20
CA ASN D 113 -49.87 -101.51 34.56
C ASN D 113 -51.10 -100.98 35.25
N GLY D 114 -51.30 -99.67 35.17
CA GLY D 114 -52.56 -99.06 35.50
C GLY D 114 -53.58 -99.45 34.46
N SER D 115 -54.58 -98.60 34.28
CA SER D 115 -55.54 -98.92 33.24
C SER D 115 -54.90 -98.77 31.87
N VAL D 116 -54.51 -97.55 31.53
CA VAL D 116 -54.26 -97.25 30.14
C VAL D 116 -53.57 -95.90 30.11
N LYS D 117 -52.79 -95.60 29.07
CA LYS D 117 -52.29 -94.25 28.95
C LYS D 117 -52.62 -93.65 27.59
N TRP D 118 -53.37 -92.57 27.62
CA TRP D 118 -53.66 -91.75 26.45
C TRP D 118 -52.39 -91.09 25.94
N PHE D 119 -52.55 -90.34 24.85
CA PHE D 119 -51.45 -89.56 24.30
C PHE D 119 -51.97 -88.39 23.51
N CYS D 120 -51.60 -87.19 23.94
CA CYS D 120 -51.81 -86.00 23.15
C CYS D 120 -50.74 -85.97 22.07
N GLY D 121 -51.13 -86.28 20.84
CA GLY D 121 -50.16 -86.26 19.78
C GLY D 121 -50.80 -86.58 18.46
N GLN D 122 -49.95 -86.77 17.47
CA GLN D 122 -50.29 -86.69 16.05
C GLN D 122 -51.56 -87.44 15.68
N PRO D 123 -52.30 -86.93 14.70
CA PRO D 123 -53.46 -87.65 14.19
C PRO D 123 -53.07 -89.07 13.85
N VAL D 124 -53.66 -90.01 14.58
CA VAL D 124 -53.42 -91.44 14.40
C VAL D 124 -54.74 -92.14 14.69
N THR D 125 -54.77 -93.46 14.53
CA THR D 125 -55.99 -94.22 14.77
C THR D 125 -55.65 -95.60 15.28
N ARG D 126 -56.54 -96.16 16.08
CA ARG D 126 -56.26 -97.46 16.65
C ARG D 126 -56.56 -98.56 15.65
N THR D 127 -55.64 -99.52 15.59
CA THR D 127 -55.76 -100.63 14.65
C THR D 127 -57.16 -101.22 14.69
N THR D 128 -57.62 -101.57 15.88
CA THR D 128 -59.00 -101.98 16.05
C THR D 128 -59.59 -101.29 17.27
N ALA D 129 -60.90 -101.12 17.23
CA ALA D 129 -61.64 -100.75 18.43
C ALA D 129 -61.32 -101.72 19.56
N THR D 130 -61.11 -102.98 19.22
CA THR D 130 -60.72 -103.98 20.22
C THR D 130 -59.33 -103.70 20.76
N ALA D 131 -58.43 -103.22 19.91
CA ALA D 131 -57.02 -103.14 20.26
C ALA D 131 -56.77 -102.03 21.28
N THR D 132 -55.50 -101.81 21.57
CA THR D 132 -55.03 -100.57 22.16
C THR D 132 -54.04 -99.89 21.22
N ASP D 133 -53.17 -100.68 20.57
CA ASP D 133 -52.21 -100.15 19.62
C ASP D 133 -52.90 -99.41 18.49
N VAL D 134 -52.31 -98.28 18.11
CA VAL D 134 -52.95 -97.36 17.18
C VAL D 134 -52.00 -97.09 16.01
N ALA D 135 -52.59 -96.66 14.90
CA ALA D 135 -51.88 -96.52 13.64
C ALA D 135 -51.71 -95.06 13.28
N ALA D 136 -50.51 -94.71 12.83
CA ALA D 136 -50.17 -93.33 12.57
C ALA D 136 -50.81 -92.87 11.26
N ALA D 137 -52.13 -92.84 11.22
CA ALA D 137 -52.86 -92.38 10.05
C ALA D 137 -52.59 -90.88 9.95
N ASN D 138 -51.66 -90.50 9.07
CA ASN D 138 -51.00 -89.21 9.19
C ASN D 138 -51.68 -88.10 8.39
N GLY D 139 -52.58 -88.45 7.47
CA GLY D 139 -53.29 -87.46 6.70
C GLY D 139 -52.35 -86.50 6.01
N LYS D 140 -51.20 -87.02 5.61
CA LYS D 140 -50.17 -86.21 4.96
C LYS D 140 -49.79 -85.02 5.82
N THR D 141 -49.89 -85.22 7.13
CA THR D 141 -49.35 -84.33 8.14
C THR D 141 -50.00 -82.95 8.15
N ASP D 142 -50.92 -82.67 7.23
CA ASP D 142 -51.58 -81.37 7.29
C ASP D 142 -52.28 -81.22 8.64
N ASP D 143 -53.26 -82.08 8.89
CA ASP D 143 -53.86 -82.10 10.22
C ASP D 143 -52.83 -82.37 11.30
N LYS D 144 -51.85 -83.23 11.03
CA LYS D 144 -50.75 -83.36 11.98
C LYS D 144 -50.17 -81.99 12.28
N ILE D 145 -49.72 -81.82 13.50
CA ILE D 145 -49.37 -80.50 13.99
C ILE D 145 -47.88 -80.46 14.28
N ASN D 146 -47.26 -79.35 13.92
CA ASN D 146 -45.84 -79.16 14.17
C ASN D 146 -45.52 -79.32 15.64
N THR D 147 -44.63 -80.27 15.93
CA THR D 147 -44.12 -80.39 17.29
C THR D 147 -43.57 -79.07 17.79
N LYS D 148 -43.01 -78.26 16.90
CA LYS D 148 -42.72 -76.89 17.28
C LYS D 148 -43.99 -76.16 17.62
N HIS D 149 -44.92 -76.06 16.66
CA HIS D 149 -46.23 -75.49 16.94
C HIS D 149 -47.02 -76.32 17.93
N LEU D 150 -46.51 -77.42 18.35
CA LEU D 150 -47.03 -78.06 19.53
C LEU D 150 -46.16 -77.71 20.72
N PRO D 151 -46.71 -77.75 21.90
CA PRO D 151 -45.86 -77.67 23.08
C PRO D 151 -44.99 -78.91 23.23
N SER D 152 -44.09 -78.88 24.20
CA SER D 152 -43.10 -79.93 24.34
C SER D 152 -43.77 -81.29 24.57
N THR D 153 -44.74 -81.34 25.47
CA THR D 153 -45.35 -82.62 25.81
C THR D 153 -46.15 -83.19 24.64
N CYS D 154 -47.11 -82.44 24.13
CA CYS D 154 -48.11 -83.00 23.22
C CYS D 154 -47.42 -83.26 21.88
N ARG D 155 -46.51 -84.21 21.89
CA ARG D 155 -45.73 -84.58 20.73
C ARG D 155 -45.75 -86.08 20.50
N ASP D 156 -46.94 -86.67 20.43
CA ASP D 156 -47.09 -88.12 20.47
C ASP D 156 -47.45 -88.69 19.09
N ASP D 157 -46.87 -89.84 18.78
CA ASP D 157 -47.22 -90.64 17.61
C ASP D 157 -48.01 -91.87 18.03
N SER D 158 -48.76 -92.42 17.08
CA SER D 158 -49.49 -93.66 17.28
C SER D 158 -48.70 -94.64 18.11
N SER D 159 -47.44 -94.80 17.75
CA SER D 159 -46.49 -95.58 18.53
C SER D 159 -46.59 -95.33 20.03
N ALA D 160 -46.98 -94.14 20.45
CA ALA D 160 -47.13 -93.86 21.88
C ALA D 160 -48.11 -94.84 22.50
N SER D 161 -47.65 -95.56 23.51
CA SER D 161 -48.39 -96.69 24.05
C SER D 161 -48.53 -96.65 25.57
N PHE E 1 -21.40 -21.41 9.79
CA PHE E 1 -22.80 -21.80 9.63
C PHE E 1 -22.95 -23.29 9.82
N THR E 2 -21.87 -23.93 10.24
CA THR E 2 -22.03 -25.15 11.01
C THR E 2 -23.01 -24.92 12.14
N LEU E 3 -23.05 -23.68 12.65
CA LEU E 3 -24.13 -23.27 13.54
C LEU E 3 -25.49 -23.65 12.96
N ILE E 4 -25.73 -23.34 11.69
CA ILE E 4 -26.94 -23.84 11.06
C ILE E 4 -26.98 -25.36 11.22
N GLU E 5 -25.98 -26.04 10.67
CA GLU E 5 -25.84 -27.47 10.89
C GLU E 5 -26.08 -27.83 12.34
N LEU E 6 -25.49 -27.06 13.26
CA LEU E 6 -25.85 -27.20 14.66
C LEU E 6 -27.33 -26.93 14.86
N MET E 7 -27.76 -25.71 14.58
CA MET E 7 -29.16 -25.36 14.78
C MET E 7 -30.06 -26.30 13.99
N ILE E 8 -29.58 -26.81 12.86
CA ILE E 8 -30.26 -27.94 12.21
C ILE E 8 -30.41 -29.08 13.20
N VAL E 9 -29.27 -29.60 13.68
CA VAL E 9 -29.32 -30.66 14.67
C VAL E 9 -30.20 -30.24 15.83
N ILE E 10 -30.12 -28.97 16.21
CA ILE E 10 -31.09 -28.44 17.15
C ILE E 10 -32.49 -28.52 16.55
N ALA E 11 -32.64 -27.96 15.34
CA ALA E 11 -33.96 -27.92 14.71
C ALA E 11 -34.55 -29.31 14.60
N ILE E 12 -33.80 -30.26 14.07
CA ILE E 12 -34.34 -31.61 13.92
C ILE E 12 -34.65 -32.19 15.30
N VAL E 13 -33.83 -31.87 16.29
CA VAL E 13 -34.22 -32.14 17.66
C VAL E 13 -35.39 -31.27 18.06
N GLY E 14 -35.43 -30.05 17.50
CA GLY E 14 -36.51 -29.12 17.79
C GLY E 14 -37.89 -29.75 17.62
N ILE E 15 -38.11 -30.35 16.47
CA ILE E 15 -39.39 -31.00 16.17
C ILE E 15 -39.28 -32.52 16.26
N LEU E 16 -38.44 -32.98 17.19
CA LEU E 16 -38.24 -34.42 17.38
C LEU E 16 -38.79 -34.88 18.72
N ALA E 17 -38.92 -33.95 19.66
CA ALA E 17 -39.44 -34.27 20.99
C ALA E 17 -40.90 -33.88 21.12
N ALA E 18 -41.63 -33.94 20.01
CA ALA E 18 -43.04 -33.59 19.99
C ALA E 18 -43.82 -34.39 18.98
N VAL E 19 -44.90 -35.03 19.44
CA VAL E 19 -45.81 -35.86 18.63
C VAL E 19 -45.22 -37.14 18.01
N ALA E 20 -44.08 -37.59 18.53
CA ALA E 20 -43.43 -38.79 18.02
C ALA E 20 -43.72 -40.00 18.91
N LEU E 21 -44.89 -39.98 19.55
CA LEU E 21 -45.30 -41.07 20.43
C LEU E 21 -46.77 -41.42 20.22
N PRO E 22 -47.03 -42.42 19.38
CA PRO E 22 -48.39 -42.86 19.09
C PRO E 22 -48.97 -43.65 20.24
N ALA E 23 -50.28 -43.64 20.40
CA ALA E 23 -51.05 -44.80 20.85
C ALA E 23 -50.58 -45.51 22.11
N TYR E 24 -49.75 -44.90 22.94
CA TYR E 24 -49.32 -45.65 24.12
C TYR E 24 -50.32 -45.51 25.26
N GLN E 25 -50.91 -44.32 25.41
CA GLN E 25 -52.07 -44.23 26.29
C GLN E 25 -53.15 -45.14 25.75
N ASP E 26 -53.17 -45.34 24.43
CA ASP E 26 -53.97 -46.37 23.81
C ASP E 26 -53.55 -47.76 24.26
N TYR E 27 -52.25 -48.02 24.32
CA TYR E 27 -51.79 -49.39 24.56
C TYR E 27 -51.97 -49.80 26.01
N THR E 28 -51.40 -49.02 26.94
CA THR E 28 -51.62 -49.28 28.36
C THR E 28 -53.05 -49.65 28.64
N ALA E 29 -53.97 -48.88 28.05
CA ALA E 29 -55.39 -49.15 28.16
C ALA E 29 -55.69 -50.62 27.98
N ARG E 30 -55.28 -51.19 26.85
CA ARG E 30 -55.57 -52.58 26.54
C ARG E 30 -55.32 -53.46 27.77
N ALA E 31 -54.09 -53.45 28.26
CA ALA E 31 -53.79 -54.21 29.48
C ALA E 31 -54.61 -53.69 30.65
N GLN E 32 -54.54 -52.38 30.90
CA GLN E 32 -55.39 -51.76 31.90
C GLN E 32 -56.83 -52.21 31.75
N VAL E 33 -57.35 -52.18 30.51
CA VAL E 33 -58.59 -52.87 30.22
C VAL E 33 -58.46 -54.35 30.56
N SER E 34 -57.50 -55.03 29.94
CA SER E 34 -57.42 -56.47 30.04
C SER E 34 -57.33 -56.92 31.49
N GLU E 35 -56.69 -56.12 32.34
CA GLU E 35 -56.77 -56.36 33.77
C GLU E 35 -58.21 -56.61 34.20
N ALA E 36 -59.11 -55.70 33.81
CA ALA E 36 -60.51 -55.90 34.13
C ALA E 36 -61.02 -57.22 33.57
N ILE E 37 -60.56 -57.61 32.38
CA ILE E 37 -61.00 -58.87 31.79
C ILE E 37 -60.66 -60.03 32.71
N LEU E 38 -59.57 -59.90 33.47
CA LEU E 38 -59.01 -61.04 34.17
C LEU E 38 -59.93 -61.54 35.27
N LEU E 39 -60.93 -60.75 35.67
CA LEU E 39 -61.52 -60.98 36.97
C LEU E 39 -62.82 -61.78 36.88
N ALA E 40 -63.82 -61.28 36.15
CA ALA E 40 -65.13 -61.92 36.05
C ALA E 40 -65.07 -63.30 35.45
N GLU E 41 -63.91 -63.68 34.93
CA GLU E 41 -63.70 -64.99 34.33
C GLU E 41 -64.26 -66.10 35.22
N GLY E 42 -63.91 -66.09 36.50
CA GLY E 42 -64.36 -67.16 37.38
C GLY E 42 -65.87 -67.22 37.52
N GLN E 43 -66.54 -66.07 37.36
CA GLN E 43 -68.00 -66.05 37.48
C GLN E 43 -68.64 -66.99 36.47
N LYS E 44 -68.01 -67.16 35.31
CA LYS E 44 -68.50 -68.01 34.24
C LYS E 44 -68.92 -69.38 34.73
N SER E 45 -68.28 -69.89 35.78
CA SER E 45 -68.55 -71.24 36.25
C SER E 45 -69.98 -71.39 36.73
N ALA E 46 -70.32 -70.72 37.83
CA ALA E 46 -71.66 -70.84 38.38
C ALA E 46 -72.68 -70.38 37.35
N VAL E 47 -72.34 -69.34 36.59
CA VAL E 47 -73.11 -68.96 35.43
C VAL E 47 -73.38 -70.18 34.56
N THR E 48 -72.31 -70.87 34.15
CA THR E 48 -72.49 -72.14 33.47
C THR E 48 -73.27 -73.10 34.33
N GLU E 49 -72.80 -73.32 35.56
CA GLU E 49 -73.46 -74.23 36.49
C GLU E 49 -74.94 -73.94 36.58
N TYR E 50 -75.28 -72.67 36.79
CA TYR E 50 -76.68 -72.26 36.74
C TYR E 50 -77.30 -72.72 35.44
N TYR E 51 -76.67 -72.36 34.32
CA TYR E 51 -77.11 -72.88 33.03
C TYR E 51 -76.97 -74.39 33.00
N LEU E 52 -75.95 -74.89 33.69
CA LEU E 52 -75.69 -76.33 33.69
C LEU E 52 -76.77 -77.05 34.46
N ASN E 53 -76.91 -76.68 35.74
CA ASN E 53 -78.03 -77.17 36.52
C ASN E 53 -79.34 -77.00 35.77
N HIS E 54 -79.70 -75.75 35.45
CA HIS E 54 -81.05 -75.43 35.03
C HIS E 54 -81.28 -75.70 33.56
N GLY E 55 -80.30 -75.37 32.72
CA GLY E 55 -80.53 -75.15 31.32
C GLY E 55 -80.74 -73.69 30.98
N GLU E 56 -80.78 -72.82 31.99
CA GLU E 56 -80.90 -71.38 31.82
C GLU E 56 -79.71 -70.70 32.44
N TRP E 57 -79.20 -69.67 31.77
CA TRP E 57 -78.15 -68.89 32.39
C TRP E 57 -78.71 -68.19 33.62
N PRO E 58 -77.85 -67.76 34.52
CA PRO E 58 -78.32 -66.96 35.64
C PRO E 58 -78.56 -65.54 35.18
N GLY E 59 -79.75 -65.03 35.47
CA GLY E 59 -80.06 -63.66 35.13
C GLY E 59 -78.97 -62.71 35.54
N ASP E 60 -78.24 -63.05 36.58
CA ASP E 60 -77.15 -62.23 37.05
C ASP E 60 -76.31 -63.02 38.04
N ASN E 61 -75.43 -62.31 38.73
CA ASN E 61 -74.72 -62.82 39.88
C ASN E 61 -75.66 -63.44 40.90
N SER E 62 -76.73 -62.72 41.25
CA SER E 62 -77.62 -63.18 42.31
C SER E 62 -78.47 -64.37 41.86
N SER E 63 -78.99 -64.33 40.63
CA SER E 63 -79.59 -65.52 40.05
C SER E 63 -78.66 -66.71 40.19
N ALA E 64 -77.42 -66.56 39.73
CA ALA E 64 -76.40 -67.54 40.02
C ALA E 64 -76.15 -67.67 41.51
N GLY E 65 -76.39 -66.59 42.25
CA GLY E 65 -76.02 -66.55 43.65
C GLY E 65 -74.60 -66.16 43.90
N VAL E 66 -74.00 -65.37 43.01
CA VAL E 66 -72.57 -65.10 43.10
C VAL E 66 -72.31 -63.61 43.19
N ALA E 67 -71.03 -63.25 43.25
CA ALA E 67 -70.61 -61.90 43.59
C ALA E 67 -71.13 -60.87 42.60
N THR E 68 -71.86 -59.89 43.11
CA THR E 68 -72.65 -58.98 42.28
C THR E 68 -71.77 -57.93 41.60
N SER E 69 -72.45 -56.96 40.98
CA SER E 69 -71.78 -55.87 40.25
C SER E 69 -70.68 -55.24 41.09
N ALA E 70 -71.08 -54.59 42.19
CA ALA E 70 -70.15 -53.98 43.12
C ALA E 70 -69.35 -55.02 43.89
N ASP E 71 -69.69 -56.29 43.76
CA ASP E 71 -68.79 -57.32 44.23
C ASP E 71 -67.68 -57.51 43.22
N ILE E 72 -67.08 -58.68 43.29
CA ILE E 72 -65.64 -58.88 43.16
C ILE E 72 -64.98 -57.83 42.28
N LYS E 73 -63.96 -57.15 42.83
CA LYS E 73 -63.36 -55.96 42.21
C LYS E 73 -61.96 -55.71 42.76
N GLY E 74 -61.38 -54.64 42.22
CA GLY E 74 -60.06 -54.17 42.63
C GLY E 74 -59.58 -53.07 41.71
N LYS E 75 -58.31 -53.19 41.29
CA LYS E 75 -57.74 -52.28 40.31
C LYS E 75 -58.44 -52.42 38.97
N TYR E 76 -58.73 -51.27 38.35
CA TYR E 76 -59.30 -51.22 37.02
C TYR E 76 -60.63 -51.93 36.94
N VAL E 77 -61.22 -52.26 38.09
CA VAL E 77 -62.48 -52.97 38.16
C VAL E 77 -63.37 -52.26 39.16
N GLN E 78 -64.31 -51.48 38.65
CA GLN E 78 -65.27 -50.81 39.51
C GLN E 78 -66.66 -51.41 39.40
N SER E 79 -66.77 -52.58 38.76
CA SER E 79 -67.97 -53.39 38.78
C SER E 79 -67.64 -54.72 38.11
N VAL E 80 -68.39 -55.75 38.48
CA VAL E 80 -68.33 -57.07 37.85
C VAL E 80 -69.73 -57.67 37.87
N THR E 81 -70.33 -57.87 36.71
CA THR E 81 -71.76 -58.12 36.67
C THR E 81 -72.10 -59.20 35.65
N VAL E 82 -73.12 -60.00 35.97
CA VAL E 82 -73.66 -61.02 35.07
C VAL E 82 -75.02 -60.56 34.58
N ALA E 83 -75.33 -60.88 33.32
CA ALA E 83 -76.59 -60.47 32.71
C ALA E 83 -77.16 -61.66 31.95
N ASN E 84 -78.07 -62.41 32.58
CA ASN E 84 -78.63 -63.61 31.97
C ASN E 84 -77.50 -64.53 31.52
N GLY E 85 -76.55 -64.75 32.43
CA GLY E 85 -75.35 -65.46 32.09
C GLY E 85 -74.31 -64.63 31.36
N VAL E 86 -74.64 -63.41 30.95
CA VAL E 86 -73.67 -62.56 30.27
C VAL E 86 -72.98 -61.70 31.31
N ILE E 87 -71.67 -61.85 31.42
CA ILE E 87 -70.91 -61.29 32.53
C ILE E 87 -70.14 -60.08 32.05
N THR E 88 -69.94 -59.11 32.93
CA THR E 88 -69.35 -57.85 32.51
C THR E 88 -68.69 -57.17 33.70
N ALA E 89 -67.59 -56.45 33.42
CA ALA E 89 -66.86 -55.72 34.44
C ALA E 89 -66.44 -54.37 33.87
N GLN E 90 -66.21 -53.40 34.75
CA GLN E 90 -65.95 -52.04 34.30
C GLN E 90 -64.55 -51.56 34.66
N MET E 91 -64.00 -50.72 33.79
CA MET E 91 -62.75 -50.06 34.10
C MET E 91 -62.90 -49.15 35.30
N ALA E 92 -61.78 -48.93 35.98
CA ALA E 92 -61.76 -47.93 37.02
C ALA E 92 -61.99 -46.54 36.43
N SER E 93 -62.11 -45.57 37.31
CA SER E 93 -62.32 -44.19 36.90
C SER E 93 -61.13 -43.29 37.16
N SER E 94 -59.92 -43.86 37.20
CA SER E 94 -58.72 -43.06 37.44
C SER E 94 -57.48 -43.94 37.32
N ASN E 95 -56.33 -43.28 37.22
CA ASN E 95 -55.04 -43.98 37.08
C ASN E 95 -55.07 -44.93 35.89
N VAL E 96 -55.95 -44.63 34.95
CA VAL E 96 -56.16 -45.45 33.78
C VAL E 96 -55.69 -44.64 32.59
N ASN E 97 -55.74 -45.27 31.44
CA ASN E 97 -55.93 -44.49 30.25
C ASN E 97 -57.14 -43.59 30.44
N ASN E 98 -56.89 -42.29 30.46
CA ASN E 98 -57.96 -41.31 30.54
C ASN E 98 -59.10 -41.67 29.60
N GLU E 99 -58.78 -42.34 28.49
CA GLU E 99 -59.78 -42.77 27.52
C GLU E 99 -60.67 -43.85 28.11
N ILE E 100 -60.09 -45.01 28.39
CA ILE E 100 -60.85 -46.20 28.73
C ILE E 100 -61.47 -46.06 30.10
N LYS E 101 -61.24 -44.92 30.73
CA LYS E 101 -61.70 -44.70 32.09
C LYS E 101 -63.15 -45.14 32.24
N SER E 102 -63.36 -46.13 33.11
CA SER E 102 -64.69 -46.62 33.42
C SER E 102 -65.38 -47.23 32.20
N LYS E 103 -64.84 -48.35 31.74
CA LYS E 103 -65.38 -49.03 30.57
C LYS E 103 -65.55 -50.52 30.82
N LYS E 104 -66.41 -51.14 30.02
CA LYS E 104 -66.82 -52.54 30.22
C LYS E 104 -66.75 -53.33 28.92
N LEU E 105 -66.95 -54.64 29.07
CA LEU E 105 -67.27 -55.50 27.95
C LEU E 105 -67.85 -56.79 28.50
N SER E 106 -68.90 -57.26 27.84
CA SER E 106 -69.65 -58.39 28.36
C SER E 106 -68.97 -59.71 28.01
N LEU E 107 -69.59 -60.78 28.49
CA LEU E 107 -69.04 -62.13 28.41
C LEU E 107 -70.21 -63.08 28.29
N TRP E 108 -70.45 -63.57 27.08
CA TRP E 108 -71.70 -64.27 26.83
C TRP E 108 -71.42 -65.56 26.07
N ALA E 109 -71.95 -66.66 26.59
CA ALA E 109 -71.73 -67.98 26.04
C ALA E 109 -73.02 -68.47 25.40
N LYS E 110 -72.91 -68.89 24.13
CA LYS E 110 -74.07 -69.38 23.40
C LYS E 110 -73.79 -70.78 22.90
N ARG E 111 -74.80 -71.65 22.99
CA ARG E 111 -74.57 -73.07 23.09
C ARG E 111 -74.06 -73.66 21.79
N GLN E 112 -73.15 -74.63 21.89
CA GLN E 112 -72.31 -75.11 20.80
C GLN E 112 -72.70 -76.52 20.35
N ASN E 113 -72.06 -76.97 19.27
CA ASN E 113 -71.81 -78.40 19.11
C ASN E 113 -71.25 -78.94 20.41
N GLY E 114 -70.22 -78.28 20.92
CA GLY E 114 -69.78 -78.49 22.28
C GLY E 114 -70.83 -77.95 23.22
N SER E 115 -70.39 -77.55 24.40
CA SER E 115 -71.35 -76.96 25.31
C SER E 115 -71.79 -75.60 24.79
N VAL E 116 -70.86 -74.66 24.73
CA VAL E 116 -71.25 -73.27 24.64
C VAL E 116 -69.99 -72.49 24.30
N LYS E 117 -70.12 -71.32 23.67
CA LYS E 117 -68.95 -70.49 23.53
C LYS E 117 -69.19 -69.10 24.05
N TRP E 118 -68.39 -68.72 25.05
CA TRP E 118 -68.34 -67.39 25.59
C TRP E 118 -67.80 -66.40 24.56
N PHE E 119 -67.74 -65.13 24.93
CA PHE E 119 -67.15 -64.11 24.08
C PHE E 119 -66.66 -62.96 24.93
N CYS E 120 -65.37 -62.70 24.84
CA CYS E 120 -64.79 -61.49 25.37
C CYS E 120 -65.10 -60.36 24.40
N GLY E 121 -66.05 -59.52 24.76
CA GLY E 121 -66.39 -58.42 23.88
C GLY E 121 -67.44 -57.54 24.49
N GLN E 122 -67.93 -56.63 23.66
CA GLN E 122 -68.65 -55.43 24.08
C GLN E 122 -69.69 -55.67 25.15
N PRO E 123 -69.89 -54.71 26.03
CA PRO E 123 -70.99 -54.79 27.00
C PRO E 123 -72.29 -55.11 26.30
N VAL E 124 -72.83 -56.29 26.60
CA VAL E 124 -74.07 -56.77 26.03
C VAL E 124 -74.77 -57.56 27.12
N THR E 125 -75.97 -58.07 26.83
CA THR E 125 -76.72 -58.83 27.82
C THR E 125 -77.56 -59.88 27.12
N ARG E 126 -77.81 -60.98 27.81
CA ARG E 126 -78.57 -62.04 27.18
C ARG E 126 -80.05 -61.76 27.25
N THR E 127 -80.72 -62.02 26.14
CA THR E 127 -82.15 -61.74 26.02
C THR E 127 -82.90 -62.29 27.22
N THR E 128 -82.67 -63.56 27.53
CA THR E 128 -83.21 -64.14 28.75
C THR E 128 -82.13 -64.95 29.43
N ALA E 129 -82.25 -65.04 30.76
CA ALA E 129 -81.47 -66.03 31.49
C ALA E 129 -81.66 -67.42 30.89
N THR E 130 -82.86 -67.69 30.39
CA THR E 130 -83.13 -68.96 29.72
C THR E 130 -82.36 -69.07 28.42
N ALA E 131 -82.21 -67.96 27.70
CA ALA E 131 -81.70 -68.00 26.34
C ALA E 131 -80.21 -68.31 26.33
N THR E 132 -79.64 -68.24 25.14
CA THR E 132 -78.21 -68.08 24.96
C THR E 132 -77.91 -66.78 24.21
N ASP E 133 -78.74 -66.46 23.22
CA ASP E 133 -78.59 -65.23 22.45
C ASP E 133 -78.66 -64.00 23.36
N VAL E 134 -77.78 -63.05 23.09
CA VAL E 134 -77.59 -61.91 23.97
C VAL E 134 -77.77 -60.63 23.19
N ALA E 135 -78.06 -59.55 23.91
CA ALA E 135 -78.46 -58.29 23.32
C ALA E 135 -77.37 -57.24 23.54
N ALA E 136 -77.07 -56.50 22.49
CA ALA E 136 -75.97 -55.55 22.51
C ALA E 136 -76.36 -54.32 23.31
N ALA E 137 -76.60 -54.49 24.59
CA ALA E 137 -76.93 -53.36 25.47
C ALA E 137 -75.67 -52.53 25.58
N ASN E 138 -75.61 -51.44 24.82
CA ASN E 138 -74.34 -50.82 24.49
C ASN E 138 -73.93 -49.71 25.46
N GLY E 139 -74.86 -49.23 26.29
CA GLY E 139 -74.54 -48.20 27.27
C GLY E 139 -73.89 -47.00 26.62
N LYS E 140 -74.31 -46.70 25.40
CA LYS E 140 -73.77 -45.60 24.63
C LYS E 140 -72.26 -45.71 24.52
N THR E 141 -71.78 -46.95 24.51
CA THR E 141 -70.42 -47.31 24.15
C THR E 141 -69.38 -46.77 25.11
N ASP E 142 -69.78 -45.99 26.12
CA ASP E 142 -68.77 -45.54 27.08
C ASP E 142 -68.11 -46.75 27.72
N ASP E 143 -68.89 -47.54 28.45
CA ASP E 143 -68.36 -48.80 28.95
C ASP E 143 -67.84 -49.68 27.84
N LYS E 144 -68.52 -49.71 26.70
CA LYS E 144 -67.95 -50.40 25.55
C LYS E 144 -66.54 -49.92 25.31
N ILE E 145 -65.70 -50.82 24.86
CA ILE E 145 -64.27 -50.54 24.81
C ILE E 145 -63.81 -50.54 23.37
N ASN E 146 -62.93 -49.59 23.05
CA ASN E 146 -62.37 -49.48 21.72
C ASN E 146 -61.72 -50.77 21.30
N THR E 147 -62.20 -51.35 20.19
CA THR E 147 -61.53 -52.50 19.60
C THR E 147 -60.06 -52.20 19.35
N LYS E 148 -59.72 -50.95 19.06
CA LYS E 148 -58.32 -50.59 19.10
C LYS E 148 -57.77 -50.73 20.51
N HIS E 149 -58.34 -50.01 21.47
CA HIS E 149 -57.97 -50.21 22.86
C HIS E 149 -58.31 -51.59 23.38
N LEU E 150 -58.95 -52.38 22.59
CA LEU E 150 -58.99 -53.79 22.88
C LEU E 150 -57.93 -54.51 22.07
N PRO E 151 -57.48 -55.64 22.53
CA PRO E 151 -56.66 -56.48 21.66
C PRO E 151 -57.47 -57.06 20.52
N SER E 152 -56.78 -57.73 19.59
CA SER E 152 -57.43 -58.19 18.37
C SER E 152 -58.58 -59.14 18.68
N THR E 153 -58.36 -60.11 19.57
CA THR E 153 -59.39 -61.10 19.82
C THR E 153 -60.60 -60.50 20.50
N CYS E 154 -60.41 -59.86 21.65
CA CYS E 154 -61.51 -59.50 22.53
C CYS E 154 -62.28 -58.35 21.86
N ARG E 155 -62.90 -58.67 20.75
CA ARG E 155 -63.65 -57.71 19.95
C ARG E 155 -65.03 -58.24 19.62
N ASP E 156 -65.80 -58.65 20.63
CA ASP E 156 -67.02 -59.40 20.41
C ASP E 156 -68.26 -58.54 20.69
N ASP E 157 -69.29 -58.72 19.87
CA ASP E 157 -70.61 -58.14 20.07
C ASP E 157 -71.59 -59.22 20.50
N SER E 158 -72.67 -58.79 21.14
CA SER E 158 -73.75 -59.67 21.54
C SER E 158 -74.03 -60.72 20.49
N SER E 159 -74.10 -60.28 19.24
CA SER E 159 -74.19 -61.17 18.09
C SER E 159 -73.25 -62.36 18.18
N ALA E 160 -72.10 -62.22 18.83
CA ALA E 160 -71.18 -63.35 18.97
C ALA E 160 -71.88 -64.51 19.65
N SER E 161 -71.89 -65.66 18.98
CA SER E 161 -72.72 -66.78 19.39
C SER E 161 -71.95 -68.10 19.47
N PHE F 1 -11.17 -14.22 12.49
CA PHE F 1 -11.84 -14.50 13.75
C PHE F 1 -13.04 -15.40 13.52
N THR F 2 -13.16 -15.89 12.28
CA THR F 2 -13.84 -17.16 12.11
C THR F 2 -13.26 -18.18 13.06
N LEU F 3 -11.97 -18.04 13.38
CA LEU F 3 -11.38 -18.79 14.49
C LEU F 3 -12.23 -18.71 15.73
N ILE F 4 -12.66 -17.49 16.10
CA ILE F 4 -13.64 -17.39 17.18
C ILE F 4 -14.84 -18.26 16.84
N GLU F 5 -15.50 -17.94 15.73
CA GLU F 5 -16.58 -18.77 15.23
C GLU F 5 -16.20 -20.24 15.31
N LEU F 6 -14.98 -20.58 14.88
CA LEU F 6 -14.47 -21.91 15.12
C LEU F 6 -14.41 -22.21 16.61
N MET F 7 -13.61 -21.45 17.34
CA MET F 7 -13.48 -21.69 18.77
C MET F 7 -14.83 -21.61 19.45
N ILE F 8 -15.74 -20.79 18.92
CA ILE F 8 -17.14 -20.88 19.33
C ILE F 8 -17.65 -22.29 19.15
N VAL F 9 -17.63 -22.76 17.90
CA VAL F 9 -18.04 -24.15 17.63
C VAL F 9 -17.27 -25.08 18.53
N ILE F 10 -15.99 -24.80 18.74
CA ILE F 10 -15.26 -25.52 19.77
C ILE F 10 -15.89 -25.27 21.13
N ALA F 11 -16.04 -23.99 21.48
CA ALA F 11 -16.58 -23.63 22.79
C ALA F 11 -17.92 -24.30 23.04
N ILE F 12 -18.85 -24.17 22.09
CA ILE F 12 -20.16 -24.78 22.29
C ILE F 12 -20.02 -26.28 22.38
N VAL F 13 -19.10 -26.86 21.62
CA VAL F 13 -18.72 -28.23 21.86
C VAL F 13 -18.00 -28.35 23.20
N GLY F 14 -17.27 -27.31 23.56
CA GLY F 14 -16.54 -27.29 24.81
C GLY F 14 -17.41 -27.67 25.99
N ILE F 15 -18.54 -26.99 26.12
CA ILE F 15 -19.47 -27.26 27.22
C ILE F 15 -20.69 -28.04 26.73
N LEU F 16 -20.46 -28.93 25.77
CA LEU F 16 -21.54 -29.74 25.21
C LEU F 16 -21.37 -31.22 25.57
N ALA F 17 -20.13 -31.60 25.87
CA ALA F 17 -19.83 -32.99 26.22
C ALA F 17 -19.71 -33.15 27.74
N ALA F 18 -20.46 -32.33 28.48
CA ALA F 18 -20.43 -32.40 29.92
C ALA F 18 -21.77 -32.03 30.55
N VAL F 19 -22.28 -32.91 31.40
CA VAL F 19 -23.56 -32.76 32.12
C VAL F 19 -24.84 -32.72 31.26
N ALA F 20 -24.75 -33.20 30.02
CA ALA F 20 -25.89 -33.23 29.12
C ALA F 20 -26.52 -34.62 29.07
N LEU F 21 -26.41 -35.35 30.17
CA LEU F 21 -26.97 -36.70 30.25
C LEU F 21 -27.65 -36.93 31.60
N PRO F 22 -28.96 -36.71 31.64
CA PRO F 22 -29.73 -36.90 32.87
C PRO F 22 -29.94 -38.38 33.18
N ALA F 23 -30.10 -38.72 34.45
CA ALA F 23 -31.00 -39.79 34.87
C ALA F 23 -30.87 -41.13 34.19
N TYR F 24 -29.79 -41.42 33.49
CA TYR F 24 -29.75 -42.73 32.83
C TYR F 24 -29.24 -43.81 33.78
N GLN F 25 -28.27 -43.47 34.64
CA GLN F 25 -27.98 -44.37 35.74
C GLN F 25 -29.23 -44.53 36.59
N ASP F 26 -30.05 -43.49 36.63
CA ASP F 26 -31.40 -43.57 37.19
C ASP F 26 -32.27 -44.55 36.40
N TYR F 27 -32.20 -44.51 35.08
CA TYR F 27 -33.15 -45.30 34.29
C TYR F 27 -32.81 -46.77 34.30
N THR F 28 -31.58 -47.12 33.89
CA THR F 28 -31.13 -48.50 33.95
C THR F 28 -31.57 -49.15 35.24
N ALA F 29 -31.38 -48.43 36.34
CA ALA F 29 -31.83 -48.88 37.65
C ALA F 29 -33.23 -49.48 37.59
N ARG F 30 -34.19 -48.69 37.12
CA ARG F 30 -35.57 -49.15 37.06
C ARG F 30 -35.65 -50.58 36.54
N ALA F 31 -35.16 -50.81 35.33
CA ALA F 31 -35.13 -52.17 34.80
C ALA F 31 -34.27 -53.07 35.66
N GLN F 32 -33.03 -52.65 35.90
CA GLN F 32 -32.16 -53.37 36.83
C GLN F 32 -32.89 -53.67 38.12
N VAL F 33 -33.58 -52.68 38.68
CA VAL F 33 -34.56 -52.96 39.74
C VAL F 33 -35.60 -53.94 39.23
N SER F 34 -36.29 -53.57 38.16
CA SER F 34 -37.45 -54.33 37.72
C SER F 34 -37.09 -55.78 37.45
N GLU F 35 -35.87 -56.03 37.00
CA GLU F 35 -35.37 -57.39 36.94
C GLU F 35 -35.64 -58.12 38.24
N ALA F 36 -35.24 -57.50 39.35
CA ALA F 36 -35.51 -58.10 40.66
C ALA F 36 -37.01 -58.32 40.87
N ILE F 37 -37.84 -57.40 40.36
CA ILE F 37 -39.28 -57.57 40.51
C ILE F 37 -39.73 -58.86 39.85
N LEU F 38 -39.04 -59.27 38.80
CA LEU F 38 -39.55 -60.33 37.95
C LEU F 38 -39.59 -61.67 38.65
N LEU F 39 -38.92 -61.80 39.79
CA LEU F 39 -38.58 -63.14 40.25
C LEU F 39 -39.54 -63.65 41.31
N ALA F 40 -39.67 -62.93 42.43
CA ALA F 40 -40.50 -63.38 43.55
C ALA F 40 -41.97 -63.50 43.18
N GLU F 41 -42.32 -63.06 41.99
CA GLU F 41 -43.70 -63.13 41.51
C GLU F 41 -44.30 -64.51 41.73
N GLY F 42 -43.59 -65.56 41.32
CA GLY F 42 -44.12 -66.89 41.45
C GLY F 42 -44.39 -67.28 42.89
N GLN F 43 -43.63 -66.73 43.83
CA GLN F 43 -43.82 -67.06 45.24
C GLN F 43 -45.24 -66.73 45.68
N LYS F 44 -45.84 -65.70 45.08
CA LYS F 44 -47.19 -65.26 45.41
C LYS F 44 -48.19 -66.41 45.46
N SER F 45 -47.97 -67.46 44.66
CA SER F 45 -48.93 -68.54 44.56
C SER F 45 -49.09 -69.28 45.88
N ALA F 46 -48.03 -69.97 46.32
CA ALA F 46 -48.12 -70.70 47.56
C ALA F 46 -48.43 -69.77 48.71
N VAL F 47 -47.86 -68.57 48.67
CA VAL F 47 -48.28 -67.50 49.57
C VAL F 47 -49.79 -67.37 49.58
N THR F 48 -50.37 -67.17 48.41
CA THR F 48 -51.81 -67.21 48.29
C THR F 48 -52.35 -68.56 48.76
N GLU F 49 -51.84 -69.64 48.20
CA GLU F 49 -52.26 -70.99 48.57
C GLU F 49 -52.25 -71.18 50.07
N TYR F 50 -51.14 -70.80 50.71
CA TYR F 50 -51.08 -70.80 52.15
C TYR F 50 -52.23 -69.99 52.71
N TYR F 51 -52.37 -68.74 52.25
CA TYR F 51 -53.54 -67.96 52.61
C TYR F 51 -54.80 -68.62 52.09
N LEU F 52 -54.70 -69.29 50.95
CA LEU F 52 -55.85 -69.93 50.35
C LEU F 52 -56.28 -71.13 51.17
N ASN F 53 -55.36 -72.06 51.34
CA ASN F 53 -55.58 -73.16 52.27
C ASN F 53 -56.08 -72.65 53.61
N HIS F 54 -55.25 -71.84 54.27
CA HIS F 54 -55.43 -71.55 55.69
C HIS F 54 -56.45 -70.44 55.92
N GLY F 55 -56.41 -69.40 55.08
CA GLY F 55 -56.96 -68.12 55.44
C GLY F 55 -55.94 -67.17 56.02
N GLU F 56 -54.71 -67.64 56.21
CA GLU F 56 -53.61 -66.81 56.70
C GLU F 56 -52.49 -66.83 55.68
N TRP F 57 -51.85 -65.69 55.48
CA TRP F 57 -50.69 -65.67 54.64
C TRP F 57 -49.59 -66.50 55.28
N PRO F 58 -48.61 -66.93 54.51
CA PRO F 58 -47.47 -67.60 55.10
C PRO F 58 -46.53 -66.57 55.70
N GLY F 59 -46.19 -66.77 56.97
CA GLY F 59 -45.26 -65.87 57.63
C GLY F 59 -44.04 -65.59 56.78
N ASP F 60 -43.67 -66.54 55.94
CA ASP F 60 -42.53 -66.37 55.06
C ASP F 60 -42.55 -67.47 54.01
N ASN F 61 -41.44 -67.57 53.29
CA ASN F 61 -41.16 -68.70 52.42
C ASN F 61 -41.35 -70.03 53.12
N SER F 62 -40.77 -70.17 54.32
CA SER F 62 -40.80 -71.45 55.02
C SER F 62 -42.19 -71.76 55.58
N SER F 63 -42.87 -70.77 56.14
CA SER F 63 -44.28 -70.94 56.47
C SER F 63 -45.04 -71.47 55.26
N ALA F 64 -44.90 -70.79 54.12
CA ALA F 64 -45.40 -71.34 52.88
C ALA F 64 -44.71 -72.65 52.55
N GLY F 65 -43.48 -72.82 53.00
CA GLY F 65 -42.68 -73.94 52.58
C GLY F 65 -41.96 -73.74 51.28
N VAL F 66 -41.61 -72.50 50.95
CA VAL F 66 -41.08 -72.20 49.63
C VAL F 66 -39.71 -71.53 49.73
N ALA F 67 -39.14 -71.21 48.58
CA ALA F 67 -37.75 -70.80 48.49
C ALA F 67 -37.48 -69.54 49.29
N THR F 68 -36.53 -69.62 50.21
CA THR F 68 -36.32 -68.61 51.24
C THR F 68 -35.62 -67.38 50.70
N SER F 69 -35.23 -66.48 51.61
CA SER F 69 -34.56 -65.24 51.27
C SER F 69 -33.40 -65.49 50.32
N ALA F 70 -32.38 -66.19 50.81
CA ALA F 70 -31.22 -66.54 50.01
C ALA F 70 -31.55 -67.57 48.95
N ASP F 71 -32.76 -68.12 48.97
CA ASP F 71 -33.21 -68.87 47.82
C ASP F 71 -33.67 -67.91 46.75
N ILE F 72 -34.51 -68.42 45.87
CA ILE F 72 -34.48 -68.16 44.45
C ILE F 72 -33.91 -66.80 44.10
N LYS F 73 -32.86 -66.78 43.27
CA LYS F 73 -32.06 -65.59 43.00
C LYS F 73 -31.31 -65.70 41.68
N GLY F 74 -30.56 -64.64 41.41
CA GLY F 74 -29.71 -64.54 40.22
C GLY F 74 -29.15 -63.14 40.07
N LYS F 75 -29.23 -62.64 38.84
CA LYS F 75 -28.83 -61.26 38.56
C LYS F 75 -29.75 -60.28 39.27
N TYR F 76 -29.15 -59.25 39.85
CA TYR F 76 -29.88 -58.16 40.49
C TYR F 76 -30.77 -58.66 41.62
N VAL F 77 -30.58 -59.91 42.04
CA VAL F 77 -31.40 -60.51 43.08
C VAL F 77 -30.46 -61.18 44.07
N GLN F 78 -30.23 -60.53 45.20
CA GLN F 78 -29.42 -61.12 46.25
C GLN F 78 -30.25 -61.54 47.45
N SER F 79 -31.57 -61.55 47.31
CA SER F 79 -32.48 -62.16 48.27
C SER F 79 -33.87 -62.15 47.66
N VAL F 80 -34.70 -63.08 48.11
CA VAL F 80 -36.12 -63.15 47.75
C VAL F 80 -36.88 -63.69 48.95
N THR F 81 -37.75 -62.88 49.55
CA THR F 81 -38.25 -63.20 50.87
C THR F 81 -39.73 -62.90 50.99
N VAL F 82 -40.43 -63.71 51.76
CA VAL F 82 -41.85 -63.51 52.08
C VAL F 82 -41.97 -63.08 53.53
N ALA F 83 -42.92 -62.21 53.82
CA ALA F 83 -43.13 -61.69 55.16
C ALA F 83 -44.62 -61.70 55.46
N ASN F 84 -45.10 -62.75 56.13
CA ASN F 84 -46.53 -62.88 56.40
C ASN F 84 -47.31 -62.75 55.11
N GLY F 85 -46.87 -63.48 54.08
CA GLY F 85 -47.41 -63.32 52.77
C GLY F 85 -46.88 -62.12 52.01
N VAL F 86 -46.11 -61.25 52.64
CA VAL F 86 -45.55 -60.10 51.95
C VAL F 86 -44.18 -60.47 51.43
N ILE F 87 -44.00 -60.43 50.12
CA ILE F 87 -42.84 -60.99 49.48
C ILE F 87 -41.91 -59.87 49.06
N THR F 88 -40.60 -60.14 49.05
CA THR F 88 -39.64 -59.08 48.81
C THR F 88 -38.34 -59.68 48.28
N ALA F 89 -37.67 -58.92 47.41
CA ALA F 89 -36.40 -59.33 46.83
C ALA F 89 -35.47 -58.12 46.79
N GLN F 90 -34.16 -58.38 46.76
CA GLN F 90 -33.20 -57.30 46.86
C GLN F 90 -32.35 -57.16 45.60
N MET F 91 -31.96 -55.91 45.32
CA MET F 91 -31.01 -55.67 44.26
C MET F 91 -29.68 -56.29 44.57
N ALA F 92 -28.94 -56.59 43.51
CA ALA F 92 -27.57 -57.01 43.68
C ALA F 92 -26.74 -55.88 44.27
N SER F 93 -25.49 -56.20 44.59
CA SER F 93 -24.58 -55.22 45.15
C SER F 93 -23.46 -54.83 44.20
N SER F 94 -23.69 -54.93 42.89
CA SER F 94 -22.66 -54.56 41.92
C SER F 94 -23.24 -54.67 40.51
N ASN F 95 -22.52 -54.08 39.55
CA ASN F 95 -22.93 -54.07 38.15
C ASN F 95 -24.33 -53.51 38.00
N VAL F 96 -24.72 -52.70 38.97
CA VAL F 96 -26.03 -52.11 39.03
C VAL F 96 -25.86 -50.62 38.84
N ASN F 97 -26.98 -49.93 38.79
CA ASN F 97 -26.94 -48.56 39.22
C ASN F 97 -26.32 -48.51 40.60
N ASN F 98 -25.17 -47.85 40.68
CA ASN F 98 -24.51 -47.64 41.96
C ASN F 98 -25.50 -47.18 43.02
N GLU F 99 -26.55 -46.49 42.60
CA GLU F 99 -27.58 -46.02 43.50
C GLU F 99 -28.38 -47.19 44.07
N ILE F 100 -29.11 -47.89 43.21
CA ILE F 100 -30.09 -48.87 43.64
C ILE F 100 -29.40 -50.10 44.20
N LYS F 101 -28.09 -50.06 44.24
CA LYS F 101 -27.30 -51.20 44.66
C LYS F 101 -27.87 -51.78 45.95
N SER F 102 -28.30 -53.04 45.87
CA SER F 102 -28.82 -53.77 47.02
C SER F 102 -30.07 -53.12 47.60
N LYS F 103 -31.15 -53.16 46.82
CA LYS F 103 -32.41 -52.55 47.24
C LYS F 103 -33.58 -53.52 47.02
N LYS F 104 -34.67 -53.26 47.74
CA LYS F 104 -35.82 -54.16 47.78
C LYS F 104 -37.13 -53.41 47.58
N LEU F 105 -38.19 -54.19 47.46
CA LEU F 105 -39.55 -53.68 47.61
C LEU F 105 -40.47 -54.86 47.83
N SER F 106 -41.40 -54.69 48.76
CA SER F 106 -42.23 -55.80 49.18
C SER F 106 -43.39 -56.02 48.21
N LEU F 107 -44.18 -57.04 48.53
CA LEU F 107 -45.25 -57.53 47.66
C LEU F 107 -46.34 -58.06 48.57
N TRP F 108 -47.40 -57.30 48.75
CA TRP F 108 -48.36 -57.60 49.79
C TRP F 108 -49.76 -57.53 49.24
N ALA F 109 -50.53 -58.58 49.46
CA ALA F 109 -51.88 -58.69 48.95
C ALA F 109 -52.87 -58.58 50.10
N LYS F 110 -53.84 -57.68 49.96
CA LYS F 110 -54.83 -57.47 51.00
C LYS F 110 -56.21 -57.66 50.41
N ARG F 111 -57.09 -58.31 51.16
CA ARG F 111 -58.20 -59.04 50.58
C ARG F 111 -59.26 -58.11 50.01
N GLN F 112 -59.85 -58.52 48.89
CA GLN F 112 -60.65 -57.65 48.02
C GLN F 112 -62.13 -58.00 48.07
N ASN F 113 -62.93 -57.17 47.38
CA ASN F 113 -64.16 -57.68 46.81
C ASN F 113 -63.87 -58.97 46.06
N GLY F 114 -62.86 -58.92 45.21
CA GLY F 114 -62.28 -60.13 44.66
C GLY F 114 -61.54 -60.85 45.76
N SER F 115 -60.53 -61.61 45.37
CA SER F 115 -59.76 -62.27 46.40
C SER F 115 -58.96 -61.26 47.19
N VAL F 116 -58.02 -60.60 46.53
CA VAL F 116 -56.96 -59.92 47.25
C VAL F 116 -56.23 -59.06 46.24
N LYS F 117 -55.59 -57.98 46.68
CA LYS F 117 -54.75 -57.26 45.75
C LYS F 117 -53.34 -57.10 46.31
N TRP F 118 -52.39 -57.65 45.57
CA TRP F 118 -50.97 -57.46 45.83
C TRP F 118 -50.56 -56.02 45.60
N PHE F 119 -49.28 -55.74 45.85
CA PHE F 119 -48.73 -54.42 45.55
C PHE F 119 -47.25 -54.51 45.32
N CYS F 120 -46.83 -54.10 44.15
CA CYS F 120 -45.42 -53.89 43.86
C CYS F 120 -45.02 -52.56 44.48
N GLY F 121 -44.31 -52.63 45.60
CA GLY F 121 -43.89 -51.40 46.23
C GLY F 121 -43.02 -51.70 47.44
N GLN F 122 -42.77 -50.62 48.18
CA GLN F 122 -41.69 -50.53 49.14
C GLN F 122 -41.55 -51.74 50.04
N PRO F 123 -40.33 -52.08 50.43
CA PRO F 123 -40.12 -53.14 51.41
C PRO F 123 -40.99 -52.89 52.63
N VAL F 124 -41.94 -53.80 52.86
CA VAL F 124 -42.87 -53.74 53.97
C VAL F 124 -43.13 -55.18 54.39
N THR F 125 -43.92 -55.37 55.45
CA THR F 125 -44.22 -56.71 55.93
C THR F 125 -45.61 -56.74 56.53
N ARG F 126 -46.24 -57.90 56.46
CA ARG F 126 -47.59 -57.99 56.97
C ARG F 126 -47.59 -58.16 58.47
N THR F 127 -48.50 -57.42 59.11
CA THR F 127 -48.59 -57.44 60.57
C THR F 127 -48.60 -58.86 61.09
N THR F 128 -49.47 -59.70 60.56
CA THR F 128 -49.44 -61.11 60.87
C THR F 128 -49.59 -61.91 59.59
N ALA F 129 -49.04 -63.12 59.62
CA ALA F 129 -49.35 -64.10 58.58
C ALA F 129 -50.86 -64.26 58.45
N THR F 130 -51.57 -64.16 59.58
CA THR F 130 -53.02 -64.22 59.56
C THR F 130 -53.63 -63.02 58.85
N ALA F 131 -53.02 -61.86 59.01
CA ALA F 131 -53.63 -60.61 58.57
C ALA F 131 -53.63 -60.50 57.06
N THR F 132 -54.06 -59.34 56.58
CA THR F 132 -53.74 -58.88 55.24
C THR F 132 -52.97 -57.57 55.32
N ASP F 133 -53.34 -56.69 56.25
CA ASP F 133 -52.65 -55.42 56.44
C ASP F 133 -51.18 -55.63 56.77
N VAL F 134 -50.34 -54.80 56.16
CA VAL F 134 -48.91 -55.00 56.22
C VAL F 134 -48.24 -53.73 56.74
N ALA F 135 -47.02 -53.89 57.26
CA ALA F 135 -46.33 -52.84 57.97
C ALA F 135 -45.14 -52.37 57.17
N ALA F 136 -44.97 -51.05 57.11
CA ALA F 136 -43.95 -50.44 56.28
C ALA F 136 -42.59 -50.60 56.92
N ALA F 137 -42.14 -51.84 57.05
CA ALA F 137 -40.81 -52.12 57.60
C ALA F 137 -39.80 -51.60 56.59
N ASN F 138 -39.26 -50.42 56.83
CA ASN F 138 -38.65 -49.63 55.77
C ASN F 138 -37.16 -49.88 55.61
N GLY F 139 -36.51 -50.53 56.57
CA GLY F 139 -35.10 -50.82 56.47
C GLY F 139 -34.28 -49.59 56.17
N LYS F 140 -34.72 -48.46 56.71
CA LYS F 140 -34.07 -47.18 56.49
C LYS F 140 -33.94 -46.88 55.02
N THR F 141 -34.90 -47.38 54.25
CA THR F 141 -35.13 -47.03 52.86
C THR F 141 -34.00 -47.42 51.94
N ASP F 142 -32.90 -48.00 52.46
CA ASP F 142 -31.85 -48.44 51.55
C ASP F 142 -32.43 -49.45 50.58
N ASP F 143 -32.88 -50.60 51.10
CA ASP F 143 -33.58 -51.54 50.25
C ASP F 143 -34.80 -50.91 49.59
N LYS F 144 -35.52 -50.05 50.30
CA LYS F 144 -36.57 -49.30 49.64
C LYS F 144 -36.01 -48.63 48.40
N ILE F 145 -36.84 -48.53 47.38
CA ILE F 145 -36.36 -48.11 46.07
C ILE F 145 -37.00 -46.79 45.69
N ASN F 146 -36.18 -45.93 45.09
CA ASN F 146 -36.66 -44.62 44.66
C ASN F 146 -37.83 -44.77 43.72
N THR F 147 -38.97 -44.16 44.10
CA THR F 147 -40.10 -44.09 43.20
C THR F 147 -39.69 -43.50 41.86
N LYS F 148 -38.72 -42.59 41.86
CA LYS F 148 -38.13 -42.22 40.58
C LYS F 148 -37.46 -43.42 39.95
N HIS F 149 -36.47 -44.00 40.63
CA HIS F 149 -35.86 -45.23 40.14
C HIS F 149 -36.84 -46.40 40.12
N LEU F 150 -38.02 -46.19 40.57
CA LEU F 150 -39.07 -47.12 40.26
C LEU F 150 -39.89 -46.59 39.10
N PRO F 151 -40.52 -47.45 38.35
CA PRO F 151 -41.52 -46.97 37.40
C PRO F 151 -42.73 -46.38 38.11
N SER F 152 -43.63 -45.79 37.32
CA SER F 152 -44.75 -45.06 37.88
C SER F 152 -45.62 -45.96 38.74
N THR F 153 -45.95 -47.16 38.25
CA THR F 153 -46.86 -48.02 38.99
C THR F 153 -46.24 -48.53 40.28
N CYS F 154 -45.09 -49.18 40.19
CA CYS F 154 -44.56 -49.95 41.32
C CYS F 154 -44.06 -48.96 42.37
N ARG F 155 -45.00 -48.24 42.95
CA ARG F 155 -44.73 -47.22 43.95
C ARG F 155 -45.61 -47.41 45.18
N ASP F 156 -45.59 -48.61 45.76
CA ASP F 156 -46.57 -48.97 46.78
C ASP F 156 -45.94 -49.02 48.18
N ASP F 157 -46.69 -48.55 49.17
CA ASP F 157 -46.36 -48.67 50.57
C ASP F 157 -47.24 -49.72 51.24
N SER F 158 -46.75 -50.25 52.37
CA SER F 158 -47.50 -51.20 53.17
C SER F 158 -48.97 -50.83 53.23
N SER F 159 -49.24 -49.55 53.47
CA SER F 159 -50.57 -48.99 53.39
C SER F 159 -51.36 -49.49 52.18
N ALA F 160 -50.70 -49.80 51.07
CA ALA F 160 -51.41 -50.30 49.90
C ALA F 160 -52.18 -51.56 50.26
N SER F 161 -53.49 -51.52 50.03
CA SER F 161 -54.39 -52.55 50.52
C SER F 161 -55.32 -53.11 49.46
N PHE G 1 -1.82 -11.44 4.21
CA PHE G 1 -1.55 -12.78 4.73
C PHE G 1 -2.65 -13.19 5.68
N THR G 2 -3.70 -12.39 5.74
CA THR G 2 -4.99 -12.96 6.09
C THR G 2 -5.27 -14.17 5.23
N LEU G 3 -4.75 -14.16 4.00
CA LEU G 3 -4.71 -15.38 3.19
C LEU G 3 -4.17 -16.56 3.98
N ILE G 4 -3.05 -16.37 4.68
CA ILE G 4 -2.61 -17.42 5.59
C ILE G 4 -3.73 -17.73 6.55
N GLU G 5 -4.14 -16.72 7.33
CA GLU G 5 -5.31 -16.87 8.19
C GLU G 5 -6.44 -17.58 7.46
N LEU G 6 -6.71 -17.16 6.23
CA LEU G 6 -7.61 -17.92 5.37
C LEU G 6 -7.11 -19.34 5.18
N MET G 7 -5.95 -19.48 4.55
CA MET G 7 -5.41 -20.80 4.30
C MET G 7 -5.25 -21.58 5.60
N ILE G 8 -5.01 -20.87 6.71
CA ILE G 8 -5.14 -21.50 8.03
C ILE G 8 -6.53 -22.11 8.18
N VAL G 9 -7.54 -21.25 8.10
CA VAL G 9 -8.91 -21.74 8.17
C VAL G 9 -9.11 -22.84 7.14
N ILE G 10 -8.54 -22.68 5.97
CA ILE G 10 -8.48 -23.78 5.03
C ILE G 10 -7.70 -24.94 5.64
N ALA G 11 -6.49 -24.67 6.09
CA ALA G 11 -5.64 -25.72 6.62
C ALA G 11 -6.32 -26.47 7.75
N ILE G 12 -6.86 -25.74 8.73
CA ILE G 12 -7.52 -26.42 9.84
C ILE G 12 -8.73 -27.19 9.33
N VAL G 13 -9.41 -26.64 8.33
CA VAL G 13 -10.39 -27.45 7.61
C VAL G 13 -9.67 -28.54 6.83
N GLY G 14 -8.48 -28.24 6.34
CA GLY G 14 -7.70 -29.20 5.58
C GLY G 14 -7.58 -30.54 6.27
N ILE G 15 -7.17 -30.52 7.54
CA ILE G 15 -7.02 -31.74 8.32
C ILE G 15 -8.15 -31.89 9.32
N LEU G 16 -9.35 -31.45 8.94
CA LEU G 16 -10.51 -31.53 9.81
C LEU G 16 -11.55 -32.51 9.26
N ALA G 17 -11.49 -32.76 7.95
CA ALA G 17 -12.42 -33.67 7.30
C ALA G 17 -11.78 -35.03 7.07
N ALA G 18 -10.87 -35.41 7.96
CA ALA G 18 -10.19 -36.69 7.85
C ALA G 18 -9.82 -37.26 9.20
N VAL G 19 -10.23 -38.51 9.43
CA VAL G 19 -9.97 -39.26 10.68
C VAL G 19 -10.63 -38.72 11.97
N ALA G 20 -11.64 -37.86 11.82
CA ALA G 20 -12.32 -37.29 12.97
C ALA G 20 -13.64 -38.01 13.24
N LEU G 21 -13.69 -39.29 12.90
CA LEU G 21 -14.90 -40.09 13.10
C LEU G 21 -14.54 -41.48 13.63
N PRO G 22 -14.58 -41.63 14.96
CA PRO G 22 -14.27 -42.91 15.60
C PRO G 22 -15.40 -43.90 15.42
N ALA G 23 -15.09 -45.19 15.42
CA ALA G 23 -15.95 -46.22 16.02
C ALA G 23 -17.41 -46.24 15.60
N TYR G 24 -17.79 -45.60 14.51
CA TYR G 24 -19.21 -45.64 14.18
C TYR G 24 -19.56 -46.89 13.38
N GLN G 25 -18.67 -47.31 12.48
CA GLN G 25 -18.81 -48.65 11.93
C GLN G 25 -18.76 -49.66 13.05
N ASP G 26 -18.03 -49.33 14.10
CA ASP G 26 -18.07 -50.07 15.35
C ASP G 26 -19.45 -50.01 15.99
N TYR G 27 -20.07 -48.84 16.01
CA TYR G 27 -21.30 -48.68 16.77
C TYR G 27 -22.48 -49.34 16.08
N THR G 28 -22.74 -48.95 14.83
CA THR G 28 -23.79 -49.59 14.04
C THR G 28 -23.78 -51.08 14.25
N ALA G 29 -22.59 -51.66 14.19
CA ALA G 29 -22.39 -53.07 14.45
C ALA G 29 -23.19 -53.54 15.64
N ARG G 30 -22.96 -52.92 16.80
CA ARG G 30 -23.64 -53.31 18.03
C ARG G 30 -25.11 -53.57 17.78
N ALA G 31 -25.82 -52.53 17.31
CA ALA G 31 -27.22 -52.72 16.98
C ALA G 31 -27.40 -53.75 15.88
N GLN G 32 -26.69 -53.55 14.77
CA GLN G 32 -26.66 -54.55 13.71
C GLN G 32 -26.41 -55.93 14.27
N VAL G 33 -25.42 -56.06 15.15
CA VAL G 33 -25.32 -57.26 15.97
C VAL G 33 -26.59 -57.47 16.77
N SER G 34 -26.94 -56.48 17.59
CA SER G 34 -28.03 -56.66 18.54
C SER G 34 -29.32 -57.05 17.85
N GLU G 35 -29.53 -56.57 16.63
CA GLU G 35 -30.61 -57.09 15.82
C GLU G 35 -30.62 -58.60 15.83
N ALA G 36 -29.47 -59.20 15.54
CA ALA G 36 -29.37 -60.66 15.59
C ALA G 36 -29.75 -61.19 16.97
N ILE G 37 -29.38 -60.46 18.03
CA ILE G 37 -29.72 -60.90 19.37
C ILE G 37 -31.21 -61.02 19.53
N LEU G 38 -31.96 -60.19 18.81
CA LEU G 38 -33.38 -60.04 19.08
C LEU G 38 -34.16 -61.30 18.76
N LEU G 39 -33.58 -62.23 18.02
CA LEU G 39 -34.41 -63.21 17.33
C LEU G 39 -34.49 -64.53 18.09
N ALA G 40 -33.36 -65.18 18.34
CA ALA G 40 -33.33 -66.50 18.98
C ALA G 40 -33.89 -66.47 20.38
N GLU G 41 -34.18 -65.29 20.91
CA GLU G 41 -34.74 -65.13 22.24
C GLU G 41 -35.92 -66.08 22.47
N GLY G 42 -36.87 -66.11 21.54
CA GLY G 42 -38.03 -66.95 21.72
C GLY G 42 -37.70 -68.43 21.82
N GLN G 43 -36.61 -68.84 21.17
CA GLN G 43 -36.22 -70.25 21.21
C GLN G 43 -35.99 -70.71 22.64
N LYS G 44 -35.53 -69.80 23.50
CA LYS G 44 -35.26 -70.11 24.90
C LYS G 44 -36.39 -70.85 25.59
N SER G 45 -37.63 -70.62 25.16
CA SER G 45 -38.78 -71.22 25.82
C SER G 45 -38.77 -72.73 25.72
N ALA G 46 -38.93 -73.26 24.52
CA ALA G 46 -38.95 -74.70 24.35
C ALA G 46 -37.64 -75.30 24.83
N VAL G 47 -36.54 -74.60 24.58
CA VAL G 47 -35.27 -74.95 25.19
C VAL G 47 -35.44 -75.14 26.70
N THR G 48 -35.98 -74.12 27.36
CA THR G 48 -36.34 -74.28 28.76
C THR G 48 -37.32 -75.41 28.92
N GLU G 49 -38.44 -75.35 28.18
CA GLU G 49 -39.47 -76.39 28.24
C GLU G 49 -38.87 -77.77 28.11
N TYR G 50 -38.02 -77.96 27.10
CA TYR G 50 -37.29 -79.20 26.97
C TYR G 50 -36.54 -79.49 28.26
N TYR G 51 -35.75 -78.52 28.73
CA TYR G 51 -35.13 -78.65 30.03
C TYR G 51 -36.18 -78.73 31.11
N LEU G 52 -37.30 -78.05 30.91
CA LEU G 52 -38.36 -78.02 31.90
C LEU G 52 -39.04 -79.37 31.97
N ASN G 53 -39.57 -79.81 30.84
CA ASN G 53 -40.08 -81.17 30.74
C ASN G 53 -39.06 -82.16 31.27
N HIS G 54 -37.89 -82.22 30.64
CA HIS G 54 -36.98 -83.33 30.82
C HIS G 54 -36.11 -83.17 32.06
N GLY G 55 -35.65 -81.95 32.33
CA GLY G 55 -34.49 -81.73 33.16
C GLY G 55 -33.20 -81.63 32.38
N GLU G 56 -33.27 -81.80 31.06
CA GLU G 56 -32.13 -81.66 30.17
C GLU G 56 -32.43 -80.60 29.13
N TRP G 57 -31.45 -79.78 28.82
CA TRP G 57 -31.64 -78.85 27.73
C TRP G 57 -31.82 -79.61 26.44
N PRO G 58 -32.37 -78.99 25.42
CA PRO G 58 -32.42 -79.63 24.11
C PRO G 58 -31.07 -79.51 23.44
N GLY G 59 -30.54 -80.65 22.99
CA GLY G 59 -29.29 -80.63 22.28
C GLY G 59 -29.24 -79.57 21.21
N ASP G 60 -30.40 -79.23 20.67
CA ASP G 60 -30.48 -78.20 19.64
C ASP G 60 -31.93 -77.82 19.45
N ASN G 61 -32.16 -77.07 18.38
CA ASN G 61 -33.50 -76.80 17.88
C ASN G 61 -34.32 -78.07 17.69
N SER G 62 -33.72 -79.08 17.04
CA SER G 62 -34.45 -80.30 16.72
C SER G 62 -34.71 -81.15 17.96
N SER G 63 -33.72 -81.29 18.83
CA SER G 63 -33.95 -81.88 20.14
C SER G 63 -35.15 -81.21 20.81
N ALA G 64 -35.12 -79.88 20.90
CA ALA G 64 -36.31 -79.15 21.31
C ALA G 64 -37.45 -79.36 20.33
N GLY G 65 -37.13 -79.64 19.07
CA GLY G 65 -38.14 -79.69 18.04
C GLY G 65 -38.48 -78.34 17.46
N VAL G 66 -37.54 -77.41 17.45
CA VAL G 66 -37.84 -76.03 17.06
C VAL G 66 -36.97 -75.58 15.91
N ALA G 67 -37.16 -74.34 15.49
CA ALA G 67 -36.60 -73.83 14.25
C ALA G 67 -35.08 -73.89 14.26
N THR G 68 -34.52 -74.57 13.28
CA THR G 68 -33.11 -74.94 13.27
C THR G 68 -32.20 -73.76 12.91
N SER G 69 -30.91 -74.07 12.72
CA SER G 69 -29.91 -73.06 12.39
C SER G 69 -30.37 -72.18 11.24
N ALA G 70 -30.53 -72.76 10.07
CA ALA G 70 -31.01 -72.06 8.90
C ALA G 70 -32.48 -71.68 9.02
N ASP G 71 -33.15 -72.15 10.05
CA ASP G 71 -34.45 -71.60 10.37
C ASP G 71 -34.25 -70.29 11.09
N ILE G 72 -35.29 -69.91 11.84
CA ILE G 72 -35.78 -68.55 11.93
C ILE G 72 -34.69 -67.50 11.72
N LYS G 73 -34.90 -66.60 10.76
CA LYS G 73 -33.87 -65.67 10.29
C LYS G 73 -34.49 -64.47 9.60
N GLY G 74 -33.58 -63.60 9.15
CA GLY G 74 -33.95 -62.40 8.41
C GLY G 74 -32.73 -61.51 8.23
N LYS G 75 -32.93 -60.21 8.48
CA LYS G 75 -31.83 -59.26 8.46
C LYS G 75 -30.82 -59.55 9.55
N TYR G 76 -29.55 -59.47 9.19
CA TYR G 76 -28.45 -59.62 10.13
C TYR G 76 -28.47 -60.98 10.81
N VAL G 77 -29.28 -61.90 10.32
CA VAL G 77 -29.42 -63.22 10.89
C VAL G 77 -29.31 -64.24 9.78
N GLN G 78 -28.15 -64.87 9.65
CA GLN G 78 -27.98 -65.92 8.68
C GLN G 78 -27.88 -67.30 9.32
N SER G 79 -28.22 -67.39 10.60
CA SER G 79 -28.42 -68.66 11.28
C SER G 79 -28.98 -68.36 12.66
N VAL G 80 -29.70 -69.34 13.21
CA VAL G 80 -30.21 -69.30 14.58
C VAL G 80 -30.20 -70.72 15.13
N THR G 81 -29.39 -70.99 16.14
CA THR G 81 -29.09 -72.36 16.48
C THR G 81 -29.05 -72.56 17.98
N VAL G 82 -29.49 -73.74 18.42
CA VAL G 82 -29.43 -74.15 19.83
C VAL G 82 -28.36 -75.23 19.97
N ALA G 83 -27.66 -75.20 21.10
CA ALA G 83 -26.59 -76.16 21.36
C ALA G 83 -26.71 -76.67 22.79
N ASN G 84 -27.36 -77.82 22.96
CA ASN G 84 -27.61 -78.36 24.30
C ASN G 84 -28.29 -77.30 25.16
N GLY G 85 -29.34 -76.71 24.60
CA GLY G 85 -29.97 -75.57 25.23
C GLY G 85 -29.24 -74.27 25.05
N VAL G 86 -28.04 -74.27 24.49
CA VAL G 86 -27.31 -73.03 24.27
C VAL G 86 -27.62 -72.53 22.87
N ILE G 87 -28.20 -71.35 22.77
CA ILE G 87 -28.78 -70.87 21.53
C ILE G 87 -27.87 -69.82 20.93
N THR G 88 -27.85 -69.73 19.60
CA THR G 88 -26.90 -68.86 18.94
C THR G 88 -27.43 -68.46 17.57
N ALA G 89 -27.09 -67.24 17.15
CA ALA G 89 -27.49 -66.73 15.85
C ALA G 89 -26.31 -65.96 15.24
N GLN G 90 -26.30 -65.84 13.93
CA GLN G 90 -25.15 -65.26 13.23
C GLN G 90 -25.50 -63.97 12.52
N MET G 91 -24.53 -63.07 12.46
CA MET G 91 -24.67 -61.87 11.67
C MET G 91 -24.78 -62.22 10.20
N ALA G 92 -25.42 -61.33 9.45
CA ALA G 92 -25.44 -61.45 8.01
C ALA G 92 -24.03 -61.29 7.47
N SER G 93 -23.91 -61.51 6.17
CA SER G 93 -22.63 -61.38 5.50
C SER G 93 -22.56 -60.19 4.56
N SER G 94 -23.34 -59.13 4.82
CA SER G 94 -23.32 -57.95 3.96
C SER G 94 -24.22 -56.88 4.56
N ASN G 95 -24.07 -55.65 4.06
CA ASN G 95 -24.85 -54.50 4.52
C ASN G 95 -24.71 -54.34 6.03
N VAL G 96 -23.61 -54.86 6.56
CA VAL G 96 -23.33 -54.84 7.97
C VAL G 96 -22.14 -53.93 8.18
N ASN G 97 -21.80 -53.76 9.43
CA ASN G 97 -20.41 -53.47 9.71
C ASN G 97 -19.57 -54.54 9.06
N ASN G 98 -18.76 -54.11 8.09
CA ASN G 98 -17.80 -55.00 7.45
C ASN G 98 -17.08 -55.86 8.47
N GLU G 99 -16.90 -55.33 9.67
CA GLU G 99 -16.25 -56.07 10.74
C GLU G 99 -17.10 -57.25 11.20
N ILE G 100 -18.26 -56.96 11.78
CA ILE G 100 -19.06 -57.96 12.47
C ILE G 100 -19.68 -58.92 11.47
N LYS G 101 -19.38 -58.71 10.20
CA LYS G 101 -19.99 -59.49 9.15
C LYS G 101 -19.95 -60.97 9.49
N SER G 102 -21.13 -61.58 9.60
CA SER G 102 -21.26 -63.00 9.86
C SER G 102 -20.66 -63.39 11.21
N LYS G 103 -21.28 -62.92 12.28
CA LYS G 103 -20.81 -63.20 13.62
C LYS G 103 -21.96 -63.66 14.53
N LYS G 104 -21.58 -64.34 15.62
CA LYS G 104 -22.53 -65.00 16.51
C LYS G 104 -22.24 -64.69 17.97
N LEU G 105 -23.18 -65.13 18.81
CA LEU G 105 -22.92 -65.23 20.24
C LEU G 105 -23.99 -66.13 20.83
N SER G 106 -23.55 -67.02 21.73
CA SER G 106 -24.43 -68.04 22.24
C SER G 106 -25.33 -67.50 23.36
N LEU G 107 -26.18 -68.39 23.86
CA LEU G 107 -27.22 -68.05 24.81
C LEU G 107 -27.43 -69.27 25.69
N TRP G 108 -26.90 -69.23 26.90
CA TRP G 108 -26.81 -70.44 27.70
C TRP G 108 -27.28 -70.16 29.11
N ALA G 109 -28.21 -70.97 29.58
CA ALA G 109 -28.82 -70.81 30.89
C ALA G 109 -28.34 -71.91 31.80
N LYS G 110 -27.83 -71.53 32.98
CA LYS G 110 -27.31 -72.48 33.94
C LYS G 110 -28.04 -72.29 35.26
N ARG G 111 -28.37 -73.40 35.91
CA ARG G 111 -29.49 -73.42 36.84
C ARG G 111 -29.19 -72.66 38.12
N GLN G 112 -30.20 -71.99 38.65
CA GLN G 112 -30.06 -70.96 39.67
C GLN G 112 -30.61 -71.40 41.02
N ASN G 113 -30.40 -70.55 42.04
CA ASN G 113 -31.36 -70.50 43.13
C ASN G 113 -32.76 -70.41 42.57
N GLY G 114 -32.97 -69.50 41.64
CA GLY G 114 -34.15 -69.50 40.81
C GLY G 114 -34.06 -70.67 39.86
N SER G 115 -34.71 -70.53 38.72
CA SER G 115 -34.60 -71.61 37.75
C SER G 115 -33.20 -71.67 37.19
N VAL G 116 -32.80 -70.63 36.48
CA VAL G 116 -31.67 -70.76 35.59
C VAL G 116 -31.31 -69.36 35.15
N LYS G 117 -30.06 -69.12 34.76
CA LYS G 117 -29.74 -67.84 34.16
C LYS G 117 -29.06 -68.01 32.82
N TRP G 118 -29.71 -67.47 31.79
CA TRP G 118 -29.17 -67.38 30.45
C TRP G 118 -27.99 -66.42 30.43
N PHE G 119 -27.38 -66.29 29.24
CA PHE G 119 -26.31 -65.32 29.06
C PHE G 119 -26.22 -64.93 27.60
N CYS G 120 -26.39 -63.63 27.36
CA CYS G 120 -26.09 -63.06 26.06
C CYS G 120 -24.58 -62.90 25.96
N GLY G 121 -23.94 -63.78 25.20
CA GLY G 121 -22.52 -63.68 25.07
C GLY G 121 -21.98 -64.71 24.10
N GLN G 122 -20.66 -64.81 24.08
CA GLN G 122 -19.89 -65.41 23.01
C GLN G 122 -20.44 -66.75 22.54
N PRO G 123 -20.31 -67.04 21.25
CA PRO G 123 -20.66 -68.36 20.74
C PRO G 123 -20.02 -69.45 21.59
N VAL G 124 -20.85 -70.21 22.27
CA VAL G 124 -20.42 -71.31 23.13
C VAL G 124 -21.47 -72.40 23.00
N THR G 125 -21.26 -73.53 23.67
CA THR G 125 -22.19 -74.64 23.60
C THR G 125 -22.19 -75.39 24.91
N ARG G 126 -23.33 -75.99 25.25
CA ARG G 126 -23.40 -76.69 26.51
C ARG G 126 -22.79 -78.08 26.39
N THR G 127 -22.02 -78.43 27.42
CA THR G 127 -21.31 -79.71 27.44
C THR G 127 -22.26 -80.85 27.07
N THR G 128 -23.40 -80.92 27.73
CA THR G 128 -24.43 -81.86 27.34
C THR G 128 -25.77 -81.16 27.35
N ALA G 129 -26.67 -81.66 26.51
CA ALA G 129 -28.07 -81.28 26.63
C ALA G 129 -28.57 -81.51 28.05
N THR G 130 -28.05 -82.53 28.71
CA THR G 130 -28.40 -82.79 30.10
C THR G 130 -27.85 -81.72 31.02
N ALA G 131 -26.66 -81.19 30.71
CA ALA G 131 -25.95 -80.33 31.63
C ALA G 131 -26.62 -78.97 31.72
N THR G 132 -25.96 -78.07 32.46
CA THR G 132 -26.18 -76.64 32.32
C THR G 132 -24.88 -75.96 31.90
N ASP G 133 -23.75 -76.40 32.43
CA ASP G 133 -22.45 -75.85 32.06
C ASP G 133 -22.19 -75.99 30.57
N VAL G 134 -21.62 -74.93 30.00
CA VAL G 134 -21.49 -74.85 28.55
C VAL G 134 -20.04 -74.59 28.19
N ALA G 135 -19.68 -74.91 26.96
CA ALA G 135 -18.31 -74.91 26.50
C ALA G 135 -18.09 -73.79 25.51
N ALA G 136 -16.97 -73.09 25.67
CA ALA G 136 -16.67 -71.90 24.88
C ALA G 136 -16.23 -72.32 23.48
N ALA G 137 -17.12 -72.95 22.73
CA ALA G 137 -16.84 -73.33 21.35
C ALA G 137 -16.72 -72.05 20.56
N ASN G 138 -15.50 -71.61 20.31
CA ASN G 138 -15.25 -70.22 19.97
C ASN G 138 -15.26 -69.94 18.48
N GLY G 139 -15.20 -70.98 17.64
CA GLY G 139 -15.23 -70.80 16.20
C GLY G 139 -14.18 -69.82 15.73
N LYS G 140 -13.04 -69.82 16.40
CA LYS G 140 -11.95 -68.92 16.10
C LYS G 140 -12.41 -67.47 16.12
N THR G 141 -13.40 -67.21 16.96
CA THR G 141 -13.83 -65.87 17.35
C THR G 141 -14.42 -65.09 16.19
N ASP G 142 -14.44 -65.62 14.97
CA ASP G 142 -15.07 -64.88 13.88
C ASP G 142 -16.53 -64.62 14.24
N ASP G 143 -17.31 -65.69 14.38
CA ASP G 143 -18.66 -65.52 14.86
C ASP G 143 -18.69 -64.85 16.22
N LYS G 144 -17.74 -65.17 17.10
CA LYS G 144 -17.64 -64.41 18.33
C LYS G 144 -17.59 -62.92 18.02
N ILE G 145 -18.17 -62.15 18.90
CA ILE G 145 -18.39 -60.74 18.61
C ILE G 145 -17.58 -59.88 19.55
N ASN G 146 -17.00 -58.82 19.02
CA ASN G 146 -16.20 -57.90 19.82
C ASN G 146 -17.02 -57.35 20.97
N THR G 147 -16.52 -57.58 22.18
CA THR G 147 -17.14 -56.95 23.35
C THR G 147 -17.23 -55.46 23.17
N LYS G 148 -16.29 -54.86 22.46
CA LYS G 148 -16.49 -53.47 22.04
C LYS G 148 -17.70 -53.39 21.12
N HIS G 149 -17.65 -54.10 19.99
CA HIS G 149 -18.82 -54.16 19.12
C HIS G 149 -20.00 -54.85 19.78
N LEU G 150 -19.83 -55.35 20.95
CA LEU G 150 -20.98 -55.68 21.76
C LEU G 150 -21.26 -54.56 22.74
N PRO G 151 -22.48 -54.44 23.18
CA PRO G 151 -22.73 -53.54 24.30
C PRO G 151 -22.12 -54.08 25.58
N SER G 152 -22.19 -53.26 26.64
CA SER G 152 -21.49 -53.60 27.88
C SER G 152 -21.99 -54.92 28.45
N THR G 153 -23.30 -55.11 28.50
CA THR G 153 -23.84 -56.30 29.14
C THR G 153 -23.50 -57.56 28.36
N CYS G 154 -23.88 -57.60 27.07
CA CYS G 154 -23.87 -58.85 26.32
C CYS G 154 -22.41 -59.20 26.04
N ARG G 155 -21.69 -59.53 27.09
CA ARG G 155 -20.29 -59.86 27.03
C ARG G 155 -19.99 -61.15 27.77
N ASP G 156 -20.70 -62.23 27.43
CA ASP G 156 -20.69 -63.44 28.24
C ASP G 156 -19.91 -64.56 27.54
N ASP G 157 -19.16 -65.32 28.34
CA ASP G 157 -18.50 -66.54 27.92
C ASP G 157 -19.21 -67.76 28.47
N SER G 158 -19.01 -68.90 27.82
CA SER G 158 -19.55 -70.18 28.28
C SER G 158 -19.49 -70.29 29.80
N SER G 159 -18.33 -69.93 30.35
CA SER G 159 -18.15 -69.82 31.78
C SER G 159 -19.33 -69.14 32.49
N ALA G 160 -20.02 -68.22 31.83
CA ALA G 160 -21.16 -67.56 32.44
C ALA G 160 -22.19 -68.60 32.86
N SER G 161 -22.52 -68.59 34.14
CA SER G 161 -23.31 -69.66 34.75
C SER G 161 -24.50 -69.16 35.56
N PHE H 1 -1.84 -1.43 -3.75
CA PHE H 1 -2.66 -2.47 -4.36
C PHE H 1 -2.75 -3.67 -3.45
N THR H 2 -2.23 -3.51 -2.24
CA THR H 2 -2.78 -4.30 -1.15
C THR H 2 -4.29 -4.18 -1.13
N LEU H 3 -4.80 -3.02 -1.57
CA LEU H 3 -6.23 -2.89 -1.86
C LEU H 3 -6.72 -4.05 -2.71
N ILE H 4 -6.01 -4.37 -3.80
CA ILE H 4 -6.35 -5.60 -4.52
C ILE H 4 -6.34 -6.76 -3.56
N GLU H 5 -5.18 -7.02 -2.95
CA GLU H 5 -5.09 -8.03 -1.90
C GLU H 5 -6.27 -7.91 -0.94
N LEU H 6 -6.60 -6.70 -0.52
CA LEU H 6 -7.83 -6.47 0.21
C LEU H 6 -9.03 -6.90 -0.62
N MET H 7 -9.25 -6.23 -1.75
CA MET H 7 -10.39 -6.55 -2.58
C MET H 7 -10.36 -8.02 -2.99
N ILE H 8 -9.16 -8.60 -3.11
CA ILE H 8 -9.06 -10.06 -3.19
C ILE H 8 -9.76 -10.70 -2.01
N VAL H 9 -9.27 -10.40 -0.81
CA VAL H 9 -9.90 -10.91 0.40
C VAL H 9 -11.37 -10.59 0.37
N ILE H 10 -11.72 -9.39 -0.10
CA ILE H 10 -13.12 -9.10 -0.37
C ILE H 10 -13.64 -10.06 -1.44
N ALA H 11 -12.95 -10.10 -2.58
CA ALA H 11 -13.41 -10.93 -3.69
C ALA H 11 -13.63 -12.37 -3.26
N ILE H 12 -12.62 -12.96 -2.61
CA ILE H 12 -12.76 -14.35 -2.19
C ILE H 12 -13.89 -14.47 -1.18
N VAL H 13 -14.06 -13.47 -0.34
CA VAL H 13 -15.28 -13.38 0.45
C VAL H 13 -16.47 -13.11 -0.47
N GLY H 14 -16.22 -12.36 -1.54
CA GLY H 14 -17.26 -12.02 -2.49
C GLY H 14 -18.03 -13.24 -2.96
N ILE H 15 -17.30 -14.25 -3.43
CA ILE H 15 -17.91 -15.49 -3.91
C ILE H 15 -17.76 -16.62 -2.90
N LEU H 16 -17.79 -16.26 -1.62
CA LEU H 16 -17.66 -17.25 -0.55
C LEU H 16 -18.96 -17.41 0.24
N ALA H 17 -19.80 -16.39 0.19
CA ALA H 17 -21.07 -16.42 0.90
C ALA H 17 -22.22 -16.76 -0.04
N ALA H 18 -21.92 -17.55 -1.06
CA ALA H 18 -22.92 -17.95 -2.04
C ALA H 18 -22.66 -19.33 -2.60
N VAL H 19 -23.67 -20.20 -2.52
CA VAL H 19 -23.64 -21.59 -3.01
C VAL H 19 -22.66 -22.55 -2.31
N ALA H 20 -22.21 -22.19 -1.12
CA ALA H 20 -21.27 -23.01 -0.37
C ALA H 20 -21.99 -23.81 0.72
N LEU H 21 -23.26 -24.13 0.47
CA LEU H 21 -24.06 -24.88 1.42
C LEU H 21 -24.89 -25.95 0.71
N PRO H 22 -24.38 -27.17 0.65
CA PRO H 22 -25.08 -28.27 0.00
C PRO H 22 -26.23 -28.79 0.87
N ALA H 23 -27.25 -29.36 0.24
CA ALA H 23 -27.98 -30.49 0.79
C ALA H 23 -28.48 -30.38 2.22
N TYR H 24 -28.56 -29.20 2.80
CA TYR H 24 -29.03 -29.17 4.19
C TYR H 24 -30.56 -29.13 4.25
N GLN H 25 -31.18 -28.40 3.33
CA GLN H 25 -32.62 -28.58 3.17
C GLN H 25 -32.91 -30.03 2.81
N ASP H 26 -31.96 -30.66 2.13
CA ASP H 26 -31.97 -32.10 1.93
C ASP H 26 -31.85 -32.85 3.25
N TYR H 27 -30.97 -32.41 4.14
CA TYR H 27 -30.70 -33.20 5.33
C TYR H 27 -31.81 -33.10 6.35
N THR H 28 -32.17 -31.87 6.75
CA THR H 28 -33.29 -31.68 7.66
C THR H 28 -34.45 -32.57 7.27
N ALA H 29 -34.74 -32.60 5.98
CA ALA H 29 -35.77 -33.46 5.43
C ALA H 29 -35.72 -34.85 6.02
N ARG H 30 -34.57 -35.51 5.89
CA ARG H 30 -34.41 -36.87 6.39
C ARG H 30 -35.03 -37.02 7.77
N ALA H 31 -34.53 -36.24 8.73
CA ALA H 31 -35.11 -36.28 10.07
C ALA H 31 -36.58 -35.84 10.03
N GLN H 32 -36.83 -34.67 9.44
CA GLN H 32 -38.19 -34.22 9.22
C GLN H 32 -39.04 -35.33 8.62
N VAL H 33 -38.52 -35.99 7.58
CA VAL H 33 -39.10 -37.25 7.14
C VAL H 33 -39.12 -38.24 8.30
N SER H 34 -37.93 -38.54 8.83
CA SER H 34 -37.81 -39.63 9.79
C SER H 34 -38.74 -39.44 10.98
N GLU H 35 -38.98 -38.18 11.36
CA GLU H 35 -40.03 -37.91 12.33
C GLU H 35 -41.31 -38.64 11.96
N ALA H 36 -41.75 -38.49 10.71
CA ALA H 36 -42.93 -39.21 10.26
C ALA H 36 -42.75 -40.71 10.42
N ILE H 37 -41.54 -41.23 10.19
CA ILE H 37 -41.31 -42.65 10.34
C ILE H 37 -41.61 -43.09 11.76
N LEU H 38 -41.42 -42.19 12.72
CA LEU H 38 -41.42 -42.59 14.11
C LEU H 38 -42.79 -43.04 14.58
N LEU H 39 -43.84 -42.75 13.82
CA LEU H 39 -45.16 -42.75 14.43
C LEU H 39 -45.91 -44.05 14.14
N ALA H 40 -46.13 -44.38 12.87
CA ALA H 40 -46.91 -45.56 12.48
C ALA H 40 -46.30 -46.86 12.97
N GLU H 41 -45.08 -46.79 13.51
CA GLU H 41 -44.39 -47.96 14.03
C GLU H 41 -45.30 -48.81 14.92
N GLY H 42 -45.97 -48.17 15.87
CA GLY H 42 -46.81 -48.92 16.79
C GLY H 42 -47.94 -49.65 16.10
N GLN H 43 -48.41 -49.12 14.98
CA GLN H 43 -49.51 -49.75 14.25
C GLN H 43 -49.13 -51.17 13.84
N LYS H 44 -47.85 -51.41 13.59
CA LYS H 44 -47.35 -52.72 13.17
C LYS H 44 -47.86 -53.85 14.05
N SER H 45 -48.11 -53.57 15.33
CA SER H 45 -48.50 -54.61 16.26
C SER H 45 -49.82 -55.24 15.88
N ALA H 46 -50.90 -54.48 15.97
CA ALA H 46 -52.22 -55.03 15.64
C ALA H 46 -52.23 -55.51 14.20
N VAL H 47 -51.56 -54.79 13.32
CA VAL H 47 -51.30 -55.27 11.98
C VAL H 47 -50.75 -56.68 12.02
N THR H 48 -49.65 -56.86 12.76
CA THR H 48 -49.15 -58.21 13.00
C THR H 48 -50.22 -59.05 13.67
N GLU H 49 -50.75 -58.57 14.79
CA GLU H 49 -51.78 -59.28 15.54
C GLU H 49 -52.91 -59.73 14.62
N TYR H 50 -53.41 -58.80 13.81
CA TYR H 50 -54.39 -59.16 12.80
C TYR H 50 -53.84 -60.29 11.94
N TYR H 51 -52.65 -60.09 11.40
CA TYR H 51 -51.99 -61.18 10.69
C TYR H 51 -51.71 -62.33 11.64
N LEU H 52 -51.45 -62.01 12.90
CA LEU H 52 -51.13 -63.03 13.88
C LEU H 52 -52.36 -63.85 14.20
N ASN H 53 -53.40 -63.17 14.66
CA ASN H 53 -54.69 -63.81 14.83
C ASN H 53 -55.07 -64.58 13.57
N HIS H 54 -55.21 -63.87 12.45
CA HIS H 54 -55.89 -64.40 11.29
C HIS H 54 -54.97 -65.25 10.44
N GLY H 55 -53.72 -64.83 10.27
CA GLY H 55 -52.90 -65.25 9.17
C GLY H 55 -52.96 -64.31 7.98
N GLU H 56 -53.78 -63.27 8.06
CA GLU H 56 -53.89 -62.24 7.04
C GLU H 56 -53.57 -60.89 7.65
N TRP H 57 -52.83 -60.06 6.92
CA TRP H 57 -52.63 -58.72 7.38
C TRP H 57 -53.97 -58.00 7.43
N PRO H 58 -54.05 -56.91 8.17
CA PRO H 58 -55.26 -56.09 8.12
C PRO H 58 -55.24 -55.23 6.88
N GLY H 59 -56.33 -55.30 6.11
CA GLY H 59 -56.43 -54.47 4.93
C GLY H 59 -56.07 -53.03 5.21
N ASP H 60 -56.27 -52.58 6.43
CA ASP H 60 -55.92 -51.23 6.82
C ASP H 60 -55.98 -51.12 8.33
N ASN H 61 -55.92 -49.88 8.79
CA ASN H 61 -56.20 -49.53 10.17
C ASN H 61 -57.52 -50.11 10.65
N SER H 62 -58.58 -49.93 9.87
CA SER H 62 -59.91 -50.36 10.30
C SER H 62 -60.06 -51.88 10.27
N SER H 63 -59.55 -52.53 9.23
CA SER H 63 -59.44 -53.98 9.26
C SER H 63 -58.77 -54.44 10.54
N ALA H 64 -57.59 -53.87 10.83
CA ALA H 64 -56.99 -54.07 12.14
C ALA H 64 -57.89 -53.53 13.24
N GLY H 65 -58.68 -52.52 12.93
CA GLY H 65 -59.43 -51.81 13.95
C GLY H 65 -58.65 -50.73 14.64
N VAL H 66 -57.68 -50.12 13.95
CA VAL H 66 -56.78 -49.19 14.61
C VAL H 66 -56.82 -47.82 13.92
N ALA H 67 -56.00 -46.91 14.44
CA ALA H 67 -56.10 -45.50 14.09
C ALA H 67 -55.85 -45.28 12.60
N THR H 68 -56.81 -44.66 11.93
CA THR H 68 -56.86 -44.60 10.48
C THR H 68 -55.87 -43.59 9.90
N SER H 69 -55.98 -43.35 8.60
CA SER H 69 -55.12 -42.42 7.88
C SER H 69 -55.02 -41.09 8.61
N ALA H 70 -56.14 -40.38 8.67
CA ALA H 70 -56.22 -39.11 9.38
C ALA H 70 -56.12 -39.28 10.88
N ASP H 71 -56.13 -40.51 11.37
CA ASP H 71 -55.74 -40.73 12.74
C ASP H 71 -54.23 -40.70 12.84
N ILE H 72 -53.74 -41.33 13.89
CA ILE H 72 -52.64 -40.85 14.70
C ILE H 72 -51.65 -40.00 13.91
N LYS H 73 -51.42 -38.77 14.39
CA LYS H 73 -50.67 -37.75 13.65
C LYS H 73 -50.11 -36.69 14.57
N GLY H 74 -49.44 -35.73 13.93
CA GLY H 74 -48.85 -34.58 14.61
C GLY H 74 -47.96 -33.79 13.66
N LYS H 75 -46.78 -33.44 14.16
CA LYS H 75 -45.78 -32.78 13.34
C LYS H 75 -45.29 -33.69 12.23
N TYR H 76 -45.16 -33.13 11.03
CA TYR H 76 -44.61 -33.85 9.89
C TYR H 76 -45.42 -35.08 9.55
N VAL H 77 -46.60 -35.22 10.12
CA VAL H 77 -47.46 -36.38 9.91
C VAL H 77 -48.85 -35.86 9.60
N GLN H 78 -49.23 -35.88 8.33
CA GLN H 78 -50.57 -35.50 7.96
C GLN H 78 -51.39 -36.70 7.49
N SER H 79 -50.90 -37.90 7.73
CA SER H 79 -51.66 -39.13 7.58
C SER H 79 -50.83 -40.27 8.14
N VAL H 80 -51.51 -41.34 8.55
CA VAL H 80 -50.88 -42.58 8.99
C VAL H 80 -51.81 -43.73 8.61
N THR H 81 -51.37 -44.60 7.71
CA THR H 81 -52.32 -45.49 7.05
C THR H 81 -51.73 -46.88 6.90
N VAL H 82 -52.58 -47.89 7.01
CA VAL H 82 -52.21 -49.29 6.78
C VAL H 82 -52.85 -49.75 5.48
N ALA H 83 -52.13 -50.60 4.75
CA ALA H 83 -52.60 -51.11 3.46
C ALA H 83 -52.34 -52.61 3.39
N ASN H 84 -53.36 -53.41 3.73
CA ASN H 84 -53.18 -54.86 3.77
C ASN H 84 -51.99 -55.22 4.65
N GLY H 85 -51.95 -54.61 5.84
CA GLY H 85 -50.81 -54.72 6.69
C GLY H 85 -49.65 -53.82 6.32
N VAL H 86 -49.72 -53.15 5.18
CA VAL H 86 -48.65 -52.24 4.80
C VAL H 86 -48.98 -50.85 5.28
N ILE H 87 -48.14 -50.30 6.15
CA ILE H 87 -48.46 -49.09 6.89
C ILE H 87 -47.71 -47.93 6.29
N THR H 88 -48.30 -46.73 6.36
CA THR H 88 -47.71 -45.59 5.68
C THR H 88 -48.16 -44.30 6.36
N ALA H 89 -47.27 -43.31 6.35
CA ALA H 89 -47.57 -42.00 6.93
C ALA H 89 -47.01 -40.93 6.01
N GLN H 90 -47.57 -39.72 6.10
CA GLN H 90 -47.19 -38.66 5.16
C GLN H 90 -46.53 -37.49 5.85
N MET H 91 -45.62 -36.84 5.13
CA MET H 91 -45.03 -35.61 5.60
C MET H 91 -46.09 -34.53 5.70
N ALA H 92 -45.82 -33.58 6.58
CA ALA H 92 -46.64 -32.38 6.63
C ALA H 92 -46.52 -31.60 5.33
N SER H 93 -47.33 -30.56 5.23
CA SER H 93 -47.32 -29.71 4.05
C SER H 93 -46.76 -28.32 4.33
N SER H 94 -45.89 -28.17 5.33
CA SER H 94 -45.32 -26.86 5.64
C SER H 94 -44.29 -27.03 6.76
N ASN H 95 -43.47 -25.98 6.93
CA ASN H 95 -42.41 -25.97 7.95
C ASN H 95 -41.50 -27.16 7.77
N VAL H 96 -41.47 -27.69 6.56
CA VAL H 96 -40.69 -28.86 6.23
C VAL H 96 -39.60 -28.41 5.28
N ASN H 97 -38.75 -29.35 4.93
CA ASN H 97 -38.10 -29.23 3.64
C ASN H 97 -39.17 -29.04 2.59
N ASN H 98 -39.13 -27.87 1.96
CA ASN H 98 -40.03 -27.57 0.86
C ASN H 98 -40.12 -28.74 -0.11
N GLU H 99 -39.03 -29.50 -0.21
CA GLU H 99 -39.00 -30.67 -1.08
C GLU H 99 -39.93 -31.77 -0.57
N ILE H 100 -39.61 -32.32 0.60
CA ILE H 100 -40.26 -33.52 1.10
C ILE H 100 -41.69 -33.21 1.51
N LYS H 101 -42.09 -31.97 1.33
CA LYS H 101 -43.39 -31.53 1.79
C LYS H 101 -44.46 -32.53 1.35
N SER H 102 -45.13 -33.10 2.34
CA SER H 102 -46.24 -34.03 2.11
C SER H 102 -45.78 -35.28 1.37
N LYS H 103 -44.96 -36.08 2.04
CA LYS H 103 -44.44 -37.30 1.44
C LYS H 103 -44.59 -38.49 2.39
N LYS H 104 -44.55 -39.69 1.81
CA LYS H 104 -44.83 -40.93 2.52
C LYS H 104 -43.79 -42.00 2.25
N LEU H 105 -43.91 -43.09 3.01
CA LEU H 105 -43.24 -44.33 2.66
C LEU H 105 -43.91 -45.45 3.44
N SER H 106 -44.12 -46.56 2.76
CA SER H 106 -44.89 -47.65 3.34
C SER H 106 -44.06 -48.50 4.28
N LEU H 107 -44.72 -49.50 4.86
CA LEU H 107 -44.15 -50.33 5.90
C LEU H 107 -44.77 -51.71 5.77
N TRP H 108 -44.04 -52.65 5.19
CA TRP H 108 -44.64 -53.89 4.78
C TRP H 108 -43.78 -55.05 5.23
N ALA H 109 -44.41 -56.00 5.91
CA ALA H 109 -43.74 -57.15 6.48
C ALA H 109 -44.12 -58.39 5.69
N LYS H 110 -43.11 -59.14 5.24
CA LYS H 110 -43.34 -60.34 4.45
C LYS H 110 -42.65 -61.51 5.13
N ARG H 111 -43.33 -62.65 5.15
CA ARG H 111 -43.09 -63.66 6.19
C ARG H 111 -41.75 -64.35 6.01
N GLN H 112 -41.10 -64.65 7.14
CA GLN H 112 -39.70 -65.03 7.20
C GLN H 112 -39.51 -66.49 7.56
N ASN H 113 -38.24 -66.93 7.52
CA ASN H 113 -37.83 -68.01 8.40
C ASN H 113 -38.30 -67.72 9.80
N GLY H 114 -38.02 -66.51 10.28
CA GLY H 114 -38.66 -65.99 11.46
C GLY H 114 -40.12 -65.72 11.14
N SER H 115 -40.69 -64.77 11.86
CA SER H 115 -42.07 -64.44 11.53
C SER H 115 -42.14 -63.74 10.19
N VAL H 116 -41.54 -62.56 10.09
CA VAL H 116 -41.89 -61.67 9.01
C VAL H 116 -40.85 -60.56 9.02
N LYS H 117 -40.61 -59.91 7.88
CA LYS H 117 -39.77 -58.73 7.94
C LYS H 117 -40.45 -57.54 7.30
N TRP H 118 -40.64 -56.50 8.12
CA TRP H 118 -41.12 -55.21 7.67
C TRP H 118 -40.11 -54.54 6.77
N PHE H 119 -40.47 -53.36 6.27
CA PHE H 119 -39.55 -52.55 5.48
C PHE H 119 -39.92 -51.09 5.57
N CYS H 120 -38.99 -50.30 6.06
CA CYS H 120 -39.09 -48.85 5.97
C CYS H 120 -38.72 -48.45 4.55
N GLY H 121 -39.72 -48.10 3.77
CA GLY H 121 -39.44 -47.70 2.41
C GLY H 121 -40.69 -47.27 1.69
N GLN H 122 -40.53 -47.08 0.39
CA GLN H 122 -41.44 -46.31 -0.44
C GLN H 122 -42.90 -46.62 -0.23
N PRO H 123 -43.78 -45.64 -0.37
CA PRO H 123 -45.21 -45.89 -0.32
C PRO H 123 -45.58 -47.02 -1.26
N VAL H 124 -46.05 -48.11 -0.67
CA VAL H 124 -46.46 -49.30 -1.40
C VAL H 124 -47.64 -49.89 -0.64
N THR H 125 -48.22 -50.97 -1.17
CA THR H 125 -49.37 -51.59 -0.52
C THR H 125 -49.35 -53.08 -0.77
N ARG H 126 -49.90 -53.84 0.16
CA ARG H 126 -49.88 -55.28 -0.01
C ARG H 126 -50.98 -55.74 -0.93
N THR H 127 -50.63 -56.66 -1.82
CA THR H 127 -51.56 -57.17 -2.81
C THR H 127 -52.89 -57.55 -2.15
N THR H 128 -52.83 -58.34 -1.11
CA THR H 128 -54.01 -58.62 -0.32
C THR H 128 -53.67 -58.52 1.15
N ALA H 129 -54.69 -58.19 1.94
CA ALA H 129 -54.58 -58.34 3.39
C ALA H 129 -54.14 -59.75 3.74
N THR H 130 -54.59 -60.73 2.96
CA THR H 130 -54.17 -62.11 3.15
C THR H 130 -52.69 -62.29 2.85
N ALA H 131 -52.19 -61.59 1.85
CA ALA H 131 -50.86 -61.85 1.32
C ALA H 131 -49.79 -61.39 2.29
N THR H 132 -48.54 -61.49 1.84
CA THR H 132 -47.44 -60.74 2.41
C THR H 132 -46.84 -59.82 1.35
N ASP H 133 -46.73 -60.32 0.11
CA ASP H 133 -46.21 -59.52 -1.00
C ASP H 133 -47.02 -58.25 -1.21
N VAL H 134 -46.31 -57.15 -1.46
CA VAL H 134 -46.92 -55.85 -1.49
C VAL H 134 -46.61 -55.18 -2.83
N ALA H 135 -47.43 -54.20 -3.18
CA ALA H 135 -47.41 -53.59 -4.49
C ALA H 135 -46.92 -52.15 -4.39
N ALA H 136 -46.04 -51.78 -5.30
CA ALA H 136 -45.38 -50.49 -5.26
C ALA H 136 -46.34 -49.40 -5.72
N ALA H 137 -47.42 -49.19 -4.97
CA ALA H 137 -48.38 -48.15 -5.28
C ALA H 137 -47.67 -46.82 -5.03
N ASN H 138 -47.20 -46.20 -6.10
CA ASN H 138 -46.14 -45.20 -5.98
C ASN H 138 -46.66 -43.78 -5.83
N GLY H 139 -47.94 -43.54 -6.10
CA GLY H 139 -48.51 -42.22 -5.95
C GLY H 139 -47.73 -41.17 -6.71
N LYS H 140 -47.17 -41.57 -7.84
CA LYS H 140 -46.36 -40.70 -8.67
C LYS H 140 -45.21 -40.10 -7.86
N THR H 141 -44.76 -40.87 -6.88
CA THR H 141 -43.52 -40.65 -6.15
C THR H 141 -43.53 -39.36 -5.34
N ASP H 142 -44.61 -38.56 -5.39
CA ASP H 142 -44.64 -37.38 -4.54
C ASP H 142 -44.52 -37.80 -3.08
N ASP H 143 -45.51 -38.56 -2.60
CA ASP H 143 -45.37 -39.12 -1.26
C ASP H 143 -44.13 -39.98 -1.14
N LYS H 144 -43.78 -40.73 -2.18
CA LYS H 144 -42.50 -41.43 -2.16
C LYS H 144 -41.40 -40.44 -1.82
N ILE H 145 -40.41 -40.92 -1.11
CA ILE H 145 -39.41 -40.04 -0.53
C ILE H 145 -38.06 -40.32 -1.16
N ASN H 146 -37.32 -39.26 -1.44
CA ASN H 146 -35.99 -39.38 -2.02
C ASN H 146 -35.11 -40.24 -1.15
N THR H 147 -34.59 -41.33 -1.75
CA THR H 147 -33.60 -42.13 -1.06
C THR H 147 -32.44 -41.28 -0.59
N LYS H 148 -32.11 -40.22 -1.32
CA LYS H 148 -31.20 -39.24 -0.76
C LYS H 148 -31.81 -38.61 0.47
N HIS H 149 -32.96 -37.95 0.32
CA HIS H 149 -33.67 -37.43 1.47
C HIS H 149 -34.15 -38.52 2.40
N LEU H 150 -33.95 -39.74 2.06
CA LEU H 150 -34.05 -40.78 3.05
C LEU H 150 -32.67 -41.14 3.55
N PRO H 151 -32.57 -41.67 4.73
CA PRO H 151 -31.30 -42.26 5.16
C PRO H 151 -30.99 -43.51 4.36
N SER H 152 -29.79 -44.05 4.58
CA SER H 152 -29.32 -45.16 3.76
C SER H 152 -30.23 -46.37 3.89
N THR H 153 -30.62 -46.72 5.11
CA THR H 153 -31.42 -47.93 5.30
C THR H 153 -32.81 -47.79 4.71
N CYS H 154 -33.56 -46.77 5.13
CA CYS H 154 -34.99 -46.71 4.85
C CYS H 154 -35.16 -46.39 3.36
N ARG H 155 -34.76 -47.34 2.53
CA ARG H 155 -34.80 -47.21 1.10
C ARG H 155 -35.47 -48.42 0.46
N ASP H 156 -36.69 -48.75 0.90
CA ASP H 156 -37.31 -50.02 0.54
C ASP H 156 -38.46 -49.83 -0.45
N ASP H 157 -38.55 -50.76 -1.40
CA ASP H 157 -39.67 -50.85 -2.32
C ASP H 157 -40.55 -52.05 -1.95
N SER H 158 -41.80 -51.98 -2.41
CA SER H 158 -42.75 -53.07 -2.22
C SER H 158 -42.09 -54.43 -2.39
N SER H 159 -41.29 -54.54 -3.44
CA SER H 159 -40.43 -55.70 -3.66
C SER H 159 -39.73 -56.18 -2.39
N ALA H 160 -39.42 -55.28 -1.47
CA ALA H 160 -38.77 -55.69 -0.23
C ALA H 160 -39.62 -56.73 0.50
N SER H 161 -39.04 -57.88 0.76
CA SER H 161 -39.80 -59.04 1.23
C SER H 161 -39.19 -59.69 2.47
N PHE I 1 2.62 10.20 -0.87
CA PHE I 1 1.28 10.11 -0.31
C PHE I 1 0.70 8.73 -0.56
N THR I 2 1.55 7.84 -1.07
CA THR I 2 1.33 6.44 -0.80
C THR I 2 1.16 6.23 0.68
N LEU I 3 1.81 7.07 1.49
CA LEU I 3 1.50 7.15 2.92
C LEU I 3 0.00 7.26 3.16
N ILE I 4 -0.68 8.16 2.43
CA ILE I 4 -2.13 8.15 2.50
C ILE I 4 -2.64 6.76 2.17
N GLU I 5 -2.34 6.30 0.95
CA GLU I 5 -2.64 4.94 0.56
C GLU I 5 -2.29 3.98 1.69
N LEU I 6 -1.11 4.13 2.27
CA LEU I 6 -0.79 3.40 3.49
C LEU I 6 -1.79 3.71 4.59
N MET I 7 -1.82 4.98 5.02
CA MET I 7 -2.73 5.34 6.08
C MET I 7 -4.17 5.01 5.72
N ILE I 8 -4.50 5.03 4.42
CA ILE I 8 -5.76 4.44 3.97
C ILE I 8 -5.83 2.99 4.42
N VAL I 9 -4.88 2.18 3.96
CA VAL I 9 -4.83 0.78 4.40
C VAL I 9 -4.85 0.72 5.90
N ILE I 10 -4.14 1.63 6.56
CA ILE I 10 -4.30 1.77 7.99
C ILE I 10 -5.74 2.16 8.32
N ALA I 11 -6.22 3.24 7.69
CA ALA I 11 -7.56 3.73 8.00
C ALA I 11 -8.60 2.64 7.82
N ILE I 12 -8.58 1.96 6.67
CA ILE I 12 -9.58 0.92 6.44
C ILE I 12 -9.40 -0.20 7.45
N VAL I 13 -8.15 -0.48 7.83
CA VAL I 13 -7.92 -1.32 9.00
C VAL I 13 -8.37 -0.59 10.25
N GLY I 14 -8.22 0.73 10.25
CA GLY I 14 -8.61 1.54 11.39
C GLY I 14 -10.02 1.24 11.86
N ILE I 15 -10.98 1.28 10.92
CA ILE I 15 -12.37 1.01 11.25
C ILE I 15 -12.78 -0.37 10.75
N LEU I 16 -11.86 -1.32 10.82
CA LEU I 16 -12.13 -2.69 10.39
C LEU I 16 -12.11 -3.65 11.57
N ALA I 17 -11.43 -3.27 12.64
CA ALA I 17 -11.34 -4.11 13.83
C ALA I 17 -12.33 -3.64 14.91
N ALA I 18 -13.45 -3.09 14.47
CA ALA I 18 -14.47 -2.60 15.39
C ALA I 18 -15.86 -2.73 14.82
N VAL I 19 -16.75 -3.38 15.59
CA VAL I 19 -18.15 -3.61 15.25
C VAL I 19 -18.44 -4.51 14.02
N ALA I 20 -17.44 -5.30 13.61
CA ALA I 20 -17.59 -6.18 12.46
C ALA I 20 -17.86 -7.62 12.91
N LEU I 21 -18.49 -7.77 14.08
CA LEU I 21 -18.80 -9.08 14.62
C LEU I 21 -20.21 -9.11 15.20
N PRO I 22 -21.17 -9.56 14.40
CA PRO I 22 -22.57 -9.64 14.83
C PRO I 22 -22.78 -10.80 15.77
N ALA I 23 -23.76 -10.71 16.66
CA ALA I 23 -24.59 -11.84 17.06
C ALA I 23 -23.89 -13.11 17.50
N TYR I 24 -22.60 -13.07 17.84
CA TYR I 24 -21.97 -14.33 18.24
C TYR I 24 -22.19 -14.62 19.72
N GLN I 25 -22.17 -13.58 20.55
CA GLN I 25 -22.66 -13.77 21.91
C GLN I 25 -24.12 -14.19 21.84
N ASP I 26 -24.82 -13.74 20.80
CA ASP I 26 -26.14 -14.24 20.47
C ASP I 26 -26.08 -15.73 20.11
N TYR I 27 -25.10 -16.15 19.32
CA TYR I 27 -25.12 -17.50 18.79
C TYR I 27 -24.74 -18.52 19.85
N THR I 28 -23.57 -18.35 20.47
CA THR I 28 -23.17 -19.22 21.58
C THR I 28 -24.32 -19.50 22.49
N ALA I 29 -25.06 -18.44 22.84
CA ALA I 29 -26.25 -18.55 23.65
C ALA I 29 -27.11 -19.71 23.22
N ARG I 30 -27.52 -19.72 21.95
CA ARG I 30 -28.39 -20.77 21.44
C ARG I 30 -27.95 -22.14 21.93
N ALA I 31 -26.71 -22.52 21.59
CA ALA I 31 -26.18 -23.79 22.09
C ALA I 31 -26.10 -23.78 23.61
N GLN I 32 -25.45 -22.77 24.17
CA GLN I 32 -25.44 -22.59 25.62
C GLN I 32 -26.84 -22.73 26.19
N VAL I 33 -27.83 -22.06 25.58
CA VAL I 33 -29.22 -22.38 25.85
C VAL I 33 -29.48 -23.85 25.56
N SER I 34 -29.24 -24.26 24.32
CA SER I 34 -29.66 -25.59 23.88
C SER I 34 -29.08 -26.68 24.77
N GLU I 35 -27.87 -26.45 25.30
CA GLU I 35 -27.36 -27.33 26.33
C GLU I 35 -28.40 -27.56 27.41
N ALA I 36 -28.98 -26.49 27.93
CA ALA I 36 -30.04 -26.63 28.92
C ALA I 36 -31.20 -27.46 28.37
N ILE I 37 -31.52 -27.30 27.08
CA ILE I 37 -32.60 -28.07 26.50
C ILE I 37 -32.32 -29.56 26.62
N LEU I 38 -31.04 -29.93 26.60
CA LEU I 38 -30.67 -31.32 26.44
C LEU I 38 -31.08 -32.17 27.63
N LEU I 39 -31.41 -31.55 28.75
CA LEU I 39 -31.37 -32.29 30.00
C LEU I 39 -32.75 -32.79 30.43
N ALA I 40 -33.72 -31.87 30.62
CA ALA I 40 -35.05 -32.23 31.10
C ALA I 40 -35.79 -33.17 30.16
N GLU I 41 -35.22 -33.40 28.98
CA GLU I 41 -35.82 -34.29 28.00
C GLU I 41 -36.26 -35.61 28.62
N GLY I 42 -35.37 -36.26 29.39
CA GLY I 42 -35.71 -37.54 29.96
C GLY I 42 -36.89 -37.46 30.91
N GLN I 43 -37.08 -36.32 31.56
CA GLN I 43 -38.18 -36.18 32.49
C GLN I 43 -39.52 -36.44 31.82
N LYS I 44 -39.61 -36.12 30.53
CA LYS I 44 -40.82 -36.30 29.74
C LYS I 44 -41.43 -37.68 29.90
N SER I 45 -40.61 -38.69 30.16
CA SER I 45 -41.10 -40.07 30.23
C SER I 45 -42.07 -40.26 31.37
N ALA I 46 -41.59 -40.14 32.61
CA ALA I 46 -42.47 -40.34 33.75
C ALA I 46 -43.59 -39.33 33.72
N VAL I 47 -43.29 -38.11 33.29
CA VAL I 47 -44.33 -37.13 32.99
C VAL I 47 -45.40 -37.75 32.10
N THR I 48 -44.97 -38.30 30.96
CA THR I 48 -45.90 -39.06 30.14
C THR I 48 -46.47 -40.21 30.93
N GLU I 49 -45.60 -41.04 31.51
CA GLU I 49 -46.03 -42.20 32.30
C GLU I 49 -47.07 -41.80 33.32
N TYR I 50 -46.79 -40.75 34.08
CA TYR I 50 -47.79 -40.20 34.98
C TYR I 50 -49.07 -39.91 34.22
N TYR I 51 -48.96 -39.15 33.13
CA TYR I 51 -50.09 -38.95 32.26
C TYR I 51 -50.54 -40.27 31.67
N LEU I 52 -49.59 -41.16 31.42
CA LEU I 52 -49.89 -42.44 30.81
C LEU I 52 -50.66 -43.30 31.79
N ASN I 53 -50.05 -43.56 32.95
CA ASN I 53 -50.77 -44.22 34.02
C ASN I 53 -52.11 -43.56 34.27
N HIS I 54 -52.09 -42.28 34.64
CA HIS I 54 -53.25 -41.64 35.22
C HIS I 54 -54.23 -41.15 34.15
N GLY I 55 -53.71 -40.60 33.06
CA GLY I 55 -54.47 -39.72 32.22
C GLY I 55 -54.27 -38.25 32.56
N GLU I 56 -53.51 -37.97 33.62
CA GLU I 56 -53.18 -36.61 34.02
C GLU I 56 -51.67 -36.45 34.02
N TRP I 57 -51.20 -35.29 33.55
CA TRP I 57 -49.79 -35.02 33.66
C TRP I 57 -49.41 -34.94 35.13
N PRO I 58 -48.14 -35.07 35.44
CA PRO I 58 -47.70 -34.85 36.81
C PRO I 58 -47.59 -33.36 37.07
N GLY I 59 -48.24 -32.91 38.14
CA GLY I 59 -48.15 -31.51 38.51
C GLY I 59 -46.73 -31.00 38.48
N ASP I 60 -45.78 -31.88 38.73
CA ASP I 60 -44.37 -31.51 38.72
C ASP I 60 -43.54 -32.78 38.71
N ASN I 61 -42.24 -32.57 38.94
CA ASN I 61 -41.31 -33.65 39.23
C ASN I 61 -41.81 -34.57 40.34
N SER I 62 -42.26 -33.98 41.46
CA SER I 62 -42.65 -34.76 42.62
C SER I 62 -43.97 -35.48 42.39
N SER I 63 -44.94 -34.82 41.78
CA SER I 63 -46.13 -35.51 41.32
C SER I 63 -45.75 -36.73 40.50
N ALA I 64 -44.92 -36.52 39.48
CA ALA I 64 -44.31 -37.64 38.78
C ALA I 64 -43.47 -38.49 39.73
N GLY I 65 -42.92 -37.87 40.77
CA GLY I 65 -41.97 -38.53 41.61
C GLY I 65 -40.55 -38.48 41.09
N VAL I 66 -40.20 -37.45 40.34
CA VAL I 66 -38.91 -37.42 39.66
C VAL I 66 -38.11 -36.19 40.07
N ALA I 67 -36.91 -36.07 39.48
CA ALA I 67 -35.93 -35.10 39.93
C ALA I 67 -36.45 -33.67 39.81
N THR I 68 -36.44 -32.96 40.93
CA THR I 68 -37.13 -31.68 41.06
C THR I 68 -36.36 -30.55 40.39
N SER I 69 -36.84 -29.32 40.62
CA SER I 69 -36.25 -28.12 40.04
C SER I 69 -34.75 -28.09 40.24
N ALA I 70 -34.32 -28.00 41.49
CA ALA I 70 -32.91 -28.01 41.85
C ALA I 70 -32.28 -29.38 41.64
N ASP I 71 -33.07 -30.38 41.33
CA ASP I 71 -32.51 -31.61 40.83
C ASP I 71 -32.15 -31.43 39.37
N ILE I 72 -32.06 -32.57 38.68
CA ILE I 72 -31.03 -32.86 37.69
C ILE I 72 -30.52 -31.60 36.98
N LYS I 73 -29.21 -31.39 37.04
CA LYS I 73 -28.58 -30.15 36.61
C LYS I 73 -27.11 -30.34 36.28
N GLY I 74 -26.49 -29.23 35.89
CA GLY I 74 -25.08 -29.17 35.58
C GLY I 74 -24.71 -27.83 34.96
N LYS I 75 -23.94 -27.90 33.88
CA LYS I 75 -23.61 -26.70 33.11
C LYS I 75 -24.84 -26.11 32.47
N TYR I 76 -24.94 -24.78 32.54
CA TYR I 76 -26.01 -24.04 31.89
C TYR I 76 -27.38 -24.46 32.37
N VAL I 77 -27.44 -25.22 33.47
CA VAL I 77 -28.68 -25.73 34.01
C VAL I 77 -28.67 -25.45 35.52
N GLN I 78 -29.38 -24.42 35.93
CA GLN I 78 -29.51 -24.14 37.35
C GLN I 78 -30.90 -24.44 37.87
N SER I 79 -31.72 -25.14 37.08
CA SER I 79 -32.97 -25.72 37.53
C SER I 79 -33.50 -26.61 36.41
N VAL I 80 -34.31 -27.60 36.79
CA VAL I 80 -35.03 -28.45 35.85
C VAL I 80 -36.35 -28.82 36.49
N THR I 81 -37.46 -28.38 35.90
CA THR I 81 -38.72 -28.40 36.62
C THR I 81 -39.87 -28.82 35.71
N VAL I 82 -40.83 -29.55 36.29
CA VAL I 82 -42.05 -29.96 35.59
C VAL I 82 -43.21 -29.15 36.16
N ALA I 83 -44.17 -28.80 35.30
CA ALA I 83 -45.32 -28.01 35.69
C ALA I 83 -46.57 -28.62 35.08
N ASN I 84 -47.27 -29.46 35.84
CA ASN I 84 -48.44 -30.16 35.32
C ASN I 84 -48.08 -30.89 34.03
N GLY I 85 -46.98 -31.63 34.10
CA GLY I 85 -46.43 -32.22 32.91
C GLY I 85 -45.63 -31.29 32.03
N VAL I 86 -45.64 -29.99 32.31
CA VAL I 86 -44.86 -29.05 31.52
C VAL I 86 -43.51 -28.87 32.17
N ILE I 87 -42.46 -29.21 31.44
CA ILE I 87 -41.13 -29.34 32.02
C ILE I 87 -40.29 -28.14 31.60
N THR I 88 -39.37 -27.73 32.46
CA THR I 88 -38.62 -26.50 32.20
C THR I 88 -37.29 -26.55 32.92
N ALA I 89 -36.28 -25.93 32.31
CA ALA I 89 -34.94 -25.85 32.89
C ALA I 89 -34.39 -24.45 32.65
N GLN I 90 -33.43 -24.04 33.48
CA GLN I 90 -32.94 -22.67 33.44
C GLN I 90 -31.47 -22.60 33.05
N MET I 91 -31.12 -21.53 32.35
CA MET I 91 -29.73 -21.25 32.08
C MET I 91 -28.96 -20.99 33.34
N ALA I 92 -27.66 -21.25 33.28
CA ALA I 92 -26.80 -20.87 34.37
C ALA I 92 -26.76 -19.36 34.51
N SER I 93 -26.09 -18.90 35.56
CA SER I 93 -25.96 -17.48 35.81
C SER I 93 -24.54 -16.96 35.60
N SER I 94 -23.75 -17.61 34.75
CA SER I 94 -22.38 -17.17 34.50
C SER I 94 -21.76 -18.04 33.40
N ASN I 95 -20.64 -17.56 32.87
CA ASN I 95 -19.91 -18.25 31.79
C ASN I 95 -20.84 -18.53 30.61
N VAL I 96 -21.88 -17.72 30.52
CA VAL I 96 -22.90 -17.85 29.49
C VAL I 96 -22.79 -16.64 28.59
N ASN I 97 -23.59 -16.65 27.56
CA ASN I 97 -24.02 -15.38 27.03
C ASN I 97 -24.58 -14.55 28.17
N ASN I 98 -23.90 -13.44 28.45
CA ASN I 98 -24.37 -12.50 29.45
C ASN I 98 -25.87 -12.23 29.29
N GLU I 99 -26.35 -12.33 28.05
CA GLU I 99 -27.76 -12.13 27.77
C GLU I 99 -28.61 -13.24 28.38
N ILE I 100 -28.43 -14.46 27.88
CA ILE I 100 -29.32 -15.58 28.20
C ILE I 100 -29.12 -16.03 29.62
N LYS I 101 -28.24 -15.34 30.33
CA LYS I 101 -27.89 -15.73 31.68
C LYS I 101 -29.14 -16.01 32.49
N SER I 102 -29.26 -17.26 32.95
CA SER I 102 -30.37 -17.68 33.80
C SER I 102 -31.72 -17.56 33.09
N LYS I 103 -31.90 -18.38 32.07
CA LYS I 103 -33.13 -18.36 31.28
C LYS I 103 -33.69 -19.77 31.10
N LYS I 104 -34.98 -19.83 30.79
CA LYS I 104 -35.73 -21.09 30.72
C LYS I 104 -36.57 -21.18 29.46
N LEU I 105 -37.14 -22.37 29.28
CA LEU I 105 -38.22 -22.56 28.35
C LEU I 105 -38.91 -23.87 28.67
N SER I 106 -40.23 -23.85 28.64
CA SER I 106 -41.01 -24.99 29.09
C SER I 106 -41.11 -26.07 28.02
N LEU I 107 -41.77 -27.15 28.39
CA LEU I 107 -41.84 -28.36 27.58
C LEU I 107 -43.19 -28.99 27.85
N TRP I 108 -44.13 -28.82 26.94
CA TRP I 108 -45.52 -29.17 27.23
C TRP I 108 -46.11 -29.96 26.10
N ALA I 109 -46.68 -31.11 26.45
CA ALA I 109 -47.25 -32.04 25.48
C ALA I 109 -48.76 -32.01 25.58
N LYS I 110 -49.43 -31.80 24.45
CA LYS I 110 -50.88 -31.73 24.40
C LYS I 110 -51.39 -32.76 23.41
N ARG I 111 -52.48 -33.43 23.79
CA ARG I 111 -52.76 -34.76 23.27
C ARG I 111 -53.18 -34.72 21.81
N GLN I 112 -52.75 -35.73 21.05
CA GLN I 112 -52.77 -35.74 19.59
C GLN I 112 -53.79 -36.71 19.03
N ASN I 113 -53.94 -36.66 17.70
CA ASN I 113 -54.34 -37.87 16.99
C ASN I 113 -53.48 -39.03 17.45
N GLY I 114 -52.17 -38.82 17.46
CA GLY I 114 -51.26 -39.70 18.15
C GLY I 114 -51.45 -39.53 19.63
N SER I 115 -50.41 -39.79 20.40
CA SER I 115 -50.55 -39.59 21.82
C SER I 115 -50.65 -38.10 22.13
N VAL I 116 -49.59 -37.36 21.84
CA VAL I 116 -49.44 -36.06 22.45
C VAL I 116 -48.30 -35.37 21.72
N LYS I 117 -48.28 -34.04 21.70
CA LYS I 117 -47.09 -33.39 21.18
C LYS I 117 -46.54 -32.38 22.17
N TRP I 118 -45.29 -32.62 22.56
CA TRP I 118 -44.51 -31.71 23.36
C TRP I 118 -44.20 -30.44 22.59
N PHE I 119 -43.52 -29.51 23.26
CA PHE I 119 -43.07 -28.28 22.61
C PHE I 119 -41.86 -27.74 23.32
N CYS I 120 -40.77 -27.62 22.59
CA CYS I 120 -39.61 -26.88 23.05
C CYS I 120 -39.90 -25.41 22.86
N GLY I 121 -40.20 -24.72 23.95
CA GLY I 121 -40.49 -23.31 23.84
C GLY I 121 -40.72 -22.70 25.19
N GLN I 122 -41.18 -21.45 25.14
CA GLN I 122 -41.12 -20.51 26.26
C GLN I 122 -41.56 -21.09 27.59
N PRO I 123 -40.95 -20.65 28.68
CA PRO I 123 -41.40 -21.05 30.01
C PRO I 123 -42.90 -20.84 30.13
N VAL I 124 -43.63 -21.94 30.29
CA VAL I 124 -45.07 -21.94 30.42
C VAL I 124 -45.42 -23.07 31.39
N THR I 125 -46.70 -23.22 31.71
CA THR I 125 -47.12 -24.26 32.64
C THR I 125 -48.50 -24.75 32.27
N ARG I 126 -48.78 -26.01 32.57
CA ARG I 126 -50.07 -26.55 32.20
C ARG I 126 -51.13 -26.16 33.21
N THR I 127 -52.29 -25.76 32.68
CA THR I 127 -53.39 -25.31 33.51
C THR I 127 -53.63 -26.26 34.66
N THR I 128 -53.77 -27.54 34.36
CA THR I 128 -53.83 -28.55 35.40
C THR I 128 -52.94 -29.72 35.02
N ALA I 129 -52.46 -30.41 36.05
CA ALA I 129 -51.84 -31.71 35.83
C ALA I 129 -52.78 -32.62 35.04
N THR I 130 -54.08 -32.48 35.28
CA THR I 130 -55.06 -33.24 34.52
C THR I 130 -55.10 -32.81 33.06
N ALA I 131 -54.91 -31.53 32.80
CA ALA I 131 -55.15 -30.98 31.47
C ALA I 131 -54.07 -31.43 30.50
N THR I 132 -54.15 -30.87 29.29
CA THR I 132 -53.01 -30.83 28.38
C THR I 132 -52.65 -29.38 28.07
N ASP I 133 -53.67 -28.52 27.91
CA ASP I 133 -53.45 -27.11 27.65
C ASP I 133 -52.64 -26.46 28.77
N VAL I 134 -51.71 -25.59 28.36
CA VAL I 134 -50.74 -25.05 29.28
C VAL I 134 -50.77 -23.53 29.21
N ALA I 135 -50.29 -22.89 30.26
CA ALA I 135 -50.42 -21.46 30.45
C ALA I 135 -49.07 -20.79 30.33
N ALA I 136 -49.04 -19.67 29.60
CA ALA I 136 -47.80 -18.99 29.28
C ALA I 136 -47.30 -18.23 30.51
N ALA I 137 -46.95 -18.96 31.56
CA ALA I 137 -46.40 -18.36 32.76
C ALA I 137 -45.03 -17.82 32.39
N ASN I 138 -44.94 -16.53 32.13
CA ASN I 138 -43.84 -15.98 31.36
C ASN I 138 -42.66 -15.52 32.19
N GLY I 139 -42.84 -15.39 33.51
CA GLY I 139 -41.76 -14.98 34.39
C GLY I 139 -41.10 -13.71 33.92
N LYS I 140 -41.90 -12.82 33.35
CA LYS I 140 -41.42 -11.55 32.81
C LYS I 140 -40.30 -11.77 31.81
N THR I 141 -40.38 -12.91 31.13
CA THR I 141 -39.58 -13.23 29.95
C THR I 141 -38.09 -13.34 30.24
N ASP I 142 -37.65 -13.08 31.48
CA ASP I 142 -36.23 -13.26 31.75
C ASP I 142 -35.83 -14.70 31.46
N ASP I 143 -36.42 -15.64 32.21
CA ASP I 143 -36.20 -17.03 31.88
C ASP I 143 -36.63 -17.35 30.46
N LYS I 144 -37.72 -16.76 29.99
CA LYS I 144 -38.05 -16.89 28.58
C LYS I 144 -36.85 -16.52 27.73
N ILE I 145 -36.70 -17.20 26.62
CA ILE I 145 -35.48 -17.12 25.85
C ILE I 145 -35.78 -16.49 24.49
N ASN I 146 -34.87 -15.61 24.06
CA ASN I 146 -35.02 -14.96 22.78
C ASN I 146 -35.16 -15.98 21.66
N THR I 147 -36.27 -15.89 20.93
CA THR I 147 -36.42 -16.71 19.73
C THR I 147 -35.25 -16.52 18.79
N LYS I 148 -34.65 -15.32 18.77
CA LYS I 148 -33.37 -15.20 18.10
C LYS I 148 -32.32 -16.05 18.79
N HIS I 149 -32.07 -15.80 20.07
CA HIS I 149 -31.19 -16.67 20.84
C HIS I 149 -31.73 -18.07 20.99
N LEU I 150 -32.89 -18.33 20.51
CA LEU I 150 -33.31 -19.69 20.29
C LEU I 150 -33.09 -20.07 18.84
N PRO I 151 -32.92 -21.33 18.56
CA PRO I 151 -32.97 -21.75 17.17
C PRO I 151 -34.38 -21.63 16.59
N SER I 152 -34.50 -21.86 15.29
CA SER I 152 -35.75 -21.60 14.60
C SER I 152 -36.88 -22.44 15.18
N THR I 153 -36.64 -23.73 15.42
CA THR I 153 -37.71 -24.59 15.88
C THR I 153 -38.16 -24.25 17.29
N CYS I 154 -37.23 -24.25 18.24
CA CYS I 154 -37.59 -24.21 19.65
C CYS I 154 -38.08 -22.81 19.96
N ARG I 155 -39.23 -22.47 19.39
CA ARG I 155 -39.85 -21.18 19.54
C ARG I 155 -41.31 -21.31 19.92
N ASP I 156 -41.61 -22.06 20.99
CA ASP I 156 -42.97 -22.45 21.29
C ASP I 156 -43.53 -21.69 22.50
N ASP I 157 -44.81 -21.33 22.42
CA ASP I 157 -45.57 -20.76 23.52
C ASP I 157 -46.54 -21.79 24.07
N SER I 158 -46.96 -21.58 25.31
CA SER I 158 -47.97 -22.41 25.96
C SER I 158 -49.07 -22.81 24.99
N SER I 159 -49.54 -21.82 24.24
CA SER I 159 -50.47 -22.04 23.14
C SER I 159 -50.11 -23.24 22.28
N ALA I 160 -48.82 -23.57 22.15
CA ALA I 160 -48.43 -24.73 21.36
C ALA I 160 -49.10 -25.98 21.90
N SER I 161 -49.84 -26.66 21.04
CA SER I 161 -50.72 -27.74 21.45
C SER I 161 -50.55 -29.02 20.64
N PHE J 1 14.74 13.98 -2.48
CA PHE J 1 14.68 13.23 -1.23
C PHE J 1 13.29 12.71 -0.99
N THR J 2 12.43 12.86 -2.01
CA THR J 2 11.34 11.91 -2.16
C THR J 2 11.88 10.50 -2.10
N LEU J 3 13.12 10.32 -2.57
CA LEU J 3 13.85 9.07 -2.33
C LEU J 3 13.77 8.67 -0.86
N ILE J 4 14.04 9.61 0.06
CA ILE J 4 13.79 9.31 1.46
C ILE J 4 12.35 8.86 1.62
N GLU J 5 11.42 9.74 1.27
CA GLU J 5 10.00 9.38 1.25
C GLU J 5 9.82 8.00 0.62
N LEU J 6 10.47 7.76 -0.51
CA LEU J 6 10.52 6.42 -1.06
C LEU J 6 11.15 5.45 -0.07
N MET J 7 12.42 5.68 0.25
CA MET J 7 13.10 4.78 1.18
C MET J 7 12.36 4.70 2.50
N ILE J 8 11.68 5.77 2.89
CA ILE J 8 10.70 5.67 3.97
C ILE J 8 9.70 4.58 3.68
N VAL J 9 8.96 4.75 2.58
CA VAL J 9 8.01 3.73 2.17
C VAL J 9 8.71 2.38 2.09
N ILE J 10 9.93 2.38 1.61
CA ILE J 10 10.75 1.18 1.72
C ILE J 10 10.96 0.84 3.19
N ALA J 11 11.47 1.81 3.95
CA ALA J 11 11.78 1.57 5.35
C ALA J 11 10.58 1.03 6.09
N ILE J 12 9.43 1.71 5.98
CA ILE J 12 8.25 1.24 6.69
C ILE J 12 7.85 -0.14 6.19
N VAL J 13 8.03 -0.39 4.90
CA VAL J 13 7.95 -1.76 4.41
C VAL J 13 9.10 -2.57 4.97
N GLY J 14 10.26 -1.92 5.14
CA GLY J 14 11.43 -2.58 5.67
C GLY J 14 11.15 -3.36 6.93
N ILE J 15 10.54 -2.69 7.90
CA ILE J 15 10.20 -3.32 9.18
C ILE J 15 8.71 -3.64 9.26
N LEU J 16 8.12 -3.98 8.13
CA LEU J 16 6.69 -4.31 8.08
C LEU J 16 6.47 -5.78 7.77
N ALA J 17 7.46 -6.41 7.15
CA ALA J 17 7.37 -7.83 6.80
C ALA J 17 8.11 -8.70 7.81
N ALA J 18 8.15 -8.24 9.06
CA ALA J 18 8.83 -8.97 10.11
C ALA J 18 8.17 -8.78 11.47
N VAL J 19 7.84 -9.89 12.11
CA VAL J 19 7.20 -9.94 13.44
C VAL J 19 5.78 -9.35 13.56
N ALA J 20 5.10 -9.20 12.42
CA ALA J 20 3.75 -8.66 12.40
C ALA J 20 2.71 -9.77 12.29
N LEU J 21 3.05 -10.95 12.81
CA LEU J 21 2.15 -12.10 12.76
C LEU J 21 2.15 -12.85 14.08
N PRO J 22 1.20 -12.53 14.95
CA PRO J 22 1.08 -13.17 16.26
C PRO J 22 0.52 -14.58 16.13
N ALA J 23 0.86 -15.46 17.06
CA ALA J 23 -0.05 -16.48 17.56
C ALA J 23 -0.76 -17.35 16.54
N TYR J 24 -0.32 -17.40 15.29
CA TYR J 24 -1.07 -18.24 14.36
C TYR J 24 -0.62 -19.69 14.43
N GLN J 25 0.69 -19.92 14.62
CA GLN J 25 1.12 -21.26 14.99
C GLN J 25 0.45 -21.65 16.30
N ASP J 26 0.18 -20.65 17.13
CA ASP J 26 -0.67 -20.82 18.30
C ASP J 26 -2.09 -21.21 17.90
N TYR J 27 -2.65 -20.56 16.88
CA TYR J 27 -4.07 -20.76 16.59
C TYR J 27 -4.32 -22.10 15.93
N THR J 28 -3.65 -22.35 14.80
CA THR J 28 -3.75 -23.65 14.15
C THR J 28 -3.74 -24.77 15.15
N ALA J 29 -2.82 -24.68 16.10
CA ALA J 29 -2.73 -25.63 17.20
C ALA J 29 -4.10 -25.97 17.77
N ARG J 30 -4.82 -24.93 18.22
CA ARG J 30 -6.12 -25.14 18.83
C ARG J 30 -6.95 -26.14 18.03
N ALA J 31 -7.20 -25.82 16.77
CA ALA J 31 -7.92 -26.76 15.92
C ALA J 31 -7.15 -28.06 15.78
N GLN J 32 -5.88 -27.96 15.37
CA GLN J 32 -5.00 -29.12 15.33
C GLN J 32 -5.11 -29.92 16.61
N VAL J 33 -5.04 -29.23 17.76
CA VAL J 33 -5.43 -29.86 19.02
C VAL J 33 -6.86 -30.34 18.93
N SER J 34 -7.79 -29.43 18.66
CA SER J 34 -9.20 -29.75 18.75
C SER J 34 -9.57 -30.93 17.87
N GLU J 35 -8.88 -31.08 16.75
CA GLU J 35 -9.02 -32.31 15.97
C GLU J 35 -8.87 -33.53 16.87
N ALA J 36 -7.81 -33.56 17.68
CA ALA J 36 -7.64 -34.66 18.62
C ALA J 36 -8.83 -34.77 19.55
N ILE J 37 -9.40 -33.63 19.97
CA ILE J 37 -10.55 -33.67 20.86
C ILE J 37 -11.69 -34.44 20.21
N LEU J 38 -11.78 -34.39 18.88
CA LEU J 38 -12.96 -34.85 18.20
C LEU J 38 -13.17 -36.35 18.33
N LEU J 39 -12.13 -37.08 18.74
CA LEU J 39 -12.13 -38.50 18.46
C LEU J 39 -12.59 -39.33 19.65
N ALA J 40 -11.91 -39.22 20.80
CA ALA J 40 -12.22 -40.03 21.97
C ALA J 40 -13.62 -39.79 22.51
N GLU J 41 -14.31 -38.78 21.97
CA GLU J 41 -15.66 -38.45 22.37
C GLU J 41 -16.55 -39.70 22.44
N GLY J 42 -16.54 -40.51 21.39
CA GLY J 42 -17.40 -41.68 21.37
C GLY J 42 -17.08 -42.66 22.47
N GLN J 43 -15.83 -42.71 22.92
CA GLN J 43 -15.44 -43.63 23.98
C GLN J 43 -16.27 -43.39 25.24
N LYS J 44 -16.66 -42.13 25.47
CA LYS J 44 -17.43 -41.74 26.64
C LYS J 44 -18.63 -42.64 26.88
N SER J 45 -19.20 -43.20 25.82
CA SER J 45 -20.42 -44.00 25.95
C SER J 45 -20.19 -45.24 26.80
N ALA J 46 -19.39 -46.17 26.28
CA ALA J 46 -19.14 -47.40 27.03
C ALA J 46 -18.52 -47.09 28.38
N VAL J 47 -17.65 -46.08 28.40
CA VAL J 47 -17.16 -45.52 29.66
C VAL J 47 -18.34 -45.22 30.59
N THR J 48 -19.29 -44.43 30.10
CA THR J 48 -20.52 -44.23 30.85
C THR J 48 -21.22 -45.56 31.08
N GLU J 49 -21.46 -46.31 30.01
CA GLU J 49 -22.11 -47.61 30.10
C GLU J 49 -21.47 -48.49 31.16
N TYR J 50 -20.15 -48.59 31.10
CA TYR J 50 -19.42 -49.28 32.16
C TYR J 50 -19.78 -48.69 33.51
N TYR J 51 -19.67 -47.37 33.64
CA TYR J 51 -20.16 -46.70 34.84
C TYR J 51 -21.66 -46.89 34.97
N LEU J 52 -22.35 -46.95 33.84
CA LEU J 52 -23.80 -47.08 33.86
C LEU J 52 -24.19 -48.47 34.33
N ASN J 53 -23.71 -49.48 33.63
CA ASN J 53 -23.86 -50.84 34.09
C ASN J 53 -23.43 -50.97 35.55
N HIS J 54 -22.16 -50.67 35.82
CA HIS J 54 -21.55 -51.07 37.09
C HIS J 54 -21.86 -50.07 38.21
N GLY J 55 -21.83 -48.79 37.88
CA GLY J 55 -21.65 -47.76 38.88
C GLY J 55 -20.21 -47.33 39.03
N GLU J 56 -19.30 -47.98 38.31
CA GLU J 56 -17.89 -47.63 38.31
C GLU J 56 -17.46 -47.30 36.89
N TRP J 57 -16.63 -46.27 36.74
CA TRP J 57 -16.08 -46.01 35.43
C TRP J 57 -15.20 -47.16 35.02
N PRO J 58 -14.92 -47.30 33.73
CA PRO J 58 -13.96 -48.30 33.30
C PRO J 58 -12.55 -47.79 33.55
N GLY J 59 -11.76 -48.61 34.23
CA GLY J 59 -10.38 -48.25 34.47
C GLY J 59 -9.69 -47.76 33.22
N ASP J 60 -10.13 -48.22 32.07
CA ASP J 60 -9.57 -47.80 30.81
C ASP J 60 -10.47 -48.27 29.68
N ASN J 61 -9.95 -48.16 28.47
CA ASN J 61 -10.53 -48.76 27.29
C ASN J 61 -10.84 -50.24 27.50
N SER J 62 -9.87 -51.00 28.02
CA SER J 62 -10.03 -52.44 28.15
C SER J 62 -11.01 -52.81 29.26
N SER J 63 -10.93 -52.13 30.40
CA SER J 63 -11.97 -52.25 31.40
C SER J 63 -13.34 -52.05 30.77
N ALA J 64 -13.51 -50.94 30.05
CA ALA J 64 -14.70 -50.77 29.23
C ALA J 64 -14.78 -51.84 28.17
N GLY J 65 -13.63 -52.36 27.74
CA GLY J 65 -13.59 -53.25 26.60
C GLY J 65 -13.54 -52.54 25.27
N VAL J 66 -12.98 -51.34 25.22
CA VAL J 66 -13.05 -50.53 24.02
C VAL J 66 -11.66 -50.16 23.53
N ALA J 67 -11.62 -49.40 22.43
CA ALA J 67 -10.39 -49.16 21.69
C ALA J 67 -9.34 -48.48 22.54
N THR J 68 -8.17 -49.11 22.66
CA THR J 68 -7.16 -48.72 23.63
C THR J 68 -6.40 -47.47 23.20
N SER J 69 -5.34 -47.17 23.96
CA SER J 69 -4.50 -46.00 23.71
C SER J 69 -4.09 -45.91 22.24
N ALA J 70 -3.30 -46.88 21.80
CA ALA J 70 -2.88 -46.96 20.41
C ALA J 70 -4.01 -47.32 19.48
N ASP J 71 -5.17 -47.67 20.02
CA ASP J 71 -6.35 -47.72 19.19
C ASP J 71 -6.86 -46.32 18.96
N ILE J 72 -8.14 -46.25 18.63
CA ILE J 72 -8.69 -45.36 17.62
C ILE J 72 -7.88 -44.07 17.46
N LYS J 73 -7.43 -43.79 16.24
CA LYS J 73 -6.48 -42.73 15.96
C LYS J 73 -6.53 -42.30 14.50
N GLY J 74 -5.66 -41.33 14.19
CA GLY J 74 -5.51 -40.80 12.85
C GLY J 74 -4.62 -39.57 12.86
N LYS J 75 -5.07 -38.54 12.15
CA LYS J 75 -4.39 -37.26 12.16
C LYS J 75 -4.44 -36.62 13.53
N TYR J 76 -3.31 -36.06 13.96
CA TYR J 76 -3.20 -35.32 15.20
C TYR J 76 -3.57 -36.18 16.40
N VAL J 77 -3.68 -37.49 16.22
CA VAL J 77 -4.06 -38.41 17.27
C VAL J 77 -3.09 -39.57 17.25
N GLN J 78 -2.13 -39.55 18.17
CA GLN J 78 -1.21 -40.67 18.29
C GLN J 78 -1.46 -41.49 19.55
N SER J 79 -2.61 -41.28 20.19
CA SER J 79 -3.11 -42.15 21.25
C SER J 79 -4.52 -41.68 21.60
N VAL J 80 -5.32 -42.62 22.12
CA VAL J 80 -6.64 -42.34 22.65
C VAL J 80 -6.89 -43.28 23.82
N THR J 81 -7.02 -42.74 25.02
CA THR J 81 -6.92 -43.58 26.21
C THR J 81 -7.95 -43.19 27.25
N VAL J 82 -8.45 -44.19 27.97
CA VAL J 82 -9.37 -43.99 29.10
C VAL J 82 -8.63 -44.29 30.39
N ALA J 83 -8.95 -43.53 31.44
CA ALA J 83 -8.30 -43.69 32.73
C ALA J 83 -9.36 -43.66 33.82
N ASN J 84 -9.82 -44.83 34.26
CA ASN J 84 -10.89 -44.89 35.25
C ASN J 84 -12.09 -44.08 34.78
N GLY J 85 -12.46 -44.30 33.52
CA GLY J 85 -13.46 -43.47 32.90
C GLY J 85 -12.95 -42.13 32.41
N VAL J 86 -11.72 -41.76 32.72
CA VAL J 86 -11.17 -40.49 32.24
C VAL J 86 -10.44 -40.74 30.94
N ILE J 87 -10.90 -40.11 29.87
CA ILE J 87 -10.47 -40.44 28.53
C ILE J 87 -9.51 -39.38 28.04
N THR J 88 -8.55 -39.77 27.20
CA THR J 88 -7.50 -38.85 26.80
C THR J 88 -6.93 -39.27 25.45
N ALA J 89 -6.53 -38.28 24.66
CA ALA J 89 -5.91 -38.52 23.36
C ALA J 89 -4.75 -37.56 23.18
N GLN J 90 -3.80 -37.93 22.31
CA GLN J 90 -2.58 -37.15 22.17
C GLN J 90 -2.44 -36.55 20.79
N MET J 91 -1.80 -35.38 20.75
CA MET J 91 -1.45 -34.77 19.49
C MET J 91 -0.44 -35.62 18.74
N ALA J 92 -0.46 -35.47 17.42
CA ALA J 92 0.58 -36.09 16.62
C ALA J 92 1.93 -35.49 16.95
N SER J 93 2.97 -36.07 16.35
CA SER J 93 4.32 -35.59 16.57
C SER J 93 4.92 -34.93 15.34
N SER J 94 4.09 -34.36 14.45
CA SER J 94 4.60 -33.72 13.25
C SER J 94 3.43 -33.08 12.50
N ASN J 95 3.78 -32.21 11.55
CA ASN J 95 2.79 -31.49 10.73
C ASN J 95 1.80 -30.76 11.62
N VAL J 96 2.24 -30.46 12.84
CA VAL J 96 1.41 -29.80 13.82
C VAL J 96 2.00 -28.43 14.06
N ASN J 97 1.33 -27.68 14.90
CA ASN J 97 2.06 -26.68 15.65
C ASN J 97 3.22 -27.36 16.33
N ASN J 98 4.42 -26.97 15.93
CA ASN J 98 5.64 -27.46 16.57
C ASN J 98 5.50 -27.44 18.09
N GLU J 99 4.71 -26.49 18.61
CA GLU J 99 4.46 -26.40 20.03
C GLU J 99 3.67 -27.59 20.55
N ILE J 100 2.43 -27.71 20.11
CA ILE J 100 1.48 -28.66 20.67
C ILE J 100 1.85 -30.07 20.30
N LYS J 101 2.95 -30.21 19.57
CA LYS J 101 3.35 -31.51 19.08
C LYS J 101 3.29 -32.55 20.18
N SER J 102 2.44 -33.56 19.96
CA SER J 102 2.30 -34.67 20.89
C SER J 102 1.80 -34.22 22.26
N LYS J 103 0.55 -33.76 22.30
CA LYS J 103 -0.05 -33.28 23.52
C LYS J 103 -1.43 -33.87 23.73
N LYS J 104 -1.89 -33.85 24.99
CA LYS J 104 -3.12 -34.52 25.39
C LYS J 104 -4.00 -33.62 26.25
N LEU J 105 -5.20 -34.11 26.51
CA LEU J 105 -6.04 -33.57 27.58
C LEU J 105 -7.10 -34.60 27.89
N SER J 106 -7.35 -34.78 29.18
CA SER J 106 -8.24 -35.83 29.63
C SER J 106 -9.70 -35.43 29.50
N LEU J 107 -10.56 -36.37 29.87
CA LEU J 107 -12.00 -36.26 29.68
C LEU J 107 -12.65 -37.03 30.82
N TRP J 108 -13.14 -36.31 31.82
CA TRP J 108 -13.54 -36.96 33.06
C TRP J 108 -14.90 -36.46 33.49
N ALA J 109 -15.80 -37.39 33.75
CA ALA J 109 -17.18 -37.09 34.11
C ALA J 109 -17.39 -37.41 35.59
N LYS J 110 -17.91 -36.45 36.34
CA LYS J 110 -18.14 -36.61 37.76
C LYS J 110 -19.61 -36.33 38.05
N ARG J 111 -20.19 -37.16 38.91
CA ARG J 111 -21.63 -37.39 38.89
C ARG J 111 -22.40 -36.17 39.38
N GLN J 112 -23.55 -35.93 38.75
CA GLN J 112 -24.29 -34.68 38.84
C GLN J 112 -25.59 -34.82 39.62
N ASN J 113 -26.25 -33.68 39.83
CA ASN J 113 -27.70 -33.70 39.95
C ASN J 113 -28.29 -34.50 38.82
N GLY J 114 -27.85 -34.20 37.61
CA GLY J 114 -28.07 -35.05 36.47
C GLY J 114 -27.23 -36.30 36.63
N SER J 115 -26.87 -36.90 35.51
CA SER J 115 -26.01 -38.06 35.63
C SER J 115 -24.62 -37.64 36.07
N VAL J 116 -23.94 -36.87 35.25
CA VAL J 116 -22.50 -36.74 35.40
C VAL J 116 -22.08 -35.60 34.50
N LYS J 117 -20.96 -34.94 34.80
CA LYS J 117 -20.45 -33.99 33.84
C LYS J 117 -18.99 -34.28 33.50
N TRP J 118 -18.77 -34.52 32.22
CA TRP J 118 -17.44 -34.66 31.65
C TRP J 118 -16.70 -33.34 31.70
N PHE J 119 -15.45 -33.36 31.24
CA PHE J 119 -14.66 -32.14 31.13
C PHE J 119 -13.61 -32.30 30.06
N CYS J 120 -13.67 -31.43 29.07
CA CYS J 120 -12.60 -31.28 28.11
C CYS J 120 -11.50 -30.47 28.77
N GLY J 121 -10.43 -31.13 29.16
CA GLY J 121 -9.35 -30.40 29.79
C GLY J 121 -8.20 -31.33 30.11
N GLN J 122 -7.25 -30.77 30.86
CA GLN J 122 -5.89 -31.28 30.98
C GLN J 122 -5.80 -32.77 31.19
N PRO J 123 -4.77 -33.41 30.66
CA PRO J 123 -4.52 -34.82 30.94
C PRO J 123 -4.56 -35.07 32.43
N VAL J 124 -5.55 -35.85 32.85
CA VAL J 124 -5.76 -36.21 34.24
C VAL J 124 -6.29 -37.63 34.26
N THR J 125 -6.51 -38.19 35.44
CA THR J 125 -7.00 -39.56 35.54
C THR J 125 -7.86 -39.70 36.78
N ARG J 126 -8.82 -40.60 36.73
CA ARG J 126 -9.71 -40.76 37.86
C ARG J 126 -9.07 -41.61 38.93
N THR J 127 -9.23 -41.16 40.18
CA THR J 127 -8.63 -41.84 41.32
C THR J 127 -8.90 -43.33 41.25
N THR J 128 -10.16 -43.70 41.09
CA THR J 128 -10.50 -45.09 40.86
C THR J 128 -11.52 -45.17 39.72
N ALA J 129 -11.50 -46.31 39.03
CA ALA J 129 -12.58 -46.64 38.13
C ALA J 129 -13.92 -46.55 38.85
N THR J 130 -13.93 -46.89 40.14
CA THR J 130 -15.14 -46.76 40.94
C THR J 130 -15.52 -45.31 41.15
N ALA J 131 -14.53 -44.44 41.30
CA ALA J 131 -14.78 -43.08 41.72
C ALA J 131 -15.44 -42.26 40.61
N THR J 132 -15.59 -40.97 40.89
CA THR J 132 -15.79 -39.97 39.84
C THR J 132 -14.66 -38.96 39.88
N ASP J 133 -14.20 -38.59 41.08
CA ASP J 133 -13.10 -37.64 41.23
C ASP J 133 -11.83 -38.17 40.55
N VAL J 134 -11.14 -37.25 39.87
CA VAL J 134 -10.03 -37.63 39.03
C VAL J 134 -8.79 -36.85 39.44
N ALA J 135 -7.63 -37.38 39.07
CA ALA J 135 -6.34 -36.88 39.54
C ALA J 135 -5.59 -36.23 38.39
N ALA J 136 -5.01 -35.08 38.68
CA ALA J 136 -4.36 -34.27 37.67
C ALA J 136 -3.01 -34.88 37.30
N ALA J 137 -3.03 -36.09 36.74
CA ALA J 137 -1.81 -36.74 36.30
C ALA J 137 -1.30 -35.94 35.12
N ASN J 138 -0.30 -35.08 35.37
CA ASN J 138 -0.02 -33.98 34.48
C ASN J 138 1.00 -34.29 33.41
N GLY J 139 1.74 -35.38 33.55
CA GLY J 139 2.73 -35.78 32.56
C GLY J 139 3.70 -34.66 32.25
N LYS J 140 4.01 -33.87 33.28
CA LYS J 140 4.90 -32.73 33.15
C LYS J 140 4.42 -31.79 32.06
N THR J 141 3.11 -31.75 31.89
CA THR J 141 2.40 -30.75 31.09
C THR J 141 2.73 -30.81 29.61
N ASP J 142 3.65 -31.68 29.19
CA ASP J 142 3.91 -31.77 27.76
C ASP J 142 2.63 -32.14 27.03
N ASP J 143 2.08 -33.33 27.33
CA ASP J 143 0.79 -33.66 26.79
C ASP J 143 -0.27 -32.66 27.20
N LYS J 144 -0.20 -32.15 28.43
CA LYS J 144 -1.10 -31.05 28.78
C LYS J 144 -0.98 -29.95 27.74
N ILE J 145 -2.08 -29.28 27.50
CA ILE J 145 -2.16 -28.37 26.37
C ILE J 145 -2.37 -26.96 26.88
N ASN J 146 -1.68 -26.02 26.25
CA ASN J 146 -1.80 -24.62 26.61
C ASN J 146 -3.24 -24.16 26.54
N THR J 147 -3.74 -23.67 27.68
CA THR J 147 -5.06 -23.05 27.68
C THR J 147 -5.15 -21.94 26.64
N LYS J 148 -4.03 -21.28 26.36
CA LYS J 148 -4.01 -20.42 25.18
C LYS J 148 -4.21 -21.25 23.93
N HIS J 149 -3.30 -22.20 23.68
CA HIS J 149 -3.48 -23.12 22.57
C HIS J 149 -4.70 -24.02 22.75
N LEU J 150 -5.37 -23.91 23.84
CA LEU J 150 -6.71 -24.43 23.91
C LEU J 150 -7.71 -23.33 23.68
N PRO J 151 -8.88 -23.66 23.22
CA PRO J 151 -9.96 -22.67 23.24
C PRO J 151 -10.39 -22.34 24.66
N SER J 152 -11.27 -21.34 24.77
CA SER J 152 -11.65 -20.83 26.09
C SER J 152 -12.27 -21.93 26.95
N THR J 153 -13.19 -22.69 26.39
CA THR J 153 -13.90 -23.68 27.19
C THR J 153 -12.99 -24.81 27.63
N CYS J 154 -12.33 -25.48 26.68
CA CYS J 154 -11.66 -26.74 26.97
C CYS J 154 -10.41 -26.43 27.79
N ARG J 155 -10.63 -25.97 29.00
CA ARG J 155 -9.58 -25.58 29.91
C ARG J 155 -9.78 -26.21 31.28
N ASP J 156 -9.93 -27.54 31.33
CA ASP J 156 -10.37 -28.21 32.54
C ASP J 156 -9.22 -28.98 33.21
N ASP J 157 -9.21 -28.96 34.53
CA ASP J 157 -8.32 -29.75 35.36
C ASP J 157 -9.10 -30.88 36.02
N SER J 158 -8.37 -31.93 36.41
CA SER J 158 -8.94 -33.05 37.15
C SER J 158 -9.97 -32.58 38.17
N SER J 159 -9.60 -31.54 38.91
CA SER J 159 -10.51 -30.85 39.81
C SER J 159 -11.89 -30.62 39.21
N ALA J 160 -11.99 -30.45 37.89
CA ALA J 160 -13.30 -30.24 37.26
C ALA J 160 -14.20 -31.42 37.57
N SER J 161 -15.36 -31.13 38.16
CA SER J 161 -16.22 -32.14 38.73
C SER J 161 -17.67 -32.02 38.28
N PHE K 1 19.41 19.16 -13.19
CA PHE K 1 19.39 17.72 -13.39
C PHE K 1 18.80 17.04 -12.18
N THR K 2 18.26 17.85 -11.27
CA THR K 2 17.19 17.35 -10.43
C THR K 2 16.13 16.72 -11.30
N LEU K 3 15.97 17.24 -12.52
CA LEU K 3 15.18 16.56 -13.55
C LEU K 3 15.55 15.08 -13.64
N ILE K 4 16.85 14.78 -13.72
CA ILE K 4 17.26 13.39 -13.62
C ILE K 4 16.69 12.79 -12.34
N GLU K 5 17.08 13.36 -11.20
CA GLU K 5 16.49 12.97 -9.93
C GLU K 5 14.99 12.84 -10.06
N LEU K 6 14.34 13.81 -10.69
CA LEU K 6 12.94 13.65 -11.04
C LEU K 6 12.73 12.44 -11.94
N MET K 7 13.33 12.48 -13.13
CA MET K 7 13.16 11.37 -14.05
C MET K 7 13.61 10.06 -13.42
N ILE K 8 14.59 10.12 -12.51
CA ILE K 8 14.86 8.98 -11.65
C ILE K 8 13.60 8.55 -10.93
N VAL K 9 13.06 9.46 -10.12
CA VAL K 9 11.81 9.17 -9.43
C VAL K 9 10.77 8.70 -10.43
N ILE K 10 10.75 9.33 -11.60
CA ILE K 10 9.94 8.80 -12.68
C ILE K 10 10.43 7.40 -13.05
N ALA K 11 11.73 7.29 -13.33
CA ALA K 11 12.29 6.01 -13.77
C ALA K 11 11.98 4.92 -12.77
N ILE K 12 12.27 5.15 -11.49
CA ILE K 12 12.01 4.12 -10.50
C ILE K 12 10.53 3.83 -10.42
N VAL K 13 9.69 4.86 -10.60
CA VAL K 13 8.29 4.61 -10.83
C VAL K 13 8.10 3.94 -12.18
N GLY K 14 8.95 4.28 -13.14
CA GLY K 14 8.88 3.71 -14.47
C GLY K 14 8.79 2.19 -14.45
N ILE K 15 9.74 1.57 -13.74
CA ILE K 15 9.78 0.11 -13.63
C ILE K 15 9.27 -0.35 -12.27
N LEU K 16 8.30 0.36 -11.73
CA LEU K 16 7.74 0.03 -10.43
C LEU K 16 6.29 -0.45 -10.55
N ALA K 17 5.63 -0.05 -11.64
CA ALA K 17 4.24 -0.44 -11.88
C ALA K 17 4.16 -1.59 -12.86
N ALA K 18 5.17 -2.46 -12.85
CA ALA K 18 5.21 -3.60 -13.74
C ALA K 18 5.93 -4.78 -13.12
N VAL K 19 5.25 -5.93 -13.11
CA VAL K 19 5.76 -7.20 -12.57
C VAL K 19 6.03 -7.26 -11.05
N ALA K 20 5.47 -6.33 -10.31
CA ALA K 20 5.66 -6.27 -8.86
C ALA K 20 4.46 -6.87 -8.13
N LEU K 21 3.79 -7.82 -8.77
CA LEU K 21 2.64 -8.48 -8.18
C LEU K 21 2.66 -9.98 -8.43
N PRO K 22 3.19 -10.73 -7.46
CA PRO K 22 3.27 -12.18 -7.57
C PRO K 22 1.92 -12.83 -7.37
N ALA K 23 1.71 -14.00 -7.97
CA ALA K 23 0.92 -15.07 -7.36
C ALA K 23 -0.46 -14.72 -6.83
N TYR K 24 -1.05 -13.60 -7.21
CA TYR K 24 -2.36 -13.31 -6.65
C TYR K 24 -3.47 -13.98 -7.45
N GLN K 25 -3.31 -14.04 -8.78
CA GLN K 25 -4.19 -14.93 -9.54
C GLN K 25 -3.98 -16.35 -9.05
N ASP K 26 -2.77 -16.64 -8.58
CA ASP K 26 -2.49 -17.87 -7.86
C ASP K 26 -3.29 -17.95 -6.56
N TYR K 27 -3.35 -16.86 -5.81
CA TYR K 27 -3.93 -16.93 -4.48
C TYR K 27 -5.45 -17.03 -4.52
N THR K 28 -6.11 -16.07 -5.19
CA THR K 28 -7.55 -16.13 -5.37
C THR K 28 -7.99 -17.55 -5.71
N ALA K 29 -7.26 -18.16 -6.63
CA ALA K 29 -7.50 -19.54 -7.00
C ALA K 29 -7.75 -20.42 -5.79
N ARG K 30 -6.80 -20.45 -4.86
CA ARG K 30 -6.90 -21.28 -3.67
C ARG K 30 -8.31 -21.21 -3.08
N ALA K 31 -8.73 -20.00 -2.70
CA ALA K 31 -10.07 -19.83 -2.18
C ALA K 31 -11.10 -20.20 -3.25
N GLN K 32 -10.99 -19.59 -4.43
CA GLN K 32 -11.82 -19.97 -5.55
C GLN K 32 -11.86 -21.48 -5.73
N VAL K 33 -10.69 -22.12 -5.68
CA VAL K 33 -10.66 -23.57 -5.51
C VAL K 33 -11.40 -23.96 -4.24
N SER K 34 -10.93 -23.44 -3.10
CA SER K 34 -11.42 -23.92 -1.81
C SER K 34 -12.93 -23.78 -1.71
N GLU K 35 -13.49 -22.77 -2.35
CA GLU K 35 -14.94 -22.71 -2.50
C GLU K 35 -15.49 -24.03 -2.98
N ALA K 36 -14.91 -24.57 -4.06
CA ALA K 36 -15.35 -25.88 -4.54
C ALA K 36 -15.19 -26.94 -3.46
N ILE K 37 -14.13 -26.84 -2.65
CA ILE K 37 -13.93 -27.82 -1.58
C ILE K 37 -15.11 -27.81 -0.64
N LEU K 38 -15.75 -26.66 -0.48
CA LEU K 38 -16.72 -26.48 0.60
C LEU K 38 -17.96 -27.34 0.42
N LEU K 39 -18.17 -27.89 -0.79
CA LEU K 39 -19.52 -28.31 -1.13
C LEU K 39 -19.71 -29.81 -0.93
N ALA K 40 -18.91 -30.63 -1.63
CA ALA K 40 -19.06 -32.08 -1.58
C ALA K 40 -18.86 -32.66 -0.20
N GLU K 41 -18.42 -31.83 0.74
CA GLU K 41 -18.19 -32.25 2.11
C GLU K 41 -19.37 -33.04 2.66
N GLY K 42 -20.58 -32.52 2.51
CA GLY K 42 -21.74 -33.20 3.05
C GLY K 42 -21.96 -34.57 2.45
N GLN K 43 -21.53 -34.77 1.20
CA GLN K 43 -21.71 -36.07 0.55
C GLN K 43 -21.03 -37.17 1.34
N LYS K 44 -19.93 -36.84 2.02
CA LYS K 44 -19.17 -37.79 2.81
C LYS K 44 -20.02 -38.62 3.74
N SER K 45 -21.14 -38.07 4.21
CA SER K 45 -21.97 -38.77 5.18
C SER K 45 -22.56 -40.04 4.61
N ALA K 46 -23.44 -39.92 3.63
CA ALA K 46 -24.06 -41.10 3.05
C ALA K 46 -23.01 -42.01 2.45
N VAL K 47 -21.97 -41.41 1.86
CA VAL K 47 -20.80 -42.16 1.47
C VAL K 47 -20.30 -43.01 2.63
N THR K 48 -20.04 -42.37 3.77
CA THR K 48 -19.74 -43.12 4.98
C THR K 48 -20.87 -44.07 5.30
N GLU K 49 -22.10 -43.54 5.41
CA GLU K 49 -23.27 -44.34 5.73
C GLU K 49 -23.36 -45.56 4.84
N TYR K 50 -23.22 -45.35 3.52
CA TYR K 50 -23.13 -46.46 2.61
C TYR K 50 -22.03 -47.42 3.04
N TYR K 51 -20.83 -46.88 3.25
CA TYR K 51 -19.76 -47.69 3.82
C TYR K 51 -20.13 -48.14 5.22
N LEU K 52 -20.88 -47.30 5.94
CA LEU K 52 -21.27 -47.62 7.30
C LEU K 52 -22.26 -48.75 7.31
N ASN K 53 -23.39 -48.54 6.63
CA ASN K 53 -24.33 -49.62 6.42
C ASN K 53 -23.62 -50.87 5.90
N HIS K 54 -23.00 -50.75 4.73
CA HIS K 54 -22.58 -51.93 3.98
C HIS K 54 -21.25 -52.47 4.47
N GLY K 55 -20.31 -51.59 4.79
CA GLY K 55 -18.91 -51.93 4.80
C GLY K 55 -18.19 -51.62 3.51
N GLU K 56 -18.92 -51.15 2.50
CA GLU K 56 -18.37 -50.75 1.22
C GLU K 56 -18.72 -49.29 0.96
N TRP K 57 -17.77 -48.54 0.42
CA TRP K 57 -18.10 -47.20 0.03
C TRP K 57 -19.13 -47.24 -1.09
N PRO K 58 -19.82 -46.15 -1.34
CA PRO K 58 -20.70 -46.09 -2.49
C PRO K 58 -19.89 -45.83 -3.74
N GLY K 59 -20.09 -46.68 -4.75
CA GLY K 59 -19.40 -46.49 -6.00
C GLY K 59 -19.48 -45.06 -6.49
N ASP K 60 -20.53 -44.36 -6.12
CA ASP K 60 -20.70 -42.98 -6.51
C ASP K 60 -21.83 -42.38 -5.68
N ASN K 61 -22.25 -41.19 -6.11
CA ASN K 61 -23.46 -40.55 -5.64
C ASN K 61 -24.66 -41.48 -5.71
N SER K 62 -24.86 -42.13 -6.85
CA SER K 62 -26.04 -42.97 -7.07
C SER K 62 -25.98 -44.25 -6.27
N SER K 63 -24.82 -44.90 -6.22
CA SER K 63 -24.62 -46.00 -5.30
C SER K 63 -25.02 -45.58 -3.89
N ALA K 64 -24.47 -44.47 -3.42
CA ALA K 64 -24.97 -43.88 -2.19
C ALA K 64 -26.43 -43.47 -2.33
N GLY K 65 -26.86 -43.16 -3.54
CA GLY K 65 -28.17 -42.59 -3.74
C GLY K 65 -28.23 -41.10 -3.55
N VAL K 66 -27.14 -40.40 -3.80
CA VAL K 66 -27.06 -38.98 -3.47
C VAL K 66 -26.74 -38.15 -4.70
N ALA K 67 -26.64 -36.84 -4.50
CA ALA K 67 -26.58 -35.88 -5.59
C ALA K 67 -25.37 -36.12 -6.48
N THR K 68 -25.62 -36.32 -7.77
CA THR K 68 -24.62 -36.82 -8.70
C THR K 68 -23.63 -35.73 -9.11
N SER K 69 -22.80 -36.06 -10.11
CA SER K 69 -21.78 -35.15 -10.62
C SER K 69 -22.36 -33.78 -10.92
N ALA K 70 -23.25 -33.73 -11.90
CA ALA K 70 -23.93 -32.49 -12.27
C ALA K 70 -24.92 -32.04 -11.20
N ASP K 71 -25.16 -32.86 -10.19
CA ASP K 71 -25.84 -32.37 -9.02
C ASP K 71 -24.88 -31.59 -8.17
N ILE K 72 -25.23 -31.48 -6.90
CA ILE K 72 -25.08 -30.27 -6.10
C ILE K 72 -23.92 -29.39 -6.55
N LYS K 73 -24.21 -28.12 -6.86
CA LYS K 73 -23.27 -27.22 -7.51
C LYS K 73 -23.65 -25.77 -7.28
N GLY K 74 -22.82 -24.90 -7.87
CA GLY K 74 -23.02 -23.46 -7.82
C GLY K 74 -21.80 -22.74 -8.38
N LYS K 75 -21.37 -21.70 -7.66
CA LYS K 75 -20.15 -20.99 -8.00
C LYS K 75 -18.93 -21.89 -7.86
N TYR K 76 -18.04 -21.80 -8.85
CA TYR K 76 -16.77 -22.51 -8.82
C TYR K 76 -16.96 -24.01 -8.74
N VAL K 77 -18.19 -24.49 -8.95
CA VAL K 77 -18.51 -25.90 -8.85
C VAL K 77 -19.31 -26.28 -10.09
N GLN K 78 -18.66 -26.91 -11.05
CA GLN K 78 -19.36 -27.40 -12.21
C GLN K 78 -19.48 -28.91 -12.23
N SER K 79 -19.19 -29.56 -11.11
CA SER K 79 -19.50 -30.96 -10.89
C SER K 79 -19.20 -31.28 -9.44
N VAL K 80 -19.87 -32.31 -8.92
CA VAL K 80 -19.62 -32.85 -7.59
C VAL K 80 -19.88 -34.35 -7.64
N THR K 81 -18.84 -35.15 -7.44
CA THR K 81 -18.94 -36.56 -7.80
C THR K 81 -18.29 -37.45 -6.76
N VAL K 82 -18.86 -38.62 -6.56
CA VAL K 82 -18.30 -39.66 -5.67
C VAL K 82 -17.77 -40.79 -6.52
N ALA K 83 -16.66 -41.39 -6.08
CA ALA K 83 -16.02 -42.48 -6.81
C ALA K 83 -15.65 -43.58 -5.84
N ASN K 84 -16.51 -44.59 -5.70
CA ASN K 84 -16.28 -45.65 -4.73
C ASN K 84 -16.05 -45.05 -3.35
N GLY K 85 -16.93 -44.13 -2.97
CA GLY K 85 -16.73 -43.37 -1.78
C GLY K 85 -15.75 -42.23 -1.90
N VAL K 86 -15.04 -42.12 -3.02
CA VAL K 86 -14.12 -41.01 -3.22
C VAL K 86 -14.83 -39.89 -3.92
N ILE K 87 -14.93 -38.73 -3.28
CA ILE K 87 -15.80 -37.66 -3.71
C ILE K 87 -14.96 -36.57 -4.35
N THR K 88 -15.54 -35.87 -5.34
CA THR K 88 -14.76 -34.91 -6.10
C THR K 88 -15.68 -33.86 -6.69
N ALA K 89 -15.16 -32.64 -6.80
CA ALA K 89 -15.91 -31.53 -7.39
C ALA K 89 -14.97 -30.72 -8.28
N GLN K 90 -15.53 -29.99 -9.24
CA GLN K 90 -14.71 -29.30 -10.22
C GLN K 90 -14.86 -27.79 -10.15
N MET K 91 -13.77 -27.10 -10.46
CA MET K 91 -13.83 -25.66 -10.59
C MET K 91 -14.73 -25.26 -11.75
N ALA K 92 -15.27 -24.05 -11.64
CA ALA K 92 -16.00 -23.48 -12.74
C ALA K 92 -15.07 -23.25 -13.93
N SER K 93 -15.66 -22.85 -15.04
CA SER K 93 -14.89 -22.58 -16.23
C SER K 93 -14.84 -21.10 -16.59
N SER K 94 -14.96 -20.21 -15.61
CA SER K 94 -14.93 -18.77 -15.88
C SER K 94 -14.98 -18.01 -14.56
N ASN K 95 -14.65 -16.72 -14.64
CA ASN K 95 -14.63 -15.84 -13.46
C ASN K 95 -13.77 -16.42 -12.37
N VAL K 96 -12.82 -17.25 -12.77
CA VAL K 96 -11.93 -17.94 -11.87
C VAL K 96 -10.54 -17.39 -12.12
N ASN K 97 -9.61 -17.86 -11.31
CA ASN K 97 -8.26 -17.92 -11.82
C ASN K 97 -8.27 -18.64 -13.14
N ASN K 98 -7.91 -17.91 -14.20
CA ASN K 98 -7.77 -18.50 -15.52
C ASN K 98 -7.02 -19.82 -15.45
N GLU K 99 -6.12 -19.95 -14.48
CA GLU K 99 -5.37 -21.18 -14.29
C GLU K 99 -6.27 -22.32 -13.84
N ILE K 100 -6.83 -22.20 -12.64
CA ILE K 100 -7.52 -23.30 -11.99
C ILE K 100 -8.83 -23.58 -12.68
N LYS K 101 -9.10 -22.84 -13.74
CA LYS K 101 -10.37 -22.96 -14.42
C LYS K 101 -10.71 -24.42 -14.68
N SER K 102 -11.83 -24.85 -14.10
CA SER K 102 -12.34 -26.21 -14.28
C SER K 102 -11.36 -27.26 -13.75
N LYS K 103 -11.20 -27.27 -12.43
CA LYS K 103 -10.29 -28.20 -11.78
C LYS K 103 -10.94 -28.90 -10.59
N LYS K 104 -10.39 -30.05 -10.21
CA LYS K 104 -10.97 -30.92 -9.21
C LYS K 104 -9.95 -31.37 -8.18
N LEU K 105 -10.46 -32.04 -7.15
CA LEU K 105 -9.63 -32.84 -6.27
C LEU K 105 -10.54 -33.77 -5.50
N SER K 106 -10.09 -35.01 -5.37
CA SER K 106 -10.93 -36.05 -4.79
C SER K 106 -10.94 -36.00 -3.27
N LEU K 107 -11.71 -36.90 -2.69
CA LEU K 107 -11.98 -36.92 -1.26
C LEU K 107 -12.18 -38.38 -0.87
N TRP K 108 -11.17 -38.98 -0.27
CA TRP K 108 -11.17 -40.42 -0.09
C TRP K 108 -10.79 -40.78 1.32
N ALA K 109 -11.61 -41.59 1.95
CA ALA K 109 -11.43 -42.00 3.33
C ALA K 109 -11.01 -43.45 3.38
N LYS K 110 -9.92 -43.72 4.09
CA LYS K 110 -9.39 -45.08 4.20
C LYS K 110 -9.29 -45.44 5.68
N ARG K 111 -9.67 -46.68 6.00
CA ARG K 111 -10.15 -47.01 7.33
C ARG K 111 -9.01 -46.97 8.36
N GLN K 112 -9.34 -46.50 9.57
CA GLN K 112 -8.38 -46.10 10.58
C GLN K 112 -8.35 -47.06 11.76
N ASN K 113 -7.40 -46.81 12.68
CA ASN K 113 -7.64 -47.17 14.07
C ASN K 113 -9.00 -46.67 14.49
N GLY K 114 -9.26 -45.40 14.21
CA GLY K 114 -10.60 -44.86 14.27
C GLY K 114 -11.41 -45.45 13.13
N SER K 115 -12.41 -44.71 12.69
CA SER K 115 -13.17 -45.23 11.57
C SER K 115 -12.33 -45.18 10.31
N VAL K 116 -11.96 -43.99 9.88
CA VAL K 116 -11.51 -43.82 8.51
C VAL K 116 -10.92 -42.43 8.42
N LYS K 117 -10.00 -42.19 7.49
CA LYS K 117 -9.57 -40.82 7.27
C LYS K 117 -9.70 -40.43 5.82
N TRP K 118 -10.52 -39.40 5.60
CA TRP K 118 -10.66 -38.76 4.31
C TRP K 118 -9.38 -38.05 3.91
N PHE K 119 -9.39 -37.45 2.73
CA PHE K 119 -8.27 -36.64 2.27
C PHE K 119 -8.74 -35.62 1.26
N CYS K 120 -8.52 -34.37 1.59
CA CYS K 120 -8.67 -33.28 0.63
C CYS K 120 -7.44 -33.29 -0.27
N GLY K 121 -7.61 -33.78 -1.49
CA GLY K 121 -6.48 -33.80 -2.38
C GLY K 121 -6.88 -34.31 -3.74
N GLN K 122 -5.86 -34.54 -4.55
CA GLN K 122 -5.97 -34.66 -6.00
C GLN K 122 -7.10 -35.55 -6.47
N PRO K 123 -7.71 -35.22 -7.61
CA PRO K 123 -8.71 -36.09 -8.21
C PRO K 123 -8.20 -37.51 -8.30
N VAL K 124 -8.83 -38.40 -7.55
CA VAL K 124 -8.47 -39.81 -7.50
C VAL K 124 -9.77 -40.58 -7.35
N THR K 125 -9.69 -41.91 -7.33
CA THR K 125 -10.89 -42.73 -7.20
C THR K 125 -10.55 -44.01 -6.46
N ARG K 126 -11.52 -44.55 -5.75
CA ARG K 126 -11.25 -45.75 -4.98
C ARG K 126 -11.31 -46.97 -5.86
N THR K 127 -10.35 -47.86 -5.66
CA THR K 127 -10.23 -49.07 -6.47
C THR K 127 -11.57 -49.77 -6.56
N THR K 128 -12.21 -50.01 -5.43
CA THR K 128 -13.56 -50.53 -5.42
C THR K 128 -14.38 -49.76 -4.42
N ALA K 129 -15.68 -49.70 -4.67
CA ALA K 129 -16.63 -49.25 -3.66
C ALA K 129 -16.44 -50.05 -2.37
N THR K 130 -16.09 -51.33 -2.52
CA THR K 130 -15.81 -52.16 -1.35
C THR K 130 -14.55 -51.71 -0.64
N ALA K 131 -13.54 -51.26 -1.39
CA ALA K 131 -12.23 -51.02 -0.83
C ALA K 131 -12.22 -49.78 0.05
N THR K 132 -11.03 -49.43 0.51
CA THR K 132 -10.74 -48.09 1.00
C THR K 132 -9.66 -47.45 0.14
N ASP K 133 -8.65 -48.23 -0.26
CA ASP K 133 -7.57 -47.74 -1.10
C ASP K 133 -8.12 -47.18 -2.42
N VAL K 134 -7.55 -46.06 -2.83
CA VAL K 134 -8.08 -45.32 -3.96
C VAL K 134 -6.98 -45.10 -4.98
N ALA K 135 -7.39 -44.85 -6.22
CA ALA K 135 -6.50 -44.81 -7.37
C ALA K 135 -6.37 -43.38 -7.88
N ALA K 136 -5.15 -42.99 -8.18
CA ALA K 136 -4.85 -41.62 -8.56
C ALA K 136 -5.29 -41.37 -9.99
N ALA K 137 -6.60 -41.46 -10.24
CA ALA K 137 -7.15 -41.19 -11.57
C ALA K 137 -6.97 -39.70 -11.81
N ASN K 138 -5.93 -39.34 -12.57
CA ASN K 138 -5.38 -38.00 -12.52
C ASN K 138 -5.99 -37.05 -13.55
N GLY K 139 -6.71 -37.58 -14.54
CA GLY K 139 -7.34 -36.75 -15.54
C GLY K 139 -6.36 -35.79 -16.19
N LYS K 140 -5.13 -36.25 -16.34
CA LYS K 140 -4.06 -35.44 -16.92
C LYS K 140 -3.90 -34.13 -16.16
N THR K 141 -4.20 -34.19 -14.87
CA THR K 141 -3.90 -33.15 -13.91
C THR K 141 -4.62 -31.84 -14.17
N ASP K 142 -5.40 -31.74 -15.25
CA ASP K 142 -6.14 -30.49 -15.45
C ASP K 142 -7.05 -30.26 -14.27
N ASP K 143 -8.01 -31.16 -14.05
CA ASP K 143 -8.82 -31.08 -12.86
C ASP K 143 -7.96 -31.13 -11.60
N LYS K 144 -6.90 -31.93 -11.60
CA LYS K 144 -5.97 -31.87 -10.49
C LYS K 144 -5.53 -30.43 -10.28
N ILE K 145 -5.30 -30.08 -9.03
CA ILE K 145 -5.12 -28.69 -8.66
C ILE K 145 -3.71 -28.49 -8.15
N ASN K 146 -3.10 -27.38 -8.55
CA ASN K 146 -1.76 -27.04 -8.11
C ASN K 146 -1.67 -27.01 -6.61
N THR K 147 -0.79 -27.84 -6.05
CA THR K 147 -0.51 -27.76 -4.63
C THR K 147 -0.12 -26.35 -4.22
N LYS K 148 0.53 -25.61 -5.11
CA LYS K 148 0.66 -24.19 -4.87
C LYS K 148 -0.71 -23.53 -4.82
N HIS K 149 -1.46 -23.62 -5.92
CA HIS K 149 -2.83 -23.13 -5.92
C HIS K 149 -3.72 -23.90 -4.97
N LEU K 150 -3.21 -24.90 -4.34
CA LEU K 150 -3.88 -25.44 -3.18
C LEU K 150 -3.25 -24.88 -1.93
N PRO K 151 -3.98 -24.83 -0.85
CA PRO K 151 -3.34 -24.55 0.43
C PRO K 151 -2.43 -25.69 0.86
N SER K 152 -1.70 -25.47 1.96
CA SER K 152 -0.68 -26.42 2.37
C SER K 152 -1.29 -27.78 2.67
N THR K 153 -2.39 -27.82 3.40
CA THR K 153 -2.96 -29.10 3.80
C THR K 153 -3.51 -29.87 2.61
N CYS K 154 -4.44 -29.26 1.86
CA CYS K 154 -5.23 -30.00 0.89
C CYS K 154 -4.32 -30.34 -0.27
N ARG K 155 -3.36 -31.22 -0.01
CA ARG K 155 -2.38 -31.64 -0.99
C ARG K 155 -2.27 -33.16 -1.02
N ASP K 156 -3.39 -33.85 -1.20
CA ASP K 156 -3.44 -35.30 -1.00
C ASP K 156 -3.54 -36.05 -2.33
N ASP K 157 -2.84 -37.18 -2.41
CA ASP K 157 -2.95 -38.12 -3.50
C ASP K 157 -3.71 -39.37 -3.06
N SER K 158 -4.26 -40.08 -4.03
CA SER K 158 -4.94 -41.34 -3.79
C SER K 158 -4.24 -42.17 -2.73
N SER K 159 -2.91 -42.26 -2.87
CA SER K 159 -2.06 -42.85 -1.86
C SER K 159 -2.42 -42.45 -0.44
N ALA K 160 -2.96 -41.24 -0.24
CA ALA K 160 -3.35 -40.83 1.10
C ALA K 160 -4.36 -41.80 1.68
N SER K 161 -4.03 -42.35 2.83
CA SER K 161 -4.77 -43.47 3.39
C SER K 161 -5.16 -43.28 4.85
N PHE L 1 19.31 31.66 -15.92
CA PHE L 1 17.99 31.14 -16.24
C PHE L 1 17.91 29.67 -15.89
N THR L 2 18.95 29.18 -15.22
CA THR L 2 18.74 28.04 -14.35
C THR L 2 17.57 28.32 -13.42
N LEU L 3 17.36 29.60 -13.09
CA LEU L 3 16.13 30.02 -12.44
C LEU L 3 14.90 29.47 -13.16
N ILE L 4 14.87 29.61 -14.49
CA ILE L 4 13.81 28.93 -15.22
C ILE L 4 13.84 27.45 -14.88
N GLU L 5 14.96 26.79 -15.19
CA GLU L 5 15.16 25.42 -14.78
C GLU L 5 14.70 25.21 -13.33
N LEU L 6 15.08 26.12 -12.44
CA LEU L 6 14.51 26.12 -11.11
C LEU L 6 12.99 26.28 -11.17
N MET L 7 12.54 27.43 -11.68
CA MET L 7 11.11 27.67 -11.73
C MET L 7 10.41 26.58 -12.53
N ILE L 8 11.10 25.97 -13.50
CA ILE L 8 10.62 24.73 -14.09
C ILE L 8 10.38 23.70 -13.01
N VAL L 9 11.45 23.34 -12.30
CA VAL L 9 11.31 22.40 -11.19
C VAL L 9 10.22 22.88 -10.25
N ILE L 10 10.16 24.18 -10.02
CA ILE L 10 9.01 24.73 -9.32
C ILE L 10 7.75 24.46 -10.12
N ALA L 11 7.75 24.87 -11.39
CA ALA L 11 6.56 24.73 -12.22
C ALA L 11 6.08 23.29 -12.25
N ILE L 12 6.98 22.35 -12.53
CA ILE L 12 6.54 20.96 -12.58
C ILE L 12 6.06 20.51 -11.22
N VAL L 13 6.68 21.02 -10.15
CA VAL L 13 6.09 20.87 -8.84
C VAL L 13 4.81 21.68 -8.75
N GLY L 14 4.79 22.81 -9.45
CA GLY L 14 3.63 23.68 -9.45
C GLY L 14 2.33 22.93 -9.74
N ILE L 15 2.34 22.17 -10.84
CA ILE L 15 1.17 21.40 -11.25
C ILE L 15 1.37 19.92 -10.94
N LEU L 16 2.06 19.63 -9.85
CA LEU L 16 2.32 18.25 -9.45
C LEU L 16 1.59 17.89 -8.16
N ALA L 17 1.25 18.91 -7.37
CA ALA L 17 0.55 18.70 -6.11
C ALA L 17 -0.94 18.99 -6.27
N ALA L 18 -1.47 18.73 -7.47
CA ALA L 18 -2.88 18.97 -7.73
C ALA L 18 -3.44 17.99 -8.75
N VAL L 19 -4.53 17.32 -8.38
CA VAL L 19 -5.24 16.33 -9.22
C VAL L 19 -4.47 15.04 -9.57
N ALA L 20 -3.41 14.75 -8.82
CA ALA L 20 -2.61 13.56 -9.07
C ALA L 20 -2.97 12.44 -8.10
N LEU L 21 -4.23 12.43 -7.65
CA LEU L 21 -4.70 11.42 -6.71
C LEU L 21 -6.08 10.92 -7.10
N PRO L 22 -6.14 9.82 -7.84
CA PRO L 22 -7.41 9.24 -8.28
C PRO L 22 -8.11 8.54 -7.14
N ALA L 23 -9.44 8.46 -7.19
CA ALA L 23 -10.19 7.29 -6.72
C ALA L 23 -9.89 6.78 -5.32
N TYR L 24 -9.24 7.54 -4.46
CA TYR L 24 -8.96 6.98 -3.15
C TYR L 24 -10.15 7.16 -2.20
N GLN L 25 -10.82 8.31 -2.30
CA GLN L 25 -12.12 8.41 -1.63
C GLN L 25 -13.04 7.34 -2.21
N ASP L 26 -12.83 6.99 -3.47
CA ASP L 26 -13.45 5.83 -4.08
C ASP L 26 -13.01 4.54 -3.39
N TYR L 27 -11.73 4.40 -3.09
CA TYR L 27 -11.23 3.12 -2.62
C TYR L 27 -11.62 2.86 -1.18
N THR L 28 -11.27 3.79 -0.28
CA THR L 28 -11.68 3.68 1.12
C THR L 28 -13.13 3.22 1.21
N ALA L 29 -13.97 3.84 0.40
CA ALA L 29 -15.37 3.47 0.31
C ALA L 29 -15.56 1.96 0.28
N ARG L 30 -14.94 1.31 -0.70
CA ARG L 30 -15.06 -0.14 -0.86
C ARG L 30 -14.98 -0.84 0.49
N ALA L 31 -13.84 -0.67 1.17
CA ALA L 31 -13.70 -1.26 2.50
C ALA L 31 -14.73 -0.68 3.45
N GLN L 32 -14.78 0.65 3.55
CA GLN L 32 -15.83 1.31 4.32
C GLN L 32 -17.20 0.73 4.00
N VAL L 33 -17.50 0.57 2.70
CA VAL L 33 -18.63 -0.26 2.30
C VAL L 33 -18.47 -1.66 2.86
N SER L 34 -17.37 -2.32 2.48
CA SER L 34 -17.21 -3.74 2.78
C SER L 34 -17.34 -4.01 4.27
N GLU L 35 -16.90 -3.06 5.10
CA GLU L 35 -17.20 -3.15 6.52
C GLU L 35 -18.67 -3.46 6.74
N ALA L 36 -19.54 -2.68 6.11
CA ALA L 36 -20.97 -2.97 6.22
C ALA L 36 -21.30 -4.37 5.77
N ILE L 37 -20.61 -4.85 4.72
CA ILE L 37 -20.87 -6.21 4.24
C ILE L 37 -20.61 -7.23 5.34
N LEU L 38 -19.68 -6.91 6.23
CA LEU L 38 -19.17 -7.92 7.15
C LEU L 38 -20.23 -8.37 8.15
N LEU L 39 -21.32 -7.63 8.28
CA LEU L 39 -22.11 -7.75 9.50
C LEU L 39 -23.32 -8.66 9.31
N ALA L 40 -24.21 -8.32 8.36
CA ALA L 40 -25.44 -9.08 8.15
C ALA L 40 -25.20 -10.52 7.74
N GLU L 41 -23.94 -10.86 7.47
CA GLU L 41 -23.57 -12.20 7.08
C GLU L 41 -24.19 -13.25 8.00
N GLY L 42 -24.05 -13.07 9.31
CA GLY L 42 -24.57 -14.06 10.24
C GLY L 42 -26.07 -14.23 10.14
N GLN L 43 -26.78 -13.17 9.74
CA GLN L 43 -28.23 -13.25 9.64
C GLN L 43 -28.64 -14.34 8.66
N LYS L 44 -27.82 -14.59 7.65
CA LYS L 44 -28.09 -15.60 6.63
C LYS L 44 -28.48 -16.94 7.21
N SER L 45 -27.99 -17.27 8.40
CA SER L 45 -28.25 -18.58 8.99
C SER L 45 -29.72 -18.79 9.27
N ALA L 46 -30.28 -18.03 10.21
CA ALA L 46 -31.69 -18.20 10.55
C ALA L 46 -32.55 -17.94 9.33
N VAL L 47 -32.14 -16.97 8.51
CA VAL L 47 -32.75 -16.79 7.19
C VAL L 47 -32.79 -18.12 6.46
N THR L 48 -31.63 -18.75 6.31
CA THR L 48 -31.60 -20.10 5.77
C THR L 48 -32.45 -21.03 6.62
N GLU L 49 -32.18 -21.07 7.93
CA GLU L 49 -32.93 -21.92 8.86
C GLU L 49 -34.43 -21.74 8.68
N TYR L 50 -34.87 -20.49 8.66
CA TYR L 50 -36.26 -20.21 8.35
C TYR L 50 -36.64 -20.86 7.03
N TYR L 51 -35.86 -20.57 5.98
CA TYR L 51 -36.05 -21.28 4.73
C TYR L 51 -35.80 -22.77 4.91
N LEU L 52 -34.88 -23.11 5.80
CA LEU L 52 -34.53 -24.50 6.03
C LEU L 52 -35.67 -25.21 6.71
N ASN L 53 -36.05 -24.72 7.88
CA ASN L 53 -37.24 -25.19 8.55
C ASN L 53 -38.42 -25.23 7.58
N HIS L 54 -38.79 -24.06 7.06
CA HIS L 54 -40.08 -23.91 6.40
C HIS L 54 -40.05 -24.36 4.95
N GLY L 55 -38.97 -24.05 4.25
CA GLY L 55 -38.98 -24.02 2.80
C GLY L 55 -39.23 -22.62 2.26
N GLU L 56 -39.47 -21.65 3.13
CA GLU L 56 -39.67 -20.26 2.76
C GLU L 56 -38.64 -19.41 3.47
N TRP L 57 -38.09 -18.43 2.76
CA TRP L 57 -37.23 -17.49 3.43
C TRP L 57 -38.01 -16.71 4.46
N PRO L 58 -37.33 -16.10 5.42
CA PRO L 58 -38.04 -15.22 6.35
C PRO L 58 -38.28 -13.88 5.68
N GLY L 59 -39.55 -13.45 5.71
CA GLY L 59 -39.88 -12.16 5.15
C GLY L 59 -38.93 -11.08 5.61
N ASP L 60 -38.36 -11.24 6.79
CA ASP L 60 -37.42 -10.27 7.30
C ASP L 60 -36.71 -10.89 8.51
N ASN L 61 -36.00 -10.02 9.22
CA ASN L 61 -35.45 -10.33 10.53
C ASN L 61 -36.50 -10.91 11.46
N SER L 62 -37.66 -10.26 11.56
CA SER L 62 -38.69 -10.67 12.51
C SER L 62 -39.37 -11.96 12.08
N SER L 63 -39.68 -12.11 10.81
CA SER L 63 -40.11 -13.40 10.29
C SER L 63 -39.12 -14.48 10.72
N ALA L 64 -37.84 -14.27 10.43
CA ALA L 64 -36.83 -15.14 11.00
C ALA L 64 -36.83 -15.07 12.52
N GLY L 65 -37.25 -13.94 13.07
CA GLY L 65 -37.12 -13.71 14.49
C GLY L 65 -35.78 -13.18 14.91
N VAL L 66 -35.09 -12.45 14.04
CA VAL L 66 -33.73 -12.05 14.30
C VAL L 66 -33.57 -10.53 14.25
N ALA L 67 -32.35 -10.08 14.46
CA ALA L 67 -32.07 -8.66 14.70
C ALA L 67 -32.49 -7.80 13.51
N THR L 68 -33.36 -6.83 13.77
CA THR L 68 -34.05 -6.09 12.73
C THR L 68 -33.15 -5.06 12.05
N SER L 69 -33.77 -4.21 11.22
CA SER L 69 -33.06 -3.18 10.48
C SER L 69 -32.17 -2.37 11.38
N ALA L 70 -32.78 -1.64 12.32
CA ALA L 70 -32.05 -0.84 13.30
C ALA L 70 -31.33 -1.71 14.31
N ASP L 71 -31.56 -3.02 14.29
CA ASP L 71 -30.69 -3.90 15.02
C ASP L 71 -29.42 -4.11 14.23
N ILE L 72 -28.75 -5.21 14.53
CA ILE L 72 -27.31 -5.31 14.66
C ILE L 72 -26.57 -4.31 13.76
N LYS L 73 -25.72 -3.48 14.38
CA LYS L 73 -25.10 -2.34 13.72
C LYS L 73 -23.82 -1.91 14.43
N GLY L 74 -23.24 -0.85 13.87
CA GLY L 74 -22.03 -0.23 14.41
C GLY L 74 -21.47 0.79 13.43
N LYS L 75 -20.15 0.72 13.25
CA LYS L 75 -19.49 1.56 12.26
C LYS L 75 -19.95 1.22 10.84
N TYR L 76 -20.20 2.26 10.06
CA TYR L 76 -20.55 2.10 8.65
C TYR L 76 -21.81 1.29 8.46
N VAL L 77 -22.54 1.04 9.54
CA VAL L 77 -23.76 0.23 9.50
C VAL L 77 -24.84 0.99 10.24
N GLN L 78 -25.74 1.62 9.50
CA GLN L 78 -26.86 2.29 10.12
C GLN L 78 -28.17 1.57 9.86
N SER L 79 -28.10 0.34 9.36
CA SER L 79 -29.24 -0.57 9.31
C SER L 79 -28.72 -1.93 8.87
N VAL L 80 -29.45 -2.98 9.25
CA VAL L 80 -29.20 -4.35 8.80
C VAL L 80 -30.54 -5.06 8.69
N THR L 81 -30.92 -5.44 7.47
CA THR L 81 -32.32 -5.81 7.24
C THR L 81 -32.42 -7.02 6.34
N VAL L 82 -33.42 -7.86 6.60
CA VAL L 82 -33.73 -9.01 5.76
C VAL L 82 -35.02 -8.73 4.99
N ALA L 83 -35.10 -9.22 3.77
CA ALA L 83 -36.26 -8.99 2.92
C ALA L 83 -36.63 -10.30 2.23
N ASN L 84 -37.58 -11.04 2.81
CA ASN L 84 -37.95 -12.35 2.27
C ASN L 84 -36.71 -13.22 2.13
N GLY L 85 -35.91 -13.26 3.19
CA GLY L 85 -34.62 -13.89 3.13
C GLY L 85 -33.54 -13.07 2.47
N VAL L 86 -33.87 -11.94 1.87
CA VAL L 86 -32.86 -11.09 1.25
C VAL L 86 -32.40 -10.06 2.26
N ILE L 87 -31.12 -10.10 2.60
CA ILE L 87 -30.59 -9.36 3.73
C ILE L 87 -29.84 -8.14 3.22
N THR L 88 -29.85 -7.06 4.00
CA THR L 88 -29.28 -5.81 3.51
C THR L 88 -28.86 -4.95 4.70
N ALA L 89 -27.79 -4.19 4.50
CA ALA L 89 -27.29 -3.28 5.53
C ALA L 89 -26.87 -1.97 4.85
N GLN L 90 -26.84 -0.88 5.63
CA GLN L 90 -26.59 0.43 5.05
C GLN L 90 -25.31 1.05 5.57
N MET L 91 -24.68 1.84 4.70
CA MET L 91 -23.54 2.63 5.11
C MET L 91 -23.94 3.66 6.14
N ALA L 92 -22.97 4.05 6.95
CA ALA L 92 -23.18 5.16 7.86
C ALA L 92 -23.41 6.44 7.07
N SER L 93 -23.73 7.50 7.80
CA SER L 93 -23.96 8.79 7.18
C SER L 93 -22.88 9.81 7.50
N SER L 94 -21.66 9.37 7.80
CA SER L 94 -20.58 10.29 8.13
C SER L 94 -19.28 9.50 8.30
N ASN L 95 -18.16 10.23 8.30
CA ASN L 95 -16.84 9.64 8.45
C ASN L 95 -16.61 8.56 7.41
N VAL L 96 -17.34 8.67 6.32
CA VAL L 96 -17.30 7.71 5.24
C VAL L 96 -16.69 8.41 4.04
N ASN L 97 -16.52 7.65 2.98
CA ASN L 97 -16.56 8.29 1.68
C ASN L 97 -17.84 9.08 1.58
N ASN L 98 -17.68 10.39 1.47
CA ASN L 98 -18.81 11.28 1.25
C ASN L 98 -19.75 10.72 0.20
N GLU L 99 -19.20 9.97 -0.75
CA GLU L 99 -20.00 9.35 -1.80
C GLU L 99 -20.91 8.28 -1.23
N ILE L 100 -20.31 7.19 -0.71
CA ILE L 100 -21.04 5.99 -0.34
C ILE L 100 -21.89 6.24 0.89
N LYS L 101 -21.84 7.46 1.39
CA LYS L 101 -22.52 7.78 2.61
C LYS L 101 -23.94 7.24 2.60
N SER L 102 -24.23 6.36 3.54
CA SER L 102 -25.56 5.79 3.72
C SER L 102 -26.00 4.99 2.48
N LYS L 103 -25.32 3.88 2.25
CA LYS L 103 -25.61 3.03 1.12
C LYS L 103 -25.73 1.56 1.52
N LYS L 104 -26.41 0.78 0.68
CA LYS L 104 -26.75 -0.60 0.99
C LYS L 104 -26.43 -1.54 -0.17
N LEU L 105 -26.56 -2.83 0.12
CA LEU L 105 -26.63 -3.83 -0.93
C LEU L 105 -27.22 -5.10 -0.32
N SER L 106 -28.11 -5.73 -1.06
CA SER L 106 -28.86 -6.86 -0.53
C SER L 106 -28.05 -8.14 -0.59
N LEU L 107 -28.67 -9.20 -0.09
CA LEU L 107 -28.03 -10.49 0.10
C LEU L 107 -29.10 -11.55 -0.09
N TRP L 108 -29.11 -12.20 -1.25
CA TRP L 108 -30.24 -13.02 -1.62
C TRP L 108 -29.77 -14.36 -2.14
N ALA L 109 -30.30 -15.43 -1.57
CA ALA L 109 -29.91 -16.79 -1.91
C ALA L 109 -31.03 -17.45 -2.69
N LYS L 110 -30.71 -18.01 -3.84
CA LYS L 110 -31.70 -18.66 -4.68
C LYS L 110 -31.24 -20.09 -4.95
N ARG L 111 -32.20 -21.02 -4.90
CA ARG L 111 -31.89 -22.40 -4.59
C ARG L 111 -31.14 -23.09 -5.72
N GLN L 112 -30.20 -23.96 -5.35
CA GLN L 112 -29.17 -24.50 -6.23
C GLN L 112 -29.38 -25.97 -6.56
N ASN L 113 -28.54 -26.48 -7.46
CA ASN L 113 -28.19 -27.89 -7.39
C ASN L 113 -27.80 -28.24 -5.97
N GLY L 114 -26.93 -27.44 -5.39
CA GLY L 114 -26.70 -27.46 -3.96
C GLY L 114 -27.92 -26.90 -3.26
N SER L 115 -27.70 -26.33 -2.09
CA SER L 115 -28.84 -25.72 -1.43
C SER L 115 -29.28 -24.48 -2.17
N VAL L 116 -28.41 -23.47 -2.22
CA VAL L 116 -28.87 -22.14 -2.55
C VAL L 116 -27.63 -21.30 -2.78
N LYS L 117 -27.73 -20.24 -3.55
CA LYS L 117 -26.59 -19.32 -3.62
C LYS L 117 -27.02 -17.90 -3.31
N TRP L 118 -26.41 -17.35 -2.27
CA TRP L 118 -26.53 -15.95 -1.90
C TRP L 118 -25.89 -15.07 -2.96
N PHE L 119 -25.99 -13.76 -2.73
CA PHE L 119 -25.33 -12.79 -3.60
C PHE L 119 -25.06 -11.52 -2.84
N CYS L 120 -23.78 -11.17 -2.77
CA CYS L 120 -23.38 -9.85 -2.31
C CYS L 120 -23.60 -8.88 -3.45
N GLY L 121 -24.66 -8.08 -3.35
CA GLY L 121 -24.91 -7.13 -4.42
C GLY L 121 -26.09 -6.26 -4.08
N GLN L 122 -26.51 -5.50 -5.09
CA GLN L 122 -27.36 -4.33 -4.94
C GLN L 122 -28.55 -4.53 -4.03
N PRO L 123 -28.95 -3.49 -3.31
CA PRO L 123 -30.18 -3.56 -2.52
C PRO L 123 -31.32 -4.07 -3.37
N VAL L 124 -31.82 -5.24 -3.02
CA VAL L 124 -32.93 -5.88 -3.71
C VAL L 124 -33.75 -6.61 -2.65
N THR L 125 -34.85 -7.24 -3.05
CA THR L 125 -35.70 -7.94 -2.11
C THR L 125 -36.35 -9.12 -2.78
N ARG L 126 -36.63 -10.17 -2.00
CA ARG L 126 -37.21 -11.35 -2.61
C ARG L 126 -38.70 -11.18 -2.80
N THR L 127 -39.17 -11.62 -3.97
CA THR L 127 -40.57 -11.48 -4.33
C THR L 127 -41.45 -11.96 -3.20
N THR L 128 -41.22 -13.15 -2.70
CA THR L 128 -41.90 -13.62 -1.53
C THR L 128 -40.90 -14.26 -0.59
N ALA L 129 -41.22 -14.22 0.71
CA ALA L 129 -40.51 -15.04 1.67
C ALA L 129 -40.52 -16.50 1.24
N THR L 130 -41.60 -16.93 0.59
CA THR L 130 -41.67 -18.28 0.06
C THR L 130 -40.69 -18.48 -1.09
N ALA L 131 -40.50 -17.45 -1.91
CA ALA L 131 -39.76 -17.60 -3.15
C ALA L 131 -38.27 -17.78 -2.90
N THR L 132 -37.53 -17.81 -3.99
CA THR L 132 -36.09 -17.55 -3.97
C THR L 132 -35.77 -16.33 -4.82
N ASP L 133 -36.45 -16.19 -5.96
CA ASP L 133 -36.25 -15.04 -6.83
C ASP L 133 -36.54 -13.73 -6.12
N VAL L 134 -35.70 -12.75 -6.37
CA VAL L 134 -35.73 -11.50 -5.61
C VAL L 134 -35.86 -10.34 -6.57
N ALA L 135 -36.34 -9.22 -6.05
CA ALA L 135 -36.71 -8.06 -6.84
C ALA L 135 -35.74 -6.92 -6.60
N ALA L 136 -35.31 -6.27 -7.67
CA ALA L 136 -34.30 -5.23 -7.60
C ALA L 136 -34.89 -3.96 -7.04
N ALA L 137 -35.34 -4.00 -5.79
CA ALA L 137 -35.87 -2.82 -5.12
C ALA L 137 -34.71 -1.87 -4.93
N ASN L 138 -34.59 -0.87 -5.80
CA ASN L 138 -33.33 -0.18 -6.01
C ASN L 138 -33.15 1.05 -5.13
N GLY L 139 -34.23 1.54 -4.51
CA GLY L 139 -34.15 2.70 -3.64
C GLY L 139 -33.48 3.87 -4.32
N LYS L 140 -33.72 3.99 -5.63
CA LYS L 140 -33.12 5.04 -6.44
C LYS L 140 -31.61 5.04 -6.30
N THR L 141 -31.07 3.86 -6.09
CA THR L 141 -29.64 3.57 -6.18
C THR L 141 -28.80 4.30 -5.15
N ASP L 142 -29.41 5.16 -4.31
CA ASP L 142 -28.60 5.80 -3.28
C ASP L 142 -27.99 4.73 -2.39
N ASP L 143 -28.82 3.95 -1.70
CA ASP L 143 -28.30 2.82 -0.97
C ASP L 143 -27.55 1.86 -1.87
N LYS L 144 -28.03 1.65 -3.08
CA LYS L 144 -27.24 0.88 -4.03
C LYS L 144 -25.84 1.44 -4.11
N ILE L 145 -24.88 0.57 -4.30
CA ILE L 145 -23.48 0.96 -4.16
C ILE L 145 -22.79 0.84 -5.51
N ASN L 146 -21.94 1.81 -5.80
CA ASN L 146 -21.18 1.82 -7.03
C ASN L 146 -20.38 0.54 -7.19
N THR L 147 -20.63 -0.18 -8.27
CA THR L 147 -19.81 -1.34 -8.59
C THR L 147 -18.34 -0.95 -8.65
N LYS L 148 -18.04 0.28 -9.04
CA LYS L 148 -16.68 0.76 -8.84
C LYS L 148 -16.37 0.82 -7.35
N HIS L 149 -17.13 1.60 -6.59
CA HIS L 149 -16.98 1.60 -5.15
C HIS L 149 -17.33 0.26 -4.51
N LEU L 150 -17.77 -0.67 -5.29
CA LEU L 150 -17.76 -2.04 -4.82
C LEU L 150 -16.54 -2.76 -5.37
N PRO L 151 -16.10 -3.78 -4.69
CA PRO L 151 -15.09 -4.64 -5.31
C PRO L 151 -15.67 -5.42 -6.49
N SER L 152 -14.80 -6.13 -7.21
CA SER L 152 -15.20 -6.78 -8.44
C SER L 152 -16.31 -7.78 -8.20
N THR L 153 -16.19 -8.61 -7.17
CA THR L 153 -17.18 -9.67 -6.96
C THR L 153 -18.53 -9.08 -6.55
N CYS L 154 -18.56 -8.31 -5.48
CA CYS L 154 -19.82 -7.94 -4.84
C CYS L 154 -20.53 -6.95 -5.76
N ARG L 155 -20.95 -7.43 -6.90
CA ARG L 155 -21.61 -6.64 -7.92
C ARG L 155 -22.89 -7.31 -8.40
N ASP L 156 -23.78 -7.67 -7.47
CA ASP L 156 -24.91 -8.54 -7.78
C ASP L 156 -26.23 -7.76 -7.81
N ASP L 157 -27.08 -8.12 -8.75
CA ASP L 157 -28.45 -7.64 -8.83
C ASP L 157 -29.43 -8.73 -8.43
N SER L 158 -30.63 -8.31 -8.02
CA SER L 158 -31.70 -9.24 -7.68
C SER L 158 -31.73 -10.43 -8.62
N SER L 159 -31.62 -10.14 -9.92
CA SER L 159 -31.45 -11.15 -10.95
C SER L 159 -30.48 -12.24 -10.56
N ALA L 160 -29.46 -11.94 -9.76
CA ALA L 160 -28.51 -12.96 -9.34
C ALA L 160 -29.23 -14.10 -8.63
N SER L 161 -29.06 -15.31 -9.15
CA SER L 161 -29.87 -16.44 -8.73
C SER L 161 -29.04 -17.67 -8.37
N PHE M 1 28.48 39.94 -12.61
CA PHE M 1 27.63 39.75 -11.44
C PHE M 1 26.55 38.75 -11.74
N THR M 2 26.67 38.09 -12.89
CA THR M 2 26.10 36.77 -13.02
C THR M 2 26.59 35.91 -11.86
N LEU M 3 27.79 36.19 -11.37
CA LEU M 3 28.24 35.63 -10.11
C LEU M 3 27.18 35.79 -9.02
N ILE M 4 26.62 36.99 -8.88
CA ILE M 4 25.48 37.14 -7.98
C ILE M 4 24.41 36.14 -8.39
N GLU M 5 23.93 36.28 -9.63
CA GLU M 5 23.00 35.30 -10.18
C GLU M 5 23.45 33.89 -9.85
N LEU M 6 24.74 33.60 -10.05
CA LEU M 6 25.30 32.35 -9.55
C LEU M 6 25.12 32.23 -8.05
N MET M 7 25.75 33.14 -7.31
CA MET M 7 25.65 33.07 -5.86
C MET M 7 24.20 33.13 -5.40
N ILE M 8 23.34 33.80 -6.18
CA ILE M 8 21.91 33.64 -5.99
C ILE M 8 21.52 32.17 -6.06
N VAL M 9 21.78 31.56 -7.22
CA VAL M 9 21.52 30.14 -7.38
C VAL M 9 22.18 29.37 -6.26
N ILE M 10 23.38 29.78 -5.88
CA ILE M 10 23.99 29.24 -4.67
C ILE M 10 23.12 29.61 -3.47
N ALA M 11 22.83 30.89 -3.31
CA ALA M 11 22.07 31.35 -2.16
C ALA M 11 20.75 30.61 -2.04
N ILE M 12 19.99 30.55 -3.12
CA ILE M 12 18.69 29.86 -3.05
C ILE M 12 18.91 28.39 -2.76
N VAL M 13 19.99 27.81 -3.29
CA VAL M 13 20.41 26.51 -2.82
C VAL M 13 20.89 26.61 -1.38
N GLY M 14 21.51 27.75 -1.04
CA GLY M 14 22.01 27.97 0.29
C GLY M 14 20.98 27.66 1.37
N ILE M 15 19.80 28.24 1.23
CA ILE M 15 18.72 28.04 2.19
C ILE M 15 17.67 27.10 1.62
N LEU M 16 18.09 26.13 0.83
CA LEU M 16 17.17 25.17 0.22
C LEU M 16 17.38 23.77 0.78
N ALA M 17 18.58 23.52 1.31
CA ALA M 17 18.90 22.21 1.89
C ALA M 17 18.78 22.24 3.41
N ALA M 18 17.87 23.06 3.92
CA ALA M 18 17.67 23.18 5.35
C ALA M 18 16.22 23.50 5.70
N VAL M 19 15.64 22.68 6.57
CA VAL M 19 14.25 22.81 7.06
C VAL M 19 13.13 22.64 6.01
N ALA M 20 13.45 22.02 4.88
CA ALA M 20 12.48 21.80 3.82
C ALA M 20 11.95 20.37 3.85
N LEU M 21 11.93 19.77 5.04
CA LEU M 21 11.45 18.41 5.20
C LEU M 21 10.59 18.27 6.44
N PRO M 22 9.27 18.38 6.25
CA PRO M 22 8.32 18.28 7.37
C PRO M 22 8.16 16.83 7.82
N ALA M 23 7.82 16.62 9.08
CA ALA M 23 6.92 15.54 9.49
C ALA M 23 7.25 14.14 9.01
N TYR M 24 8.45 13.87 8.53
CA TYR M 24 8.68 12.50 8.06
C TYR M 24 9.10 11.58 9.21
N GLN M 25 9.89 12.09 10.16
CA GLN M 25 10.05 11.36 11.40
C GLN M 25 8.69 11.19 12.05
N ASP M 26 7.80 12.16 11.82
CA ASP M 26 6.40 12.02 12.17
C ASP M 26 5.74 10.89 11.39
N TYR M 27 6.01 10.79 10.10
CA TYR M 27 5.25 9.84 9.28
C TYR M 27 5.69 8.41 9.53
N THR M 28 6.99 8.13 9.37
CA THR M 28 7.51 6.80 9.68
C THR M 28 6.90 6.27 10.95
N ALA M 29 6.85 7.12 11.97
CA ALA M 29 6.23 6.79 13.24
C ALA M 29 4.91 6.07 13.04
N ARG M 30 3.99 6.72 12.32
CA ARG M 30 2.67 6.14 12.11
C ARG M 30 2.76 4.66 11.77
N ALA M 31 3.47 4.34 10.69
CA ALA M 31 3.66 2.93 10.34
C ALA M 31 4.42 2.21 11.43
N GLN M 32 5.59 2.76 11.81
CA GLN M 32 6.34 2.24 12.94
C GLN M 32 5.42 2.01 14.14
N VAL M 33 4.59 3.00 14.46
CA VAL M 33 3.48 2.77 15.37
C VAL M 33 2.60 1.65 14.84
N SER M 34 2.06 1.84 13.64
CA SER M 34 1.04 0.93 13.12
C SER M 34 1.52 -0.50 13.09
N GLU M 35 2.82 -0.69 12.87
CA GLU M 35 3.41 -2.02 13.07
C GLU M 35 2.99 -2.60 14.40
N ALA M 36 3.15 -1.83 15.47
CA ALA M 36 2.71 -2.30 16.78
C ALA M 36 1.22 -2.63 16.78
N ILE M 37 0.42 -1.84 16.04
CA ILE M 37 -1.01 -2.11 15.98
C ILE M 37 -1.27 -3.50 15.43
N LEU M 38 -0.38 -3.97 14.56
CA LEU M 38 -0.67 -5.15 13.78
C LEU M 38 -0.75 -6.41 14.63
N LEU M 39 -0.26 -6.35 15.87
CA LEU M 39 0.08 -7.59 16.54
C LEU M 39 -1.01 -8.05 17.49
N ALA M 40 -1.36 -7.23 18.49
CA ALA M 40 -2.34 -7.61 19.51
C ALA M 40 -3.71 -7.89 18.93
N GLU M 41 -3.90 -7.61 17.65
CA GLU M 41 -5.16 -7.86 16.97
C GLU M 41 -5.70 -9.25 17.28
N GLY M 42 -4.87 -10.28 17.12
CA GLY M 42 -5.33 -11.63 17.34
C GLY M 42 -5.81 -11.87 18.75
N GLN M 43 -5.25 -11.15 19.72
CA GLN M 43 -5.64 -11.33 21.11
C GLN M 43 -7.14 -11.08 21.28
N LYS M 44 -7.70 -10.18 20.47
CA LYS M 44 -9.11 -9.82 20.53
C LYS M 44 -10.03 -11.04 20.56
N SER M 45 -9.61 -12.14 19.95
CA SER M 45 -10.47 -13.31 19.85
C SER M 45 -10.79 -13.90 21.21
N ALA M 46 -9.78 -14.44 21.88
CA ALA M 46 -10.02 -15.04 23.19
C ALA M 46 -10.58 -14.01 24.15
N VAL M 47 -10.09 -12.78 24.03
CA VAL M 47 -10.71 -11.66 24.73
C VAL M 47 -12.22 -11.65 24.48
N THR M 48 -12.60 -11.64 23.20
CA THR M 48 -14.01 -11.81 22.88
C THR M 48 -14.53 -13.12 23.43
N GLU M 49 -13.85 -14.22 23.09
CA GLU M 49 -14.25 -15.55 23.56
C GLU M 49 -14.47 -15.56 25.06
N TYR M 50 -13.51 -15.03 25.80
CA TYR M 50 -13.69 -14.86 27.24
C TYR M 50 -14.96 -14.08 27.50
N TYR M 51 -15.10 -12.92 26.87
CA TYR M 51 -16.36 -12.20 26.94
C TYR M 51 -17.48 -13.02 26.32
N LEU M 52 -17.15 -13.80 25.31
CA LEU M 52 -18.15 -14.60 24.62
C LEU M 52 -18.63 -15.72 25.51
N ASN M 53 -17.68 -16.56 25.94
CA ASN M 53 -17.98 -17.56 26.94
C ASN M 53 -18.72 -16.93 28.12
N HIS M 54 -18.06 -15.99 28.80
CA HIS M 54 -18.51 -15.56 30.12
C HIS M 54 -19.61 -14.51 30.04
N GLY M 55 -19.50 -13.59 29.11
CA GLY M 55 -20.19 -12.31 29.20
C GLY M 55 -19.34 -11.23 29.81
N GLU M 56 -18.12 -11.56 30.25
CA GLU M 56 -17.17 -10.60 30.80
C GLU M 56 -15.90 -10.64 29.98
N TRP M 57 -15.32 -9.48 29.72
CA TRP M 57 -14.04 -9.47 29.07
C TRP M 57 -13.02 -10.12 29.97
N PRO M 58 -11.89 -10.54 29.43
CA PRO M 58 -10.82 -11.05 30.28
C PRO M 58 -10.07 -9.87 30.88
N GLY M 59 -9.92 -9.91 32.20
CA GLY M 59 -9.17 -8.86 32.87
C GLY M 59 -7.85 -8.59 32.20
N ASP M 60 -7.29 -9.59 31.55
CA ASP M 60 -6.03 -9.42 30.85
C ASP M 60 -5.81 -10.64 29.95
N ASN M 61 -4.60 -10.72 29.44
CA ASN M 61 -4.10 -11.90 28.77
C ASN M 61 -4.31 -13.18 29.60
N SER M 62 -3.93 -13.13 30.87
CA SER M 62 -4.00 -14.31 31.73
C SER M 62 -5.44 -14.67 32.08
N SER M 63 -6.26 -13.69 32.41
CA SER M 63 -7.69 -13.93 32.54
C SER M 63 -8.20 -14.65 31.30
N ALA M 64 -7.93 -14.09 30.12
CA ALA M 64 -8.18 -14.83 28.90
C ALA M 64 -7.37 -16.10 28.83
N GLY M 65 -6.21 -16.12 29.50
CA GLY M 65 -5.28 -17.21 29.36
C GLY M 65 -4.37 -17.11 28.17
N VAL M 66 -4.06 -15.89 27.73
CA VAL M 66 -3.33 -15.70 26.48
C VAL M 66 -2.05 -14.91 26.72
N ALA M 67 -1.32 -14.67 25.63
CA ALA M 67 0.04 -14.16 25.71
C ALA M 67 0.09 -12.79 26.38
N THR M 68 0.88 -12.70 27.45
CA THR M 68 0.85 -11.56 28.35
C THR M 68 1.56 -10.34 27.76
N SER M 69 1.73 -9.32 28.61
CA SER M 69 2.37 -8.07 28.22
C SER M 69 3.68 -8.32 27.51
N ALA M 70 4.65 -8.87 28.24
CA ALA M 70 5.94 -9.23 27.68
C ALA M 70 5.86 -10.40 26.71
N ASP M 71 4.70 -11.04 26.62
CA ASP M 71 4.48 -11.94 25.52
C ASP M 71 4.15 -11.16 24.28
N ILE M 72 3.49 -11.83 23.35
CA ILE M 72 3.76 -11.74 21.92
C ILE M 72 4.28 -10.38 21.50
N LYS M 73 5.45 -10.37 20.84
CA LYS M 73 6.21 -9.16 20.56
C LYS M 73 7.16 -9.36 19.39
N GLY M 74 7.89 -8.27 19.10
CA GLY M 74 8.91 -8.25 18.06
C GLY M 74 9.39 -6.83 17.82
N LYS M 75 9.49 -6.48 16.55
CA LYS M 75 9.83 -5.12 16.17
C LYS M 75 8.75 -4.13 16.59
N TYR M 76 9.18 -3.00 17.12
CA TYR M 76 8.29 -1.91 17.50
C TYR M 76 7.26 -2.34 18.52
N VAL M 77 7.45 -3.52 19.12
CA VAL M 77 6.52 -4.06 20.10
C VAL M 77 7.32 -4.53 21.29
N GLN M 78 7.33 -3.74 22.36
CA GLN M 78 7.98 -4.14 23.58
C GLN M 78 7.00 -4.48 24.68
N SER M 79 5.71 -4.62 24.34
CA SER M 79 4.71 -5.19 25.21
C SER M 79 3.43 -5.36 24.40
N VAL M 80 2.60 -6.31 24.83
CA VAL M 80 1.27 -6.54 24.28
C VAL M 80 0.37 -7.00 25.40
N THR M 81 -0.64 -6.19 25.74
CA THR M 81 -1.33 -6.41 27.01
C THR M 81 -2.83 -6.22 26.85
N VAL M 82 -3.59 -7.00 27.61
CA VAL M 82 -5.05 -6.87 27.67
C VAL M 82 -5.44 -6.30 29.02
N ALA M 83 -6.48 -5.48 29.04
CA ALA M 83 -6.94 -4.83 30.27
C ALA M 83 -8.46 -4.92 30.33
N ASN M 84 -8.97 -5.93 31.04
CA ASN M 84 -10.41 -6.15 31.10
C ASN M 84 -10.98 -6.22 29.69
N GLY M 85 -10.34 -7.03 28.86
CA GLY M 85 -10.65 -7.07 27.46
C GLY M 85 -10.09 -5.93 26.64
N VAL M 86 -9.50 -4.92 27.28
CA VAL M 86 -8.90 -3.82 26.54
C VAL M 86 -7.43 -4.13 26.29
N ILE M 87 -7.05 -4.22 25.02
CA ILE M 87 -5.76 -4.77 24.64
C ILE M 87 -4.84 -3.62 24.23
N THR M 88 -3.55 -3.78 24.48
CA THR M 88 -2.63 -2.68 24.26
C THR M 88 -1.23 -3.22 24.01
N ALA M 89 -0.48 -2.51 23.16
CA ALA M 89 0.90 -2.87 22.84
C ALA M 89 1.74 -1.61 22.80
N GLN M 90 3.06 -1.76 23.00
CA GLN M 90 3.93 -0.60 23.11
C GLN M 90 4.95 -0.54 22.00
N MET M 91 5.30 0.69 21.62
CA MET M 91 6.39 0.90 20.69
C MET M 91 7.70 0.43 21.29
N ALA M 92 8.62 0.08 20.40
CA ALA M 92 9.97 -0.21 20.83
C ALA M 92 10.61 1.04 21.40
N SER M 93 11.81 0.87 21.94
CA SER M 93 12.55 1.97 22.52
C SER M 93 13.78 2.36 21.70
N SER M 94 13.78 2.10 20.39
CA SER M 94 14.93 2.42 19.56
C SER M 94 14.59 2.11 18.11
N ASN M 95 15.42 2.65 17.20
CA ASN M 95 15.26 2.46 15.76
C ASN M 95 13.87 2.87 15.32
N VAL M 96 13.27 3.75 16.12
CA VAL M 96 11.93 4.25 15.90
C VAL M 96 12.04 5.71 15.54
N ASN M 97 10.89 6.29 15.24
CA ASN M 97 10.77 7.70 15.50
C ASN M 97 11.15 7.96 16.93
N ASN M 98 12.23 8.71 17.11
CA ASN M 98 12.66 9.13 18.43
C ASN M 98 11.48 9.61 19.26
N GLU M 99 10.47 10.17 18.59
CA GLU M 99 9.27 10.64 19.27
C GLU M 99 8.48 9.48 19.85
N ILE M 100 7.94 8.63 18.98
CA ILE M 100 6.97 7.63 19.37
C ILE M 100 7.63 6.54 20.19
N LYS M 101 8.93 6.69 20.42
CA LYS M 101 9.69 5.67 21.10
C LYS M 101 8.96 5.20 22.34
N SER M 102 8.62 3.91 22.36
CA SER M 102 7.98 3.28 23.50
C SER M 102 6.61 3.89 23.79
N LYS M 103 5.68 3.67 22.86
CA LYS M 103 4.33 4.20 23.00
C LYS M 103 3.28 3.13 22.73
N LYS M 104 2.06 3.37 23.23
CA LYS M 104 0.99 2.40 23.20
C LYS M 104 -0.32 3.01 22.73
N LEU M 105 -1.29 2.12 22.53
CA LEU M 105 -2.68 2.54 22.40
C LEU M 105 -3.56 1.31 22.62
N SER M 106 -4.63 1.51 23.37
CA SER M 106 -5.45 0.40 23.78
C SER M 106 -6.42 -0.03 22.70
N LEU M 107 -7.18 -1.07 23.01
CA LEU M 107 -8.06 -1.74 22.06
C LEU M 107 -9.25 -2.27 22.84
N TRP M 108 -10.37 -1.58 22.75
CA TRP M 108 -11.47 -1.83 23.67
C TRP M 108 -12.77 -1.94 22.90
N ALA M 109 -13.48 -3.02 23.13
CA ALA M 109 -14.73 -3.31 22.44
C ALA M 109 -15.90 -3.15 23.39
N LYS M 110 -16.88 -2.36 23.00
CA LYS M 110 -18.05 -2.09 23.83
C LYS M 110 -19.30 -2.48 23.06
N ARG M 111 -20.24 -3.11 23.75
CA ARG M 111 -21.19 -4.00 23.11
C ARG M 111 -22.20 -3.21 22.26
N GLN M 112 -22.57 -3.80 21.12
CA GLN M 112 -23.27 -3.12 20.04
C GLN M 112 -24.72 -3.57 19.89
N ASN M 113 -25.44 -2.90 19.00
CA ASN M 113 -26.53 -3.57 18.31
C ASN M 113 -26.04 -4.90 17.78
N GLY M 114 -24.91 -4.88 17.10
CA GLY M 114 -24.17 -6.09 16.80
C GLY M 114 -23.57 -6.62 18.09
N SER M 115 -22.47 -7.33 17.96
CA SER M 115 -21.84 -7.80 19.18
C SER M 115 -21.24 -6.64 19.94
N VAL M 116 -20.25 -5.98 19.35
CA VAL M 116 -19.37 -5.14 20.14
C VAL M 116 -18.55 -4.34 19.15
N LYS M 117 -18.05 -3.17 19.56
CA LYS M 117 -17.10 -2.49 18.68
C LYS M 117 -15.83 -2.15 19.42
N TRP M 118 -14.73 -2.70 18.92
CA TRP M 118 -13.40 -2.37 19.37
C TRP M 118 -13.05 -0.94 19.02
N PHE M 119 -11.85 -0.51 19.42
CA PHE M 119 -11.35 0.80 19.06
C PHE M 119 -9.83 0.80 19.07
N CYS M 120 -9.26 1.12 17.93
CA CYS M 120 -7.84 1.40 17.84
C CYS M 120 -7.63 2.82 18.35
N GLY M 121 -7.11 2.94 19.56
CA GLY M 121 -6.88 4.27 20.09
C GLY M 121 -6.21 4.20 21.44
N GLN M 122 -6.15 5.35 22.08
CA GLN M 122 -5.24 5.65 23.17
C GLN M 122 -5.18 4.57 24.23
N PRO M 123 -4.02 4.37 24.84
CA PRO M 123 -3.91 3.46 25.98
C PRO M 123 -4.98 3.76 27.00
N VAL M 124 -5.90 2.82 27.19
CA VAL M 124 -6.99 2.93 28.13
C VAL M 124 -7.23 1.54 28.69
N THR M 125 -8.17 1.40 29.62
CA THR M 125 -8.45 0.11 30.22
C THR M 125 -9.92 0.03 30.59
N ARG M 126 -10.46 -1.19 30.57
CA ARG M 126 -11.87 -1.33 30.87
C ARG M 126 -12.11 -1.32 32.36
N THR M 127 -13.15 -0.60 32.76
CA THR M 127 -13.47 -0.45 34.17
C THR M 127 -13.49 -1.80 34.86
N THR M 128 -14.19 -2.77 34.31
CA THR M 128 -14.13 -4.12 34.80
C THR M 128 -14.01 -5.08 33.63
N ALA M 129 -13.39 -6.22 33.89
CA ALA M 129 -13.47 -7.33 32.94
C ALA M 129 -14.92 -7.64 32.62
N THR M 130 -15.81 -7.47 33.59
CA THR M 130 -17.24 -7.66 33.35
C THR M 130 -17.79 -6.61 32.41
N ALA M 131 -17.29 -5.37 32.52
CA ALA M 131 -17.91 -4.25 31.84
C ALA M 131 -17.65 -4.31 30.34
N THR M 132 -18.08 -3.26 29.66
CA THR M 132 -17.58 -2.92 28.33
C THR M 132 -16.91 -1.55 28.37
N ASP M 133 -17.49 -0.60 29.11
CA ASP M 133 -16.93 0.73 29.24
C ASP M 133 -15.51 0.68 29.81
N VAL M 134 -14.63 1.51 29.24
CA VAL M 134 -13.22 1.44 29.55
C VAL M 134 -12.75 2.80 30.01
N ALA M 135 -11.62 2.80 30.72
CA ALA M 135 -11.12 3.98 31.40
C ALA M 135 -9.84 4.46 30.74
N ALA M 136 -9.76 5.78 30.54
CA ALA M 136 -8.66 6.38 29.80
C ALA M 136 -7.41 6.40 30.67
N ALA M 137 -6.90 5.23 31.02
CA ALA M 137 -5.67 5.13 31.80
C ALA M 137 -4.55 5.60 30.89
N ASN M 138 -4.12 6.84 31.07
CA ASN M 138 -3.40 7.55 30.03
C ASN M 138 -1.89 7.41 30.12
N GLY M 139 -1.37 6.94 31.25
CA GLY M 139 0.06 6.75 31.41
C GLY M 139 0.84 8.01 31.09
N LYS M 140 0.23 9.15 31.42
CA LYS M 140 0.83 10.45 31.14
C LYS M 140 1.19 10.58 29.67
N THR M 141 0.39 9.92 28.83
CA THR M 141 0.37 10.10 27.39
C THR M 141 1.67 9.69 26.71
N ASP M 142 2.69 9.27 27.47
CA ASP M 142 3.91 8.82 26.80
C ASP M 142 3.57 7.65 25.88
N ASP M 143 3.10 6.55 26.47
CA ASP M 143 2.61 5.45 25.65
C ASP M 143 1.49 5.90 24.73
N LYS M 144 0.60 6.78 25.20
CA LYS M 144 -0.36 7.36 24.30
C LYS M 144 0.34 7.92 23.08
N ILE M 145 -0.31 7.83 21.94
CA ILE M 145 0.34 8.13 20.69
C ILE M 145 -0.30 9.35 20.05
N ASN M 146 0.53 10.21 19.48
CA ASN M 146 0.06 11.40 18.81
C ASN M 146 -0.94 11.05 17.73
N THR M 147 -2.14 11.61 17.85
CA THR M 147 -3.12 11.47 16.78
C THR M 147 -2.55 11.95 15.47
N LYS M 148 -1.65 12.92 15.49
CA LYS M 148 -0.88 13.20 14.28
C LYS M 148 -0.03 11.99 13.92
N HIS M 149 0.87 11.58 14.82
CA HIS M 149 1.62 10.36 14.60
C HIS M 149 0.74 9.12 14.56
N LEU M 150 -0.51 9.27 14.80
CA LEU M 150 -1.44 8.23 14.44
C LEU M 150 -2.08 8.55 13.12
N PRO M 151 -2.53 7.56 12.40
CA PRO M 151 -3.38 7.85 11.24
C PRO M 151 -4.73 8.40 11.67
N SER M 152 -5.52 8.83 10.69
CA SER M 152 -6.77 9.52 10.99
C SER M 152 -7.71 8.65 11.80
N THR M 153 -7.87 7.38 11.43
CA THR M 153 -8.84 6.54 12.11
C THR M 153 -8.40 6.24 13.54
N CYS M 154 -7.21 5.67 13.71
CA CYS M 154 -6.83 5.09 14.99
C CYS M 154 -6.58 6.23 15.97
N ARG M 155 -7.64 6.93 16.30
CA ARG M 155 -7.61 8.07 17.20
C ARG M 155 -8.65 7.96 18.28
N ASP M 156 -8.66 6.84 19.02
CA ASP M 156 -9.76 6.51 19.91
C ASP M 156 -9.37 6.68 21.37
N ASP M 157 -10.30 7.19 22.17
CA ASP M 157 -10.20 7.25 23.62
C ASP M 157 -11.10 6.22 24.27
N SER M 158 -10.77 5.88 25.50
CA SER M 158 -11.58 4.96 26.31
C SER M 158 -13.07 5.21 26.09
N SER M 159 -13.45 6.49 26.12
CA SER M 159 -14.79 6.92 25.76
C SER M 159 -15.34 6.22 24.52
N ALA M 160 -14.48 5.85 23.57
CA ALA M 160 -14.96 5.16 22.38
C ALA M 160 -15.70 3.89 22.77
N SER M 161 -16.94 3.78 22.34
CA SER M 161 -17.85 2.75 22.82
C SER M 161 -18.55 2.00 21.70
N PHE N 1 38.87 42.52 -19.61
CA PHE N 1 39.14 41.29 -18.89
C PHE N 1 37.92 40.89 -18.08
N THR N 2 36.83 41.60 -18.30
CA THR N 2 35.54 40.98 -18.07
C THR N 2 35.47 39.66 -18.80
N LEU N 3 36.19 39.56 -19.93
CA LEU N 3 36.43 38.27 -20.56
C LEU N 3 36.91 37.24 -19.55
N ILE N 4 37.90 37.60 -18.73
CA ILE N 4 38.24 36.70 -17.63
C ILE N 4 37.00 36.41 -16.82
N GLU N 5 36.40 37.46 -16.24
CA GLU N 5 35.12 37.31 -15.57
C GLU N 5 34.18 36.44 -16.37
N LEU N 6 34.09 36.69 -17.67
CA LEU N 6 33.39 35.76 -18.54
C LEU N 6 34.00 34.37 -18.49
N MET N 7 35.26 34.26 -18.90
CA MET N 7 35.92 32.96 -18.90
C MET N 7 35.90 32.36 -17.50
N ILE N 8 35.92 33.21 -16.46
CA ILE N 8 35.61 32.72 -15.12
C ILE N 8 34.27 32.02 -15.11
N VAL N 9 33.22 32.79 -15.45
CA VAL N 9 31.89 32.19 -15.54
C VAL N 9 31.94 30.97 -16.42
N ILE N 10 32.69 31.04 -17.51
CA ILE N 10 32.96 29.84 -18.28
C ILE N 10 33.70 28.83 -17.42
N ALA N 11 34.81 29.27 -16.83
CA ALA N 11 35.63 28.35 -16.03
C ALA N 11 34.81 27.68 -14.95
N ILE N 12 34.07 28.47 -14.16
CA ILE N 12 33.29 27.86 -13.09
C ILE N 12 32.23 26.94 -13.68
N VAL N 13 31.69 27.31 -14.84
CA VAL N 13 30.90 26.35 -15.59
C VAL N 13 31.79 25.24 -16.11
N GLY N 14 33.04 25.58 -16.42
CA GLY N 14 33.99 24.61 -16.93
C GLY N 14 34.08 23.38 -16.07
N ILE N 15 34.28 23.57 -14.77
CA ILE N 15 34.37 22.47 -13.82
C ILE N 15 33.10 22.34 -13.00
N LEU N 16 31.96 22.64 -13.62
CA LEU N 16 30.68 22.56 -12.93
C LEU N 16 29.81 21.44 -13.51
N ALA N 17 30.10 21.05 -14.75
CA ALA N 17 29.34 19.99 -15.42
C ALA N 17 30.10 18.67 -15.37
N ALA N 18 30.88 18.47 -14.30
CA ALA N 18 31.65 17.26 -14.15
C ALA N 18 31.82 16.87 -12.69
N VAL N 19 31.46 15.63 -12.37
CA VAL N 19 31.55 15.05 -11.02
C VAL N 19 30.67 15.67 -9.92
N ALA N 20 29.65 16.42 -10.33
CA ALA N 20 28.74 17.06 -9.40
C ALA N 20 27.44 16.28 -9.24
N LEU N 21 27.54 14.97 -9.43
CA LEU N 21 26.37 14.09 -9.30
C LEU N 21 26.72 12.81 -8.55
N PRO N 22 26.47 12.80 -7.24
CA PRO N 22 26.76 11.64 -6.41
C PRO N 22 25.73 10.55 -6.63
N ALA N 23 26.12 9.29 -6.42
CA ALA N 23 25.25 8.27 -5.84
C ALA N 23 23.88 8.08 -6.47
N TYR N 24 23.64 8.56 -7.68
CA TYR N 24 22.30 8.36 -8.21
C TYR N 24 22.17 7.01 -8.89
N GLN N 25 23.23 6.56 -9.58
CA GLN N 25 23.26 5.16 -9.99
C GLN N 25 23.19 4.29 -8.74
N ASP N 26 23.72 4.80 -7.64
CA ASP N 26 23.52 4.21 -6.33
C ASP N 26 22.05 4.22 -5.93
N TYR N 27 21.37 5.34 -6.15
CA TYR N 27 20.01 5.47 -5.62
C TYR N 27 19.00 4.65 -6.40
N THR N 28 18.93 4.87 -7.71
CA THR N 28 18.07 4.06 -8.57
C THR N 28 18.14 2.61 -8.17
N ALA N 29 19.36 2.12 -7.97
CA ALA N 29 19.61 0.77 -7.51
C ALA N 29 18.64 0.38 -6.40
N ARG N 30 18.65 1.15 -5.30
CA ARG N 30 17.81 0.84 -4.16
C ARG N 30 16.42 0.44 -4.60
N ALA N 31 15.72 1.34 -5.30
CA ALA N 31 14.41 1.01 -5.82
C ALA N 31 14.49 -0.16 -6.80
N GLN N 32 15.35 -0.03 -7.79
CA GLN N 32 15.62 -1.13 -8.71
C GLN N 32 15.86 -2.42 -7.94
N VAL N 33 16.70 -2.36 -6.91
CA VAL N 33 16.75 -3.45 -5.93
C VAL N 33 15.36 -3.66 -5.33
N SER N 34 14.83 -2.62 -4.70
CA SER N 34 13.61 -2.78 -3.91
C SER N 34 12.48 -3.35 -4.74
N GLU N 35 12.44 -3.04 -6.03
CA GLU N 35 11.54 -3.74 -6.93
C GLU N 35 11.64 -5.24 -6.73
N ALA N 36 12.86 -5.77 -6.76
CA ALA N 36 13.03 -7.20 -6.50
C ALA N 36 12.48 -7.60 -5.14
N ILE N 37 12.62 -6.72 -4.14
CA ILE N 37 12.09 -7.03 -2.82
C ILE N 37 10.59 -7.25 -2.89
N LEU N 38 9.92 -6.57 -3.81
CA LEU N 38 8.47 -6.51 -3.79
C LEU N 38 7.83 -7.87 -4.07
N LEU N 39 8.59 -8.83 -4.58
CA LEU N 39 7.95 -9.94 -5.25
C LEU N 39 7.82 -11.17 -4.35
N ALA N 40 8.95 -11.69 -3.86
CA ALA N 40 8.95 -12.91 -3.06
C ALA N 40 8.17 -12.79 -1.77
N GLU N 41 7.72 -11.57 -1.46
CA GLU N 41 6.94 -11.31 -0.26
C GLU N 41 5.81 -12.32 -0.10
N GLY N 42 5.02 -12.53 -1.16
CA GLY N 42 3.90 -13.44 -1.04
C GLY N 42 4.31 -14.86 -0.71
N GLN N 43 5.52 -15.26 -1.13
CA GLN N 43 5.98 -16.62 -0.85
C GLN N 43 6.01 -16.89 0.65
N LYS N 44 6.26 -15.85 1.45
CA LYS N 44 6.31 -15.97 2.90
C LYS N 44 5.14 -16.72 3.48
N SER N 45 3.97 -16.65 2.85
CA SER N 45 2.77 -17.25 3.39
C SER N 45 2.90 -18.77 3.50
N ALA N 46 2.97 -19.44 2.35
CA ALA N 46 3.07 -20.89 2.37
C ALA N 46 4.31 -21.32 3.11
N VAL N 47 5.39 -20.56 2.95
CA VAL N 47 6.57 -20.73 3.80
C VAL N 47 6.16 -20.76 5.26
N THR N 48 5.46 -19.72 5.70
CA THR N 48 4.90 -19.74 7.04
C THR N 48 3.96 -20.93 7.19
N GLU N 49 2.99 -21.06 6.28
CA GLU N 49 2.02 -22.16 6.32
C GLU N 49 2.73 -23.49 6.46
N TYR N 50 3.74 -23.72 5.62
CA TYR N 50 4.56 -24.91 5.76
C TYR N 50 5.11 -24.98 7.18
N TYR N 51 5.74 -23.90 7.63
CA TYR N 51 6.15 -23.83 9.03
C TYR N 51 4.94 -23.87 9.94
N LEU N 52 3.83 -23.31 9.47
CA LEU N 52 2.62 -23.26 10.27
C LEU N 52 2.03 -24.65 10.42
N ASN N 53 1.71 -25.25 9.28
CA ASN N 53 1.31 -26.65 9.27
C ASN N 53 2.30 -27.49 10.08
N HIS N 54 3.56 -27.52 9.65
CA HIS N 54 4.50 -28.52 10.11
C HIS N 54 5.14 -28.15 11.44
N GLY N 55 5.47 -26.88 11.61
CA GLY N 55 6.46 -26.47 12.58
C GLY N 55 7.84 -26.34 12.00
N GLU N 56 8.02 -26.68 10.72
CA GLU N 56 9.27 -26.54 10.01
C GLU N 56 9.07 -25.63 8.81
N TRP N 57 10.04 -24.77 8.55
CA TRP N 57 9.96 -23.99 7.33
C TRP N 57 10.06 -24.92 6.14
N PRO N 58 9.64 -24.46 4.97
CA PRO N 58 9.85 -25.25 3.77
C PRO N 58 11.28 -25.09 3.31
N GLY N 59 11.94 -26.23 3.09
CA GLY N 59 13.30 -26.19 2.59
C GLY N 59 13.45 -25.26 1.42
N ASP N 60 12.38 -25.08 0.65
CA ASP N 60 12.40 -24.18 -0.49
C ASP N 60 10.98 -23.95 -0.96
N ASN N 61 10.88 -23.35 -2.13
CA ASN N 61 9.63 -23.26 -2.87
C ASN N 61 8.94 -24.60 -3.01
N SER N 62 9.69 -25.62 -3.43
CA SER N 62 9.10 -26.93 -3.70
C SER N 62 8.71 -27.66 -2.42
N SER N 63 9.55 -27.61 -1.39
CA SER N 63 9.13 -28.05 -0.08
C SER N 63 7.80 -27.42 0.31
N ALA N 64 7.73 -26.09 0.23
CA ALA N 64 6.45 -25.42 0.36
C ALA N 64 5.50 -25.84 -0.74
N GLY N 65 6.03 -26.23 -1.90
CA GLY N 65 5.22 -26.48 -3.05
C GLY N 65 4.89 -25.25 -3.85
N VAL N 66 5.76 -24.24 -3.83
CA VAL N 66 5.43 -22.95 -4.44
C VAL N 66 6.46 -22.57 -5.48
N ALA N 67 6.25 -21.40 -6.08
CA ALA N 67 6.98 -20.99 -7.28
C ALA N 67 8.47 -20.92 -7.02
N THR N 68 9.24 -21.66 -7.81
CA THR N 68 10.65 -21.91 -7.55
C THR N 68 11.53 -20.71 -7.91
N SER N 69 12.84 -20.93 -7.86
CA SER N 69 13.82 -19.88 -8.16
C SER N 69 13.50 -19.17 -9.46
N ALA N 70 13.57 -19.90 -10.57
CA ALA N 70 13.24 -19.38 -11.87
C ALA N 70 11.76 -19.12 -12.03
N ASP N 71 10.95 -19.52 -11.07
CA ASP N 71 9.59 -19.04 -11.02
C ASP N 71 9.58 -17.65 -10.45
N ILE N 72 8.42 -17.28 -9.93
CA ILE N 72 7.82 -15.95 -10.09
C ILE N 72 8.87 -14.85 -10.25
N LYS N 73 8.77 -14.10 -11.35
CA LYS N 73 9.80 -13.14 -11.76
C LYS N 73 9.22 -12.07 -12.68
N GLY N 74 10.13 -11.20 -13.11
CA GLY N 74 9.82 -10.12 -14.03
C GLY N 74 10.99 -9.16 -14.13
N LYS N 75 10.67 -7.86 -14.08
CA LYS N 75 11.69 -6.83 -14.05
C LYS N 75 12.52 -6.91 -12.79
N TYR N 76 13.83 -6.76 -12.95
CA TYR N 76 14.77 -6.71 -11.84
C TYR N 76 14.73 -7.98 -11.00
N VAL N 77 14.07 -9.02 -11.50
CA VAL N 77 13.92 -10.27 -10.79
C VAL N 77 14.28 -11.40 -11.74
N GLN N 78 15.48 -11.95 -11.60
CA GLN N 78 15.88 -13.08 -12.40
C GLN N 78 15.96 -14.36 -11.58
N SER N 79 15.42 -14.33 -10.36
CA SER N 79 15.19 -15.53 -9.57
C SER N 79 14.39 -15.12 -8.34
N VAL N 80 13.65 -16.08 -7.78
CA VAL N 80 12.92 -15.92 -6.52
C VAL N 80 12.94 -17.27 -5.81
N THR N 81 13.59 -17.35 -4.66
CA THR N 81 13.92 -18.66 -4.11
C THR N 81 13.72 -18.67 -2.60
N VAL N 82 13.29 -19.83 -2.09
CA VAL N 82 13.15 -20.07 -0.66
C VAL N 82 14.24 -21.02 -0.21
N ALA N 83 14.75 -20.82 1.00
CA ALA N 83 15.82 -21.64 1.55
C ALA N 83 15.49 -22.00 2.99
N ASN N 84 14.89 -23.17 3.20
CA ASN N 84 14.47 -23.56 4.54
C ASN N 84 13.59 -22.48 5.14
N GLY N 85 12.61 -22.04 4.36
CA GLY N 85 11.83 -20.90 4.73
C GLY N 85 12.48 -19.57 4.50
N VAL N 86 13.75 -19.53 4.15
CA VAL N 86 14.43 -18.27 3.88
C VAL N 86 14.32 -17.96 2.40
N ILE N 87 13.69 -16.85 2.06
CA ILE N 87 13.28 -16.56 0.70
C ILE N 87 14.22 -15.52 0.12
N THR N 88 14.45 -15.58 -1.19
CA THR N 88 15.45 -14.72 -1.81
C THR N 88 15.12 -14.53 -3.27
N ALA N 89 15.44 -13.34 -3.79
CA ALA N 89 15.23 -13.01 -5.19
C ALA N 89 16.43 -12.23 -5.70
N GLN N 90 16.66 -12.26 -7.01
CA GLN N 90 17.86 -11.67 -7.57
C GLN N 90 17.55 -10.50 -8.49
N MET N 91 18.47 -9.54 -8.52
CA MET N 91 18.39 -8.46 -9.47
C MET N 91 18.53 -8.98 -10.88
N ALA N 92 17.97 -8.22 -11.82
CA ALA N 92 18.19 -8.51 -13.21
C ALA N 92 19.66 -8.30 -13.56
N SER N 93 20.01 -8.66 -14.79
CA SER N 93 21.37 -8.50 -15.26
C SER N 93 21.51 -7.42 -16.32
N SER N 94 20.64 -6.41 -16.33
CA SER N 94 20.72 -5.34 -17.31
C SER N 94 19.66 -4.29 -16.99
N ASN N 95 19.82 -3.12 -17.62
CA ASN N 95 18.91 -1.99 -17.43
C ASN N 95 18.78 -1.64 -15.96
N VAL N 96 19.81 -2.01 -15.20
CA VAL N 96 19.85 -1.80 -13.77
C VAL N 96 20.93 -0.79 -13.50
N ASN N 97 21.06 -0.44 -12.24
CA ASN N 97 22.36 -0.01 -11.78
C ASN N 97 23.37 -1.06 -12.16
N ASN N 98 24.29 -0.68 -13.03
CA ASN N 98 25.39 -1.56 -13.41
C ASN N 98 25.99 -2.23 -12.19
N GLU N 99 25.94 -1.56 -11.04
CA GLU N 99 26.45 -2.11 -9.80
C GLU N 99 25.62 -3.30 -9.34
N ILE N 100 24.36 -3.04 -8.99
CA ILE N 100 23.52 -4.02 -8.31
C ILE N 100 23.13 -5.13 -9.27
N LYS N 101 23.63 -5.04 -10.49
CA LYS N 101 23.25 -5.99 -11.51
C LYS N 101 23.33 -7.41 -10.98
N SER N 102 22.19 -8.10 -10.98
CA SER N 102 22.10 -9.49 -10.56
C SER N 102 22.50 -9.67 -9.10
N LYS N 103 21.68 -9.14 -8.21
CA LYS N 103 21.94 -9.21 -6.78
C LYS N 103 20.70 -9.67 -6.01
N LYS N 104 20.94 -10.19 -4.80
CA LYS N 104 19.89 -10.80 -4.00
C LYS N 104 19.91 -10.31 -2.57
N LEU N 105 18.88 -10.73 -1.83
CA LEU N 105 18.91 -10.64 -0.37
C LEU N 105 17.82 -11.56 0.15
N SER N 106 18.16 -12.29 1.21
CA SER N 106 17.27 -13.32 1.71
C SER N 106 16.18 -12.74 2.60
N LEU N 107 15.31 -13.63 3.07
CA LEU N 107 14.11 -13.27 3.80
C LEU N 107 13.83 -14.39 4.78
N TRP N 108 14.16 -14.18 6.04
CA TRP N 108 14.19 -15.27 6.99
C TRP N 108 13.47 -14.87 8.26
N ALA N 109 12.53 -15.69 8.68
CA ALA N 109 11.71 -15.44 9.85
C ALA N 109 12.11 -16.39 10.96
N LYS N 110 12.39 -15.83 12.14
CA LYS N 110 12.81 -16.62 13.29
C LYS N 110 11.86 -16.34 14.45
N ARG N 111 11.50 -17.39 15.17
CA ARG N 111 10.25 -17.41 15.91
C ARG N 111 10.29 -16.48 17.12
N GLN N 112 9.15 -15.83 17.38
CA GLN N 112 9.05 -14.68 18.28
C GLN N 112 8.33 -15.02 19.58
N ASN N 113 8.31 -14.05 20.49
CA ASN N 113 7.18 -13.94 21.42
C ASN N 113 5.90 -14.04 20.64
N GLY N 114 5.78 -13.26 19.58
CA GLY N 114 4.77 -13.45 18.58
C GLY N 114 5.07 -14.71 17.81
N SER N 115 4.62 -14.76 16.58
CA SER N 115 4.95 -15.93 15.78
C SER N 115 6.42 -15.94 15.46
N VAL N 116 6.87 -14.96 14.69
CA VAL N 116 8.14 -15.09 14.01
C VAL N 116 8.48 -13.73 13.46
N LYS N 117 9.75 -13.43 13.25
CA LYS N 117 10.08 -12.20 12.54
C LYS N 117 10.98 -12.46 11.35
N TRP N 118 10.48 -12.11 10.18
CA TRP N 118 11.22 -12.13 8.94
C TRP N 118 12.33 -11.09 8.97
N PHE N 119 13.11 -11.03 7.90
CA PHE N 119 14.14 -10.02 7.75
C PHE N 119 14.43 -9.78 6.29
N CYS N 120 14.23 -8.54 5.86
CA CYS N 120 14.69 -8.09 4.56
C CYS N 120 16.19 -7.83 4.68
N GLY N 121 17.00 -8.73 4.15
CA GLY N 121 18.42 -8.52 4.23
C GLY N 121 19.16 -9.61 3.50
N GLN N 122 20.47 -9.60 3.69
CA GLN N 122 21.44 -10.25 2.84
C GLN N 122 21.07 -11.68 2.45
N PRO N 123 21.43 -12.11 1.26
CA PRO N 123 21.25 -13.51 0.87
C PRO N 123 21.81 -14.42 1.93
N VAL N 124 20.93 -15.17 2.56
CA VAL N 124 21.29 -16.12 3.61
C VAL N 124 20.35 -17.30 3.47
N THR N 125 20.52 -18.33 4.30
CA THR N 125 19.68 -19.51 4.23
C THR N 125 19.52 -20.11 5.61
N ARG N 126 18.38 -20.76 5.83
CA ARG N 126 18.15 -21.32 7.15
C ARG N 126 18.86 -22.64 7.31
N THR N 127 19.47 -22.82 8.47
CA THR N 127 20.24 -24.02 8.76
C THR N 127 19.44 -25.27 8.40
N THR N 128 18.22 -25.36 8.89
CA THR N 128 17.33 -26.42 8.46
C THR N 128 15.96 -25.84 8.17
N ALA N 129 15.24 -26.50 7.28
CA ALA N 129 13.82 -26.23 7.12
C ALA N 129 13.11 -26.33 8.47
N THR N 130 13.58 -27.24 9.32
CA THR N 130 13.03 -27.35 10.67
C THR N 130 13.34 -26.14 11.51
N ALA N 131 14.53 -25.56 11.33
CA ALA N 131 15.02 -24.54 12.22
C ALA N 131 14.27 -23.23 12.04
N THR N 132 14.74 -22.21 12.75
CA THR N 132 14.46 -20.82 12.40
C THR N 132 15.75 -20.09 12.10
N ASP N 133 16.82 -20.38 12.85
CA ASP N 133 18.12 -19.77 12.63
C ASP N 133 18.63 -20.05 11.23
N VAL N 134 19.21 -19.02 10.62
CA VAL N 134 19.57 -19.09 9.21
C VAL N 134 21.04 -18.75 9.05
N ALA N 135 21.61 -19.18 7.93
CA ALA N 135 23.04 -19.13 7.70
C ALA N 135 23.35 -18.11 6.62
N ALA N 136 24.38 -17.30 6.86
CA ALA N 136 24.73 -16.20 5.99
C ALA N 136 25.42 -16.73 4.74
N ALA N 137 24.70 -17.51 3.94
CA ALA N 137 25.24 -18.03 2.69
C ALA N 137 25.40 -16.84 1.77
N ASN N 138 26.62 -16.33 1.66
CA ASN N 138 26.82 -14.97 1.18
C ASN N 138 27.05 -14.87 -0.32
N GLY N 139 27.31 -15.98 -1.00
CA GLY N 139 27.50 -15.98 -2.44
C GLY N 139 28.55 -14.98 -2.86
N LYS N 140 29.56 -14.80 -2.02
CA LYS N 140 30.63 -13.86 -2.26
C LYS N 140 30.08 -12.46 -2.50
N THR N 141 28.95 -12.18 -1.85
CA THR N 141 28.37 -10.86 -1.72
C THR N 141 27.93 -10.25 -3.04
N ASP N 142 28.15 -10.93 -4.17
CA ASP N 142 27.66 -10.37 -5.42
C ASP N 142 26.15 -10.20 -5.33
N ASP N 143 25.43 -11.31 -5.19
CA ASP N 143 24.01 -11.19 -4.94
C ASP N 143 23.71 -10.37 -3.70
N LYS N 144 24.51 -10.51 -2.65
CA LYS N 144 24.37 -9.61 -1.52
C LYS N 144 24.37 -8.18 -2.01
N ILE N 145 23.60 -7.35 -1.34
CA ILE N 145 23.35 -6.01 -1.84
C ILE N 145 23.94 -4.99 -0.89
N ASN N 146 24.53 -3.95 -1.46
CA ASN N 146 25.12 -2.88 -0.68
C ASN N 146 24.10 -2.28 0.26
N THR N 147 24.40 -2.31 1.56
CA THR N 147 23.57 -1.61 2.53
C THR N 147 23.41 -0.16 2.15
N LYS N 148 24.41 0.43 1.51
CA LYS N 148 24.19 1.73 0.90
C LYS N 148 23.15 1.62 -0.20
N HIS N 149 23.42 0.79 -1.22
CA HIS N 149 22.42 0.52 -2.23
C HIS N 149 21.20 -0.18 -1.68
N LEU N 150 21.20 -0.52 -0.44
CA LEU N 150 19.96 -0.86 0.21
C LEU N 150 19.46 0.34 0.99
N PRO N 151 18.17 0.41 1.21
CA PRO N 151 17.67 1.40 2.16
C PRO N 151 18.11 1.07 3.58
N SER N 152 17.82 2.00 4.50
CA SER N 152 18.31 1.87 5.86
C SER N 152 17.82 0.59 6.52
N THR N 153 16.53 0.29 6.39
CA THR N 153 15.98 -0.87 7.08
C THR N 153 16.52 -2.17 6.51
N CYS N 154 16.35 -2.39 5.21
CA CYS N 154 16.56 -3.71 4.63
C CYS N 154 18.07 -3.97 4.62
N ARG N 155 18.63 -4.11 5.81
CA ARG N 155 20.04 -4.33 6.01
C ARG N 155 20.29 -5.50 6.95
N ASP N 156 19.72 -6.67 6.63
CA ASP N 156 19.68 -7.78 7.58
C ASP N 156 20.63 -8.90 7.17
N ASP N 157 21.29 -9.49 8.16
CA ASP N 157 22.09 -10.69 8.00
C ASP N 157 21.37 -11.90 8.59
N SER N 158 21.75 -13.08 8.13
CA SER N 158 21.24 -14.33 8.66
C SER N 158 21.05 -14.28 10.16
N SER N 159 22.07 -13.76 10.84
CA SER N 159 22.00 -13.46 12.26
C SER N 159 20.70 -12.81 12.67
N ALA N 160 20.07 -12.04 11.80
CA ALA N 160 18.79 -11.41 12.15
C ALA N 160 17.77 -12.47 12.54
N SER N 161 17.24 -12.34 13.75
CA SER N 161 16.44 -13.40 14.35
C SER N 161 15.10 -12.91 14.89
N PHE O 1 39.50 51.52 -28.69
CA PHE O 1 38.87 50.36 -29.28
C PHE O 1 38.72 49.26 -28.25
N THR O 2 39.00 49.61 -27.00
CA THR O 2 38.34 48.90 -25.91
C THR O 2 36.84 48.89 -26.14
N LEU O 3 36.34 49.95 -26.80
CA LEU O 3 34.98 49.92 -27.33
C LEU O 3 34.70 48.63 -28.09
N ILE O 4 35.61 48.25 -29.00
CA ILE O 4 35.46 46.94 -29.61
C ILE O 4 35.39 45.89 -28.51
N GLU O 5 36.45 45.80 -27.71
CA GLU O 5 36.43 44.93 -26.54
C GLU O 5 35.10 45.05 -25.80
N LEU O 6 34.63 46.28 -25.59
CA LEU O 6 33.29 46.48 -25.10
C LEU O 6 32.27 45.87 -26.04
N MET O 7 32.20 46.38 -27.26
CA MET O 7 31.23 45.87 -28.22
C MET O 7 31.42 44.38 -28.42
N ILE O 8 32.65 43.88 -28.28
CA ILE O 8 32.86 42.44 -28.17
C ILE O 8 32.01 41.88 -27.04
N VAL O 9 32.30 42.36 -25.82
CA VAL O 9 31.50 41.94 -24.67
C VAL O 9 30.03 42.13 -24.97
N ILE O 10 29.69 43.23 -25.63
CA ILE O 10 28.34 43.37 -26.15
C ILE O 10 28.06 42.26 -27.16
N ALA O 11 28.93 42.14 -28.16
CA ALA O 11 28.71 41.16 -29.21
C ALA O 11 28.53 39.76 -28.64
N ILE O 12 29.45 39.33 -27.78
CA ILE O 12 29.33 38.00 -27.22
C ILE O 12 28.06 37.88 -26.39
N VAL O 13 27.69 38.98 -25.71
CA VAL O 13 26.36 39.04 -25.15
C VAL O 13 25.32 39.11 -26.26
N GLY O 14 25.70 39.75 -27.36
CA GLY O 14 24.80 39.89 -28.50
C GLY O 14 24.20 38.56 -28.92
N ILE O 15 25.06 37.57 -29.14
CA ILE O 15 24.61 36.25 -29.55
C ILE O 15 24.68 35.26 -28.39
N LEU O 16 24.41 35.74 -27.19
CA LEU O 16 24.42 34.91 -26.00
C LEU O 16 23.03 34.72 -25.40
N ALA O 17 22.14 35.67 -25.71
CA ALA O 17 20.77 35.61 -25.21
C ALA O 17 19.82 35.07 -26.27
N ALA O 18 20.33 34.19 -27.13
CA ALA O 18 19.53 33.59 -28.19
C ALA O 18 19.97 32.18 -28.52
N VAL O 19 19.02 31.25 -28.49
CA VAL O 19 19.22 29.83 -28.79
C VAL O 19 20.13 29.04 -27.83
N ALA O 20 20.36 29.58 -26.63
CA ALA O 20 21.21 28.92 -25.65
C ALA O 20 20.37 28.19 -24.60
N LEU O 21 19.18 27.75 -25.00
CA LEU O 21 18.29 27.03 -24.09
C LEU O 21 17.65 25.84 -24.79
N PRO O 22 18.25 24.67 -24.60
CA PRO O 22 17.74 23.43 -25.21
C PRO O 22 16.51 22.93 -24.48
N ALA O 23 15.64 22.22 -25.18
CA ALA O 23 14.89 21.09 -24.61
C ALA O 23 14.15 21.32 -23.30
N TYR O 24 13.91 22.55 -22.89
CA TYR O 24 13.22 22.69 -21.60
C TYR O 24 11.71 22.61 -21.79
N GLN O 25 11.18 23.17 -22.88
CA GLN O 25 9.81 22.86 -23.24
C GLN O 25 9.68 21.37 -23.45
N ASP O 26 10.77 20.74 -23.89
CA ASP O 26 10.89 19.29 -23.91
C ASP O 26 10.83 18.71 -22.50
N TYR O 27 11.53 19.32 -21.55
CA TYR O 27 11.65 18.70 -20.24
C TYR O 27 10.38 18.82 -19.43
N THR O 28 9.89 20.05 -19.24
CA THR O 28 8.61 20.25 -18.55
C THR O 28 7.60 19.23 -19.00
N ALA O 29 7.52 19.03 -20.32
CA ALA O 29 6.65 18.03 -20.90
C ALA O 29 6.70 16.73 -20.13
N ARG O 30 7.89 16.16 -20.00
CA ARG O 30 8.05 14.88 -19.32
C ARG O 30 7.23 14.84 -18.04
N ALA O 31 7.51 15.76 -17.12
CA ALA O 31 6.72 15.83 -15.90
C ALA O 31 5.27 16.13 -16.21
N GLN O 32 5.03 17.21 -16.98
CA GLN O 32 3.69 17.51 -17.46
C GLN O 32 3.03 16.27 -18.04
N VAL O 33 3.76 15.54 -18.90
CA VAL O 33 3.34 14.20 -19.25
C VAL O 33 3.20 13.34 -18.00
N SER O 34 4.29 13.21 -17.25
CA SER O 34 4.33 12.25 -16.16
C SER O 34 3.21 12.50 -15.16
N GLU O 35 2.82 13.77 -14.99
CA GLU O 35 1.61 14.06 -14.23
C GLU O 35 0.46 13.18 -14.71
N ALA O 36 0.22 13.16 -16.02
CA ALA O 36 -0.82 12.30 -16.55
C ALA O 36 -0.58 10.84 -16.18
N ILE O 37 0.69 10.41 -16.15
CA ILE O 37 0.99 9.04 -15.78
C ILE O 37 0.48 8.74 -14.38
N LEU O 38 0.46 9.75 -13.53
CA LEU O 38 0.26 9.52 -12.10
C LEU O 38 -1.14 9.01 -11.80
N LEU O 39 -2.07 9.12 -12.75
CA LEU O 39 -3.47 9.08 -12.37
C LEU O 39 -4.08 7.70 -12.59
N ALA O 40 -4.05 7.20 -13.83
CA ALA O 40 -4.69 5.93 -14.18
C ALA O 40 -4.08 4.75 -13.45
N GLU O 41 -2.99 4.99 -12.74
CA GLU O 41 -2.32 3.95 -11.98
C GLU O 41 -3.29 3.13 -11.14
N GLY O 42 -4.16 3.81 -10.38
CA GLY O 42 -5.09 3.10 -9.52
C GLY O 42 -6.04 2.21 -10.28
N GLN O 43 -6.35 2.58 -11.53
CA GLN O 43 -7.27 1.77 -12.33
C GLN O 43 -6.75 0.35 -12.49
N LYS O 44 -5.43 0.19 -12.51
CA LYS O 44 -4.78 -1.11 -12.67
C LYS O 44 -5.34 -2.17 -11.75
N SER O 45 -5.82 -1.77 -10.57
CA SER O 45 -6.29 -2.73 -9.58
C SER O 45 -7.49 -3.51 -10.07
N ALA O 46 -8.63 -2.83 -10.26
CA ALA O 46 -9.83 -3.53 -10.71
C ALA O 46 -9.58 -4.17 -12.06
N VAL O 47 -8.82 -3.49 -12.91
CA VAL O 47 -8.31 -4.10 -14.13
C VAL O 47 -7.68 -5.45 -13.82
N THR O 48 -6.71 -5.45 -12.91
CA THR O 48 -6.17 -6.72 -12.42
C THR O 48 -7.29 -7.56 -11.83
N GLU O 49 -8.02 -7.00 -10.86
CA GLU O 49 -9.11 -7.71 -10.21
C GLU O 49 -10.04 -8.35 -11.23
N TYR O 50 -10.46 -7.56 -12.21
CA TYR O 50 -11.24 -8.12 -13.32
C TYR O 50 -10.49 -9.29 -13.93
N TYR O 51 -9.23 -9.06 -14.29
CA TYR O 51 -8.39 -10.16 -14.74
C TYR O 51 -8.20 -11.17 -13.63
N LEU O 52 -8.17 -10.69 -12.40
CA LEU O 52 -7.95 -11.56 -11.26
C LEU O 52 -9.16 -12.43 -11.03
N ASN O 53 -10.31 -11.79 -10.82
CA ASN O 53 -11.56 -12.52 -10.77
C ASN O 53 -11.68 -13.45 -11.97
N HIS O 54 -11.68 -12.89 -13.18
CA HIS O 54 -12.13 -13.61 -14.36
C HIS O 54 -11.02 -14.47 -14.95
N GLY O 55 -9.79 -13.97 -14.96
CA GLY O 55 -8.78 -14.44 -15.87
C GLY O 55 -8.71 -13.65 -17.15
N GLU O 56 -9.59 -12.68 -17.34
CA GLU O 56 -9.60 -11.79 -18.49
C GLU O 56 -9.47 -10.35 -18.00
N TRP O 57 -8.68 -9.55 -18.72
CA TRP O 57 -8.64 -8.15 -18.40
C TRP O 57 -10.01 -7.54 -18.66
N PRO O 58 -10.29 -6.39 -18.08
CA PRO O 58 -11.53 -5.69 -18.42
C PRO O 58 -11.35 -4.98 -19.74
N GLY O 59 -12.29 -5.22 -20.64
CA GLY O 59 -12.25 -4.54 -21.93
C GLY O 59 -12.03 -3.06 -21.78
N ASP O 60 -12.46 -2.49 -20.67
CA ASP O 60 -12.26 -1.08 -20.42
C ASP O 60 -12.58 -0.81 -18.96
N ASN O 61 -12.68 0.48 -18.65
CA ASN O 61 -13.20 0.97 -17.39
C ASN O 61 -14.55 0.33 -17.05
N SER O 62 -15.48 0.33 -18.00
CA SER O 62 -16.83 -0.16 -17.74
C SER O 62 -16.87 -1.67 -17.60
N SER O 63 -16.15 -2.39 -18.45
CA SER O 63 -15.95 -3.82 -18.22
C SER O 63 -15.47 -4.06 -16.80
N ALA O 64 -14.41 -3.38 -16.40
CA ALA O 64 -14.01 -3.38 -15.00
C ALA O 64 -15.11 -2.79 -14.13
N GLY O 65 -15.90 -1.89 -14.69
CA GLY O 65 -16.85 -1.14 -13.90
C GLY O 65 -16.27 0.07 -13.24
N VAL O 66 -15.25 0.68 -13.83
CA VAL O 66 -14.53 1.76 -13.17
C VAL O 66 -14.53 3.02 -14.01
N ALA O 67 -13.87 4.06 -13.50
CA ALA O 67 -14.00 5.41 -14.04
C ALA O 67 -13.52 5.47 -15.49
N THR O 68 -14.41 5.93 -16.37
CA THR O 68 -14.22 5.81 -17.81
C THR O 68 -13.22 6.84 -18.35
N SER O 69 -13.13 6.92 -19.68
CA SER O 69 -12.22 7.83 -20.36
C SER O 69 -12.32 9.23 -19.80
N ALA O 70 -13.48 9.86 -20.00
CA ALA O 70 -13.76 11.18 -19.48
C ALA O 70 -13.90 11.20 -17.97
N ASP O 71 -13.91 10.04 -17.35
CA ASP O 71 -13.74 10.00 -15.92
C ASP O 71 -12.27 10.17 -15.59
N ILE O 72 -11.92 9.71 -14.40
CA ILE O 72 -10.99 10.37 -13.49
C ILE O 72 -9.95 11.20 -14.22
N LYS O 73 -9.87 12.49 -13.87
CA LYS O 73 -9.09 13.48 -14.62
C LYS O 73 -8.75 14.69 -13.75
N GLY O 74 -8.04 15.62 -14.40
CA GLY O 74 -7.66 16.88 -13.79
C GLY O 74 -6.68 17.63 -14.68
N LYS O 75 -5.62 18.14 -14.05
CA LYS O 75 -4.54 18.77 -14.79
C LYS O 75 -3.82 17.78 -15.68
N TYR O 76 -3.52 18.21 -16.91
CA TYR O 76 -2.75 17.42 -17.84
C TYR O 76 -3.40 16.10 -18.15
N VAL O 77 -4.66 15.92 -17.76
CA VAL O 77 -5.39 14.68 -17.95
C VAL O 77 -6.76 15.03 -18.53
N GLN O 78 -6.91 14.85 -19.83
CA GLN O 78 -8.20 15.06 -20.46
C GLN O 78 -8.85 13.76 -20.89
N SER O 79 -8.32 12.63 -20.43
CA SER O 79 -8.99 11.34 -20.54
C SER O 79 -8.17 10.34 -19.73
N VAL O 80 -8.84 9.28 -19.28
CA VAL O 80 -8.22 8.15 -18.59
C VAL O 80 -9.00 6.89 -18.97
N THR O 81 -8.36 5.97 -19.69
CA THR O 81 -9.13 4.93 -20.35
C THR O 81 -8.43 3.58 -20.23
N VAL O 82 -9.23 2.52 -20.13
CA VAL O 82 -8.74 1.14 -20.12
C VAL O 82 -9.11 0.48 -21.43
N ALA O 83 -8.24 -0.38 -21.93
CA ALA O 83 -8.46 -1.07 -23.20
C ALA O 83 -8.10 -2.53 -23.03
N ASN O 84 -9.10 -3.38 -22.77
CA ASN O 84 -8.84 -4.80 -22.51
C ASN O 84 -7.79 -4.95 -21.42
N GLY O 85 -7.99 -4.21 -20.33
CA GLY O 85 -6.99 -4.13 -19.30
C GLY O 85 -5.86 -3.19 -19.60
N VAL O 86 -5.76 -2.65 -20.81
CA VAL O 86 -4.71 -1.71 -21.14
C VAL O 86 -5.21 -0.31 -20.89
N ILE O 87 -4.56 0.41 -19.98
CA ILE O 87 -5.07 1.66 -19.45
C ILE O 87 -4.31 2.81 -20.07
N THR O 88 -4.98 3.95 -20.25
CA THR O 88 -4.36 5.05 -20.97
C THR O 88 -5.00 6.36 -20.53
N ALA O 89 -4.18 7.43 -20.52
CA ALA O 89 -4.66 8.76 -20.18
C ALA O 89 -4.03 9.77 -21.12
N GLN O 90 -4.66 10.93 -21.29
CA GLN O 90 -4.21 11.90 -22.27
C GLN O 90 -3.75 13.19 -21.64
N MET O 91 -2.76 13.82 -22.29
CA MET O 91 -2.35 15.15 -21.89
C MET O 91 -3.47 16.14 -22.10
N ALA O 92 -3.41 17.22 -21.31
CA ALA O 92 -4.31 18.33 -21.54
C ALA O 92 -4.03 18.96 -22.89
N SER O 93 -4.88 19.91 -23.26
CA SER O 93 -4.72 20.62 -24.51
C SER O 93 -4.32 22.07 -24.33
N SER O 94 -3.63 22.41 -23.24
CA SER O 94 -3.20 23.79 -23.00
C SER O 94 -2.36 23.84 -21.73
N ASN O 95 -1.65 24.96 -21.57
CA ASN O 95 -0.77 25.18 -20.42
C ASN O 95 0.23 24.06 -20.29
N VAL O 96 0.49 23.40 -21.40
CA VAL O 96 1.39 22.26 -21.46
C VAL O 96 2.59 22.69 -22.27
N ASN O 97 3.54 21.79 -22.37
CA ASN O 97 4.38 21.81 -23.55
C ASN O 97 3.49 21.80 -24.77
N ASN O 98 3.55 22.89 -25.52
CA ASN O 98 2.82 22.99 -26.79
C ASN O 98 2.98 21.71 -27.60
N GLU O 99 4.12 21.02 -27.43
CA GLU O 99 4.37 19.77 -28.12
C GLU O 99 3.43 18.67 -27.63
N ILE O 100 3.59 18.28 -26.37
CA ILE O 100 2.95 17.10 -25.83
C ILE O 100 1.46 17.33 -25.68
N LYS O 101 1.01 18.51 -26.08
CA LYS O 101 -0.37 18.88 -25.90
C LYS O 101 -1.30 17.76 -26.35
N SER O 102 -2.09 17.24 -25.42
CA SER O 102 -3.07 16.21 -25.69
C SER O 102 -2.42 14.93 -26.19
N LYS O 103 -1.67 14.27 -25.31
CA LYS O 103 -0.98 13.05 -25.66
C LYS O 103 -1.20 11.97 -24.61
N LYS O 104 -0.99 10.71 -25.02
CA LYS O 104 -1.31 9.55 -24.20
C LYS O 104 -0.18 8.54 -24.18
N LEU O 105 -0.35 7.54 -23.31
CA LEU O 105 0.45 6.32 -23.39
C LEU O 105 -0.26 5.26 -22.59
N SER O 106 -0.29 4.06 -23.15
CA SER O 106 -1.07 2.98 -22.56
C SER O 106 -0.35 2.31 -21.41
N LEU O 107 -1.03 1.34 -20.81
CA LEU O 107 -0.59 0.69 -19.59
C LEU O 107 -1.09 -0.75 -19.66
N TRP O 108 -0.22 -1.68 -19.98
CA TRP O 108 -0.66 -3.01 -20.32
C TRP O 108 0.18 -4.05 -19.60
N ALA O 109 -0.49 -4.95 -18.91
CA ALA O 109 0.16 -5.97 -18.11
C ALA O 109 0.00 -7.32 -18.78
N LYS O 110 1.11 -8.03 -18.97
CA LYS O 110 1.09 -9.33 -19.62
C LYS O 110 1.73 -10.35 -18.71
N ARG O 111 1.13 -11.53 -18.65
CA ARG O 111 1.25 -12.38 -17.47
C ARG O 111 2.65 -12.98 -17.35
N GLN O 112 3.12 -13.09 -16.10
CA GLN O 112 4.52 -13.34 -15.77
C GLN O 112 4.75 -14.73 -15.21
N ASN O 113 6.03 -15.07 -15.00
CA ASN O 113 6.36 -16.00 -13.93
C ASN O 113 5.64 -15.59 -12.67
N GLY O 114 5.76 -14.32 -12.32
CA GLY O 114 4.90 -13.72 -11.33
C GLY O 114 3.50 -13.60 -11.89
N SER O 115 2.76 -12.62 -11.40
CA SER O 115 1.44 -12.46 -11.97
C SER O 115 1.55 -11.93 -13.39
N VAL O 116 2.08 -10.73 -13.54
CA VAL O 116 1.86 -10.00 -14.77
C VAL O 116 2.80 -8.81 -14.74
N LYS O 117 3.19 -8.27 -15.89
CA LYS O 117 3.93 -7.03 -15.85
C LYS O 117 3.29 -5.98 -16.74
N TRP O 118 2.90 -4.88 -16.11
CA TRP O 118 2.42 -3.69 -16.78
C TRP O 118 3.52 -3.05 -17.59
N PHE O 119 3.17 -1.97 -18.28
CA PHE O 119 4.15 -1.18 -19.02
C PHE O 119 3.67 0.25 -19.17
N CYS O 120 4.47 1.16 -18.65
CA CYS O 120 4.29 2.58 -18.94
C CYS O 120 4.85 2.85 -20.31
N GLY O 121 3.98 3.02 -21.29
CA GLY O 121 4.45 3.28 -22.62
C GLY O 121 3.31 3.52 -23.58
N GLN O 122 3.67 3.57 -24.84
CA GLN O 122 2.87 4.16 -25.90
C GLN O 122 1.41 3.75 -25.88
N PRO O 123 0.51 4.64 -26.27
CA PRO O 123 -0.89 4.28 -26.42
C PRO O 123 -1.03 3.02 -27.25
N VAL O 124 -1.52 1.97 -26.61
CA VAL O 124 -1.72 0.67 -27.24
C VAL O 124 -2.98 0.07 -26.61
N THR O 125 -3.39 -1.10 -27.08
CA THR O 125 -4.59 -1.74 -26.54
C THR O 125 -4.44 -3.24 -26.60
N ARG O 126 -5.08 -3.93 -25.68
CA ARG O 126 -4.94 -5.37 -25.65
C ARG O 126 -5.85 -6.02 -26.66
N THR O 127 -5.29 -7.01 -27.36
CA THR O 127 -6.02 -7.71 -28.42
C THR O 127 -7.40 -8.11 -27.93
N THR O 128 -7.47 -8.78 -26.80
CA THR O 128 -8.75 -9.06 -26.18
C THR O 128 -8.66 -8.76 -24.69
N ALA O 129 -9.81 -8.43 -24.12
CA ALA O 129 -9.92 -8.40 -22.66
C ALA O 129 -9.47 -9.72 -22.07
N THR O 130 -9.71 -10.82 -22.79
CA THR O 130 -9.25 -12.12 -22.35
C THR O 130 -7.73 -12.22 -22.41
N ALA O 131 -7.12 -11.60 -23.40
CA ALA O 131 -5.71 -11.81 -23.66
C ALA O 131 -4.84 -11.14 -22.61
N THR O 132 -3.54 -11.20 -22.85
CA THR O 132 -2.58 -10.29 -22.21
C THR O 132 -1.88 -9.46 -23.28
N ASP O 133 -1.54 -10.08 -24.41
CA ASP O 133 -0.89 -9.38 -25.51
C ASP O 133 -1.73 -8.21 -26.00
N VAL O 134 -1.07 -7.09 -26.28
CA VAL O 134 -1.76 -5.86 -26.58
C VAL O 134 -1.27 -5.32 -27.92
N ALA O 135 -2.08 -4.46 -28.52
CA ALA O 135 -1.89 -4.00 -29.88
C ALA O 135 -1.52 -2.53 -29.88
N ALA O 136 -0.51 -2.19 -30.69
CA ALA O 136 0.05 -0.86 -30.70
C ALA O 136 -0.89 0.09 -31.44
N ALA O 137 -2.09 0.29 -30.90
CA ALA O 137 -3.06 1.21 -31.48
C ALA O 137 -2.49 2.61 -31.30
N ASN O 138 -1.88 3.15 -32.35
CA ASN O 138 -0.93 4.24 -32.20
C ASN O 138 -1.55 5.62 -32.31
N GLY O 139 -2.78 5.71 -32.80
CA GLY O 139 -3.46 6.99 -32.92
C GLY O 139 -2.63 8.01 -33.66
N LYS O 140 -1.87 7.53 -34.64
CA LYS O 140 -0.99 8.37 -35.43
C LYS O 140 -0.03 9.14 -34.54
N THR O 141 0.30 8.53 -33.42
CA THR O 141 1.39 8.94 -32.53
C THR O 141 1.16 10.31 -31.90
N ASP O 142 0.06 10.99 -32.22
CA ASP O 142 -0.19 12.26 -31.54
C ASP O 142 -0.28 12.03 -30.04
N ASP O 143 -1.28 11.25 -29.62
CA ASP O 143 -1.33 10.85 -28.24
C ASP O 143 -0.08 10.12 -27.81
N LYS O 144 0.49 9.29 -28.67
CA LYS O 144 1.78 8.71 -28.36
C LYS O 144 2.75 9.82 -27.99
N ILE O 145 3.65 9.51 -27.08
CA ILE O 145 4.47 10.53 -26.48
C ILE O 145 5.92 10.29 -26.84
N ASN O 146 6.63 11.37 -27.13
CA ASN O 146 8.03 11.30 -27.48
C ASN O 146 8.83 10.61 -26.38
N THR O 147 9.50 9.52 -26.75
CA THR O 147 10.41 8.88 -25.82
C THR O 147 11.43 9.88 -25.29
N LYS O 148 11.79 10.87 -26.09
CA LYS O 148 12.54 11.98 -25.52
C LYS O 148 11.69 12.70 -24.49
N HIS O 149 10.55 13.23 -24.90
CA HIS O 149 9.62 13.82 -23.95
C HIS O 149 9.07 12.81 -22.97
N LEU O 150 9.40 11.58 -23.12
CA LEU O 150 9.21 10.65 -22.04
C LEU O 150 10.52 10.47 -21.28
N PRO O 151 10.45 10.10 -20.04
CA PRO O 151 11.66 9.66 -19.36
C PRO O 151 12.18 8.36 -19.93
N SER O 152 13.36 7.94 -19.46
CA SER O 152 14.04 6.79 -20.05
C SER O 152 13.19 5.53 -19.91
N THR O 153 12.63 5.30 -18.73
CA THR O 153 11.89 4.06 -18.51
C THR O 153 10.61 4.01 -19.33
N CYS O 154 9.74 5.00 -19.16
CA CYS O 154 8.37 4.91 -19.67
C CYS O 154 8.43 5.05 -21.19
N ARG O 155 9.01 4.05 -21.82
CA ARG O 155 9.19 4.01 -23.26
C ARG O 155 8.72 2.68 -23.83
N ASP O 156 7.48 2.30 -23.54
CA ASP O 156 7.01 0.94 -23.82
C ASP O 156 6.03 0.93 -25.00
N ASP O 157 6.15 -0.11 -25.83
CA ASP O 157 5.21 -0.40 -26.90
C ASP O 157 4.35 -1.61 -26.52
N SER O 158 3.19 -1.70 -27.17
CA SER O 158 2.29 -2.84 -27.00
C SER O 158 3.06 -4.14 -26.88
N SER O 159 4.03 -4.31 -27.77
CA SER O 159 4.99 -5.42 -27.71
C SER O 159 5.49 -5.69 -26.30
N ALA O 160 5.59 -4.67 -25.45
CA ALA O 160 6.06 -4.88 -24.08
C ALA O 160 5.16 -5.89 -23.38
N SER O 161 5.77 -6.96 -22.89
CA SER O 161 5.02 -8.11 -22.40
C SER O 161 5.46 -8.57 -21.01
N PHE P 1 42.68 63.74 -26.65
CA PHE P 1 41.28 63.60 -26.28
C PHE P 1 40.84 62.17 -26.45
N THR P 2 41.81 61.29 -26.70
CA THR P 2 41.64 59.91 -26.29
C THR P 2 41.24 59.86 -24.84
N LEU P 3 41.69 60.85 -24.06
CA LEU P 3 41.15 61.07 -22.72
C LEU P 3 39.63 61.07 -22.72
N ILE P 4 39.02 61.82 -23.65
CA ILE P 4 37.58 61.70 -23.81
C ILE P 4 37.23 60.25 -24.05
N GLU P 5 37.76 59.68 -25.14
CA GLU P 5 37.61 58.25 -25.39
C GLU P 5 37.83 57.45 -24.11
N LEU P 6 38.89 57.77 -23.37
CA LEU P 6 39.05 57.22 -22.04
C LEU P 6 37.86 57.57 -21.16
N MET P 7 37.67 58.87 -20.90
CA MET P 7 36.58 59.28 -20.04
C MET P 7 35.26 58.79 -20.58
N ILE P 8 35.14 58.64 -21.91
CA ILE P 8 34.02 57.89 -22.47
C ILE P 8 33.95 56.50 -21.85
N VAL P 9 35.02 55.72 -22.05
CA VAL P 9 35.09 54.40 -21.45
C VAL P 9 34.82 54.50 -19.96
N ILE P 10 35.35 55.54 -19.33
CA ILE P 10 34.95 55.83 -17.97
C ILE P 10 33.47 56.14 -17.92
N ALA P 11 33.02 57.08 -18.74
CA ALA P 11 31.62 57.50 -18.71
C ALA P 11 30.69 56.31 -18.92
N ILE P 12 30.95 55.51 -19.95
CA ILE P 12 30.07 54.37 -20.19
C ILE P 12 30.16 53.39 -19.03
N VAL P 13 31.34 53.26 -18.44
CA VAL P 13 31.43 52.58 -17.16
C VAL P 13 30.73 53.41 -16.08
N GLY P 14 30.79 54.73 -16.22
CA GLY P 14 30.16 55.63 -15.28
C GLY P 14 28.71 55.27 -14.99
N ILE P 15 27.94 55.12 -16.06
CA ILE P 15 26.53 54.77 -15.93
C ILE P 15 26.29 53.32 -16.30
N LEU P 16 27.25 52.46 -15.97
CA LEU P 16 27.15 51.04 -16.26
C LEU P 16 27.03 50.21 -14.99
N ALA P 17 27.49 50.78 -13.88
CA ALA P 17 27.44 50.09 -12.59
C ALA P 17 26.27 50.60 -11.76
N ALA P 18 25.20 50.99 -12.42
CA ALA P 18 24.02 51.49 -11.74
C ALA P 18 22.74 51.19 -12.49
N VAL P 19 21.79 50.55 -11.80
CA VAL P 19 20.47 50.17 -12.33
C VAL P 19 20.46 49.11 -13.45
N ALA P 20 21.55 48.38 -13.61
CA ALA P 20 21.65 47.35 -14.64
C ALA P 20 21.40 45.96 -14.06
N LEU P 21 20.61 45.91 -13.00
CA LEU P 21 20.28 44.64 -12.35
C LEU P 21 18.81 44.55 -11.99
N PRO P 22 18.02 43.95 -12.87
CA PRO P 22 16.59 43.80 -12.65
C PRO P 22 16.29 42.73 -11.61
N ALA P 23 15.17 42.84 -10.92
CA ALA P 23 14.37 41.70 -10.51
C ALA P 23 15.07 40.55 -9.80
N TYR P 24 16.28 40.74 -9.27
CA TYR P 24 16.91 39.59 -8.63
C TYR P 24 16.47 39.46 -7.18
N GLN P 25 16.29 40.59 -6.49
CA GLN P 25 15.59 40.52 -5.22
C GLN P 25 14.19 39.97 -5.45
N ASP P 26 13.65 40.23 -6.63
CA ASP P 26 12.44 39.58 -7.10
C ASP P 26 12.64 38.07 -7.25
N TYR P 27 13.76 37.66 -7.82
CA TYR P 27 13.93 36.25 -8.17
C TYR P 27 14.19 35.39 -6.94
N THR P 28 15.23 35.74 -6.17
CA THR P 28 15.50 35.03 -4.93
C THR P 28 14.23 34.76 -4.17
N ALA P 29 13.39 35.80 -4.08
CA ALA P 29 12.09 35.68 -3.46
C ALA P 29 11.37 34.40 -3.86
N ARG P 30 11.18 34.21 -5.17
CA ARG P 30 10.47 33.04 -5.67
C ARG P 30 10.92 31.78 -4.95
N ALA P 31 12.22 31.47 -5.03
CA ALA P 31 12.74 30.32 -4.31
C ALA P 31 12.56 30.50 -2.82
N GLN P 32 13.04 31.63 -2.28
CA GLN P 32 12.81 31.97 -0.89
C GLN P 32 11.34 31.77 -0.53
N VAL P 33 10.44 32.28 -1.36
CA VAL P 33 9.04 31.88 -1.27
C VAL P 33 8.92 30.38 -1.41
N SER P 34 9.39 29.85 -2.54
CA SER P 34 9.14 28.44 -2.86
C SER P 34 9.64 27.52 -1.77
N GLU P 35 10.71 27.91 -1.09
CA GLU P 35 11.11 27.21 0.11
C GLU P 35 9.92 27.00 1.04
N ALA P 36 9.20 28.08 1.32
CA ALA P 36 8.00 27.96 2.14
C ALA P 36 7.01 26.98 1.54
N ILE P 37 6.89 26.97 0.20
CA ILE P 37 5.98 26.04 -0.44
C ILE P 37 6.33 24.61 -0.10
N LEU P 38 7.62 24.35 0.13
CA LEU P 38 8.08 22.98 0.20
C LEU P 38 7.54 22.24 1.41
N LEU P 39 6.99 22.96 2.39
CA LEU P 39 6.88 22.38 3.71
C LEU P 39 5.48 21.82 3.98
N ALA P 40 4.44 22.67 3.89
CA ALA P 40 3.08 22.25 4.21
C ALA P 40 2.56 21.15 3.30
N GLU P 41 3.33 20.83 2.26
CA GLU P 41 2.96 19.79 1.32
C GLU P 41 2.51 18.52 2.02
N GLY P 42 3.29 18.05 2.98
CA GLY P 42 2.95 16.81 3.67
C GLY P 42 1.63 16.89 4.41
N GLN P 43 1.27 18.09 4.86
CA GLN P 43 0.01 18.24 5.59
C GLN P 43 -1.17 17.79 4.75
N LYS P 44 -1.07 17.96 3.43
CA LYS P 44 -2.13 17.58 2.50
C LYS P 44 -2.67 16.19 2.74
N SER P 45 -1.83 15.28 3.24
CA SER P 45 -2.23 13.90 3.41
C SER P 45 -3.37 13.75 4.41
N ALA P 46 -3.11 14.04 5.67
CA ALA P 46 -4.14 13.92 6.69
C ALA P 46 -5.32 14.81 6.36
N VAL P 47 -5.01 15.99 5.82
CA VAL P 47 -6.06 16.85 5.24
C VAL P 47 -6.92 16.03 4.29
N THR P 48 -6.28 15.41 3.31
CA THR P 48 -7.00 14.48 2.45
C THR P 48 -7.63 13.37 3.28
N GLU P 49 -6.81 12.69 4.09
CA GLU P 49 -7.30 11.60 4.94
C GLU P 49 -8.51 12.02 5.73
N TYR P 50 -8.43 13.18 6.39
CA TYR P 50 -9.59 13.74 7.05
C TYR P 50 -10.75 13.84 6.07
N TYR P 51 -10.51 14.47 4.92
CA TYR P 51 -11.50 14.48 3.86
C TYR P 51 -11.76 13.06 3.38
N LEU P 52 -10.72 12.23 3.40
CA LEU P 52 -10.84 10.87 2.92
C LEU P 52 -11.70 10.06 3.86
N ASN P 53 -11.27 10.00 5.12
CA ASN P 53 -12.09 9.41 6.16
C ASN P 53 -13.51 9.97 6.11
N HIS P 54 -13.63 11.28 6.30
CA HIS P 54 -14.92 11.89 6.62
C HIS P 54 -15.74 12.16 5.36
N GLY P 55 -15.08 12.63 4.30
CA GLY P 55 -15.75 13.34 3.24
C GLY P 55 -15.71 14.85 3.42
N GLU P 56 -15.15 15.32 4.54
CA GLU P 56 -14.97 16.74 4.81
C GLU P 56 -13.50 17.02 5.03
N TRP P 57 -13.04 18.15 4.49
CA TRP P 57 -11.68 18.54 4.79
C TRP P 57 -11.54 18.83 6.27
N PRO P 58 -10.34 18.84 6.79
CA PRO P 58 -10.15 19.25 8.18
C PRO P 58 -10.17 20.77 8.25
N GLY P 59 -11.02 21.28 9.15
CA GLY P 59 -11.08 22.72 9.34
C GLY P 59 -9.71 23.33 9.47
N ASP P 60 -8.76 22.57 9.98
CA ASP P 60 -7.40 23.06 10.13
C ASP P 60 -6.49 21.87 10.42
N ASN P 61 -5.27 22.20 10.82
CA ASN P 61 -4.33 21.25 11.39
C ASN P 61 -4.95 20.43 12.52
N SER P 62 -5.60 21.11 13.46
CA SER P 62 -6.13 20.43 14.64
C SER P 62 -7.35 19.58 14.30
N SER P 63 -8.25 20.09 13.47
CA SER P 63 -9.31 19.25 12.91
C SER P 63 -8.72 17.98 12.33
N ALA P 64 -7.74 18.14 11.43
CA ALA P 64 -6.96 16.99 10.99
C ALA P 64 -6.23 16.34 12.15
N GLY P 65 -5.90 17.12 13.18
CA GLY P 65 -5.06 16.63 14.23
C GLY P 65 -3.58 16.74 13.93
N VAL P 66 -3.17 17.72 13.13
CA VAL P 66 -1.80 17.78 12.66
C VAL P 66 -1.16 19.10 13.02
N ALA P 67 0.11 19.25 12.61
CA ALA P 67 0.95 20.35 13.09
C ALA P 67 0.37 21.71 12.71
N THR P 68 0.15 22.54 13.73
CA THR P 68 -0.63 23.76 13.59
C THR P 68 0.16 24.88 12.89
N SER P 69 -0.44 26.07 12.90
CA SER P 69 0.16 27.24 12.27
C SER P 69 1.61 27.41 12.69
N ALA P 70 1.82 27.70 13.98
CA ALA P 70 3.15 27.84 14.54
C ALA P 70 3.90 26.52 14.60
N ASP P 71 3.22 25.42 14.30
CA ASP P 71 3.94 24.19 14.06
C ASP P 71 4.52 24.23 12.66
N ILE P 72 4.80 23.03 12.15
CA ILE P 72 5.98 22.73 11.37
C ILE P 72 6.52 23.92 10.60
N LYS P 73 7.80 24.25 10.83
CA LYS P 73 8.41 25.49 10.34
C LYS P 73 9.92 25.37 10.27
N GLY P 74 10.52 26.49 9.85
CA GLY P 74 11.97 26.63 9.77
C GLY P 74 12.33 27.91 9.03
N LYS P 75 13.28 27.79 8.11
CA LYS P 75 13.65 28.91 7.26
C LYS P 75 12.51 29.32 6.36
N TYR P 76 12.31 30.63 6.24
CA TYR P 76 11.32 31.20 5.34
C TYR P 76 9.91 30.73 5.67
N VAL P 77 9.73 30.10 6.82
CA VAL P 77 8.45 29.55 7.23
C VAL P 77 8.19 29.99 8.67
N GLN P 78 7.36 31.01 8.83
CA GLN P 78 6.99 31.44 10.17
C GLN P 78 5.55 31.08 10.50
N SER P 79 4.92 30.23 9.69
CA SER P 79 3.65 29.60 10.02
C SER P 79 3.37 28.56 8.95
N VAL P 80 2.57 27.56 9.31
CA VAL P 80 2.08 26.54 8.39
C VAL P 80 0.69 26.13 8.85
N THR P 81 -0.34 26.42 8.05
CA THR P 81 -1.70 26.37 8.57
C THR P 81 -2.64 25.74 7.56
N VAL P 82 -3.63 25.02 8.06
CA VAL P 82 -4.70 24.44 7.25
C VAL P 82 -5.99 25.20 7.51
N ALA P 83 -6.81 25.36 6.48
CA ALA P 83 -8.06 26.09 6.58
C ALA P 83 -9.15 25.31 5.86
N ASN P 84 -9.92 24.51 6.61
CA ASN P 84 -10.94 23.66 6.00
C ASN P 84 -10.32 22.83 4.90
N GLY P 85 -9.19 22.20 5.22
CA GLY P 85 -8.41 21.52 4.22
C GLY P 85 -7.55 22.41 3.36
N VAL P 86 -7.69 23.72 3.47
CA VAL P 86 -6.86 24.64 2.69
C VAL P 86 -5.64 25.00 3.51
N ILE P 87 -4.47 24.66 3.01
CA ILE P 87 -3.24 24.71 3.80
C ILE P 87 -2.43 25.92 3.37
N THR P 88 -1.69 26.51 4.29
CA THR P 88 -1.00 27.75 4.01
C THR P 88 0.21 27.89 4.93
N ALA P 89 1.26 28.53 4.41
CA ALA P 89 2.47 28.78 5.18
C ALA P 89 2.97 30.18 4.85
N GLN P 90 3.74 30.77 5.76
CA GLN P 90 4.15 32.15 5.61
C GLN P 90 5.66 32.31 5.46
N MET P 91 6.05 33.33 4.69
CA MET P 91 7.45 33.68 4.59
C MET P 91 7.97 34.14 5.93
N ALA P 92 9.28 33.98 6.10
CA ALA P 92 9.93 34.56 7.26
C ALA P 92 9.85 36.08 7.21
N SER P 93 10.31 36.71 8.28
CA SER P 93 10.31 38.16 8.37
C SER P 93 11.70 38.76 8.32
N SER P 94 12.66 38.08 7.69
CA SER P 94 14.03 38.61 7.60
C SER P 94 14.86 37.68 6.74
N ASN P 95 16.02 38.18 6.32
CA ASN P 95 16.96 37.43 5.47
C ASN P 95 16.26 36.95 4.21
N VAL P 96 15.20 37.65 3.85
CA VAL P 96 14.37 37.31 2.70
C VAL P 96 14.56 38.41 1.69
N ASN P 97 13.93 38.23 0.55
CA ASN P 97 13.52 39.39 -0.20
C ASN P 97 12.73 40.29 0.73
N ASN P 98 13.28 41.48 0.97
CA ASN P 98 12.59 42.49 1.75
C ASN P 98 11.14 42.61 1.33
N GLU P 99 10.86 42.32 0.06
CA GLU P 99 9.50 42.37 -0.46
C GLU P 99 8.64 41.27 0.15
N ILE P 100 8.97 40.02 -0.16
CA ILE P 100 8.12 38.89 0.15
C ILE P 100 8.12 38.62 1.64
N LYS P 101 8.83 39.45 2.38
CA LYS P 101 8.97 39.24 3.79
C LYS P 101 7.62 38.95 4.44
N SER P 102 7.51 37.77 5.03
CA SER P 102 6.30 37.35 5.74
C SER P 102 5.09 37.29 4.82
N LYS P 103 5.12 36.33 3.89
CA LYS P 103 4.05 36.16 2.94
C LYS P 103 3.61 34.70 2.84
N LYS P 104 2.38 34.50 2.34
CA LYS P 104 1.75 33.18 2.33
C LYS P 104 1.14 32.87 0.98
N LEU P 105 0.69 31.63 0.86
CA LEU P 105 -0.22 31.24 -0.21
C LEU P 105 -0.87 29.93 0.17
N SER P 106 -2.16 29.83 -0.07
CA SER P 106 -2.93 28.68 0.40
C SER P 106 -2.77 27.50 -0.53
N LEU P 107 -3.43 26.41 -0.14
CA LEU P 107 -3.29 25.11 -0.78
C LEU P 107 -4.62 24.40 -0.65
N TRP P 108 -5.40 24.39 -1.70
CA TRP P 108 -6.78 23.97 -1.59
C TRP P 108 -7.13 22.99 -2.69
N ALA P 109 -7.69 21.85 -2.30
CA ALA P 109 -8.02 20.79 -3.21
C ALA P 109 -9.53 20.70 -3.36
N LYS P 110 -10.01 20.72 -4.59
CA LYS P 110 -11.44 20.65 -4.87
C LYS P 110 -11.72 19.48 -5.78
N ARG P 111 -12.80 18.77 -5.50
CA ARG P 111 -12.92 17.37 -5.88
C ARG P 111 -13.09 17.21 -7.39
N GLN P 112 -12.48 16.15 -7.93
CA GLN P 112 -12.24 15.98 -9.37
C GLN P 112 -13.11 14.87 -9.96
N ASN P 113 -13.04 14.74 -11.28
CA ASN P 113 -13.23 13.43 -11.89
C ASN P 113 -12.39 12.41 -11.16
N GLY P 114 -11.12 12.73 -10.98
CA GLY P 114 -10.27 12.02 -10.05
C GLY P 114 -10.72 12.34 -8.63
N SER P 115 -9.79 12.26 -7.70
CA SER P 115 -10.19 12.61 -6.35
C SER P 115 -10.43 14.11 -6.25
N VAL P 116 -9.39 14.89 -6.46
CA VAL P 116 -9.43 16.28 -6.01
C VAL P 116 -8.23 16.96 -6.64
N LYS P 117 -8.29 18.27 -6.83
CA LYS P 117 -7.08 18.96 -7.24
C LYS P 117 -6.75 20.11 -6.31
N TRP P 118 -5.58 20.02 -5.70
CA TRP P 118 -5.01 21.09 -4.90
C TRP P 118 -4.66 22.28 -5.77
N PHE P 119 -4.16 23.34 -5.14
CA PHE P 119 -3.67 24.51 -5.86
C PHE P 119 -2.64 25.23 -5.03
N CYS P 120 -1.45 25.35 -5.60
CA CYS P 120 -0.43 26.24 -5.06
C CYS P 120 -0.79 27.66 -5.48
N GLY P 121 -1.31 28.43 -4.54
CA GLY P 121 -1.65 29.80 -4.88
C GLY P 121 -2.16 30.54 -3.66
N GLN P 122 -2.67 31.72 -3.93
CA GLN P 122 -2.86 32.78 -2.96
C GLN P 122 -3.47 32.33 -1.65
N PRO P 123 -3.08 32.95 -0.54
CA PRO P 123 -3.72 32.66 0.74
C PRO P 123 -5.23 32.76 0.60
N VAL P 124 -5.89 31.63 0.79
CA VAL P 124 -7.34 31.53 0.69
C VAL P 124 -7.76 30.50 1.73
N THR P 125 -9.07 30.26 1.87
CA THR P 125 -9.57 29.31 2.84
C THR P 125 -10.84 28.67 2.32
N ARG P 126 -11.08 27.43 2.74
CA ARG P 126 -12.26 26.75 2.24
C ARG P 126 -13.49 27.17 3.01
N THR P 127 -14.57 27.38 2.26
CA THR P 127 -15.82 27.85 2.85
C THR P 127 -16.18 27.01 4.06
N THR P 128 -16.19 25.70 3.91
CA THR P 128 -16.36 24.81 5.04
C THR P 128 -15.35 23.69 4.96
N ALA P 129 -14.99 23.17 6.12
CA ALA P 129 -14.26 21.91 6.17
C ALA P 129 -15.00 20.84 5.38
N THR P 130 -16.33 20.90 5.38
CA THR P 130 -17.13 19.97 4.58
C THR P 130 -16.95 20.22 3.10
N ALA P 131 -16.80 21.49 2.71
CA ALA P 131 -16.85 21.85 1.31
C ALA P 131 -15.59 21.39 0.58
N THR P 132 -15.51 21.78 -0.69
CA THR P 132 -14.24 21.83 -1.42
C THR P 132 -13.94 23.26 -1.85
N ASP P 133 -14.97 24.00 -2.27
CA ASP P 133 -14.81 25.39 -2.67
C ASP P 133 -14.23 26.22 -1.54
N VAL P 134 -13.30 27.11 -1.90
CA VAL P 134 -12.53 27.85 -0.91
C VAL P 134 -12.66 29.33 -1.18
N ALA P 135 -12.39 30.12 -0.16
CA ALA P 135 -12.64 31.55 -0.17
C ALA P 135 -11.33 32.31 -0.17
N ALA P 136 -11.26 33.33 -1.01
CA ALA P 136 -10.03 34.09 -1.22
C ALA P 136 -9.78 35.01 -0.05
N ALA P 137 -9.57 34.44 1.14
CA ALA P 137 -9.26 35.23 2.33
C ALA P 137 -7.89 35.83 2.10
N ASN P 138 -7.84 37.09 1.70
CA ASN P 138 -6.67 37.63 1.04
C ASN P 138 -5.67 38.28 1.99
N GLY P 139 -6.07 38.56 3.23
CA GLY P 139 -5.18 39.15 4.20
C GLY P 139 -4.53 40.41 3.69
N LYS P 140 -5.28 41.15 2.89
CA LYS P 140 -4.81 42.38 2.28
C LYS P 140 -3.52 42.14 1.51
N THR P 141 -3.41 40.94 0.96
CA THR P 141 -2.41 40.55 -0.02
C THR P 141 -0.99 40.60 0.50
N ASP P 142 -0.77 41.03 1.75
CA ASP P 142 0.58 41.01 2.27
C ASP P 142 1.12 39.58 2.23
N ASP P 143 0.48 38.69 2.99
CA ASP P 143 0.84 37.29 2.87
C ASP P 143 0.67 36.78 1.45
N LYS P 144 -0.37 37.22 0.74
CA LYS P 144 -0.45 36.90 -0.67
C LYS P 144 0.85 37.26 -1.35
N ILE P 145 1.22 36.47 -2.34
CA ILE P 145 2.55 36.58 -2.92
C ILE P 145 2.42 37.01 -4.36
N ASN P 146 3.34 37.90 -4.77
CA ASN P 146 3.37 38.39 -6.13
C ASN P 146 3.48 37.25 -7.11
N THR P 147 2.51 37.16 -8.01
CA THR P 147 2.60 36.19 -9.11
C THR P 147 3.90 36.38 -9.87
N LYS P 148 4.41 37.61 -9.94
CA LYS P 148 5.77 37.77 -10.42
C LYS P 148 6.74 37.08 -9.48
N HIS P 149 6.76 37.50 -8.21
CA HIS P 149 7.57 36.80 -7.22
C HIS P 149 7.09 35.38 -6.97
N LEU P 150 6.04 34.98 -7.60
CA LEU P 150 5.76 33.57 -7.69
C LEU P 150 6.22 33.05 -9.04
N PRO P 151 6.53 31.79 -9.12
CA PRO P 151 6.73 31.20 -10.45
C PRO P 151 5.44 31.15 -11.24
N SER P 152 5.54 30.75 -12.51
CA SER P 152 4.40 30.82 -13.42
C SER P 152 3.25 29.96 -12.91
N THR P 153 3.54 28.74 -12.48
CA THR P 153 2.46 27.84 -12.09
C THR P 153 1.77 28.31 -10.81
N CYS P 154 2.53 28.50 -9.74
CA CYS P 154 1.94 28.66 -8.42
C CYS P 154 1.30 30.05 -8.36
N ARG P 155 0.26 30.21 -9.14
CA ARG P 155 -0.47 31.47 -9.26
C ARG P 155 -1.96 31.25 -9.10
N ASP P 156 -2.38 30.62 -8.00
CA ASP P 156 -3.75 30.14 -7.86
C ASP P 156 -4.54 30.99 -6.86
N ASP P 157 -5.81 31.23 -7.19
CA ASP P 157 -6.77 31.85 -6.30
C ASP P 157 -7.76 30.82 -5.78
N SER P 158 -8.38 31.15 -4.65
CA SER P 158 -9.43 30.31 -4.08
C SER P 158 -10.33 29.70 -5.15
N SER P 159 -10.73 30.56 -6.08
CA SER P 159 -11.45 30.14 -7.27
C SER P 159 -10.88 28.88 -7.91
N ALA P 160 -9.57 28.65 -7.79
CA ALA P 160 -8.98 27.45 -8.36
C ALA P 160 -9.65 26.21 -7.78
N SER P 161 -10.19 25.37 -8.65
CA SER P 161 -11.05 24.28 -8.23
C SER P 161 -10.66 22.94 -8.84
N PHE Q 1 54.63 68.31 -26.81
CA PHE Q 1 54.42 67.70 -25.50
C PHE Q 1 53.04 67.09 -25.42
N THR Q 2 52.37 67.06 -26.57
CA THR Q 2 51.36 66.02 -26.76
C THR Q 2 51.98 64.67 -26.45
N LEU Q 3 53.28 64.53 -26.69
CA LEU Q 3 54.04 63.40 -26.18
C LEU Q 3 53.75 63.15 -24.71
N ILE Q 4 53.81 64.21 -23.89
CA ILE Q 4 53.35 64.05 -22.51
C ILE Q 4 51.94 63.50 -22.52
N GLU Q 5 51.01 64.27 -23.12
CA GLU Q 5 49.66 63.78 -23.31
C GLU Q 5 49.67 62.33 -23.78
N LEU Q 6 50.51 62.02 -24.76
CA LEU Q 6 50.74 60.64 -25.12
C LEU Q 6 51.25 59.84 -23.93
N MET Q 7 52.43 60.21 -23.45
CA MET Q 7 53.01 59.48 -22.33
C MET Q 7 52.07 59.49 -21.14
N ILE Q 8 51.26 60.55 -21.00
CA ILE Q 8 50.13 60.50 -20.07
C ILE Q 8 49.26 59.29 -20.38
N VAL Q 9 48.70 59.26 -21.60
CA VAL Q 9 47.90 58.13 -22.01
C VAL Q 9 48.68 56.85 -21.80
N ILE Q 10 49.98 56.89 -22.09
CA ILE Q 10 50.83 55.78 -21.70
C ILE Q 10 50.83 55.63 -20.19
N ALA Q 11 51.14 56.72 -19.48
CA ALA Q 11 51.24 56.66 -18.04
C ALA Q 11 49.95 56.13 -17.42
N ILE Q 12 48.81 56.68 -17.81
CA ILE Q 12 47.55 56.20 -17.22
C ILE Q 12 47.33 54.75 -17.61
N VAL Q 13 47.74 54.37 -18.81
CA VAL Q 13 47.82 52.95 -19.13
C VAL Q 13 48.93 52.31 -18.31
N GLY Q 14 49.99 53.06 -18.03
CA GLY Q 14 51.10 52.57 -17.25
C GLY Q 14 50.66 51.92 -15.95
N ILE Q 15 49.86 52.64 -15.18
CA ILE Q 15 49.36 52.13 -13.91
C ILE Q 15 47.90 51.72 -14.02
N LEU Q 16 47.52 51.19 -15.18
CA LEU Q 16 46.15 50.74 -15.41
C LEU Q 16 46.08 49.23 -15.56
N ALA Q 17 47.19 48.62 -15.93
CA ALA Q 17 47.25 47.17 -16.11
C ALA Q 17 47.87 46.48 -14.89
N ALA Q 18 47.68 47.08 -13.72
CA ALA Q 18 48.22 46.53 -12.49
C ALA Q 18 47.34 46.83 -11.30
N VAL Q 19 46.98 45.77 -10.57
CA VAL Q 19 46.14 45.82 -9.35
C VAL Q 19 44.68 46.30 -9.55
N ALA Q 20 44.18 46.26 -10.78
CA ALA Q 20 42.83 46.68 -11.07
C ALA Q 20 41.90 45.47 -11.21
N LEU Q 21 42.21 44.40 -10.50
CA LEU Q 21 41.41 43.18 -10.54
C LEU Q 21 41.24 42.59 -9.15
N PRO Q 22 40.14 42.93 -8.49
CA PRO Q 22 39.86 42.44 -7.14
C PRO Q 22 39.41 40.98 -7.18
N ALA Q 23 39.65 40.24 -6.10
CA ALA Q 23 38.74 39.21 -5.62
C ALA Q 23 38.26 38.18 -6.62
N TYR Q 24 38.90 38.02 -7.76
CA TYR Q 24 38.37 37.02 -8.69
C TYR Q 24 38.91 35.62 -8.37
N GLN Q 25 40.17 35.53 -7.95
CA GLN Q 25 40.62 34.28 -7.35
C GLN Q 25 39.76 34.00 -6.13
N ASP Q 26 39.30 35.06 -5.48
CA ASP Q 26 38.28 34.95 -4.44
C ASP Q 26 36.97 34.40 -5.01
N TYR Q 27 36.55 34.88 -6.17
CA TYR Q 27 35.22 34.54 -6.65
C TYR Q 27 35.16 33.12 -7.17
N THR Q 28 36.03 32.79 -8.13
CA THR Q 28 36.11 31.41 -8.64
C THR Q 28 36.03 30.42 -7.50
N ALA Q 29 36.78 30.69 -6.44
CA ALA Q 29 36.75 29.89 -5.24
C ALA Q 29 35.34 29.52 -4.85
N ARG Q 30 34.48 30.52 -4.64
CA ARG Q 30 33.11 30.29 -4.22
C ARG Q 30 32.49 29.13 -5.00
N ALA Q 31 32.43 29.27 -6.32
CA ALA Q 31 31.92 28.19 -7.14
C ALA Q 31 32.78 26.96 -7.01
N GLN Q 32 34.09 27.11 -7.22
CA GLN Q 32 35.04 26.03 -6.98
C GLN Q 32 34.78 25.38 -5.63
N VAL Q 33 34.62 26.20 -4.59
CA VAL Q 33 34.06 25.70 -3.34
C VAL Q 33 32.70 25.08 -3.59
N SER Q 34 31.77 25.87 -4.11
CA SER Q 34 30.38 25.45 -4.19
C SER Q 34 30.24 24.15 -4.96
N GLU Q 35 31.11 23.93 -5.94
CA GLU Q 35 31.19 22.61 -6.56
C GLU Q 35 31.25 21.53 -5.50
N ALA Q 36 32.17 21.67 -4.55
CA ALA Q 36 32.26 20.71 -3.47
C ALA Q 36 30.95 20.61 -2.71
N ILE Q 37 30.24 21.73 -2.54
CA ILE Q 37 28.96 21.70 -1.84
C ILE Q 37 27.99 20.77 -2.56
N LEU Q 38 28.13 20.66 -3.87
CA LEU Q 38 27.10 20.03 -4.68
C LEU Q 38 26.98 18.54 -4.39
N LEU Q 39 27.97 17.95 -3.72
CA LEU Q 39 28.11 16.51 -3.83
C LEU Q 39 27.52 15.78 -2.63
N ALA Q 40 28.00 16.09 -1.41
CA ALA Q 40 27.54 15.39 -0.20
C ALA Q 40 26.06 15.58 0.07
N GLU Q 41 25.41 16.45 -0.69
CA GLU Q 41 23.99 16.71 -0.55
C GLU Q 41 23.19 15.42 -0.46
N GLY Q 42 23.42 14.49 -1.39
CA GLY Q 42 22.65 13.26 -1.39
C GLY Q 42 22.84 12.44 -0.13
N GLN Q 43 24.01 12.55 0.51
CA GLN Q 43 24.27 11.79 1.71
C GLN Q 43 23.24 12.10 2.79
N LYS Q 44 22.74 13.34 2.80
CA LYS Q 44 21.76 13.79 3.77
C LYS Q 44 20.60 12.84 3.94
N SER Q 45 20.24 12.11 2.88
CA SER Q 45 19.08 11.24 2.93
C SER Q 45 19.24 10.13 3.94
N ALA Q 46 20.17 9.21 3.68
CA ALA Q 46 20.37 8.10 4.61
C ALA Q 46 20.74 8.62 5.99
N VAL Q 47 21.53 9.69 6.02
CA VAL Q 47 21.76 10.43 7.26
C VAL Q 47 20.44 10.72 7.94
N THR Q 48 19.54 11.38 7.22
CA THR Q 48 18.19 11.56 7.74
C THR Q 48 17.55 10.21 8.03
N GLU Q 49 17.54 9.33 7.03
CA GLU Q 49 16.96 7.99 7.18
C GLU Q 49 17.47 7.30 8.43
N TYR Q 50 18.79 7.30 8.59
CA TYR Q 50 19.38 6.81 9.83
C TYR Q 50 18.76 7.52 11.02
N TYR Q 51 18.77 8.85 10.99
CA TYR Q 51 18.05 9.59 12.01
C TYR Q 51 16.56 9.31 11.94
N LEU Q 52 16.07 9.05 10.73
CA LEU Q 52 14.65 8.80 10.54
C LEU Q 52 14.27 7.46 11.12
N ASN Q 53 14.93 6.41 10.62
CA ASN Q 53 14.80 5.10 11.24
C ASN Q 53 14.99 5.19 12.74
N HIS Q 54 16.17 5.62 13.17
CA HIS Q 54 16.59 5.42 14.56
C HIS Q 54 16.04 6.50 15.47
N GLY Q 55 16.02 7.75 15.00
CA GLY Q 55 15.98 8.89 15.89
C GLY Q 55 17.35 9.46 16.20
N GLU Q 56 18.41 8.82 15.71
CA GLU Q 56 19.77 9.28 15.88
C GLU Q 56 20.40 9.47 14.51
N TRP Q 57 21.18 10.54 14.37
CA TRP Q 57 21.91 10.70 13.14
C TRP Q 57 22.93 9.58 13.01
N PRO Q 58 23.42 9.33 11.82
CA PRO Q 58 24.50 8.36 11.67
C PRO Q 58 25.81 9.00 12.06
N GLY Q 59 26.54 8.34 12.96
CA GLY Q 59 27.83 8.86 13.36
C GLY Q 59 28.67 9.25 12.18
N ASP Q 60 28.47 8.61 11.05
CA ASP Q 60 29.21 8.94 9.84
C ASP Q 60 28.52 8.27 8.66
N ASN Q 61 29.23 8.28 7.54
CA ASN Q 61 28.89 7.50 6.37
C ASN Q 61 28.65 6.04 6.71
N SER Q 62 29.57 5.42 7.46
CA SER Q 62 29.48 4.00 7.76
C SER Q 62 28.37 3.68 8.74
N SER Q 63 28.21 4.49 9.77
CA SER Q 63 27.02 4.40 10.62
C SER Q 63 25.77 4.42 9.76
N ALA Q 64 25.64 5.42 8.90
CA ALA Q 64 24.60 5.38 7.89
C ALA Q 64 24.77 4.19 6.96
N GLY Q 65 26.00 3.73 6.79
CA GLY Q 65 26.29 2.72 5.79
C GLY Q 65 26.50 3.27 4.41
N VAL Q 66 26.99 4.50 4.30
CA VAL Q 66 27.07 5.16 3.00
C VAL Q 66 28.50 5.59 2.68
N ALA Q 67 28.66 6.22 1.52
CA ALA Q 67 29.98 6.47 0.95
C ALA Q 67 30.82 7.34 1.87
N THR Q 68 32.00 6.83 2.24
CA THR Q 68 32.81 7.40 3.30
C THR Q 68 33.55 8.66 2.85
N SER Q 69 34.45 9.12 3.71
CA SER Q 69 35.25 10.33 3.45
C SER Q 69 35.88 10.28 2.07
N ALA Q 70 36.79 9.34 1.87
CA ALA Q 70 37.45 9.13 0.60
C ALA Q 70 36.50 8.58 -0.45
N ASP Q 71 35.30 8.21 -0.06
CA ASP Q 71 34.28 7.95 -1.05
C ASP Q 71 33.72 9.27 -1.53
N ILE Q 72 32.50 9.19 -2.06
CA ILE Q 72 32.08 9.91 -3.26
C ILE Q 72 32.81 11.24 -3.44
N LYS Q 73 33.44 11.41 -4.61
CA LYS Q 73 34.36 12.52 -4.87
C LYS Q 73 34.52 12.76 -6.36
N GLY Q 74 35.35 13.76 -6.64
CA GLY Q 74 35.70 14.14 -8.00
C GLY Q 74 36.49 15.44 -8.01
N LYS Q 75 36.10 16.34 -8.91
CA LYS Q 75 36.69 17.67 -8.95
C LYS Q 75 36.37 18.45 -7.70
N TYR Q 76 37.38 19.15 -7.17
CA TYR Q 76 37.23 20.03 -6.03
C TYR Q 76 36.73 19.29 -4.81
N VAL Q 77 36.73 17.96 -4.85
CA VAL Q 77 36.24 17.14 -3.75
C VAL Q 77 37.28 16.07 -3.47
N GLN Q 78 38.07 16.27 -2.43
CA GLN Q 78 39.02 15.25 -2.02
C GLN Q 78 38.62 14.57 -0.73
N SER Q 79 37.38 14.76 -0.29
CA SER Q 79 36.77 13.97 0.77
C SER Q 79 35.30 14.35 0.83
N VAL Q 80 34.48 13.42 1.33
CA VAL Q 80 33.07 13.65 1.62
C VAL Q 80 32.70 12.83 2.84
N THR Q 81 32.34 13.49 3.93
CA THR Q 81 32.30 12.80 5.22
C THR Q 81 31.09 13.22 6.03
N VAL Q 82 30.53 12.28 6.79
CA VAL Q 82 29.44 12.52 7.72
C VAL Q 82 29.97 12.45 9.14
N ALA Q 83 29.44 13.28 10.02
CA ALA Q 83 29.87 13.33 11.41
C ALA Q 83 28.65 13.40 12.31
N ASN Q 84 28.20 12.25 12.82
CA ASN Q 84 26.99 12.21 13.62
C ASN Q 84 25.84 12.87 12.87
N GLY Q 85 25.68 12.47 11.62
CA GLY Q 85 24.76 13.14 10.74
C GLY Q 85 25.24 14.45 10.17
N VAL Q 86 26.39 14.96 10.62
CA VAL Q 86 26.92 16.20 10.08
C VAL Q 86 27.87 15.87 8.95
N ILE Q 87 27.56 16.33 7.75
CA ILE Q 87 28.21 15.88 6.54
C ILE Q 87 29.18 16.97 6.07
N THR Q 88 30.28 16.56 5.45
CA THR Q 88 31.32 17.50 5.10
C THR Q 88 32.13 16.99 3.92
N ALA Q 89 32.60 17.91 3.09
CA ALA Q 89 33.43 17.58 1.94
C ALA Q 89 34.55 18.60 1.82
N GLN Q 90 35.64 18.22 1.17
CA GLN Q 90 36.82 19.07 1.12
C GLN Q 90 37.15 19.53 -0.29
N MET Q 91 37.70 20.73 -0.37
CA MET Q 91 38.21 21.22 -1.64
C MET Q 91 39.38 20.37 -2.11
N ALA Q 92 39.58 20.36 -3.42
CA ALA Q 92 40.77 19.74 -3.96
C ALA Q 92 42.01 20.49 -3.50
N SER Q 93 43.16 19.94 -3.85
CA SER Q 93 44.42 20.55 -3.50
C SER Q 93 45.18 21.11 -4.69
N SER Q 94 44.47 21.50 -5.76
CA SER Q 94 45.12 22.05 -6.95
C SER Q 94 44.06 22.49 -7.94
N ASN Q 95 44.50 23.28 -8.92
CA ASN Q 95 43.62 23.81 -9.97
C ASN Q 95 42.45 24.56 -9.35
N VAL Q 96 42.65 25.02 -8.13
CA VAL Q 96 41.65 25.72 -7.36
C VAL Q 96 42.11 27.15 -7.21
N ASN Q 97 41.25 27.95 -6.60
CA ASN Q 97 41.79 29.07 -5.87
C ASN Q 97 42.87 28.57 -4.93
N ASN Q 98 44.08 29.02 -5.19
CA ASN Q 98 45.20 28.71 -4.31
C ASN Q 98 44.82 28.89 -2.85
N GLU Q 99 43.89 29.82 -2.59
CA GLU Q 99 43.41 30.07 -1.24
C GLU Q 99 42.63 28.88 -0.71
N ILE Q 100 41.47 28.60 -1.32
CA ILE Q 100 40.52 27.64 -0.79
C ILE Q 100 41.03 26.23 -0.92
N LYS Q 101 42.24 26.11 -1.44
CA LYS Q 101 42.80 24.80 -1.70
C LYS Q 101 42.62 23.89 -0.50
N SER Q 102 41.90 22.80 -0.72
CA SER Q 102 41.68 21.78 0.31
C SER Q 102 40.92 22.35 1.51
N LYS Q 103 39.67 22.70 1.29
CA LYS Q 103 38.83 23.27 2.34
C LYS Q 103 37.47 22.59 2.40
N LYS Q 104 36.82 22.71 3.57
CA LYS Q 104 35.58 22.00 3.86
C LYS Q 104 34.53 22.92 4.45
N LEU Q 105 33.33 22.36 4.58
CA LEU Q 105 32.31 22.95 5.43
C LEU Q 105 31.26 21.88 5.71
N SER Q 106 30.81 21.83 6.95
CA SER Q 106 29.93 20.76 7.38
C SER Q 106 28.50 21.02 6.99
N LEU Q 107 27.65 20.05 7.33
CA LEU Q 107 26.26 20.03 6.91
C LEU Q 107 25.48 19.34 8.01
N TRP Q 108 24.78 20.12 8.82
CA TRP Q 108 24.22 19.60 10.05
C TRP Q 108 22.78 20.02 10.21
N ALA Q 109 21.92 19.06 10.44
CA ALA Q 109 20.48 19.29 10.55
C ALA Q 109 20.06 19.12 12.00
N LYS Q 110 19.36 20.11 12.53
CA LYS Q 110 18.91 20.08 13.91
C LYS Q 110 17.40 20.27 13.93
N ARG Q 111 16.74 19.51 14.79
CA ARG Q 111 15.34 19.16 14.58
C ARG Q 111 14.41 20.36 14.79
N GLN Q 112 13.37 20.42 13.95
CA GLN Q 112 12.55 21.62 13.76
C GLN Q 112 11.15 21.46 14.35
N ASN Q 113 10.39 22.56 14.31
CA ASN Q 113 8.94 22.43 14.21
C ASN Q 113 8.61 21.45 13.11
N GLY Q 114 9.22 21.66 11.95
CA GLY Q 114 9.24 20.65 10.91
C GLY Q 114 10.12 19.51 11.36
N SER Q 115 10.70 18.82 10.39
CA SER Q 115 11.61 17.75 10.79
C SER Q 115 12.87 18.33 11.39
N VAL Q 116 13.62 19.06 10.59
CA VAL Q 116 15.01 19.33 10.94
C VAL Q 116 15.50 20.39 9.97
N LYS Q 117 16.51 21.17 10.37
CA LYS Q 117 17.12 22.05 9.38
C LYS Q 117 18.62 21.85 9.31
N TRP Q 118 19.07 21.48 8.12
CA TRP Q 118 20.47 21.39 7.79
C TRP Q 118 21.11 22.76 7.79
N PHE Q 119 22.41 22.79 7.53
CA PHE Q 119 23.13 24.06 7.39
C PHE Q 119 24.35 23.87 6.53
N CYS Q 120 24.39 24.60 5.43
CA CYS Q 120 25.61 24.73 4.63
C CYS Q 120 26.52 25.70 5.35
N GLY Q 121 27.55 25.17 5.99
CA GLY Q 121 28.47 26.06 6.68
C GLY Q 121 29.61 25.27 7.29
N GLN Q 122 30.38 25.99 8.10
CA GLN Q 122 31.73 25.62 8.49
C GLN Q 122 31.89 24.17 8.90
N PRO Q 123 33.03 23.58 8.62
CA PRO Q 123 33.31 22.22 9.11
C PRO Q 123 33.05 22.14 10.60
N VAL Q 124 32.05 21.34 10.96
CA VAL Q 124 31.65 21.12 12.33
C VAL Q 124 31.21 19.67 12.44
N THR Q 125 30.84 19.23 13.64
CA THR Q 125 30.42 17.85 13.84
C THR Q 125 29.38 17.78 14.94
N ARG Q 126 28.51 16.80 14.85
CA ARG Q 126 27.46 16.70 15.85
C ARG Q 126 27.96 16.04 17.11
N THR Q 127 27.58 16.61 18.24
CA THR Q 127 28.02 16.11 19.54
C THR Q 127 27.85 14.62 19.63
N THR Q 128 26.67 14.12 19.31
CA THR Q 128 26.45 12.70 19.20
C THR Q 128 25.65 12.40 17.95
N ALA Q 129 25.86 11.19 17.42
CA ALA Q 129 24.96 10.68 16.40
C ALA Q 129 23.52 10.74 16.89
N THR Q 130 23.32 10.53 18.20
CA THR Q 130 21.99 10.65 18.78
C THR Q 130 21.49 12.09 18.74
N ALA Q 131 22.38 13.05 18.93
CA ALA Q 131 21.98 14.43 19.13
C ALA Q 131 21.47 15.05 17.84
N THR Q 132 21.18 16.35 17.92
CA THR Q 132 21.09 17.21 16.74
C THR Q 132 22.14 18.30 16.82
N ASP Q 133 22.37 18.85 18.01
CA ASP Q 133 23.37 19.89 18.22
C ASP Q 133 24.75 19.40 17.82
N VAL Q 134 25.49 20.29 17.15
CA VAL Q 134 26.74 19.91 16.53
C VAL Q 134 27.85 20.83 17.04
N ALA Q 135 29.09 20.36 16.92
CA ALA Q 135 30.24 21.01 17.52
C ALA Q 135 31.13 21.59 16.44
N ALA Q 136 31.59 22.82 16.66
CA ALA Q 136 32.34 23.55 15.67
C ALA Q 136 33.76 23.02 15.59
N ALA Q 137 33.91 21.76 15.19
CA ALA Q 137 35.22 21.16 15.03
C ALA Q 137 35.89 21.86 13.85
N ASN Q 138 36.76 22.82 14.14
CA ASN Q 138 37.11 23.84 13.17
C ASN Q 138 38.32 23.50 12.32
N GLY Q 139 39.09 22.48 12.71
CA GLY Q 139 40.25 22.07 11.95
C GLY Q 139 41.18 23.22 11.65
N LYS Q 140 41.27 24.15 12.61
CA LYS Q 140 42.09 25.33 12.48
C LYS Q 140 41.74 26.10 11.21
N THR Q 141 40.47 26.01 10.84
CA THR Q 141 39.84 26.84 9.83
C THR Q 141 40.43 26.65 8.43
N ASP Q 142 41.44 25.81 8.27
CA ASP Q 142 41.94 25.58 6.92
C ASP Q 142 40.82 25.02 6.06
N ASP Q 143 40.32 23.84 6.41
CA ASP Q 143 39.15 23.33 5.73
C ASP Q 143 37.97 24.28 5.84
N LYS Q 144 37.80 24.95 6.99
CA LYS Q 144 36.81 25.99 7.06
C LYS Q 144 37.02 26.97 5.92
N ILE Q 145 35.92 27.51 5.42
CA ILE Q 145 35.97 28.28 4.18
C ILE Q 145 35.59 29.71 4.48
N ASN Q 146 36.31 30.64 3.84
CA ASN Q 146 36.06 32.05 4.00
C ASN Q 146 34.61 32.38 3.66
N THR Q 147 33.90 32.96 4.63
CA THR Q 147 32.56 33.45 4.35
C THR Q 147 32.59 34.42 3.18
N LYS Q 148 33.67 35.15 2.99
CA LYS Q 148 33.83 35.86 1.73
C LYS Q 148 33.91 34.87 0.58
N HIS Q 149 34.90 33.99 0.60
CA HIS Q 149 34.96 32.93 -0.40
C HIS Q 149 33.79 31.97 -0.31
N LEU Q 150 32.95 32.14 0.65
CA LEU Q 150 31.65 31.51 0.57
C LEU Q 150 30.62 32.50 0.06
N PRO Q 151 29.58 32.02 -0.53
CA PRO Q 151 28.44 32.91 -0.82
C PRO Q 151 27.77 33.36 0.47
N SER Q 152 26.81 34.30 0.32
CA SER Q 152 26.20 34.91 1.49
C SER Q 152 25.52 33.89 2.36
N THR Q 153 24.75 32.98 1.78
CA THR Q 153 23.98 32.03 2.58
C THR Q 153 24.89 31.05 3.30
N CYS Q 154 25.73 30.33 2.55
CA CYS Q 154 26.42 29.16 3.10
C CYS Q 154 27.50 29.67 4.06
N ARG Q 155 27.05 30.25 5.15
CA ARG Q 155 27.91 30.83 6.16
C ARG Q 155 27.54 30.34 7.55
N ASP Q 156 27.46 29.03 7.74
CA ASP Q 156 26.88 28.45 8.94
C ASP Q 156 27.94 27.86 9.87
N ASP Q 157 27.74 28.05 11.16
CA ASP Q 157 28.53 27.42 12.21
C ASP Q 157 27.73 26.32 12.89
N SER Q 158 28.44 25.39 13.52
CA SER Q 158 27.83 24.32 14.29
C SER Q 158 26.62 24.81 15.07
N SER Q 159 26.80 25.96 15.72
CA SER Q 159 25.71 26.67 16.37
C SER Q 159 24.44 26.72 15.53
N ALA Q 160 24.54 26.72 14.21
CA ALA Q 160 23.35 26.74 13.37
C ALA Q 160 22.47 25.54 13.68
N SER Q 161 21.24 25.80 14.04
CA SER Q 161 20.35 24.79 14.60
C SER Q 161 18.99 24.73 13.92
N PHE R 1 60.66 72.59 -37.25
CA PHE R 1 60.76 71.14 -37.26
C PHE R 1 60.02 70.57 -36.08
N THR R 2 59.29 71.42 -35.37
CA THR R 2 58.13 70.93 -34.66
C THR R 2 57.26 70.13 -35.60
N LEU R 3 57.28 70.48 -36.88
CA LEU R 3 56.72 69.62 -37.91
C LEU R 3 57.19 68.18 -37.77
N ILE R 4 58.51 67.99 -37.60
CA ILE R 4 58.98 66.65 -37.27
C ILE R 4 58.24 66.17 -36.03
N GLU R 5 58.41 66.88 -34.93
CA GLU R 5 57.65 66.60 -33.72
C GLU R 5 56.19 66.33 -34.06
N LEU R 6 55.59 67.16 -34.90
CA LEU R 6 54.28 66.85 -35.45
C LEU R 6 54.31 65.53 -36.20
N MET R 7 55.09 65.48 -37.29
CA MET R 7 55.14 64.27 -38.08
C MET R 7 55.58 63.08 -37.22
N ILE R 8 56.38 63.33 -36.18
CA ILE R 8 56.59 62.32 -35.15
C ILE R 8 55.24 61.87 -34.59
N VAL R 9 54.52 62.81 -33.99
CA VAL R 9 53.20 62.50 -33.47
C VAL R 9 52.36 61.84 -34.56
N ILE R 10 52.49 62.32 -35.79
CA ILE R 10 51.91 61.60 -36.91
C ILE R 10 52.55 60.23 -37.01
N ALA R 11 53.88 60.18 -37.08
CA ALA R 11 54.58 58.92 -37.26
C ALA R 11 54.19 57.92 -36.18
N ILE R 12 54.25 58.33 -34.91
CA ILE R 12 53.90 57.39 -33.85
C ILE R 12 52.43 56.99 -33.97
N VAL R 13 51.59 57.93 -34.40
CA VAL R 13 50.25 57.53 -34.82
C VAL R 13 50.33 56.70 -36.08
N GLY R 14 51.30 57.00 -36.93
CA GLY R 14 51.48 56.27 -38.18
C GLY R 14 51.50 54.77 -37.97
N ILE R 15 52.34 54.31 -37.05
CA ILE R 15 52.46 52.89 -36.76
C ILE R 15 51.78 52.55 -35.44
N LEU R 16 50.68 53.23 -35.15
CA LEU R 16 49.93 52.99 -33.93
C LEU R 16 48.56 52.39 -34.21
N ALA R 17 48.07 52.60 -35.43
CA ALA R 17 46.76 52.08 -35.83
C ALA R 17 46.92 50.81 -36.67
N ALA R 18 47.97 50.05 -36.38
CA ALA R 18 48.23 48.81 -37.11
C ALA R 18 48.90 47.78 -36.24
N VAL R 19 48.31 46.58 -36.18
CA VAL R 19 48.81 45.42 -35.41
C VAL R 19 48.83 45.57 -33.88
N ALA R 20 48.09 46.54 -33.35
CA ALA R 20 48.04 46.77 -31.92
C ALA R 20 46.77 46.17 -31.30
N LEU R 21 46.28 45.09 -31.92
CA LEU R 21 45.09 44.41 -31.43
C LEU R 21 45.25 42.90 -31.48
N PRO R 22 45.66 42.31 -30.36
CA PRO R 22 45.86 40.86 -30.28
C PRO R 22 44.53 40.14 -30.20
N ALA R 23 44.50 38.90 -30.67
CA ALA R 23 43.69 37.84 -30.06
C ALA R 23 42.23 38.12 -29.80
N TYR R 24 41.64 39.14 -30.41
CA TYR R 24 40.23 39.39 -30.10
C TYR R 24 39.32 38.53 -30.97
N GLN R 25 39.69 38.34 -32.24
CA GLN R 25 39.02 37.30 -33.01
C GLN R 25 39.23 35.97 -32.32
N ASP R 26 40.36 35.83 -31.64
CA ASP R 26 40.60 34.72 -30.73
C ASP R 26 39.60 34.72 -29.57
N TYR R 27 39.34 35.88 -28.98
CA TYR R 27 38.56 35.92 -27.76
C TYR R 27 37.08 35.69 -28.02
N THR R 28 36.49 36.50 -28.90
CA THR R 28 35.10 36.30 -29.29
C THR R 28 34.81 34.83 -29.51
N ALA R 29 35.72 34.17 -30.23
CA ALA R 29 35.63 32.75 -30.45
C ALA R 29 35.24 32.00 -29.19
N ARG R 30 36.03 32.15 -28.13
CA ARG R 30 35.78 31.45 -26.88
C ARG R 30 34.30 31.48 -26.53
N ALA R 31 33.75 32.68 -26.36
CA ALA R 31 32.33 32.80 -26.09
C ALA R 31 31.51 32.22 -27.25
N GLN R 32 31.78 32.70 -28.46
CA GLN R 32 31.17 32.13 -29.66
C GLN R 32 31.25 30.62 -29.63
N VAL R 33 32.43 30.07 -29.33
CA VAL R 33 32.53 28.66 -28.97
C VAL R 33 31.62 28.36 -27.79
N SER R 34 31.86 29.04 -26.68
CA SER R 34 31.20 28.68 -25.43
C SER R 34 29.69 28.71 -25.58
N GLU R 35 29.17 29.59 -26.42
CA GLU R 35 27.77 29.51 -26.80
C GLU R 35 27.40 28.09 -27.18
N ALA R 36 28.17 27.49 -28.08
CA ALA R 36 27.91 26.10 -28.45
C ALA R 36 27.96 25.19 -27.24
N ILE R 37 28.86 25.46 -26.29
CA ILE R 37 28.93 24.64 -25.10
C ILE R 37 27.62 24.65 -24.35
N LEU R 38 26.89 25.76 -24.44
CA LEU R 38 25.75 25.98 -23.56
C LEU R 38 24.61 25.00 -23.83
N LEU R 39 24.64 24.31 -24.96
CA LEU R 39 23.40 23.74 -25.45
C LEU R 39 23.28 22.25 -25.10
N ALA R 40 24.23 21.43 -25.55
CA ALA R 40 24.16 19.99 -25.36
C ALA R 40 24.18 19.58 -23.88
N GLU R 41 24.40 20.56 -23.01
CA GLU R 41 24.43 20.32 -21.57
C GLU R 41 23.23 19.50 -21.12
N GLY R 42 22.03 19.90 -21.53
CA GLY R 42 20.84 19.19 -21.09
C GLY R 42 20.81 17.74 -21.54
N GLN R 43 21.45 17.44 -22.67
CA GLN R 43 21.46 16.07 -23.16
C GLN R 43 22.08 15.12 -22.15
N LYS R 44 23.02 15.62 -21.36
CA LYS R 44 23.71 14.83 -20.34
C LYS R 44 22.76 14.05 -19.47
N SER R 45 21.56 14.55 -19.25
CA SER R 45 20.63 13.91 -18.33
C SER R 45 20.22 12.52 -18.82
N ALA R 46 19.50 12.46 -19.93
CA ALA R 46 19.07 11.17 -20.45
C ALA R 46 20.26 10.29 -20.75
N VAL R 47 21.33 10.91 -21.25
CA VAL R 47 22.61 10.21 -21.35
C VAL R 47 22.96 9.55 -20.03
N THR R 48 22.98 10.34 -18.95
CA THR R 48 23.12 9.76 -17.64
C THR R 48 22.01 8.76 -17.36
N GLU R 49 20.77 9.20 -17.52
CA GLU R 49 19.61 8.34 -17.29
C GLU R 49 19.76 7.02 -18.02
N TYR R 50 20.09 7.09 -19.31
CA TYR R 50 20.40 5.89 -20.06
C TYR R 50 21.46 5.09 -19.34
N TYR R 51 22.58 5.75 -19.02
CA TYR R 51 23.59 5.10 -18.19
C TYR R 51 23.02 4.79 -16.81
N LEU R 52 22.11 5.63 -16.34
CA LEU R 52 21.54 5.44 -15.03
C LEU R 52 20.62 4.24 -15.02
N ASN R 53 19.61 4.28 -15.89
CA ASN R 53 18.79 3.10 -16.11
C ASN R 53 19.65 1.87 -16.35
N HIS R 54 20.45 1.90 -17.40
CA HIS R 54 21.06 0.69 -17.94
C HIS R 54 22.34 0.31 -17.19
N GLY R 55 23.15 1.30 -16.84
CA GLY R 55 24.54 1.08 -16.55
C GLY R 55 25.43 1.31 -17.75
N GLU R 56 24.85 1.59 -18.92
CA GLU R 56 25.59 1.89 -20.14
C GLU R 56 25.18 3.28 -20.62
N TRP R 57 26.16 4.03 -21.10
CA TRP R 57 25.82 5.29 -21.72
C TRP R 57 24.99 5.04 -22.96
N PRO R 58 24.28 6.03 -23.45
CA PRO R 58 23.59 5.88 -24.73
C PRO R 58 24.59 6.06 -25.85
N GLY R 59 24.61 5.09 -26.76
CA GLY R 59 25.48 5.19 -27.91
C GLY R 59 25.39 6.54 -28.58
N ASP R 60 24.24 7.19 -28.48
CA ASP R 60 24.05 8.51 -29.06
C ASP R 60 22.77 9.10 -28.50
N ASN R 61 22.35 10.19 -29.12
CA ASN R 61 21.04 10.78 -28.93
C ASN R 61 19.93 9.74 -29.08
N SER R 62 19.97 8.95 -30.15
CA SER R 62 18.89 8.01 -30.42
C SER R 62 18.90 6.82 -29.47
N SER R 63 20.08 6.28 -29.17
CA SER R 63 20.20 5.32 -28.10
C SER R 63 19.54 5.85 -26.83
N ALA R 64 19.94 7.07 -26.42
CA ALA R 64 19.20 7.75 -25.37
C ALA R 64 17.77 8.01 -25.78
N GLY R 65 17.52 8.15 -27.07
CA GLY R 65 16.23 8.57 -27.55
C GLY R 65 16.04 10.06 -27.56
N VAL R 66 17.12 10.83 -27.72
CA VAL R 66 17.04 12.28 -27.57
C VAL R 66 17.50 12.98 -28.83
N ALA R 67 17.49 14.32 -28.77
CA ALA R 67 17.67 15.14 -29.96
C ALA R 67 19.02 14.90 -30.61
N THR R 68 18.99 14.53 -31.89
CA THR R 68 20.16 14.02 -32.59
C THR R 68 21.13 15.14 -32.98
N SER R 69 22.14 14.76 -33.78
CA SER R 69 23.17 15.69 -34.23
C SER R 69 22.56 16.96 -34.79
N ALA R 70 21.84 16.83 -35.90
CA ALA R 70 21.15 17.96 -36.52
C ALA R 70 19.98 18.44 -35.69
N ASP R 71 19.63 17.72 -34.64
CA ASP R 71 18.72 18.29 -33.66
C ASP R 71 19.49 19.24 -32.77
N ILE R 72 18.94 19.46 -31.59
CA ILE R 72 18.86 20.76 -30.94
C ILE R 72 20.03 21.68 -31.31
N LYS R 73 19.70 22.87 -31.82
CA LYS R 73 20.69 23.77 -32.43
C LYS R 73 20.18 25.21 -32.44
N GLY R 74 21.04 26.06 -33.00
CA GLY R 74 20.74 27.47 -33.18
C GLY R 74 21.99 28.22 -33.61
N LYS R 75 22.22 29.37 -32.98
CA LYS R 75 23.44 30.13 -33.21
C LYS R 75 24.67 29.37 -32.78
N TYR R 76 25.70 29.42 -33.61
CA TYR R 76 26.99 28.82 -33.30
C TYR R 76 26.89 27.33 -33.05
N VAL R 77 25.74 26.73 -33.39
CA VAL R 77 25.51 25.32 -33.17
C VAL R 77 24.94 24.74 -34.45
N GLN R 78 25.78 24.06 -35.22
CA GLN R 78 25.31 23.38 -36.41
C GLN R 78 25.30 21.87 -36.25
N SER R 79 25.44 21.38 -35.03
CA SER R 79 25.20 19.99 -34.68
C SER R 79 25.28 19.87 -33.16
N VAL R 80 24.59 18.86 -32.63
CA VAL R 80 24.65 18.49 -31.22
C VAL R 80 24.50 16.98 -31.12
N THR R 81 25.54 16.30 -30.67
CA THR R 81 25.59 14.85 -30.87
C THR R 81 26.12 14.15 -29.62
N VAL R 82 25.60 12.96 -29.36
CA VAL R 82 26.07 12.08 -28.29
C VAL R 82 26.81 10.91 -28.89
N ALA R 83 27.86 10.46 -28.21
CA ALA R 83 28.68 9.35 -28.69
C ALA R 83 28.96 8.41 -27.54
N ASN R 84 28.16 7.35 -27.41
CA ASN R 84 28.29 6.43 -26.28
C ASN R 84 28.26 7.20 -24.97
N GLY R 85 27.26 8.07 -24.85
CA GLY R 85 27.22 8.99 -23.75
C GLY R 85 28.13 10.19 -23.87
N VAL R 86 29.00 10.23 -24.87
CA VAL R 86 29.88 11.37 -25.05
C VAL R 86 29.21 12.35 -26.00
N ILE R 87 28.94 13.56 -25.53
CA ILE R 87 28.08 14.50 -26.22
C ILE R 87 28.94 15.57 -26.86
N THR R 88 28.50 16.11 -28.00
CA THR R 88 29.33 17.02 -28.75
C THR R 88 28.45 17.92 -29.60
N ALA R 89 28.89 19.16 -29.80
CA ALA R 89 28.18 20.13 -30.62
C ALA R 89 29.21 20.91 -31.44
N GLN R 90 28.77 21.48 -32.57
CA GLN R 90 29.68 22.11 -33.49
C GLN R 90 29.43 23.60 -33.63
N MET R 91 30.51 24.34 -33.86
CA MET R 91 30.38 25.75 -34.19
C MET R 91 29.66 25.94 -35.50
N ALA R 92 29.03 27.11 -35.63
CA ALA R 92 28.46 27.48 -36.90
C ALA R 92 29.55 27.64 -37.94
N SER R 93 29.13 27.87 -39.17
CA SER R 93 30.06 28.06 -40.26
C SER R 93 30.08 29.49 -40.79
N SER R 94 29.74 30.48 -39.96
CA SER R 94 29.73 31.87 -40.41
C SER R 94 29.41 32.77 -39.22
N ASN R 95 29.67 34.07 -39.39
CA ASN R 95 29.43 35.08 -38.36
C ASN R 95 30.15 34.70 -37.08
N VAL R 96 31.18 33.90 -37.23
CA VAL R 96 31.97 33.41 -36.11
C VAL R 96 33.34 34.04 -36.21
N ASN R 97 34.16 33.73 -35.22
CA ASN R 97 35.57 33.74 -35.50
C ASN R 97 35.83 32.87 -36.70
N ASN R 98 36.30 33.50 -37.77
CA ASN R 98 36.69 32.78 -38.97
C ASN R 98 37.50 31.54 -38.62
N GLU R 99 38.25 31.60 -37.51
CA GLU R 99 39.03 30.47 -37.06
C GLU R 99 38.14 29.32 -36.61
N ILE R 100 37.39 29.53 -35.54
CA ILE R 100 36.67 28.46 -34.87
C ILE R 100 35.51 27.98 -35.71
N LYS R 101 35.37 28.57 -36.89
CA LYS R 101 34.24 28.27 -37.74
C LYS R 101 34.05 26.78 -37.85
N SER R 102 32.87 26.32 -37.40
CA SER R 102 32.50 24.91 -37.49
C SER R 102 33.43 24.01 -36.69
N LYS R 103 33.37 24.16 -35.37
CA LYS R 103 34.23 23.39 -34.48
C LYS R 103 33.42 22.78 -33.33
N LYS R 104 33.99 21.74 -32.73
CA LYS R 104 33.30 20.94 -31.71
C LYS R 104 34.17 20.69 -30.50
N LEU R 105 33.54 20.11 -29.48
CA LEU R 105 34.26 19.50 -28.38
C LEU R 105 33.30 18.58 -27.65
N SER R 106 33.80 17.41 -27.30
CA SER R 106 32.95 16.37 -26.72
C SER R 106 32.70 16.60 -25.24
N LEU R 107 31.89 15.71 -24.68
CA LEU R 107 31.40 15.82 -23.32
C LEU R 107 31.23 14.41 -22.79
N TRP R 108 32.16 13.97 -21.96
CA TRP R 108 32.22 12.57 -21.62
C TRP R 108 32.39 12.40 -20.12
N ALA R 109 31.53 11.61 -19.53
CA ALA R 109 31.50 11.37 -18.09
C ALA R 109 32.00 9.98 -17.79
N LYS R 110 32.98 9.87 -16.90
CA LYS R 110 33.57 8.59 -16.53
C LYS R 110 33.45 8.41 -15.04
N ARG R 111 33.11 7.20 -14.62
CA ARG R 111 32.44 6.98 -13.35
C ARG R 111 33.38 7.23 -12.16
N GLN R 112 32.83 7.81 -11.10
CA GLN R 112 33.58 8.40 -10.00
C GLN R 112 33.48 7.59 -8.72
N ASN R 113 34.25 8.01 -7.70
CA ASN R 113 33.81 7.80 -6.34
C ASN R 113 32.37 8.24 -6.19
N GLY R 114 32.08 9.44 -6.67
CA GLY R 114 30.71 9.86 -6.90
C GLY R 114 30.14 9.07 -8.05
N SER R 115 29.18 9.68 -8.73
CA SER R 115 28.65 8.97 -9.88
C SER R 115 29.68 8.95 -11.00
N VAL R 116 30.04 10.11 -11.51
CA VAL R 116 30.69 10.15 -12.80
C VAL R 116 31.20 11.58 -12.97
N LYS R 117 32.25 11.77 -13.78
CA LYS R 117 32.61 13.14 -14.09
C LYS R 117 32.69 13.36 -15.59
N TRP R 118 31.86 14.28 -16.06
CA TRP R 118 31.89 14.76 -17.43
C TRP R 118 33.17 15.52 -17.71
N PHE R 119 33.31 15.97 -18.95
CA PHE R 119 34.45 16.81 -19.32
C PHE R 119 34.08 17.66 -20.52
N CYS R 120 34.17 18.97 -20.32
CA CYS R 120 34.11 19.92 -21.42
C CYS R 120 35.46 19.92 -22.10
N GLY R 121 35.52 19.28 -23.27
CA GLY R 121 36.79 19.25 -23.96
C GLY R 121 36.65 18.56 -25.29
N GLN R 122 37.81 18.31 -25.90
CA GLN R 122 37.94 18.02 -27.32
C GLN R 122 36.96 17.00 -27.84
N PRO R 123 36.53 17.15 -29.09
CA PRO R 123 35.70 16.13 -29.72
C PRO R 123 36.31 14.76 -29.56
N VAL R 124 35.63 13.91 -28.81
CA VAL R 124 36.06 12.55 -28.53
C VAL R 124 34.80 11.69 -28.48
N THR R 125 34.95 10.38 -28.29
CA THR R 125 33.82 9.49 -28.24
C THR R 125 34.11 8.34 -27.30
N ARG R 126 33.07 7.80 -26.68
CA ARG R 126 33.30 6.73 -25.74
C ARG R 126 33.46 5.40 -26.46
N THR R 127 34.43 4.62 -25.99
CA THR R 127 34.75 3.35 -26.61
C THR R 127 33.49 2.53 -26.83
N THR R 128 32.69 2.37 -25.79
CA THR R 128 31.39 1.74 -25.93
C THR R 128 30.36 2.55 -25.16
N ALA R 129 29.13 2.48 -25.63
CA ALA R 129 28.01 2.96 -24.83
C ALA R 129 28.03 2.33 -23.45
N THR R 130 28.48 1.08 -23.37
CA THR R 130 28.62 0.41 -22.08
C THR R 130 29.71 1.04 -21.24
N ALA R 131 30.80 1.49 -21.88
CA ALA R 131 31.98 1.90 -21.16
C ALA R 131 31.77 3.22 -20.45
N THR R 132 32.84 3.73 -19.86
CA THR R 132 32.96 5.13 -19.51
C THR R 132 34.13 5.76 -20.26
N ASP R 133 35.23 5.03 -20.39
CA ASP R 133 36.40 5.51 -21.12
C ASP R 133 36.04 5.86 -22.56
N VAL R 134 36.60 6.97 -23.02
CA VAL R 134 36.21 7.54 -24.31
C VAL R 134 37.45 7.71 -25.16
N ALA R 135 37.22 7.80 -26.47
CA ALA R 135 38.29 7.78 -27.46
C ALA R 135 38.41 9.14 -28.13
N ALA R 136 39.64 9.60 -28.28
CA ALA R 136 39.91 10.95 -28.77
C ALA R 136 39.69 10.98 -30.28
N ALA R 137 38.46 10.76 -30.71
CA ALA R 137 38.12 10.83 -32.12
C ALA R 137 38.24 12.29 -32.53
N ASN R 138 39.36 12.64 -33.15
CA ASN R 138 39.81 14.02 -33.20
C ASN R 138 39.32 14.79 -34.42
N GLY R 139 38.81 14.10 -35.43
CA GLY R 139 38.29 14.75 -36.61
C GLY R 139 39.29 15.70 -37.22
N LYS R 140 40.57 15.34 -37.12
CA LYS R 140 41.67 16.15 -37.62
C LYS R 140 41.60 17.55 -37.03
N THR R 141 41.10 17.63 -35.80
CA THR R 141 41.19 18.79 -34.94
C THR R 141 40.43 19.99 -35.48
N ASP R 142 39.83 19.90 -36.67
CA ASP R 142 39.05 21.05 -37.14
C ASP R 142 37.95 21.34 -36.15
N ASP R 143 37.03 20.39 -35.97
CA ASP R 143 36.04 20.55 -34.93
C ASP R 143 36.68 20.71 -33.57
N LYS R 144 37.76 20.00 -33.29
CA LYS R 144 38.50 20.27 -32.07
C LYS R 144 38.80 21.76 -31.98
N ILE R 145 38.80 22.26 -30.76
CA ILE R 145 38.84 23.70 -30.56
C ILE R 145 40.13 24.08 -29.86
N ASN R 146 40.72 25.18 -30.30
CA ASN R 146 41.95 25.67 -29.71
C ASN R 146 41.78 25.89 -28.21
N THR R 147 42.61 25.21 -27.44
CA THR R 147 42.65 25.47 -26.00
C THR R 147 42.88 26.94 -25.72
N LYS R 148 43.61 27.63 -26.59
CA LYS R 148 43.61 29.08 -26.51
C LYS R 148 42.22 29.61 -26.76
N HIS R 149 41.66 29.34 -27.94
CA HIS R 149 40.28 29.71 -28.21
C HIS R 149 39.29 28.98 -27.33
N LEU R 150 39.76 28.10 -26.51
CA LEU R 150 38.94 27.65 -25.41
C LEU R 150 39.33 28.40 -24.15
N PRO R 151 38.42 28.51 -23.21
CA PRO R 151 38.83 28.99 -21.90
C PRO R 151 39.73 27.99 -21.18
N SER R 152 40.26 28.39 -20.03
CA SER R 152 41.25 27.58 -19.34
C SER R 152 40.69 26.21 -18.97
N THR R 153 39.48 26.17 -18.43
CA THR R 153 38.94 24.90 -17.96
C THR R 153 38.64 23.96 -19.11
N CYS R 154 37.82 24.40 -20.06
CA CYS R 154 37.24 23.49 -21.05
C CYS R 154 38.35 23.09 -22.01
N ARG R 155 39.30 22.34 -21.49
CA ARG R 155 40.46 21.88 -22.23
C ARG R 155 40.68 20.39 -22.05
N ASP R 156 39.64 19.59 -22.32
CA ASP R 156 39.65 18.18 -21.95
C ASP R 156 39.81 17.27 -23.17
N ASP R 157 40.59 16.21 -23.00
CA ASP R 157 40.73 15.13 -23.97
C ASP R 157 39.98 13.89 -23.50
N SER R 158 39.65 13.02 -24.45
CA SER R 158 39.02 11.75 -24.16
C SER R 158 39.60 11.11 -22.90
N SER R 159 40.92 11.12 -22.82
CA SER R 159 41.64 10.72 -21.62
C SER R 159 41.02 11.26 -20.34
N ALA R 160 40.39 12.42 -20.38
CA ALA R 160 39.75 12.96 -19.18
C ALA R 160 38.73 11.97 -18.64
N SER R 161 38.90 11.57 -17.38
CA SER R 161 38.15 10.47 -16.82
C SER R 161 37.51 10.81 -15.48
N PHE S 1 60.20 84.64 -41.52
CA PHE S 1 58.99 83.99 -41.96
C PHE S 1 58.94 82.56 -41.45
N THR S 2 59.88 82.25 -40.57
CA THR S 2 59.61 81.20 -39.61
C THR S 2 58.29 81.49 -38.91
N LEU S 3 57.95 82.77 -38.78
CA LEU S 3 56.61 83.16 -38.39
C LEU S 3 55.56 82.43 -39.21
N ILE S 4 55.72 82.41 -40.54
CA ILE S 4 54.84 81.57 -41.34
C ILE S 4 54.91 80.14 -40.81
N GLU S 5 56.11 79.56 -40.85
CA GLU S 5 56.33 78.25 -40.25
C GLU S 5 55.65 78.18 -38.89
N LEU S 6 55.82 79.21 -38.06
CA LEU S 6 55.03 79.31 -36.85
C LEU S 6 53.55 79.34 -37.15
N MET S 7 53.11 80.38 -37.86
CA MET S 7 51.69 80.49 -38.18
C MET S 7 51.21 79.27 -38.93
N ILE S 8 52.10 78.62 -39.70
CA ILE S 8 51.79 77.28 -40.20
C ILE S 8 51.44 76.36 -39.04
N VAL S 9 52.41 76.17 -38.13
CA VAL S 9 52.15 75.35 -36.95
C VAL S 9 50.89 75.84 -36.26
N ILE S 10 50.71 77.15 -36.21
CA ILE S 10 49.43 77.68 -35.77
C ILE S 10 48.33 77.22 -36.72
N ALA S 11 48.52 77.48 -38.01
CA ALA S 11 47.48 77.15 -38.99
C ALA S 11 47.11 75.69 -38.91
N ILE S 12 48.10 74.79 -38.93
CA ILE S 12 47.78 73.37 -38.87
C ILE S 12 47.10 73.05 -37.55
N VAL S 13 47.51 73.72 -36.48
CA VAL S 13 46.72 73.67 -35.26
C VAL S 13 45.40 74.39 -35.48
N GLY S 14 45.41 75.42 -36.31
CA GLY S 14 44.21 76.18 -36.60
C GLY S 14 43.04 75.30 -37.00
N ILE S 15 43.27 74.42 -37.97
CA ILE S 15 42.24 73.51 -38.44
C ILE S 15 42.48 72.10 -37.93
N LEU S 16 43.00 71.99 -36.72
CA LEU S 16 43.28 70.70 -36.11
C LEU S 16 42.36 70.43 -34.92
N ALA S 17 41.84 71.50 -34.33
CA ALA S 17 40.96 71.39 -33.18
C ALA S 17 39.49 71.53 -33.60
N ALA S 18 39.18 71.09 -34.82
CA ALA S 18 37.84 71.17 -35.33
C ALA S 18 37.51 70.03 -36.29
N VAL S 19 36.42 69.33 -36.01
CA VAL S 19 35.92 68.19 -36.81
C VAL S 19 36.81 66.94 -36.88
N ALA S 20 37.76 66.83 -35.95
CA ALA S 20 38.66 65.69 -35.90
C ALA S 20 38.22 64.66 -34.87
N LEU S 21 36.92 64.60 -34.63
CA LEU S 21 36.35 63.66 -33.66
C LEU S 21 35.08 63.01 -34.19
N PRO S 22 35.23 61.84 -34.78
CA PRO S 22 34.09 61.11 -35.34
C PRO S 22 33.25 60.47 -34.23
N ALA S 23 31.96 60.27 -34.48
CA ALA S 23 31.23 59.12 -33.99
C ALA S 23 31.31 58.79 -32.51
N TYR S 24 31.76 59.70 -31.66
CA TYR S 24 31.86 59.32 -30.26
C TYR S 24 30.53 59.52 -29.54
N GLN S 25 29.79 60.58 -29.88
CA GLN S 25 28.41 60.64 -29.45
C GLN S 25 27.67 59.44 -30.01
N ASP S 26 28.11 58.97 -31.18
CA ASP S 26 27.67 57.70 -31.72
C ASP S 26 28.06 56.54 -30.83
N TYR S 27 29.29 56.55 -30.32
CA TYR S 27 29.79 55.37 -29.61
C TYR S 27 29.18 55.25 -28.22
N THR S 28 29.32 56.29 -27.40
CA THR S 28 28.69 56.30 -26.09
C THR S 28 27.29 55.76 -26.16
N ALA S 29 26.54 56.20 -27.16
CA ALA S 29 25.20 55.71 -27.42
C ALA S 29 25.13 54.20 -27.29
N ARG S 30 25.95 53.48 -28.07
CA ARG S 30 25.93 52.03 -28.06
C ARG S 30 25.85 51.50 -26.65
N ALA S 31 26.84 51.83 -25.82
CA ALA S 31 26.80 51.42 -24.42
C ALA S 31 25.59 52.01 -23.72
N GLN S 32 25.43 53.33 -23.81
CA GLN S 32 24.24 53.99 -23.30
C GLN S 32 22.99 53.26 -23.75
N VAL S 33 22.91 52.94 -25.04
CA VAL S 33 21.91 51.98 -25.49
C VAL S 33 22.07 50.66 -24.75
N SER S 34 23.26 50.06 -24.87
CA SER S 34 23.45 48.70 -24.37
C SER S 34 23.10 48.59 -22.91
N GLU S 35 23.33 49.66 -22.14
CA GLU S 35 22.82 49.72 -20.79
C GLU S 35 21.35 49.30 -20.76
N ALA S 36 20.54 49.93 -21.61
CA ALA S 36 19.13 49.55 -21.68
C ALA S 36 18.97 48.07 -22.01
N ILE S 37 19.86 47.53 -22.86
CA ILE S 37 19.77 46.12 -23.20
C ILE S 37 19.91 45.27 -21.95
N LEU S 38 20.66 45.75 -20.98
CA LEU S 38 21.07 44.90 -19.87
C LEU S 38 19.90 44.48 -18.99
N LEU S 39 18.75 45.14 -19.12
CA LEU S 39 17.79 45.09 -18.04
C LEU S 39 16.68 44.06 -18.30
N ALA S 40 15.94 44.22 -19.41
CA ALA S 40 14.81 43.34 -19.72
C ALA S 40 15.21 41.90 -19.90
N GLU S 41 16.51 41.63 -19.92
CA GLU S 41 17.04 40.28 -20.08
C GLU S 41 16.34 39.30 -19.14
N GLY S 42 16.25 39.64 -17.86
CA GLY S 42 15.64 38.73 -16.90
C GLY S 42 14.20 38.42 -17.21
N GLN S 43 13.49 39.36 -17.84
CA GLN S 43 12.09 39.14 -18.16
C GLN S 43 11.92 37.92 -19.04
N LYS S 44 12.91 37.63 -19.88
CA LYS S 44 12.88 36.49 -20.79
C LYS S 44 12.48 35.19 -20.10
N SER S 45 12.79 35.05 -18.82
CA SER S 45 12.53 33.81 -18.12
C SER S 45 11.04 33.50 -18.05
N ALA S 46 10.29 34.31 -17.31
CA ALA S 46 8.86 34.07 -17.18
C ALA S 46 8.19 34.11 -18.54
N VAL S 47 8.66 35.01 -19.40
CA VAL S 47 8.27 34.99 -20.80
C VAL S 47 8.44 33.59 -21.37
N THR S 48 9.65 33.03 -21.26
CA THR S 48 9.84 31.64 -21.61
C THR S 48 8.92 30.75 -20.79
N GLU S 49 8.98 30.88 -19.46
CA GLU S 49 8.15 30.09 -18.57
C GLU S 49 6.70 30.11 -18.99
N TYR S 50 6.17 31.32 -19.23
CA TYR S 50 4.83 31.44 -19.79
C TYR S 50 4.73 30.62 -21.06
N TYR S 51 5.65 30.85 -21.99
CA TYR S 51 5.72 29.98 -23.17
C TYR S 51 6.03 28.56 -22.77
N LEU S 52 6.81 28.40 -21.70
CA LEU S 52 7.20 27.08 -21.25
C LEU S 52 6.02 26.35 -20.67
N ASN S 53 5.43 26.95 -19.64
CA ASN S 53 4.17 26.44 -19.12
C ASN S 53 3.17 26.21 -20.24
N HIS S 54 2.81 27.27 -20.96
CA HIS S 54 1.64 27.24 -21.82
C HIS S 54 1.94 26.62 -23.17
N GLY S 55 3.11 26.94 -23.74
CA GLY S 55 3.32 26.81 -25.16
C GLY S 55 3.08 28.10 -25.91
N GLU S 56 2.63 29.15 -25.22
CA GLU S 56 2.41 30.47 -25.80
C GLU S 56 3.26 31.48 -25.04
N TRP S 57 3.84 32.42 -25.77
CA TRP S 57 4.53 33.48 -25.10
C TRP S 57 3.54 34.31 -24.31
N PRO S 58 4.00 35.09 -23.35
CA PRO S 58 3.10 36.00 -22.66
C PRO S 58 2.88 37.23 -23.53
N GLY S 59 1.60 37.56 -23.74
CA GLY S 59 1.28 38.74 -24.50
C GLY S 59 2.08 39.94 -24.05
N ASP S 60 2.45 39.96 -22.78
CA ASP S 60 3.24 41.06 -22.25
C ASP S 60 3.78 40.65 -20.88
N ASN S 61 4.31 41.65 -20.19
CA ASN S 61 4.65 41.54 -18.77
C ASN S 61 3.49 40.99 -17.95
N SER S 62 2.29 41.55 -18.12
CA SER S 62 1.15 41.17 -17.30
C SER S 62 0.64 39.78 -17.66
N SER S 63 0.56 39.46 -18.94
CA SER S 63 0.31 38.08 -19.35
C SER S 63 1.26 37.15 -18.63
N ALA S 64 2.56 37.42 -18.74
CA ALA S 64 3.54 36.72 -17.92
C ALA S 64 3.28 36.96 -16.45
N GLY S 65 2.70 38.10 -16.10
CA GLY S 65 2.57 38.50 -14.73
C GLY S 65 3.79 39.20 -14.18
N VAL S 66 4.56 39.87 -15.02
CA VAL S 66 5.84 40.42 -14.60
C VAL S 66 5.89 41.92 -14.82
N ALA S 67 7.05 42.50 -14.48
CA ALA S 67 7.18 43.96 -14.38
C ALA S 67 6.91 44.62 -15.72
N THR S 68 5.95 45.55 -15.72
CA THR S 68 5.40 46.10 -16.95
C THR S 68 6.32 47.12 -17.60
N SER S 69 5.80 47.81 -18.62
CA SER S 69 6.55 48.81 -19.37
C SER S 69 7.23 49.80 -18.43
N ALA S 70 6.43 50.57 -17.71
CA ALA S 70 6.93 51.54 -16.74
C ALA S 70 7.53 50.85 -15.53
N ASP S 71 7.40 49.54 -15.42
CA ASP S 71 8.19 48.82 -14.46
C ASP S 71 9.58 48.63 -15.01
N ILE S 72 10.26 47.62 -14.47
CA ILE S 72 11.67 47.67 -14.11
C ILE S 72 12.47 48.62 -14.99
N LYS S 73 13.17 49.57 -14.37
CA LYS S 73 13.80 50.68 -15.06
C LYS S 73 14.92 51.30 -14.22
N GLY S 74 15.52 52.33 -14.81
CA GLY S 74 16.58 53.10 -14.17
C GLY S 74 17.22 54.04 -15.17
N LYS S 75 18.56 54.07 -15.14
CA LYS S 75 19.32 54.84 -16.12
C LYS S 75 19.12 54.30 -17.53
N TYR S 76 18.94 55.22 -18.47
CA TYR S 76 18.83 54.88 -19.89
C TYR S 76 17.68 53.94 -20.16
N VAL S 77 16.78 53.76 -19.19
CA VAL S 77 15.65 52.86 -19.31
C VAL S 77 14.42 53.59 -18.84
N GLN S 78 13.62 54.07 -19.79
CA GLN S 78 12.36 54.70 -19.44
C GLN S 78 11.16 53.84 -19.81
N SER S 79 11.39 52.58 -20.13
CA SER S 79 10.34 51.58 -20.24
C SER S 79 11.01 50.22 -20.42
N VAL S 80 10.30 49.17 -20.03
CA VAL S 80 10.71 47.78 -20.26
C VAL S 80 9.46 46.96 -20.49
N THR S 81 9.29 46.41 -21.69
CA THR S 81 7.99 45.90 -22.08
C THR S 81 8.11 44.59 -22.83
N VAL S 82 7.13 43.70 -22.63
CA VAL S 82 7.04 42.43 -23.35
C VAL S 82 5.88 42.52 -24.34
N ALA S 83 6.04 41.89 -25.49
CA ALA S 83 5.01 41.92 -26.54
C ALA S 83 4.85 40.51 -27.09
N ASN S 84 3.86 39.77 -26.58
CA ASN S 84 3.68 38.38 -27.00
C ASN S 84 4.97 37.61 -26.84
N GLY S 85 5.59 37.76 -25.67
CA GLY S 85 6.90 37.24 -25.45
C GLY S 85 8.03 38.06 -26.03
N VAL S 86 7.73 39.09 -26.81
CA VAL S 86 8.77 39.93 -27.37
C VAL S 86 8.99 41.11 -26.44
N ILE S 87 10.20 41.23 -25.91
CA ILE S 87 10.48 42.13 -24.81
C ILE S 87 11.24 43.34 -25.35
N THR S 88 11.02 44.49 -24.73
CA THR S 88 11.58 45.72 -25.26
C THR S 88 11.75 46.75 -24.15
N ALA S 89 12.79 47.57 -24.27
CA ALA S 89 13.06 48.63 -23.31
C ALA S 89 13.50 49.88 -24.06
N GLN S 90 13.33 51.05 -23.44
CA GLN S 90 13.58 52.30 -24.13
C GLN S 90 14.72 53.09 -23.51
N MET S 91 15.43 53.82 -24.36
CA MET S 91 16.43 54.74 -23.88
C MET S 91 15.80 55.85 -23.06
N ALA S 92 16.60 56.40 -22.16
CA ALA S 92 16.17 57.59 -21.45
C ALA S 92 15.99 58.75 -22.43
N SER S 93 15.49 59.85 -21.90
CA SER S 93 15.28 61.04 -22.70
C SER S 93 16.23 62.18 -22.34
N SER S 94 17.42 61.87 -21.80
CA SER S 94 18.36 62.92 -21.43
C SER S 94 19.66 62.27 -20.96
N ASN S 95 20.72 63.08 -20.88
CA ASN S 95 22.04 62.63 -20.45
C ASN S 95 22.50 61.46 -21.30
N VAL S 96 21.95 61.37 -22.50
CA VAL S 96 22.24 60.31 -23.43
C VAL S 96 22.97 60.92 -24.60
N ASN S 97 23.37 60.06 -25.51
CA ASN S 97 23.50 60.53 -26.87
C ASN S 97 22.21 61.20 -27.27
N ASN S 98 22.31 62.50 -27.52
CA ASN S 98 21.16 63.26 -28.02
C ASN S 98 20.45 62.50 -29.12
N GLU S 99 21.19 61.69 -29.88
CA GLU S 99 20.62 60.90 -30.95
C GLU S 99 19.70 59.82 -30.39
N ILE S 100 20.27 58.86 -29.66
CA ILE S 100 19.57 57.65 -29.26
C ILE S 100 18.53 57.97 -28.22
N LYS S 101 18.41 59.23 -27.88
CA LYS S 101 17.52 59.65 -26.82
C LYS S 101 16.16 59.00 -26.99
N SER S 102 15.77 58.20 -25.99
CA SER S 102 14.46 57.54 -25.97
C SER S 102 14.28 56.58 -27.13
N LYS S 103 15.06 55.50 -27.11
CA LYS S 103 15.01 54.50 -28.16
C LYS S 103 14.93 53.09 -27.60
N LYS S 104 14.45 52.16 -28.43
CA LYS S 104 14.16 50.80 -28.00
C LYS S 104 14.72 49.77 -28.97
N LEU S 105 14.63 48.51 -28.55
CA LEU S 105 14.79 47.39 -29.46
C LEU S 105 14.21 46.16 -28.79
N SER S 106 13.48 45.38 -29.58
CA SER S 106 12.73 44.26 -29.03
C SER S 106 13.62 43.05 -28.81
N LEU S 107 13.00 42.00 -28.28
CA LEU S 107 13.68 40.79 -27.83
C LEU S 107 12.73 39.64 -28.04
N TRP S 108 12.95 38.87 -29.10
CA TRP S 108 11.94 37.92 -29.52
C TRP S 108 12.58 36.57 -29.80
N ALA S 109 12.04 35.54 -29.19
CA ALA S 109 12.55 34.18 -29.29
C ALA S 109 11.62 33.35 -30.14
N LYS S 110 12.18 32.69 -31.15
CA LYS S 110 11.38 31.86 -32.05
C LYS S 110 11.96 30.45 -32.05
N ARG S 111 11.07 29.46 -32.04
CA ARG S 111 11.41 28.15 -31.51
C ARG S 111 12.38 27.40 -32.42
N GLN S 112 13.30 26.66 -31.79
CA GLN S 112 14.49 26.12 -32.44
C GLN S 112 14.43 24.61 -32.60
N ASN S 113 15.44 24.06 -33.29
CA ASN S 113 15.87 22.71 -32.98
C ASN S 113 16.03 22.55 -31.49
N GLY S 114 16.75 23.49 -30.88
CA GLY S 114 16.74 23.65 -29.45
C GLY S 114 15.39 24.19 -29.03
N SER S 115 15.38 24.90 -27.92
CA SER S 115 14.10 25.49 -27.53
C SER S 115 13.72 26.60 -28.48
N VAL S 116 14.51 27.66 -28.51
CA VAL S 116 14.03 28.90 -29.07
C VAL S 116 15.23 29.81 -29.21
N LYS S 117 15.20 30.77 -30.13
CA LYS S 117 16.27 31.75 -30.13
C LYS S 117 15.71 33.16 -30.08
N TRP S 118 16.10 33.87 -29.03
CA TRP S 118 15.83 35.28 -28.87
C TRP S 118 16.58 36.10 -29.91
N PHE S 119 16.36 37.41 -29.88
CA PHE S 119 17.09 38.32 -30.74
C PHE S 119 17.15 39.70 -30.12
N CYS S 120 18.37 40.16 -29.89
CA CYS S 120 18.61 41.55 -29.55
C CYS S 120 18.52 42.37 -30.82
N GLY S 121 17.41 43.08 -30.99
CA GLY S 121 17.27 43.88 -32.19
C GLY S 121 16.00 44.67 -32.16
N GLN S 122 15.70 45.27 -33.30
CA GLN S 122 14.77 46.38 -33.44
C GLN S 122 13.46 46.19 -32.71
N PRO S 123 12.88 47.26 -32.20
CA PRO S 123 11.54 47.18 -31.60
C PRO S 123 10.59 46.49 -32.55
N VAL S 124 10.12 45.33 -32.13
CA VAL S 124 9.18 44.52 -32.89
C VAL S 124 8.25 43.86 -31.89
N THR S 125 7.27 43.10 -32.38
CA THR S 125 6.32 42.44 -31.49
C THR S 125 5.88 41.13 -32.11
N ARG S 126 5.54 40.17 -31.26
CA ARG S 126 5.15 38.88 -31.79
C ARG S 126 3.70 38.89 -32.24
N THR S 127 3.46 38.28 -33.40
CA THR S 127 2.13 38.27 -33.98
C THR S 127 1.09 37.86 -32.96
N THR S 128 1.33 36.75 -32.28
CA THR S 128 0.49 36.36 -31.17
C THR S 128 1.37 35.91 -30.01
N ALA S 129 0.83 36.08 -28.80
CA ALA S 129 1.42 35.43 -27.65
C ALA S 129 1.59 33.94 -27.89
N THR S 130 0.65 33.35 -28.63
CA THR S 130 0.76 31.94 -29.00
C THR S 130 1.93 31.70 -29.94
N ALA S 131 2.18 32.64 -30.84
CA ALA S 131 3.11 32.41 -31.94
C ALA S 131 4.55 32.38 -31.43
N THR S 132 5.47 32.29 -32.38
CA THR S 132 6.86 32.68 -32.16
C THR S 132 7.23 33.82 -33.10
N ASP S 133 6.75 33.77 -34.34
CA ASP S 133 7.01 34.81 -35.33
C ASP S 133 6.53 36.17 -34.82
N VAL S 134 7.34 37.19 -35.06
CA VAL S 134 7.10 38.50 -34.49
C VAL S 134 7.06 39.54 -35.60
N ALA S 135 6.42 40.67 -35.29
CA ALA S 135 6.12 41.69 -36.29
C ALA S 135 6.96 42.93 -36.03
N ALA S 136 7.51 43.49 -37.11
CA ALA S 136 8.43 44.60 -37.01
C ALA S 136 7.68 45.88 -36.71
N ALA S 137 7.03 45.94 -35.55
CA ALA S 137 6.32 47.14 -35.13
C ALA S 137 7.37 48.21 -34.88
N ASN S 138 7.57 49.10 -35.85
CA ASN S 138 8.80 49.87 -35.93
C ASN S 138 8.75 51.20 -35.21
N GLY S 139 7.56 51.67 -34.83
CA GLY S 139 7.43 52.92 -34.12
C GLY S 139 8.11 54.05 -34.83
N LYS S 140 8.09 54.00 -36.15
CA LYS S 140 8.74 55.01 -36.99
C LYS S 140 10.21 55.15 -36.63
N THR S 141 10.78 54.04 -36.17
CA THR S 141 12.22 53.86 -36.01
C THR S 141 12.82 54.78 -34.95
N ASP S 142 12.04 55.66 -34.34
CA ASP S 142 12.62 56.49 -33.28
C ASP S 142 13.15 55.58 -32.19
N ASP S 143 12.26 54.83 -31.54
CA ASP S 143 12.73 53.84 -30.59
C ASP S 143 13.67 52.85 -31.24
N LYS S 144 13.42 52.45 -32.48
CA LYS S 144 14.40 51.65 -33.19
C LYS S 144 15.76 52.32 -33.12
N ILE S 145 16.79 51.52 -33.04
CA ILE S 145 18.12 52.03 -32.75
C ILE S 145 19.03 51.81 -33.95
N ASN S 146 19.85 52.81 -34.22
CA ASN S 146 20.80 52.74 -35.31
C ASN S 146 21.69 51.53 -35.18
N THR S 147 21.66 50.67 -36.19
CA THR S 147 22.61 49.56 -36.23
C THR S 147 24.04 50.05 -36.10
N LYS S 148 24.32 51.25 -36.59
CA LYS S 148 25.59 51.87 -36.24
C LYS S 148 25.65 52.12 -34.75
N HIS S 149 24.73 52.91 -34.22
CA HIS S 149 24.64 53.09 -32.78
C HIS S 149 24.28 51.81 -32.04
N LEU S 150 24.03 50.77 -32.75
CA LEU S 150 24.06 49.46 -32.12
C LEU S 150 25.39 48.79 -32.38
N PRO S 151 25.78 47.90 -31.52
CA PRO S 151 26.93 47.05 -31.87
C PRO S 151 26.59 46.11 -33.01
N SER S 152 27.62 45.39 -33.49
CA SER S 152 27.48 44.57 -34.68
C SER S 152 26.39 43.51 -34.50
N THR S 153 26.40 42.82 -33.36
CA THR S 153 25.47 41.73 -33.17
C THR S 153 24.04 42.22 -33.05
N CYS S 154 23.77 43.12 -32.10
CA CYS S 154 22.40 43.44 -31.72
C CYS S 154 21.79 44.27 -32.85
N ARG S 155 21.60 43.62 -33.98
CA ARG S 155 21.06 44.23 -35.18
C ARG S 155 19.93 43.41 -35.75
N ASP S 156 18.92 43.09 -34.94
CA ASP S 156 17.91 42.10 -35.31
C ASP S 156 16.57 42.75 -35.64
N ASP S 157 15.91 42.21 -36.66
CA ASP S 157 14.54 42.56 -37.01
C ASP S 157 13.59 41.45 -36.61
N SER S 158 12.32 41.81 -36.46
CA SER S 158 11.26 40.84 -36.18
C SER S 158 11.47 39.55 -36.95
N SER S 159 11.76 39.71 -38.25
CA SER S 159 12.16 38.59 -39.10
C SER S 159 13.13 37.64 -38.42
N ALA S 160 13.97 38.12 -37.52
CA ALA S 160 14.91 37.23 -36.84
C ALA S 160 14.16 36.13 -36.11
N SER S 161 14.49 34.89 -36.43
CA SER S 161 13.69 33.75 -36.01
C SER S 161 14.53 32.64 -35.37
N PHE T 1 68.16 93.99 -37.89
CA PHE T 1 67.14 93.86 -36.86
C PHE T 1 66.18 92.75 -37.20
N THR T 2 66.53 91.99 -38.22
CA THR T 2 66.08 90.61 -38.26
C THR T 2 66.43 89.92 -36.95
N LEU T 3 67.51 90.36 -36.31
CA LEU T 3 67.79 89.99 -34.93
C LEU T 3 66.55 90.18 -34.06
N ILE T 4 65.90 91.35 -34.15
CA ILE T 4 64.62 91.49 -33.48
C ILE T 4 63.70 90.38 -33.92
N GLU T 5 63.41 90.33 -35.22
CA GLU T 5 62.65 89.22 -35.78
C GLU T 5 63.14 87.89 -35.21
N LEU T 6 64.46 87.70 -35.16
CA LEU T 6 65.01 86.57 -34.44
C LEU T 6 64.59 86.60 -32.98
N MET T 7 65.03 87.64 -32.26
CA MET T 7 64.71 87.73 -30.85
C MET T 7 63.20 87.72 -30.65
N ILE T 8 62.43 88.22 -31.62
CA ILE T 8 60.99 87.97 -31.63
C ILE T 8 60.73 86.47 -31.58
N VAL T 9 61.21 85.75 -32.60
CA VAL T 9 61.06 84.31 -32.61
C VAL T 9 61.59 83.73 -31.31
N ILE T 10 62.68 84.28 -30.81
CA ILE T 10 63.11 83.94 -29.46
C ILE T 10 62.04 84.35 -28.47
N ALA T 11 61.64 85.63 -28.52
CA ALA T 11 60.68 86.15 -27.56
C ALA T 11 59.41 85.32 -27.56
N ILE T 12 58.83 85.08 -28.73
CA ILE T 12 57.60 84.29 -28.78
C ILE T 12 57.86 82.89 -28.27
N VAL T 13 59.05 82.35 -28.56
CA VAL T 13 59.47 81.14 -27.86
C VAL T 13 59.71 81.45 -26.39
N GLY T 14 60.17 82.67 -26.11
CA GLY T 14 60.44 83.08 -24.75
C GLY T 14 59.27 82.81 -23.81
N ILE T 15 58.09 83.28 -24.20
CA ILE T 15 56.89 83.08 -23.40
C ILE T 15 55.99 82.01 -24.00
N LEU T 16 56.60 80.99 -24.60
CA LEU T 16 55.88 79.90 -25.21
C LEU T 16 56.07 78.59 -24.45
N ALA T 17 57.17 78.50 -23.70
CA ALA T 17 57.49 77.30 -22.93
C ALA T 17 57.12 77.50 -21.47
N ALA T 18 56.08 78.29 -21.22
CA ALA T 18 55.63 78.55 -19.86
C ALA T 18 54.14 78.80 -19.78
N VAL T 19 53.47 78.03 -18.91
CA VAL T 19 52.02 78.10 -18.67
C VAL T 19 51.09 77.71 -19.84
N ALA T 20 51.64 77.00 -20.83
CA ALA T 20 50.87 76.58 -21.99
C ALA T 20 50.44 75.12 -21.86
N LEU T 21 50.26 74.68 -20.62
CA LEU T 21 49.85 73.29 -20.36
C LEU T 21 48.80 73.23 -19.27
N PRO T 22 47.53 73.21 -19.66
CA PRO T 22 46.42 73.15 -18.71
C PRO T 22 46.28 71.76 -18.11
N ALA T 23 45.75 71.67 -16.90
CA ALA T 23 44.87 70.57 -16.49
C ALA T 23 45.36 69.15 -16.74
N TYR T 24 46.64 68.93 -16.98
CA TYR T 24 47.03 67.55 -17.25
C TYR T 24 47.31 66.80 -15.94
N GLN T 25 47.90 67.48 -14.95
CA GLN T 25 47.90 66.91 -13.63
C GLN T 25 46.47 66.71 -13.17
N ASP T 26 45.57 67.57 -13.65
CA ASP T 26 44.14 67.35 -13.51
C ASP T 26 43.69 66.09 -14.23
N TYR T 27 44.17 65.86 -15.44
CA TYR T 27 43.64 64.77 -16.24
C TYR T 27 44.11 63.41 -15.76
N THR T 28 45.43 63.22 -15.68
CA THR T 28 45.98 61.99 -15.12
C THR T 28 45.20 61.56 -13.90
N ALA T 29 44.94 62.51 -13.01
CA ALA T 29 44.14 62.28 -11.83
C ALA T 29 42.93 61.44 -12.14
N ARG T 30 42.09 61.91 -13.06
CA ARG T 30 40.86 61.20 -13.41
C ARG T 30 41.10 59.71 -13.53
N ALA T 31 41.99 59.32 -14.45
CA ALA T 31 42.33 57.91 -14.58
C ALA T 31 42.95 57.39 -13.30
N GLN T 32 43.99 58.07 -12.82
CA GLN T 32 44.59 57.74 -11.52
C GLN T 32 43.50 57.58 -10.47
N VAL T 33 42.56 58.53 -10.40
CA VAL T 33 41.34 58.31 -9.66
C VAL T 33 40.63 57.07 -10.17
N SER T 34 40.28 57.08 -11.46
CA SER T 34 39.42 56.03 -12.00
C SER T 34 40.00 54.65 -11.77
N GLU T 35 41.33 54.54 -11.77
CA GLU T 35 41.96 53.31 -11.33
C GLU T 35 41.35 52.84 -10.01
N ALA T 36 41.29 53.74 -9.03
CA ALA T 36 40.67 53.40 -7.76
C ALA T 36 39.23 52.95 -7.95
N ILE T 37 38.51 53.57 -8.89
CA ILE T 37 37.14 53.18 -9.14
C ILE T 37 37.06 51.72 -9.54
N LEU T 38 38.11 51.24 -10.20
CA LEU T 38 38.02 49.94 -10.85
C LEU T 38 37.88 48.79 -9.87
N LEU T 39 38.16 49.03 -8.59
CA LEU T 39 38.48 47.91 -7.72
C LEU T 39 37.27 47.47 -6.90
N ALA T 40 36.71 48.37 -6.09
CA ALA T 40 35.59 48.03 -5.19
C ALA T 40 34.36 47.56 -5.93
N GLU T 41 34.37 47.68 -7.25
CA GLU T 41 33.26 47.25 -8.08
C GLU T 41 32.76 45.86 -7.70
N GLY T 42 33.68 44.90 -7.59
CA GLY T 42 33.26 43.55 -7.27
C GLY T 42 32.58 43.43 -5.93
N GLN T 43 32.92 44.30 -4.98
CA GLN T 43 32.32 44.25 -3.67
C GLN T 43 30.80 44.40 -3.76
N LYS T 44 30.33 45.14 -4.75
CA LYS T 44 28.90 45.39 -4.96
C LYS T 44 28.08 44.11 -4.92
N SER T 45 28.66 42.98 -5.32
CA SER T 45 27.90 41.74 -5.40
C SER T 45 27.40 41.29 -4.04
N ALA T 46 28.32 40.92 -3.15
CA ALA T 46 27.91 40.45 -1.84
C ALA T 46 27.14 41.54 -1.11
N VAL T 47 27.55 42.78 -1.31
CA VAL T 47 26.75 43.92 -0.86
C VAL T 47 25.32 43.77 -1.34
N THR T 48 25.14 43.60 -2.65
CA THR T 48 23.83 43.29 -3.17
C THR T 48 23.31 42.01 -2.53
N GLU T 49 24.10 40.93 -2.62
CA GLU T 49 23.71 39.64 -2.06
C GLU T 49 23.26 39.78 -0.63
N TYR T 50 24.05 40.48 0.19
CA TYR T 50 23.63 40.80 1.54
C TYR T 50 22.27 41.49 1.51
N TYR T 51 22.16 42.55 0.71
CA TYR T 51 20.87 43.17 0.49
C TYR T 51 19.92 42.19 -0.18
N LEU T 52 20.46 41.32 -1.02
CA LEU T 52 19.65 40.38 -1.76
C LEU T 52 19.10 39.33 -0.81
N ASN T 53 20.01 38.62 -0.14
CA ASN T 53 19.61 37.72 0.93
C ASN T 53 18.65 38.42 1.89
N HIS T 54 19.13 39.48 2.53
CA HIS T 54 18.45 40.03 3.71
C HIS T 54 17.31 40.95 3.32
N GLY T 55 17.52 41.78 2.31
CA GLY T 55 16.74 42.99 2.14
C GLY T 55 17.41 44.21 2.73
N GLU T 56 18.55 44.03 3.39
CA GLU T 56 19.33 45.12 3.95
C GLU T 56 20.72 45.09 3.35
N TRP T 57 21.26 46.27 3.04
CA TRP T 57 22.63 46.31 2.60
C TRP T 57 23.53 45.85 3.73
N PRO T 58 24.76 45.47 3.42
CA PRO T 58 25.70 45.16 4.48
C PRO T 58 26.27 46.45 5.04
N GLY T 59 26.20 46.58 6.37
CA GLY T 59 26.76 47.75 7.00
C GLY T 59 28.14 48.05 6.52
N ASP T 60 28.87 47.04 6.09
CA ASP T 60 30.21 47.23 5.57
C ASP T 60 30.65 45.94 4.89
N ASN T 61 31.95 45.90 4.58
CA ASN T 61 32.62 44.69 4.16
C ASN T 61 32.35 43.52 5.10
N SER T 62 32.51 43.74 6.40
CA SER T 62 32.38 42.66 7.38
C SER T 62 30.94 42.22 7.55
N SER T 63 30.01 43.17 7.62
CA SER T 63 28.59 42.82 7.55
C SER T 63 28.34 41.92 6.35
N ALA T 64 28.77 42.36 5.16
CA ALA T 64 28.77 41.47 4.00
C ALA T 64 29.67 40.27 4.25
N GLY T 65 30.69 40.43 5.07
CA GLY T 65 31.69 39.40 5.22
C GLY T 65 32.78 39.46 4.18
N VAL T 66 33.08 40.63 3.65
CA VAL T 66 34.00 40.74 2.52
C VAL T 66 35.16 41.65 2.84
N ALA T 67 36.05 41.83 1.86
CA ALA T 67 37.34 42.46 2.07
C ALA T 67 37.19 43.89 2.57
N THR T 68 37.79 44.17 3.73
CA THR T 68 37.53 45.40 4.46
C THR T 68 38.25 46.60 3.85
N SER T 69 38.21 47.73 4.58
CA SER T 69 38.83 48.97 4.14
C SER T 69 40.26 48.74 3.67
N ALA T 70 41.12 48.36 4.60
CA ALA T 70 42.51 48.05 4.30
C ALA T 70 42.66 46.78 3.50
N ASP T 71 41.58 46.04 3.31
CA ASP T 71 41.60 45.00 2.31
C ASP T 71 41.43 45.61 0.93
N ILE T 72 40.98 44.78 0.02
CA ILE T 72 41.46 44.73 -1.36
C ILE T 72 41.97 46.07 -1.86
N LYS T 73 43.22 46.10 -2.33
CA LYS T 73 43.94 47.34 -2.65
C LYS T 73 45.09 47.08 -3.61
N GLY T 74 45.77 48.18 -3.92
CA GLY T 74 46.95 48.17 -4.77
C GLY T 74 47.37 49.59 -5.12
N LYS T 75 47.66 49.80 -6.40
CA LYS T 75 47.96 51.13 -6.90
C LYS T 75 46.76 52.06 -6.77
N TYR T 76 47.03 53.28 -6.33
CA TYR T 76 46.02 54.32 -6.24
C TYR T 76 44.87 53.93 -5.33
N VAL T 77 45.03 52.85 -4.57
CA VAL T 77 43.99 52.34 -3.69
C VAL T 77 44.62 52.09 -2.33
N GLN T 78 44.39 53.00 -1.39
CA GLN T 78 44.87 52.79 -0.04
C GLN T 78 43.73 52.50 0.93
N SER T 79 42.54 52.22 0.41
CA SER T 79 41.44 51.67 1.19
C SER T 79 40.34 51.29 0.21
N VAL T 80 39.50 50.34 0.62
CA VAL T 80 38.30 49.94 -0.09
C VAL T 80 37.25 49.54 0.92
N THR T 81 36.15 50.29 1.00
CA THR T 81 35.29 50.17 2.16
C THR T 81 33.82 50.22 1.75
N VAL T 82 32.99 49.46 2.48
CA VAL T 82 31.54 49.46 2.29
C VAL T 82 30.90 50.16 3.48
N ALA T 83 29.82 50.89 3.23
CA ALA T 83 29.13 51.63 4.28
C ALA T 83 27.63 51.42 4.13
N ASN T 84 27.07 50.46 4.86
CA ASN T 84 25.66 50.13 4.73
C ASN T 84 25.33 49.84 3.27
N GLY T 85 26.16 49.00 2.66
CA GLY T 85 26.07 48.78 1.24
C GLY T 85 26.69 49.85 0.39
N VAL T 86 27.10 50.97 0.97
CA VAL T 86 27.74 52.03 0.20
C VAL T 86 29.24 51.82 0.22
N ILE T 87 29.83 51.62 -0.94
CA ILE T 87 31.20 51.14 -1.05
C ILE T 87 32.09 52.31 -1.45
N THR T 88 33.35 52.29 -1.00
CA THR T 88 34.22 53.43 -1.21
C THR T 88 35.67 52.98 -1.18
N ALA T 89 36.50 53.65 -1.97
CA ALA T 89 37.93 53.37 -2.02
C ALA T 89 38.69 54.68 -2.10
N GLN T 90 39.95 54.67 -1.68
CA GLN T 90 40.72 55.90 -1.58
C GLN T 90 41.91 55.93 -2.52
N MET T 91 42.24 57.12 -2.99
CA MET T 91 43.45 57.31 -3.76
C MET T 91 44.67 57.03 -2.91
N ALA T 92 45.74 56.66 -3.58
CA ALA T 92 47.01 56.54 -2.92
C ALA T 92 47.48 57.89 -2.42
N SER T 93 48.58 57.88 -1.69
CA SER T 93 49.14 59.10 -1.15
C SER T 93 50.46 59.49 -1.80
N SER T 94 50.70 59.08 -3.05
CA SER T 94 51.95 59.41 -3.74
C SER T 94 51.87 58.90 -5.17
N ASN T 95 52.80 59.40 -5.99
CA ASN T 95 52.88 59.03 -7.41
C ASN T 95 51.56 59.29 -8.10
N VAL T 96 50.78 60.19 -7.53
CA VAL T 96 49.47 60.54 -8.02
C VAL T 96 49.54 61.95 -8.54
N ASN T 97 48.43 62.40 -9.08
CA ASN T 97 48.18 63.82 -9.03
C ASN T 97 48.30 64.27 -7.59
N ASN T 98 49.29 65.12 -7.35
CA ASN T 98 49.46 65.73 -6.03
C ASN T 98 48.13 66.20 -5.47
N GLU T 99 47.22 66.59 -6.36
CA GLU T 99 45.90 67.04 -5.95
C GLU T 99 45.09 65.90 -5.34
N ILE T 100 44.75 64.91 -6.17
CA ILE T 100 43.80 63.87 -5.80
C ILE T 100 44.40 62.95 -4.77
N LYS T 101 45.62 63.23 -4.36
CA LYS T 101 46.33 62.37 -3.45
C LYS T 101 45.43 61.98 -2.29
N SER T 102 45.19 60.68 -2.15
CA SER T 102 44.40 60.12 -1.06
C SER T 102 42.96 60.65 -1.06
N LYS T 103 42.21 60.24 -2.09
CA LYS T 103 40.83 60.67 -2.23
C LYS T 103 39.91 59.50 -2.52
N LYS T 104 38.61 59.69 -2.25
CA LYS T 104 37.62 58.63 -2.32
C LYS T 104 36.38 59.08 -3.08
N LEU T 105 35.50 58.10 -3.30
CA LEU T 105 34.14 58.37 -3.69
C LEU T 105 33.32 57.12 -3.46
N SER T 106 32.13 57.31 -2.92
CA SER T 106 31.32 56.18 -2.49
C SER T 106 30.57 55.55 -3.66
N LEU T 107 29.83 54.49 -3.34
CA LEU T 107 29.17 53.66 -4.32
C LEU T 107 27.90 53.13 -3.67
N TRP T 108 26.77 53.71 -4.02
CA TRP T 108 25.56 53.45 -3.26
C TRP T 108 24.41 53.16 -4.20
N ALA T 109 23.73 52.05 -3.95
CA ALA T 109 22.64 51.58 -4.78
C ALA T 109 21.33 51.76 -4.05
N LYS T 110 20.37 52.41 -4.69
CA LYS T 110 19.08 52.66 -4.09
C LYS T 110 17.99 52.10 -4.99
N ARG T 111 16.99 51.47 -4.38
CA ARG T 111 16.21 50.44 -5.05
C ARG T 111 15.32 51.03 -6.13
N GLN T 112 15.17 50.30 -7.23
CA GLN T 112 14.62 50.79 -8.49
C GLN T 112 13.25 50.20 -8.79
N ASN T 113 12.64 50.70 -9.87
CA ASN T 113 11.72 49.87 -10.64
C ASN T 113 12.37 48.53 -10.90
N GLY T 114 13.60 48.56 -11.40
CA GLY T 114 14.46 47.41 -11.42
C GLY T 114 14.87 47.08 -10.00
N SER T 115 16.02 46.45 -9.87
CA SER T 115 16.46 46.17 -8.51
C SER T 115 16.86 47.46 -7.82
N VAL T 116 17.89 48.12 -8.33
CA VAL T 116 18.56 49.12 -7.52
C VAL T 116 19.49 49.87 -8.46
N LYS T 117 19.84 51.12 -8.14
CA LYS T 117 20.86 51.77 -8.93
C LYS T 117 21.98 52.29 -8.05
N TRP T 118 23.18 51.79 -8.32
CA TRP T 118 24.40 52.28 -7.70
C TRP T 118 24.71 53.69 -8.17
N PHE T 119 25.79 54.25 -7.65
CA PHE T 119 26.26 55.56 -8.09
C PHE T 119 27.75 55.68 -7.84
N CYS T 120 28.49 55.91 -8.91
CA CYS T 120 29.88 56.30 -8.82
C CYS T 120 29.91 57.78 -8.46
N GLY T 121 30.22 58.08 -7.21
CA GLY T 121 30.27 59.47 -6.82
C GLY T 121 30.71 59.61 -5.40
N GLN T 122 30.60 60.84 -4.91
CA GLN T 122 31.29 61.33 -3.73
C GLN T 122 31.24 60.39 -2.55
N PRO T 123 32.29 60.36 -1.74
CA PRO T 123 32.28 59.60 -0.50
C PRO T 123 31.03 59.92 0.30
N VAL T 124 30.17 58.93 0.46
CA VAL T 124 28.92 59.06 1.20
C VAL T 124 28.69 57.72 1.89
N THR T 125 27.62 57.62 2.67
CA THR T 125 27.33 56.38 3.38
C THR T 125 25.83 56.22 3.52
N ARG T 126 25.38 54.98 3.57
CA ARG T 126 23.95 54.75 3.67
C ARG T 126 23.47 54.90 5.09
N THR T 127 22.33 55.58 5.24
CA THR T 127 21.76 55.86 6.54
C THR T 127 21.73 54.61 7.39
N THR T 128 21.19 53.53 6.86
CA THR T 128 21.26 52.25 7.52
C THR T 128 21.63 51.18 6.51
N ALA T 129 22.26 50.13 7.01
CA ALA T 129 22.41 48.91 6.21
C ALA T 129 21.06 48.44 5.70
N THR T 130 20.01 48.65 6.50
CA THR T 130 18.67 48.32 6.06
C THR T 130 18.21 49.21 4.93
N ALA T 131 18.59 50.48 4.95
CA ALA T 131 18.04 51.47 4.04
C ALA T 131 18.53 51.26 2.63
N THR T 132 18.16 52.19 1.76
CA THR T 132 18.84 52.41 0.50
C THR T 132 19.41 53.82 0.46
N ASP T 133 18.66 54.80 0.98
CA ASP T 133 19.10 56.19 1.03
C ASP T 133 20.40 56.32 1.82
N VAL T 134 21.31 57.14 1.28
CA VAL T 134 22.65 57.22 1.82
C VAL T 134 22.97 58.67 2.17
N ALA T 135 23.95 58.84 3.04
CA ALA T 135 24.26 60.14 3.63
C ALA T 135 25.59 60.64 3.12
N ALA T 136 25.63 61.92 2.78
CA ALA T 136 26.79 62.52 2.14
C ALA T 136 27.88 62.75 3.18
N ALA T 137 28.40 61.67 3.76
CA ALA T 137 29.48 61.76 4.73
C ALA T 137 30.71 62.22 3.96
N ASN T 138 31.02 63.52 4.03
CA ASN T 138 31.85 64.16 3.03
C ASN T 138 33.34 64.16 3.38
N GLY T 139 33.68 63.86 4.62
CA GLY T 139 35.08 63.81 5.02
C GLY T 139 35.81 65.08 4.67
N LYS T 140 35.11 66.20 4.75
CA LYS T 140 35.65 67.50 4.41
C LYS T 140 36.23 67.50 3.01
N THR T 141 35.63 66.68 2.15
CA THR T 141 35.83 66.69 0.71
C THR T 141 37.24 66.32 0.30
N ASP T 142 38.16 66.08 1.25
CA ASP T 142 39.50 65.65 0.83
C ASP T 142 39.38 64.35 0.04
N ASP T 143 38.90 63.29 0.68
CA ASP T 143 38.62 62.07 -0.06
C ASP T 143 37.65 62.32 -1.19
N LYS T 144 36.64 63.16 -0.98
CA LYS T 144 35.79 63.56 -2.09
C LYS T 144 36.65 64.04 -3.24
N ILE T 145 36.20 63.76 -4.44
CA ILE T 145 37.04 63.96 -5.61
C ILE T 145 36.43 65.05 -6.48
N ASN T 146 37.29 65.90 -7.02
CA ASN T 146 36.86 66.97 -7.90
C ASN T 146 36.07 66.41 -9.08
N THR T 147 34.83 66.88 -9.21
CA THR T 147 34.05 66.54 -10.40
C THR T 147 34.80 66.89 -11.67
N LYS T 148 35.63 67.95 -11.62
CA LYS T 148 36.56 68.15 -12.71
C LYS T 148 37.54 66.98 -12.78
N HIS T 149 38.29 66.75 -11.72
CA HIS T 149 39.14 65.58 -11.66
C HIS T 149 38.37 64.28 -11.67
N LEU T 150 37.09 64.35 -11.66
CA LEU T 150 36.31 63.19 -12.02
C LEU T 150 35.86 63.31 -13.46
N PRO T 151 35.60 62.22 -14.11
CA PRO T 151 34.94 62.29 -15.40
C PRO T 151 33.50 62.79 -15.27
N SER T 152 32.85 63.02 -16.41
CA SER T 152 31.54 63.64 -16.40
C SER T 152 30.53 62.79 -15.63
N THR T 153 30.52 61.49 -15.87
CA THR T 153 29.51 60.65 -15.23
C THR T 153 29.72 60.54 -13.73
N CYS T 154 30.90 60.12 -13.31
CA CYS T 154 31.11 59.70 -11.92
C CYS T 154 31.12 60.97 -11.07
N ARG T 155 29.97 61.61 -10.99
CA ARG T 155 29.79 62.85 -10.26
C ARG T 155 28.58 62.77 -9.34
N ASP T 156 28.52 61.74 -8.48
CA ASP T 156 27.32 61.43 -7.74
C ASP T 156 27.46 61.80 -6.25
N ASP T 157 26.37 62.31 -5.69
CA ASP T 157 26.24 62.56 -4.26
C ASP T 157 25.31 61.53 -3.64
N SER T 158 25.44 61.36 -2.33
CA SER T 158 24.57 60.49 -1.55
C SER T 158 23.13 60.57 -2.03
N SER T 159 22.67 61.81 -2.22
CA SER T 159 21.38 62.09 -2.83
C SER T 159 21.09 61.22 -4.04
N ALA T 160 22.11 60.80 -4.79
CA ALA T 160 21.89 59.94 -5.95
C ALA T 160 21.18 58.67 -5.52
N SER T 161 20.02 58.42 -6.13
CA SER T 161 19.12 57.37 -5.67
C SER T 161 18.66 56.43 -6.77
N PHE U 1 79.36 96.62 -43.47
CA PHE U 1 79.59 95.50 -42.58
C PHE U 1 78.28 95.09 -41.91
N THR U 2 77.20 95.68 -42.38
CA THR U 2 75.92 94.99 -42.29
C THR U 2 76.08 93.59 -42.84
N LEU U 3 76.97 93.42 -43.82
CA LEU U 3 77.40 92.09 -44.24
C LEU U 3 77.76 91.23 -43.05
N ILE U 4 78.58 91.76 -42.13
CA ILE U 4 78.80 91.02 -40.89
C ILE U 4 77.45 90.73 -40.25
N GLU U 5 76.71 91.78 -39.92
CA GLU U 5 75.34 91.61 -39.43
C GLU U 5 74.60 90.57 -40.25
N LEU U 6 74.72 90.66 -41.57
CA LEU U 6 74.23 89.58 -42.43
C LEU U 6 74.91 88.27 -42.09
N MET U 7 76.22 88.22 -42.29
CA MET U 7 76.95 86.99 -42.03
C MET U 7 76.75 86.55 -40.58
N ILE U 8 76.54 87.50 -39.67
CA ILE U 8 76.05 87.16 -38.34
C ILE U 8 74.77 86.36 -38.45
N VAL U 9 73.74 86.98 -39.05
CA VAL U 9 72.48 86.28 -39.25
C VAL U 9 72.75 84.97 -39.97
N ILE U 10 73.67 84.98 -40.92
CA ILE U 10 74.14 83.72 -41.49
C ILE U 10 74.79 82.89 -40.39
N ALA U 11 75.76 83.47 -39.69
CA ALA U 11 76.50 82.72 -38.68
C ALA U 11 75.56 82.12 -37.65
N ILE U 12 74.65 82.92 -37.10
CA ILE U 12 73.75 82.39 -36.09
C ILE U 12 72.85 81.32 -36.72
N VAL U 13 72.48 81.51 -37.98
CA VAL U 13 71.90 80.40 -38.72
C VAL U 13 72.93 79.31 -38.95
N GLY U 14 74.18 79.72 -39.11
CA GLY U 14 75.27 78.79 -39.34
C GLY U 14 75.29 77.66 -38.32
N ILE U 15 75.27 78.02 -37.04
CA ILE U 15 75.28 77.04 -35.96
C ILE U 15 73.90 76.91 -35.33
N LEU U 16 72.85 77.04 -36.15
CA LEU U 16 71.49 76.92 -35.68
C LEU U 16 70.80 75.68 -36.23
N ALA U 17 71.31 75.18 -37.35
CA ALA U 17 70.75 73.99 -37.99
C ALA U 17 71.56 72.75 -37.66
N ALA U 18 72.17 72.75 -36.47
CA ALA U 18 72.99 71.63 -36.04
C ALA U 18 72.94 71.43 -34.54
N VAL U 19 72.61 70.20 -34.12
CA VAL U 19 72.52 69.78 -32.71
C VAL U 19 71.43 70.46 -31.85
N ALA U 20 70.44 71.08 -32.51
CA ALA U 20 69.35 71.74 -31.81
C ALA U 20 68.10 70.87 -31.76
N LEU U 21 68.31 69.56 -31.76
CA LEU U 21 67.19 68.61 -31.71
C LEU U 21 67.49 67.46 -30.76
N PRO U 22 67.04 67.58 -29.53
CA PRO U 22 67.26 66.54 -28.51
C PRO U 22 66.36 65.35 -28.74
N ALA U 23 66.79 64.16 -28.32
CA ALA U 23 65.90 63.15 -27.75
C ALA U 23 64.66 62.77 -28.55
N TYR U 24 64.59 63.08 -29.85
CA TYR U 24 63.37 62.72 -30.55
C TYR U 24 63.45 61.29 -31.07
N GLN U 25 64.63 60.85 -31.52
CA GLN U 25 64.81 59.42 -31.73
C GLN U 25 64.60 58.70 -30.42
N ASP U 26 64.91 59.38 -29.31
CA ASP U 26 64.53 58.93 -27.99
C ASP U 26 63.02 58.87 -27.82
N TYR U 27 62.31 59.89 -28.29
CA TYR U 27 60.88 59.97 -28.00
C TYR U 27 60.07 58.98 -28.81
N THR U 28 60.20 59.03 -30.14
CA THR U 28 59.54 58.07 -31.00
C THR U 28 59.65 56.68 -30.43
N ALA U 29 60.84 56.33 -29.98
CA ALA U 29 61.09 55.06 -29.32
C ALA U 29 59.99 54.72 -28.32
N ARG U 30 59.76 55.60 -27.36
CA ARG U 30 58.77 55.38 -26.32
C ARG U 30 57.50 54.81 -26.92
N ALA U 31 56.88 55.55 -27.82
CA ALA U 31 55.69 55.06 -28.50
C ALA U 31 56.00 53.80 -29.29
N GLN U 32 57.01 53.88 -30.16
CA GLN U 32 57.50 52.71 -30.88
C GLN U 32 57.69 51.54 -29.92
N VAL U 33 58.34 51.79 -28.78
CA VAL U 33 58.29 50.83 -27.68
C VAL U 33 56.84 50.57 -27.28
N SER U 34 56.15 51.62 -26.88
CA SER U 34 54.83 51.46 -26.27
C SER U 34 53.89 50.70 -27.19
N GLU U 35 54.05 50.85 -28.50
CA GLU U 35 53.35 49.99 -29.43
C GLU U 35 53.50 48.54 -29.03
N ALA U 36 54.74 48.11 -28.80
CA ALA U 36 54.96 46.74 -28.35
C ALA U 36 54.22 46.46 -27.05
N ILE U 37 54.15 47.45 -26.15
CA ILE U 37 53.42 47.25 -24.90
C ILE U 37 51.98 46.89 -25.18
N LEU U 38 51.43 47.40 -26.27
CA LEU U 38 49.99 47.34 -26.47
C LEU U 38 49.49 45.92 -26.68
N LEU U 39 50.39 44.97 -26.95
CA LEU U 39 49.93 43.75 -27.56
C LEU U 39 49.74 42.62 -26.54
N ALA U 40 50.80 42.25 -25.82
CA ALA U 40 50.76 41.14 -24.88
C ALA U 40 49.76 41.35 -23.75
N GLU U 41 49.19 42.55 -23.67
CA GLU U 41 48.21 42.88 -22.65
C GLU U 41 47.13 41.80 -22.54
N GLY U 42 46.55 41.40 -23.67
CA GLY U 42 45.49 40.42 -23.62
C GLY U 42 45.93 39.08 -23.05
N GLN U 43 47.21 38.75 -23.22
CA GLN U 43 47.71 37.47 -22.70
C GLN U 43 47.50 37.37 -21.21
N LYS U 44 47.54 38.51 -20.51
CA LYS U 44 47.37 38.57 -19.07
C LYS U 44 46.16 37.80 -18.57
N SER U 45 45.12 37.70 -19.39
CA SER U 45 43.89 37.06 -18.97
C SER U 45 44.09 35.58 -18.66
N ALA U 46 44.39 34.79 -19.68
CA ALA U 46 44.58 33.37 -19.46
C ALA U 46 45.71 33.13 -18.48
N VAL U 47 46.76 33.96 -18.57
CA VAL U 47 47.78 33.98 -17.54
C VAL U 47 47.15 34.09 -16.16
N THR U 48 46.32 35.11 -15.97
CA THR U 48 45.54 35.19 -14.75
C THR U 48 44.67 33.95 -14.60
N GLU U 49 43.88 33.64 -15.62
CA GLU U 49 42.99 32.48 -15.59
C GLU U 49 43.74 31.23 -15.18
N TYR U 50 44.89 31.00 -15.82
CA TYR U 50 45.75 29.91 -15.40
C TYR U 50 46.06 30.04 -13.91
N TYR U 51 46.54 31.21 -13.51
CA TYR U 51 46.71 31.48 -12.09
C TYR U 51 45.37 31.44 -11.38
N LEU U 52 44.32 31.85 -12.08
CA LEU U 52 43.00 31.89 -11.49
C LEU U 52 42.48 30.50 -11.27
N ASN U 53 42.39 29.73 -12.35
CA ASN U 53 42.09 28.31 -12.24
C ASN U 53 42.99 27.66 -11.19
N HIS U 54 44.29 27.69 -11.41
CA HIS U 54 45.21 26.81 -10.68
C HIS U 54 45.59 27.40 -9.34
N GLY U 55 45.81 28.70 -9.28
CA GLY U 55 46.61 29.30 -8.22
C GLY U 55 48.05 29.48 -8.60
N GLU U 56 48.45 29.01 -9.78
CA GLU U 56 49.80 29.17 -10.30
C GLU U 56 49.74 29.91 -11.62
N TRP U 57 50.68 30.82 -11.84
CA TRP U 57 50.76 31.44 -13.13
C TRP U 57 51.10 30.40 -14.17
N PRO U 58 50.86 30.69 -15.43
CA PRO U 58 51.30 29.78 -16.49
C PRO U 58 52.78 30.00 -16.74
N GLY U 59 53.54 28.91 -16.71
CA GLY U 59 54.96 29.00 -17.00
C GLY U 59 55.24 29.81 -18.24
N ASP U 60 54.30 29.80 -19.17
CA ASP U 60 54.45 30.56 -20.40
C ASP U 60 53.11 30.63 -21.10
N ASN U 61 53.16 31.07 -22.35
CA ASN U 61 52.05 30.98 -23.28
C ASN U 61 51.48 29.57 -23.35
N SER U 62 52.36 28.57 -23.52
CA SER U 62 51.91 27.19 -23.71
C SER U 62 51.35 26.60 -22.43
N SER U 63 52.00 26.84 -21.30
CA SER U 63 51.41 26.50 -20.01
C SER U 63 50.00 27.06 -19.92
N ALA U 64 49.86 28.37 -20.17
CA ALA U 64 48.54 28.94 -20.34
C ALA U 64 47.81 28.31 -21.50
N GLY U 65 48.55 27.84 -22.51
CA GLY U 65 47.95 27.39 -23.74
C GLY U 65 47.68 28.49 -24.72
N VAL U 66 48.46 29.57 -24.70
CA VAL U 66 48.16 30.75 -25.50
C VAL U 66 49.31 31.09 -26.43
N ALA U 67 49.13 32.17 -27.19
CA ALA U 67 50.02 32.49 -28.30
C ALA U 67 51.45 32.72 -27.82
N THR U 68 52.38 31.95 -28.39
CA THR U 68 53.74 31.86 -27.88
C THR U 68 54.58 33.08 -28.24
N SER U 69 55.88 32.98 -27.97
CA SER U 69 56.83 34.06 -28.23
C SER U 69 56.68 34.59 -29.65
N ALA U 70 56.98 33.74 -30.63
CA ALA U 70 56.84 34.08 -32.04
C ALA U 70 55.39 34.20 -32.45
N ASP U 71 54.46 33.83 -31.58
CA ASP U 71 53.08 34.21 -31.80
C ASP U 71 52.89 35.66 -31.42
N ILE U 72 51.64 35.98 -31.15
CA ILE U 72 50.99 37.23 -31.56
C ILE U 72 51.97 38.39 -31.69
N LYS U 73 52.01 39.00 -32.88
CA LYS U 73 53.02 39.99 -33.25
C LYS U 73 52.54 40.88 -34.37
N GLY U 74 53.45 41.78 -34.75
CA GLY U 74 53.23 42.71 -35.84
C GLY U 74 54.34 43.75 -35.89
N LYS U 75 53.93 45.02 -36.05
CA LYS U 75 54.86 46.13 -35.99
C LYS U 75 55.48 46.26 -34.62
N TYR U 76 56.79 46.50 -34.60
CA TYR U 76 57.53 46.75 -33.37
C TYR U 76 57.43 45.59 -32.39
N VAL U 77 56.93 44.45 -32.85
CA VAL U 77 56.75 43.28 -32.01
C VAL U 77 57.33 42.08 -32.76
N GLN U 78 58.52 41.67 -32.36
CA GLN U 78 59.11 40.48 -32.93
C GLN U 78 59.14 39.31 -31.96
N SER U 79 58.41 39.43 -30.85
CA SER U 79 58.13 38.32 -29.96
C SER U 79 57.12 38.80 -28.93
N VAL U 80 56.36 37.85 -28.38
CA VAL U 80 55.43 38.09 -27.28
C VAL U 80 55.40 36.84 -26.41
N THR U 81 55.87 36.95 -25.17
CA THR U 81 56.19 35.74 -24.41
C THR U 81 55.74 35.88 -22.97
N VAL U 82 55.31 34.77 -22.39
CA VAL U 82 54.95 34.68 -20.96
C VAL U 82 56.02 33.88 -20.24
N ALA U 83 56.30 34.26 -19.00
CA ALA U 83 57.32 33.60 -18.19
C ALA U 83 56.78 33.39 -16.80
N ASN U 84 56.23 32.20 -16.53
CA ASN U 84 55.62 31.93 -15.23
C ASN U 84 54.59 32.99 -14.91
N GLY U 85 53.73 33.25 -15.89
CA GLY U 85 52.81 34.36 -15.79
C GLY U 85 53.41 35.72 -16.08
N VAL U 86 54.72 35.81 -16.24
CA VAL U 86 55.35 37.08 -16.56
C VAL U 86 55.47 37.21 -18.06
N ILE U 87 54.83 38.22 -18.63
CA ILE U 87 54.63 38.31 -20.07
C ILE U 87 55.58 39.36 -20.62
N THR U 88 56.03 39.17 -21.86
CA THR U 88 57.05 40.04 -22.41
C THR U 88 56.97 40.03 -23.93
N ALA U 89 57.28 41.17 -24.53
CA ALA U 89 57.29 41.32 -25.98
C ALA U 89 58.51 42.13 -26.39
N GLN U 90 58.95 41.97 -27.64
CA GLN U 90 60.18 42.59 -28.08
C GLN U 90 59.96 43.62 -29.18
N MET U 91 60.80 44.65 -29.17
CA MET U 91 60.81 45.60 -30.27
C MET U 91 61.22 44.94 -31.56
N ALA U 92 60.76 45.53 -32.66
CA ALA U 92 61.24 45.10 -33.96
C ALA U 92 62.72 45.39 -34.09
N SER U 93 63.29 44.93 -35.20
CA SER U 93 64.70 45.15 -35.46
C SER U 93 64.95 46.10 -36.62
N SER U 94 64.02 47.03 -36.89
CA SER U 94 64.19 47.98 -37.98
C SER U 94 63.03 48.96 -37.96
N ASN U 95 63.21 50.07 -38.70
CA ASN U 95 62.21 51.13 -38.79
C ASN U 95 61.82 51.63 -37.42
N VAL U 96 62.73 51.44 -36.47
CA VAL U 96 62.53 51.82 -35.09
C VAL U 96 63.49 52.95 -34.79
N ASN U 97 63.37 53.45 -33.57
CA ASN U 97 64.55 54.03 -32.98
C ASN U 97 65.67 53.03 -33.06
N ASN U 98 66.70 53.38 -33.82
CA ASN U 98 67.90 52.56 -33.91
C ASN U 98 68.34 52.09 -32.53
N GLU U 99 68.05 52.88 -31.50
CA GLU U 99 68.39 52.52 -30.13
C GLU U 99 67.56 51.33 -29.66
N ILE U 100 66.26 51.52 -29.54
CA ILE U 100 65.39 50.55 -28.89
C ILE U 100 65.23 49.31 -29.75
N LYS U 101 65.92 49.30 -30.88
CA LYS U 101 65.77 48.22 -31.82
C LYS U 101 65.85 46.88 -31.11
N SER U 102 64.77 46.11 -31.19
CA SER U 102 64.71 44.76 -30.63
C SER U 102 64.88 44.78 -29.11
N LYS U 103 63.88 45.35 -28.43
CA LYS U 103 63.91 45.46 -26.98
C LYS U 103 62.59 44.99 -26.37
N LYS U 104 62.66 44.63 -25.07
CA LYS U 104 61.53 44.03 -24.37
C LYS U 104 61.29 44.69 -23.02
N LEU U 105 60.19 44.28 -22.41
CA LEU U 105 59.96 44.52 -20.99
C LEU U 105 58.87 43.59 -20.52
N SER U 106 59.08 43.01 -19.35
CA SER U 106 58.18 41.97 -18.86
C SER U 106 56.93 42.56 -18.24
N LEU U 107 56.05 41.66 -17.80
CA LEU U 107 54.73 42.00 -17.32
C LEU U 107 54.37 40.97 -16.25
N TRP U 108 54.48 41.37 -14.99
CA TRP U 108 54.41 40.40 -13.92
C TRP U 108 53.47 40.87 -12.83
N ALA U 109 52.53 40.03 -12.47
CA ALA U 109 51.51 40.34 -11.49
C ALA U 109 51.78 39.57 -10.21
N LYS U 110 51.83 40.28 -9.08
CA LYS U 110 52.10 39.66 -7.79
C LYS U 110 50.97 39.99 -6.84
N ARG U 111 50.56 39.01 -6.06
CA ARG U 111 49.21 38.97 -5.53
C ARG U 111 48.99 40.03 -4.46
N GLN U 112 47.79 40.60 -4.45
CA GLN U 112 47.47 41.84 -3.73
C GLN U 112 46.56 41.59 -2.54
N ASN U 113 46.33 42.67 -1.76
CA ASN U 113 45.07 42.78 -1.05
C ASN U 113 43.93 42.48 -1.99
N GLY U 114 43.95 43.12 -3.14
CA GLY U 114 43.12 42.74 -4.26
C GLY U 114 43.62 41.42 -4.81
N SER U 115 43.38 41.20 -6.08
CA SER U 115 43.91 39.97 -6.65
C SER U 115 45.42 40.05 -6.75
N VAL U 116 45.92 40.97 -7.55
CA VAL U 116 47.30 40.86 -8.00
C VAL U 116 47.63 42.18 -8.67
N LYS U 117 48.90 42.56 -8.72
CA LYS U 117 49.25 43.72 -9.52
C LYS U 117 50.35 43.40 -10.50
N TRP U 118 50.03 43.57 -11.78
CA TRP U 118 50.97 43.48 -12.87
C TRP U 118 51.98 44.61 -12.80
N PHE U 119 52.93 44.60 -13.74
CA PHE U 119 53.90 45.68 -13.85
C PHE U 119 54.41 45.77 -15.27
N CYS U 120 54.21 46.92 -15.87
CA CYS U 120 54.85 47.26 -17.13
C CYS U 120 56.28 47.66 -16.81
N GLY U 121 57.22 46.78 -17.10
CA GLY U 121 58.59 47.11 -16.83
C GLY U 121 59.52 46.01 -17.29
N GLN U 122 60.77 46.16 -16.90
CA GLN U 122 61.91 45.48 -17.50
C GLN U 122 61.70 44.01 -17.75
N PRO U 123 62.28 43.47 -18.82
CA PRO U 123 62.26 42.03 -19.05
C PRO U 123 62.70 41.29 -17.81
N VAL U 124 61.77 40.54 -17.22
CA VAL U 124 62.01 39.76 -16.03
C VAL U 124 61.18 38.49 -16.16
N THR U 125 61.28 37.58 -15.19
CA THR U 125 60.54 36.34 -15.24
C THR U 125 60.19 35.90 -13.84
N ARG U 126 59.08 35.18 -13.71
CA ARG U 126 58.67 34.76 -12.39
C ARG U 126 59.42 33.52 -11.96
N THR U 127 59.85 33.53 -10.70
CA THR U 127 60.64 32.44 -10.15
C THR U 127 60.00 31.11 -10.46
N THR U 128 58.71 30.96 -10.17
CA THR U 128 57.97 29.79 -10.59
C THR U 128 56.63 30.22 -11.15
N ALA U 129 56.12 29.40 -12.06
CA ALA U 129 54.73 29.53 -12.46
C ALA U 129 53.82 29.52 -11.24
N THR U 130 54.20 28.76 -10.22
CA THR U 130 53.44 28.75 -8.97
C THR U 130 53.54 30.08 -8.25
N ALA U 131 54.70 30.74 -8.32
CA ALA U 131 54.97 31.89 -7.49
C ALA U 131 54.18 33.10 -7.95
N THR U 132 54.46 34.23 -7.31
CA THR U 132 54.14 35.54 -7.87
C THR U 132 55.43 36.34 -8.07
N ASP U 133 56.36 36.23 -7.13
CA ASP U 133 57.64 36.92 -7.22
C ASP U 133 58.39 36.52 -8.48
N VAL U 134 58.99 37.51 -9.12
CA VAL U 134 59.59 37.32 -10.43
C VAL U 134 61.04 37.75 -10.40
N ALA U 135 61.81 37.25 -11.35
CA ALA U 135 63.26 37.39 -11.36
C ALA U 135 63.68 38.30 -12.50
N ALA U 136 64.60 39.22 -12.20
CA ALA U 136 65.01 40.24 -13.16
C ALA U 136 65.92 39.63 -14.20
N ALA U 137 65.41 38.70 -15.00
CA ALA U 137 66.16 38.09 -16.07
C ALA U 137 66.40 39.18 -17.10
N ASN U 138 67.59 39.77 -17.09
CA ASN U 138 67.79 41.08 -17.69
C ASN U 138 68.24 41.02 -19.14
N GLY U 139 68.68 39.87 -19.62
CA GLY U 139 69.11 39.73 -21.00
C GLY U 139 70.14 40.75 -21.39
N LYS U 140 70.99 41.11 -20.43
CA LYS U 140 72.03 42.10 -20.61
C LYS U 140 71.43 43.41 -21.11
N THR U 141 70.19 43.66 -20.69
CA THR U 141 69.52 44.95 -20.82
C THR U 141 69.26 45.36 -22.25
N ASP U 142 69.71 44.58 -23.24
CA ASP U 142 69.39 44.95 -24.62
C ASP U 142 67.88 45.00 -24.78
N ASP U 143 67.21 43.86 -24.61
CA ASP U 143 65.76 43.88 -24.60
C ASP U 143 65.22 44.81 -23.54
N LYS U 144 65.85 44.86 -22.37
CA LYS U 144 65.47 45.87 -21.40
C LYS U 144 65.46 47.24 -22.05
N ILE U 145 64.53 48.07 -21.63
CA ILE U 145 64.28 49.31 -22.33
C ILE U 145 64.65 50.48 -21.43
N ASN U 146 65.25 51.50 -22.03
CA ASN U 146 65.64 52.69 -21.30
C ASN U 146 64.43 53.31 -20.63
N THR U 147 64.52 53.45 -19.30
CA THR U 147 63.50 54.18 -18.57
C THR U 147 63.31 55.57 -19.15
N LYS U 148 64.37 56.17 -19.70
CA LYS U 148 64.17 57.36 -20.49
C LYS U 148 63.33 57.03 -21.72
N HIS U 149 63.82 56.13 -22.56
CA HIS U 149 63.01 55.66 -23.68
C HIS U 149 61.77 54.92 -23.24
N LEU U 150 61.59 54.72 -21.98
CA LEU U 150 60.28 54.36 -21.49
C LEU U 150 59.57 55.60 -20.97
N PRO U 151 58.27 55.58 -20.95
CA PRO U 151 57.57 56.64 -20.22
C PRO U 151 57.77 56.51 -18.72
N SER U 152 57.29 57.50 -17.98
CA SER U 152 57.56 57.57 -16.55
C SER U 152 57.05 56.34 -15.83
N THR U 153 55.82 55.92 -16.12
CA THR U 153 55.23 54.81 -15.38
C THR U 153 55.94 53.50 -15.69
N CYS U 154 56.01 53.12 -16.95
CA CYS U 154 56.40 51.76 -17.33
C CYS U 154 57.90 51.63 -17.07
N ARG U 155 58.26 51.67 -15.80
CA ARG U 155 59.64 51.60 -15.36
C ARG U 155 59.80 50.57 -14.26
N ASP U 156 59.36 49.34 -14.50
CA ASP U 156 59.24 48.34 -13.44
C ASP U 156 60.32 47.26 -13.56
N ASP U 157 60.83 46.84 -12.41
CA ASP U 157 61.72 45.70 -12.29
C ASP U 157 61.00 44.52 -11.67
N SER U 158 61.53 43.33 -11.91
CA SER U 158 61.02 42.10 -11.32
C SER U 158 60.58 42.31 -9.88
N SER U 159 61.44 42.98 -9.12
CA SER U 159 61.12 43.44 -7.77
C SER U 159 59.73 44.02 -7.65
N ALA U 160 59.20 44.63 -8.70
CA ALA U 160 57.85 45.19 -8.63
C ALA U 160 56.85 44.10 -8.29
N SER U 161 56.12 44.31 -7.20
CA SER U 161 55.29 43.27 -6.61
C SER U 161 53.85 43.71 -6.35
N PHE V 1 80.90 104.53 -53.40
CA PHE V 1 80.45 103.26 -53.94
C PHE V 1 80.20 102.28 -52.81
N THR V 2 80.25 102.79 -51.59
CA THR V 2 79.47 102.16 -50.54
C THR V 2 78.04 102.01 -50.99
N LEU V 3 77.58 102.92 -51.86
CA LEU V 3 76.33 102.73 -52.58
C LEU V 3 76.26 101.34 -53.20
N ILE V 4 77.32 100.93 -53.91
CA ILE V 4 77.37 99.55 -54.36
C ILE V 4 77.18 98.63 -53.16
N GLU V 5 78.10 98.72 -52.20
CA GLU V 5 77.94 97.99 -50.95
C GLU V 5 76.50 98.09 -50.44
N LEU V 6 75.94 99.30 -50.46
CA LEU V 6 74.51 99.43 -50.22
C LEU V 6 73.71 98.63 -51.22
N MET V 7 73.81 98.99 -52.49
CA MET V 7 73.04 98.30 -53.51
C MET V 7 73.35 96.82 -53.49
N ILE V 8 74.58 96.45 -53.10
CA ILE V 8 74.86 95.05 -52.78
C ILE V 8 73.89 94.56 -51.73
N VAL V 9 73.92 95.20 -50.55
CA VAL V 9 72.98 94.83 -49.50
C VAL V 9 71.57 94.87 -50.05
N ILE V 10 71.27 95.85 -50.88
CA ILE V 10 70.02 95.82 -51.62
C ILE V 10 69.98 94.59 -52.51
N ALA V 11 71.01 94.42 -53.34
CA ALA V 11 71.02 93.32 -54.29
C ALA V 11 70.85 91.98 -53.58
N ILE V 12 71.64 91.74 -52.53
CA ILE V 12 71.52 90.46 -51.83
C ILE V 12 70.13 90.34 -51.20
N VAL V 13 69.59 91.47 -50.73
CA VAL V 13 68.18 91.48 -50.40
C VAL V 13 67.33 91.34 -51.66
N GLY V 14 67.84 91.89 -52.76
CA GLY V 14 67.15 91.81 -54.03
C GLY V 14 66.70 90.39 -54.38
N ILE V 15 67.65 89.47 -54.32
CA ILE V 15 67.36 88.07 -54.63
C ILE V 15 67.29 87.23 -53.36
N LEU V 16 66.80 87.83 -52.29
CA LEU V 16 66.68 87.13 -51.01
C LEU V 16 65.22 86.91 -50.62
N ALA V 17 64.35 87.72 -51.18
CA ALA V 17 62.92 87.61 -50.89
C ALA V 17 62.18 86.88 -52.01
N ALA V 18 62.89 85.95 -52.66
CA ALA V 18 62.31 85.18 -53.74
C ALA V 18 62.88 83.78 -53.83
N VAL V 19 62.00 82.78 -53.82
CA VAL V 19 62.34 81.35 -53.90
C VAL V 19 63.13 80.75 -52.73
N ALA V 20 63.12 81.44 -51.59
CA ALA V 20 63.84 80.98 -50.41
C ALA V 20 62.89 80.31 -49.41
N LEU V 21 61.82 79.72 -49.93
CA LEU V 21 60.83 79.05 -49.09
C LEU V 21 60.39 77.73 -49.71
N PRO V 22 61.03 76.64 -49.30
CA PRO V 22 60.71 75.31 -49.82
C PRO V 22 59.40 74.79 -49.23
N ALA V 23 58.71 73.94 -49.96
CA ALA V 23 57.96 72.82 -49.37
C ALA V 23 57.01 73.14 -48.23
N TYR V 24 56.61 74.38 -48.03
CA TYR V 24 55.71 74.61 -46.90
C TYR V 24 54.26 74.39 -47.29
N GLN V 25 53.89 74.77 -48.53
CA GLN V 25 52.62 74.31 -49.04
C GLN V 25 52.62 72.79 -49.08
N ASP V 26 53.81 72.21 -49.27
CA ASP V 26 54.01 70.78 -49.08
C ASP V 26 53.77 70.37 -47.64
N TYR V 27 54.26 71.14 -46.67
CA TYR V 27 54.20 70.68 -45.29
C TYR V 27 52.81 70.79 -44.71
N THR V 28 52.22 71.99 -44.76
CA THR V 28 50.83 72.16 -44.31
C THR V 28 49.97 71.01 -44.79
N ALA V 29 50.13 70.66 -46.05
CA ALA V 29 49.43 69.53 -46.63
C ALA V 29 49.43 68.33 -45.71
N ARG V 30 50.63 67.88 -45.32
CA ARG V 30 50.76 66.71 -44.46
C ARG V 30 49.74 66.75 -43.33
N ALA V 31 49.81 67.78 -42.50
CA ALA V 31 48.82 67.93 -41.45
C ALA V 31 47.42 68.07 -42.02
N GLN V 32 47.25 69.03 -42.93
CA GLN V 32 45.98 69.17 -43.65
C GLN V 32 45.51 67.81 -44.17
N VAL V 33 46.41 67.06 -44.80
CA VAL V 33 46.15 65.65 -45.05
C VAL V 33 45.86 64.93 -43.73
N SER V 34 46.82 64.98 -42.82
CA SER V 34 46.73 64.16 -41.61
C SER V 34 45.45 64.43 -40.84
N GLU V 35 44.97 65.67 -40.89
CA GLU V 35 43.64 65.95 -40.38
C GLU V 35 42.64 64.92 -40.91
N ALA V 36 42.63 64.73 -42.22
CA ALA V 36 41.74 63.73 -42.80
C ALA V 36 42.00 62.35 -42.22
N ILE V 37 43.28 62.03 -41.94
CA ILE V 37 43.59 60.73 -41.36
C ILE V 37 42.89 60.56 -40.02
N LEU V 38 42.67 61.66 -39.32
CA LEU V 38 42.25 61.57 -37.93
C LEU V 38 40.84 60.99 -37.79
N LEU V 39 40.08 60.92 -38.86
CA LEU V 39 38.64 60.79 -38.71
C LEU V 39 38.17 59.35 -38.85
N ALA V 40 38.43 58.73 -40.00
CA ALA V 40 37.94 57.38 -40.28
C ALA V 40 38.49 56.34 -39.31
N GLU V 41 39.44 56.74 -38.48
CA GLU V 41 40.05 55.86 -37.49
C GLU V 41 39.00 55.07 -36.72
N GLY V 42 37.98 55.76 -36.21
CA GLY V 42 36.97 55.07 -35.41
C GLY V 42 36.21 54.03 -36.20
N GLN V 43 36.09 54.22 -37.52
CA GLN V 43 35.36 53.25 -38.33
C GLN V 43 36.00 51.87 -38.23
N LYS V 44 37.31 51.81 -38.03
CA LYS V 44 38.05 50.57 -37.92
C LYS V 44 37.42 49.58 -36.97
N SER V 45 36.73 50.07 -35.93
CA SER V 45 36.16 49.19 -34.92
C SER V 45 35.11 48.26 -35.49
N ALA V 46 33.98 48.82 -35.93
CA ALA V 46 32.93 47.99 -36.48
C ALA V 46 33.43 47.21 -37.69
N VAL V 47 34.28 47.85 -38.48
CA VAL V 47 35.02 47.14 -39.52
C VAL V 47 35.67 45.90 -38.95
N THR V 48 36.48 46.07 -37.91
CA THR V 48 37.00 44.93 -37.19
C THR V 48 35.87 44.07 -36.66
N GLU V 49 34.96 44.67 -35.91
CA GLU V 49 33.81 43.96 -35.34
C GLU V 49 33.11 43.13 -36.40
N TYR V 50 32.81 43.76 -37.53
CA TYR V 50 32.26 43.02 -38.66
C TYR V 50 33.17 41.85 -39.00
N TYR V 51 34.46 42.14 -39.19
CA TYR V 51 35.42 41.06 -39.37
C TYR V 51 35.50 40.21 -38.12
N LEU V 52 35.29 40.83 -36.96
CA LEU V 52 35.38 40.12 -35.70
C LEU V 52 34.20 39.19 -35.55
N ASN V 53 33.00 39.75 -35.60
CA ASN V 53 31.80 38.92 -35.67
C ASN V 53 31.94 37.85 -36.75
N HIS V 54 32.10 38.28 -37.99
CA HIS V 54 31.91 37.39 -39.13
C HIS V 54 33.14 36.56 -39.42
N GLY V 55 34.32 37.17 -39.32
CA GLY V 55 35.50 36.67 -39.99
C GLY V 55 35.73 37.31 -41.33
N GLU V 56 34.83 38.18 -41.77
CA GLU V 56 34.96 38.93 -43.01
C GLU V 56 34.91 40.41 -42.71
N TRP V 57 35.75 41.19 -43.38
CA TRP V 57 35.64 42.62 -43.23
C TRP V 57 34.31 43.08 -43.78
N PRO V 58 33.86 44.26 -43.41
CA PRO V 58 32.65 44.81 -44.01
C PRO V 58 32.99 45.38 -45.38
N GLY V 59 32.23 44.95 -46.38
CA GLY V 59 32.44 45.49 -47.71
C GLY V 59 32.54 46.99 -47.72
N ASP V 60 31.90 47.64 -46.77
CA ASP V 60 31.95 49.09 -46.68
C ASP V 60 31.40 49.50 -45.33
N ASN V 61 31.16 50.80 -45.20
CA ASN V 61 30.41 51.38 -44.10
C ASN V 61 29.07 50.68 -43.90
N SER V 62 28.31 50.49 -44.98
CA SER V 62 26.98 49.93 -44.87
C SER V 62 27.00 48.43 -44.55
N SER V 63 27.89 47.68 -45.18
CA SER V 63 28.14 46.32 -44.75
C SER V 63 28.40 46.28 -43.25
N ALA V 64 29.34 47.09 -42.79
CA ALA V 64 29.50 47.28 -41.35
C ALA V 64 28.24 47.88 -40.74
N GLY V 65 27.49 48.64 -41.52
CA GLY V 65 26.38 49.39 -40.99
C GLY V 65 26.77 50.72 -40.41
N VAL V 66 27.82 51.34 -40.91
CA VAL V 66 28.37 52.54 -40.28
C VAL V 66 28.41 53.70 -41.27
N ALA V 67 28.91 54.83 -40.80
CA ALA V 67 28.79 56.10 -41.52
C ALA V 67 29.49 56.02 -42.87
N THR V 68 28.73 56.31 -43.93
CA THR V 68 29.16 56.04 -45.30
C THR V 68 30.18 57.08 -45.79
N SER V 69 30.48 57.02 -47.09
CA SER V 69 31.43 57.91 -47.73
C SER V 69 31.13 59.36 -47.38
N ALA V 70 29.99 59.86 -47.84
CA ALA V 70 29.56 61.21 -47.54
C ALA V 70 29.17 61.38 -46.09
N ASP V 71 29.12 60.30 -45.33
CA ASP V 71 29.06 60.45 -43.89
C ASP V 71 30.44 60.77 -43.36
N ILE V 72 30.62 60.48 -42.08
CA ILE V 72 31.34 61.32 -41.14
C ILE V 72 32.44 62.15 -41.80
N LYS V 73 32.37 63.48 -41.61
CA LYS V 73 33.20 64.42 -42.34
C LYS V 73 33.31 65.76 -41.60
N GLY V 74 34.05 66.66 -42.24
CA GLY V 74 34.25 68.01 -41.74
C GLY V 74 35.32 68.72 -42.56
N LYS V 75 36.22 69.40 -41.84
CA LYS V 75 37.37 70.03 -42.47
C LYS V 75 38.28 69.01 -43.11
N TYR V 76 38.75 69.31 -44.31
CA TYR V 76 39.72 68.49 -45.02
C TYR V 76 39.20 67.09 -45.26
N VAL V 77 37.91 66.86 -45.04
CA VAL V 77 37.30 65.55 -45.19
C VAL V 77 36.04 65.71 -46.01
N GLN V 78 36.11 65.37 -47.29
CA GLN V 78 34.93 65.40 -48.13
C GLN V 78 34.44 64.00 -48.49
N SER V 79 34.95 62.98 -47.81
CA SER V 79 34.41 61.64 -47.85
C SER V 79 35.14 60.81 -46.80
N VAL V 80 34.47 59.76 -46.34
CA VAL V 80 35.05 58.76 -45.43
C VAL V 80 34.43 57.42 -45.75
N THR V 81 35.23 56.48 -46.24
CA THR V 81 34.65 55.30 -46.88
C THR V 81 35.40 54.04 -46.49
N VAL V 82 34.67 52.94 -46.37
CA VAL V 82 35.24 51.61 -46.12
C VAL V 82 35.13 50.78 -47.37
N ALA V 83 36.12 49.94 -47.62
CA ALA V 83 36.16 49.10 -48.81
C ALA V 83 36.58 47.69 -48.41
N ASN V 84 35.61 46.80 -48.19
CA ASN V 84 35.92 45.45 -47.72
C ASN V 84 36.78 45.51 -46.48
N GLY V 85 36.35 46.34 -45.52
CA GLY V 85 37.16 46.64 -44.38
C GLY V 85 38.27 47.63 -44.62
N VAL V 86 38.52 48.03 -45.85
CA VAL V 86 39.55 49.01 -46.13
C VAL V 86 38.93 50.39 -46.14
N ILE V 87 39.38 51.25 -45.24
CA ILE V 87 38.70 52.51 -44.96
C ILE V 87 39.49 53.64 -45.59
N THR V 88 38.78 54.70 -46.01
CA THR V 88 39.43 55.75 -46.77
C THR V 88 38.65 57.05 -46.60
N ALA V 89 39.38 58.17 -46.61
CA ALA V 89 38.77 59.49 -46.50
C ALA V 89 39.49 60.44 -47.46
N GLN V 90 38.82 61.51 -47.87
CA GLN V 90 39.36 62.39 -48.88
C GLN V 90 39.63 63.79 -48.36
N MET V 91 40.66 64.41 -48.92
CA MET V 91 40.92 65.81 -48.64
C MET V 91 39.79 66.68 -49.14
N ALA V 92 39.64 67.84 -48.50
CA ALA V 92 38.73 68.83 -49.00
C ALA V 92 39.18 69.32 -50.36
N SER V 93 38.35 70.16 -50.97
CA SER V 93 38.66 70.72 -52.27
C SER V 93 38.94 72.22 -52.21
N SER V 94 39.41 72.74 -51.08
CA SER V 94 39.71 74.16 -50.95
C SER V 94 40.33 74.43 -49.58
N ASN V 95 40.93 75.62 -49.45
CA ASN V 95 41.58 76.04 -48.22
C ASN V 95 42.63 75.02 -47.78
N VAL V 96 43.11 74.27 -48.75
CA VAL V 96 44.07 73.21 -48.54
C VAL V 96 45.36 73.64 -49.20
N ASN V 97 46.37 72.82 -49.03
CA ASN V 97 47.38 72.78 -50.06
C ASN V 97 46.71 72.55 -51.39
N ASN V 98 46.82 73.55 -52.26
CA ASN V 98 46.32 73.43 -53.62
C ASN V 98 46.68 72.09 -54.23
N GLU V 99 47.82 71.53 -53.81
CA GLU V 99 48.27 70.24 -54.28
C GLU V 99 47.33 69.12 -53.80
N ILE V 100 47.31 68.89 -52.50
CA ILE V 100 46.65 67.73 -51.92
C ILE V 100 45.14 67.85 -52.04
N LYS V 101 44.70 68.94 -52.64
CA LYS V 101 43.28 69.21 -52.72
C LYS V 101 42.53 67.97 -53.17
N SER V 102 41.63 67.51 -52.32
CA SER V 102 40.77 66.37 -52.61
C SER V 102 41.58 65.09 -52.84
N LYS V 103 42.20 64.60 -51.77
CA LYS V 103 43.02 63.41 -51.85
C LYS V 103 42.69 62.44 -50.72
N LYS V 104 43.05 61.17 -50.93
CA LYS V 104 42.68 60.08 -50.02
C LYS V 104 43.86 59.19 -49.70
N LEU V 105 43.62 58.29 -48.76
CA LEU V 105 44.48 57.14 -48.55
C LEU V 105 43.73 56.11 -47.75
N SER V 106 43.87 54.86 -48.14
CA SER V 106 43.07 53.80 -47.55
C SER V 106 43.64 53.32 -46.23
N LEU V 107 42.92 52.38 -45.63
CA LEU V 107 43.21 51.90 -44.28
C LEU V 107 42.81 50.44 -44.24
N TRP V 108 43.78 49.55 -44.30
CA TRP V 108 43.49 48.15 -44.54
C TRP V 108 44.26 47.29 -43.57
N ALA V 109 43.56 46.41 -42.88
CA ALA V 109 44.12 45.54 -41.87
C ALA V 109 44.16 44.12 -42.38
N LYS V 110 45.34 43.49 -42.31
CA LYS V 110 45.50 42.13 -42.78
C LYS V 110 46.05 41.28 -41.65
N ARG V 111 45.52 40.06 -41.53
CA ARG V 111 45.51 39.36 -40.26
C ARG V 111 46.90 38.91 -39.85
N GLN V 112 47.17 38.98 -38.54
CA GLN V 112 48.50 38.89 -37.97
C GLN V 112 48.73 37.59 -37.20
N ASN V 113 49.97 37.39 -36.76
CA ASN V 113 50.19 36.61 -35.54
C ASN V 113 49.24 37.11 -34.47
N GLY V 114 49.22 38.42 -34.26
CA GLY V 114 48.17 39.05 -33.51
C GLY V 114 46.89 38.99 -34.29
N SER V 115 46.01 39.94 -34.04
CA SER V 115 44.78 39.94 -34.84
C SER V 115 45.10 40.31 -36.27
N VAL V 116 45.56 41.53 -36.49
CA VAL V 116 45.51 42.09 -37.82
C VAL V 116 46.35 43.35 -37.79
N LYS V 117 46.89 43.78 -38.93
CA LYS V 117 47.53 45.07 -38.94
C LYS V 117 46.97 45.95 -40.04
N TRP V 118 46.42 47.09 -39.61
CA TRP V 118 45.98 48.14 -40.50
C TRP V 118 47.16 48.78 -41.21
N PHE V 119 46.85 49.75 -42.07
CA PHE V 119 47.89 50.52 -42.74
C PHE V 119 47.36 51.87 -43.15
N CYS V 120 47.99 52.91 -42.63
CA CYS V 120 47.77 54.26 -43.12
C CYS V 120 48.54 54.42 -44.41
N GLY V 121 47.83 54.40 -45.53
CA GLY V 121 48.50 54.54 -46.80
C GLY V 121 47.52 54.57 -47.93
N GLN V 122 48.07 54.51 -49.13
CA GLN V 122 47.42 54.91 -50.37
C GLN V 122 46.01 54.38 -50.52
N PRO V 123 45.13 55.14 -51.15
CA PRO V 123 43.79 54.66 -51.47
C PRO V 123 43.88 53.30 -52.14
N VAL V 124 43.36 52.29 -51.46
CA VAL V 124 43.33 50.92 -51.94
C VAL V 124 42.04 50.29 -51.45
N THR V 125 41.78 49.05 -51.82
CA THR V 125 40.56 48.37 -51.40
C THR V 125 40.82 46.89 -51.24
N ARG V 126 40.07 46.26 -50.36
CA ARG V 126 40.30 44.85 -50.12
C ARG V 126 39.62 44.01 -51.18
N THR V 127 40.34 43.00 -51.65
CA THR V 127 39.84 42.13 -52.71
C THR V 127 38.43 41.67 -52.40
N THR V 128 38.21 41.14 -51.21
CA THR V 128 36.88 40.82 -50.75
C THR V 128 36.70 41.29 -49.33
N ALA V 129 35.45 41.60 -48.99
CA ALA V 129 35.11 41.78 -47.59
C ALA V 129 35.54 40.58 -46.77
N THR V 130 35.48 39.38 -47.37
CA THR V 130 35.95 38.19 -46.71
C THR V 130 37.46 38.21 -46.51
N ALA V 131 38.19 38.76 -47.46
CA ALA V 131 39.64 38.64 -47.48
C ALA V 131 40.27 39.49 -46.39
N THR V 132 41.60 39.52 -46.42
CA THR V 132 42.38 40.57 -45.77
C THR V 132 43.19 41.33 -46.81
N ASP V 133 43.75 40.62 -47.78
CA ASP V 133 44.52 41.24 -48.85
C ASP V 133 43.70 42.26 -49.62
N VAL V 134 44.33 43.40 -49.92
CA VAL V 134 43.62 44.53 -50.48
C VAL V 134 44.28 44.94 -51.78
N ALA V 135 43.52 45.65 -52.60
CA ALA V 135 43.91 45.98 -53.97
C ALA V 135 44.19 47.46 -54.09
N ALA V 136 45.28 47.79 -54.77
CA ALA V 136 45.74 49.16 -54.87
C ALA V 136 44.89 49.93 -55.85
N ALA V 137 43.60 50.09 -55.54
CA ALA V 137 42.69 50.85 -56.38
C ALA V 137 43.14 52.30 -56.29
N ASN V 138 43.87 52.77 -57.29
CA ASN V 138 44.71 53.94 -57.13
C ASN V 138 44.03 55.25 -57.51
N GLY V 139 42.90 55.18 -58.20
CA GLY V 139 42.17 56.37 -58.57
C GLY V 139 43.03 57.37 -59.30
N LYS V 140 43.98 56.84 -60.09
CA LYS V 140 44.92 57.66 -60.83
C LYS V 140 45.66 58.61 -59.91
N THR V 141 45.85 58.15 -58.68
CA THR V 141 46.75 58.76 -57.70
C THR V 141 46.32 60.16 -57.28
N ASP V 142 45.25 60.72 -57.85
CA ASP V 142 44.81 62.03 -57.39
C ASP V 142 44.49 61.96 -55.91
N ASP V 143 43.49 61.15 -55.55
CA ASP V 143 43.23 60.92 -54.14
C ASP V 143 44.46 60.35 -53.44
N LYS V 144 45.19 59.47 -54.10
CA LYS V 144 46.46 59.04 -53.52
C LYS V 144 47.29 60.26 -53.15
N ILE V 145 48.03 60.14 -52.08
CA ILE V 145 48.68 61.28 -51.48
C ILE V 145 50.19 61.13 -51.59
N ASN V 146 50.86 62.22 -51.90
CA ASN V 146 52.31 62.23 -52.01
C ASN V 146 52.95 61.74 -50.73
N THR V 147 53.73 60.68 -50.85
CA THR V 147 54.53 60.22 -49.72
C THR V 147 55.38 61.35 -49.16
N LYS V 148 55.81 62.28 -50.01
CA LYS V 148 56.38 63.51 -49.48
C LYS V 148 55.33 64.27 -48.70
N HIS V 149 54.23 64.64 -49.35
CA HIS V 149 53.13 65.26 -48.63
C HIS V 149 52.48 64.33 -47.63
N LEU V 150 52.92 63.12 -47.56
CA LEU V 150 52.62 62.30 -46.41
C LEU V 150 53.78 62.32 -45.45
N PRO V 151 53.53 62.09 -44.19
CA PRO V 151 54.65 61.84 -43.28
C PRO V 151 55.34 60.52 -43.60
N SER V 152 56.45 60.26 -42.91
CA SER V 152 57.28 59.12 -43.23
C SER V 152 56.50 57.82 -43.07
N THR V 153 55.78 57.67 -41.97
CA THR V 153 55.10 56.41 -41.72
C THR V 153 53.97 56.16 -42.71
N CYS V 154 53.03 57.09 -42.80
CA CYS V 154 51.76 56.83 -43.50
C CYS V 154 52.07 56.79 -44.99
N ARG V 155 52.80 55.78 -45.40
CA ARG V 155 53.23 55.59 -46.77
C ARG V 155 52.94 54.17 -47.24
N ASP V 156 51.69 53.72 -47.10
CA ASP V 156 51.36 52.31 -47.28
C ASP V 156 50.59 52.08 -48.59
N ASP V 157 50.91 50.96 -49.24
CA ASP V 157 50.18 50.47 -50.40
C ASP V 157 49.35 49.25 -50.01
N SER V 158 48.32 48.99 -50.81
CA SER V 158 47.49 47.80 -50.64
C SER V 158 48.30 46.58 -50.24
N SER V 159 49.42 46.40 -50.95
CA SER V 159 50.41 45.40 -50.59
C SER V 159 50.70 45.34 -49.10
N ALA V 160 50.59 46.45 -48.38
CA ALA V 160 50.84 46.43 -46.94
C ALA V 160 49.91 45.44 -46.27
N SER V 161 50.49 44.49 -45.55
CA SER V 161 49.75 43.35 -45.05
C SER V 161 49.98 43.09 -43.56
N PHE W 1 82.91 117.14 -52.45
CA PHE W 1 81.48 116.92 -52.31
C PHE W 1 81.17 115.43 -52.36
N THR W 2 82.23 114.63 -52.34
CA THR W 2 82.07 113.29 -51.80
C THR W 2 81.44 113.37 -50.43
N LEU W 3 81.69 114.48 -49.71
CA LEU W 3 80.93 114.80 -48.51
C LEU W 3 79.44 114.68 -48.76
N ILE W 4 78.94 115.26 -49.85
CA ILE W 4 77.55 115.00 -50.22
C ILE W 4 77.35 113.50 -50.32
N GLU W 5 78.08 112.87 -51.23
CA GLU W 5 78.05 111.41 -51.32
C GLU W 5 78.12 110.79 -49.93
N LEU W 6 79.02 111.28 -49.08
CA LEU W 6 78.99 110.90 -47.68
C LEU W 6 77.67 111.25 -47.05
N MET W 7 77.35 112.54 -47.00
CA MET W 7 76.11 112.97 -46.37
C MET W 7 74.92 112.30 -47.04
N ILE W 8 75.04 111.98 -48.34
CA ILE W 8 74.07 111.09 -48.97
C ILE W 8 74.00 109.78 -48.19
N VAL W 9 75.13 109.08 -48.13
CA VAL W 9 75.18 107.84 -47.36
C VAL W 9 74.67 108.09 -45.96
N ILE W 10 75.01 109.24 -45.39
CA ILE W 10 74.38 109.65 -44.16
C ILE W 10 72.89 109.83 -44.37
N ALA W 11 72.53 110.64 -45.38
CA ALA W 11 71.12 110.93 -45.61
C ALA W 11 70.32 109.65 -45.81
N ILE W 12 70.79 108.76 -46.68
CA ILE W 12 70.04 107.54 -46.91
C ILE W 12 69.99 106.71 -45.63
N VAL W 13 71.07 106.75 -44.85
CA VAL W 13 70.98 106.23 -43.49
C VAL W 13 70.07 107.12 -42.66
N GLY W 14 70.07 108.41 -42.95
CA GLY W 14 69.24 109.36 -42.23
C GLY W 14 67.80 108.91 -42.14
N ILE W 15 67.21 108.58 -43.28
CA ILE W 15 65.82 108.13 -43.33
C ILE W 15 65.74 106.62 -43.55
N LEU W 16 66.69 105.89 -42.97
CA LEU W 16 66.73 104.45 -43.09
C LEU W 16 66.45 103.76 -41.76
N ALA W 17 66.70 104.49 -40.66
CA ALA W 17 66.48 103.96 -39.33
C ALA W 17 65.16 104.45 -38.75
N ALA W 18 64.19 104.68 -39.63
CA ALA W 18 62.88 105.16 -39.20
C ALA W 18 61.76 104.66 -40.10
N VAL W 19 60.75 104.03 -39.48
CA VAL W 19 59.56 103.48 -40.16
C VAL W 19 59.80 102.31 -41.13
N ALA W 20 60.95 101.66 -41.01
CA ALA W 20 61.28 100.53 -41.88
C ALA W 20 61.05 99.20 -41.17
N LEU W 21 60.09 99.19 -40.26
CA LEU W 21 59.74 97.98 -39.51
C LEU W 21 58.23 97.82 -39.38
N PRO W 22 57.65 97.05 -40.29
CA PRO W 22 56.20 96.81 -40.28
C PRO W 22 55.82 95.84 -39.17
N ALA W 23 54.59 95.95 -38.66
CA ALA W 23 53.81 94.79 -38.25
C ALA W 23 54.46 93.81 -37.30
N TYR W 24 55.55 94.15 -36.63
CA TYR W 24 56.14 93.13 -35.76
C TYR W 24 55.47 93.13 -34.38
N GLN W 25 55.10 94.32 -33.87
CA GLN W 25 54.21 94.33 -32.73
C GLN W 25 52.92 93.64 -33.10
N ASP W 26 52.56 93.73 -34.38
CA ASP W 26 51.48 92.92 -34.94
C ASP W 26 51.81 91.44 -34.88
N TYR W 27 53.03 91.05 -35.21
CA TYR W 27 53.34 89.63 -35.34
C TYR W 27 53.44 88.94 -33.98
N THR W 28 54.32 89.46 -33.12
CA THR W 28 54.43 88.93 -31.76
C THR W 28 53.07 88.65 -31.19
N ALA W 29 52.16 89.61 -31.36
CA ALA W 29 50.78 89.45 -30.94
C ALA W 29 50.24 88.08 -31.27
N ARG W 30 50.27 87.73 -32.56
CA ARG W 30 49.74 86.46 -33.02
C ARG W 30 50.14 85.33 -32.08
N ALA W 31 51.44 85.11 -31.93
CA ALA W 31 51.92 84.11 -30.99
C ALA W 31 51.48 84.44 -29.57
N GLN W 32 51.80 85.65 -29.12
CA GLN W 32 51.31 86.13 -27.84
C GLN W 32 49.83 85.87 -27.69
N VAL W 33 49.04 86.20 -28.71
CA VAL W 33 47.67 85.69 -28.78
C VAL W 33 47.68 84.17 -28.74
N SER W 34 48.36 83.55 -29.72
CA SER W 34 48.24 82.11 -29.89
C SER W 34 48.62 81.37 -28.63
N GLU W 35 49.55 81.91 -27.84
CA GLU W 35 49.79 81.39 -26.51
C GLU W 35 48.48 81.19 -25.76
N ALA W 36 47.65 82.24 -25.74
CA ALA W 36 46.34 82.11 -25.10
C ALA W 36 45.53 80.99 -25.72
N ILE W 37 45.64 80.82 -27.05
CA ILE W 37 44.90 79.75 -27.71
C ILE W 37 45.28 78.40 -27.13
N LEU W 38 46.53 78.27 -26.68
CA LEU W 38 47.06 76.97 -26.35
C LEU W 38 46.37 76.33 -25.16
N LEU W 39 45.62 77.10 -24.39
CA LEU W 39 45.34 76.67 -23.03
C LEU W 39 43.95 76.02 -22.92
N ALA W 40 42.90 76.77 -23.27
CA ALA W 40 41.53 76.29 -23.11
C ALA W 40 41.24 75.06 -23.95
N GLU W 41 42.18 74.67 -24.81
CA GLU W 41 42.04 73.51 -25.66
C GLU W 41 41.56 72.29 -24.88
N GLY W 42 42.21 72.00 -23.75
CA GLY W 42 41.83 70.82 -22.99
C GLY W 42 40.41 70.88 -22.47
N GLN W 43 39.89 72.09 -22.24
CA GLN W 43 38.53 72.21 -21.73
C GLN W 43 37.53 71.58 -22.69
N LYS W 44 37.84 71.60 -23.98
CA LYS W 44 36.98 71.04 -25.01
C LYS W 44 36.50 69.63 -24.68
N SER W 45 37.30 68.86 -23.95
CA SER W 45 36.96 67.48 -23.67
C SER W 45 35.69 67.35 -22.85
N ALA W 46 35.73 67.81 -21.60
CA ALA W 46 34.55 67.71 -20.76
C ALA W 46 33.39 68.46 -21.37
N VAL W 47 33.69 69.60 -22.00
CA VAL W 47 32.71 70.29 -22.84
C VAL W 47 32.07 69.30 -23.81
N THR W 48 32.89 68.63 -24.59
CA THR W 48 32.38 67.54 -25.43
C THR W 48 31.70 66.50 -24.56
N GLU W 49 32.42 65.98 -23.56
CA GLU W 49 31.89 64.96 -22.67
C GLU W 49 30.52 65.36 -22.12
N TYR W 50 30.42 66.59 -21.62
CA TYR W 50 29.13 67.12 -21.22
C TYR W 50 28.15 67.02 -22.38
N TYR W 51 28.54 67.54 -23.55
CA TYR W 51 27.73 67.33 -24.73
C TYR W 51 27.65 65.86 -25.07
N LEU W 52 28.71 65.12 -24.78
CA LEU W 52 28.77 63.71 -25.10
C LEU W 52 27.82 62.94 -24.20
N ASN W 53 28.04 63.06 -22.90
CA ASN W 53 27.09 62.52 -21.94
C ASN W 53 25.67 62.96 -22.29
N HIS W 54 25.44 64.27 -22.27
CA HIS W 54 24.07 64.80 -22.24
C HIS W 54 23.47 64.86 -23.63
N GLY W 55 24.25 65.25 -24.62
CA GLY W 55 23.72 65.79 -25.86
C GLY W 55 23.64 67.30 -25.86
N GLU W 56 23.98 67.94 -24.75
CA GLU W 56 24.01 69.39 -24.63
C GLU W 56 25.41 69.82 -24.23
N TRP W 57 25.88 70.91 -24.82
CA TRP W 57 27.14 71.45 -24.37
C TRP W 57 27.01 71.91 -22.93
N PRO W 58 28.12 72.09 -22.23
CA PRO W 58 28.04 72.67 -20.91
C PRO W 58 27.91 74.18 -21.02
N GLY W 59 26.90 74.72 -20.34
CA GLY W 59 26.72 76.15 -20.35
C GLY W 59 28.00 76.89 -20.08
N ASP W 60 28.90 76.27 -19.34
CA ASP W 60 30.19 76.89 -19.04
C ASP W 60 31.10 75.82 -18.47
N ASN W 61 32.23 76.30 -17.93
CA ASN W 61 33.12 75.50 -17.11
C ASN W 61 32.38 74.77 -16.00
N SER W 62 31.53 75.49 -15.25
CA SER W 62 30.85 74.91 -14.10
C SER W 62 29.77 73.92 -14.51
N SER W 63 28.99 74.26 -15.53
CA SER W 63 28.10 73.27 -16.13
C SER W 63 28.86 72.01 -16.46
N ALA W 64 29.96 72.14 -17.20
CA ALA W 64 30.87 71.02 -17.36
C ALA W 64 31.44 70.57 -16.04
N GLY W 65 31.55 71.49 -15.08
CA GLY W 65 32.23 71.20 -13.85
C GLY W 65 33.72 71.39 -13.93
N VAL W 66 34.20 72.29 -14.78
CA VAL W 66 35.62 72.41 -15.03
C VAL W 66 36.12 73.82 -14.74
N ALA W 67 37.41 74.04 -14.97
CA ALA W 67 38.09 75.24 -14.51
C ALA W 67 37.49 76.49 -15.14
N THR W 68 37.06 77.42 -14.29
CA THR W 68 36.23 78.55 -14.70
C THR W 68 37.05 79.63 -15.40
N SER W 69 36.40 80.77 -15.63
CA SER W 69 37.01 81.91 -16.31
C SER W 69 38.36 82.25 -15.69
N ALA W 70 38.33 82.69 -14.44
CA ALA W 70 39.54 83.00 -13.69
C ALA W 70 40.34 81.77 -13.35
N ASP W 71 39.80 80.59 -13.61
CA ASP W 71 40.63 79.41 -13.59
C ASP W 71 41.43 79.32 -14.87
N ILE W 72 41.86 78.12 -15.17
CA ILE W 72 43.18 77.81 -15.71
C ILE W 72 43.76 78.96 -16.53
N LYS W 73 44.96 79.42 -16.15
CA LYS W 73 45.55 80.64 -16.69
C LYS W 73 47.06 80.64 -16.51
N GLY W 74 47.65 81.75 -16.97
CA GLY W 74 49.08 81.99 -16.86
C GLY W 74 49.48 83.21 -17.67
N LYS W 75 50.58 83.06 -18.42
CA LYS W 75 51.00 84.11 -19.33
C LYS W 75 50.00 84.32 -20.45
N TYR W 76 49.74 85.59 -20.76
CA TYR W 76 48.88 85.96 -21.86
C TYR W 76 47.46 85.42 -21.70
N VAL W 77 47.14 84.91 -20.52
CA VAL W 77 45.85 84.30 -20.24
C VAL W 77 45.34 84.89 -18.94
N GLN W 78 44.42 85.84 -19.03
CA GLN W 78 43.81 86.39 -17.84
C GLN W 78 42.35 85.96 -17.70
N SER W 79 41.93 84.97 -18.47
CA SER W 79 40.66 84.28 -18.27
C SER W 79 40.63 83.10 -19.24
N VAL W 80 39.85 82.08 -18.87
CA VAL W 80 39.57 80.93 -19.72
C VAL W 80 38.16 80.46 -19.43
N THR W 81 37.27 80.56 -20.41
CA THR W 81 35.85 80.47 -20.11
C THR W 81 35.12 79.65 -21.17
N VAL W 82 34.10 78.90 -20.74
CA VAL W 82 33.23 78.15 -21.63
C VAL W 82 31.87 78.83 -21.67
N ALA W 83 31.23 78.80 -22.83
CA ALA W 83 29.93 79.43 -23.00
C ALA W 83 29.02 78.49 -23.78
N ASN W 84 28.20 77.72 -23.07
CA ASN W 84 27.34 76.73 -23.72
C ASN W 84 28.19 75.81 -24.59
N GLY W 85 29.28 75.32 -24.02
CA GLY W 85 30.26 74.60 -24.80
C GLY W 85 31.19 75.45 -25.62
N VAL W 86 30.94 76.76 -25.70
CA VAL W 86 31.84 77.64 -26.44
C VAL W 86 32.88 78.20 -25.50
N ILE W 87 34.15 77.91 -25.76
CA ILE W 87 35.21 78.14 -24.81
C ILE W 87 36.00 79.37 -25.27
N THR W 88 36.55 80.10 -24.31
CA THR W 88 37.19 81.37 -24.64
C THR W 88 38.22 81.71 -23.57
N ALA W 89 39.30 82.37 -23.99
CA ALA W 89 40.36 82.82 -23.09
C ALA W 89 40.80 84.21 -23.52
N GLN W 90 41.39 84.95 -22.58
CA GLN W 90 41.72 86.35 -22.83
C GLN W 90 43.22 86.61 -22.77
N MET W 91 43.65 87.55 -23.59
CA MET W 91 45.03 88.01 -23.51
C MET W 91 45.29 88.66 -22.18
N ALA W 92 46.56 88.65 -21.78
CA ALA W 92 46.98 89.40 -20.63
C ALA W 92 46.81 90.89 -20.88
N SER W 93 47.05 91.67 -19.84
CA SER W 93 46.94 93.11 -19.93
C SER W 93 48.28 93.82 -19.84
N SER W 94 49.37 93.16 -20.24
CA SER W 94 50.69 93.77 -20.17
C SER W 94 51.72 92.82 -20.78
N ASN W 95 52.91 93.38 -21.06
CA ASN W 95 54.00 92.62 -21.66
C ASN W 95 53.56 91.93 -22.94
N VAL W 96 52.52 92.50 -23.54
CA VAL W 96 51.93 91.96 -24.75
C VAL W 96 52.20 92.96 -25.85
N ASN W 97 51.79 92.58 -27.04
CA ASN W 97 51.43 93.62 -27.98
C ASN W 97 50.44 94.55 -27.32
N ASN W 98 50.86 95.80 -27.15
CA ASN W 98 50.00 96.83 -26.61
C ASN W 98 48.62 96.78 -27.27
N GLU W 99 48.58 96.34 -28.52
CA GLU W 99 47.33 96.21 -29.25
C GLU W 99 46.45 95.12 -28.65
N ILE W 100 46.91 93.86 -28.74
CA ILE W 100 46.09 92.71 -28.42
C ILE W 100 45.85 92.61 -26.93
N LYS W 101 46.38 93.58 -26.20
CA LYS W 101 46.30 93.56 -24.76
C LYS W 101 44.89 93.23 -24.32
N SER W 102 44.76 92.11 -23.60
CA SER W 102 43.48 91.68 -23.03
C SER W 102 42.44 91.40 -24.11
N LYS W 103 42.69 90.36 -24.89
CA LYS W 103 41.79 89.99 -25.98
C LYS W 103 41.48 88.50 -25.95
N LYS W 104 40.36 88.14 -26.60
CA LYS W 104 39.83 86.78 -26.55
C LYS W 104 39.46 86.26 -27.93
N LEU W 105 39.12 84.98 -27.96
CA LEU W 105 38.42 84.41 -29.10
C LEU W 105 37.81 83.10 -28.65
N SER W 106 36.58 82.86 -29.08
CA SER W 106 35.83 81.72 -28.60
C SER W 106 36.20 80.44 -29.33
N LEU W 107 35.57 79.36 -28.91
CA LEU W 107 35.89 78.02 -29.37
C LEU W 107 34.61 77.21 -29.34
N TRP W 108 34.00 77.01 -30.50
CA TRP W 108 32.65 76.50 -30.55
C TRP W 108 32.56 75.37 -31.55
N ALA W 109 32.02 74.25 -31.12
CA ALA W 109 31.91 73.06 -31.93
C ALA W 109 30.45 72.82 -32.29
N LYS W 110 30.18 72.66 -33.58
CA LYS W 110 28.82 72.46 -34.06
C LYS W 110 28.78 71.16 -34.86
N ARG W 111 27.71 70.39 -34.66
CA ARG W 111 27.75 68.95 -34.87
C ARG W 111 27.84 68.61 -36.35
N GLN W 112 28.60 67.56 -36.65
CA GLN W 112 29.07 67.24 -38.00
C GLN W 112 28.39 66.01 -38.58
N ASN W 113 28.68 65.73 -39.85
CA ASN W 113 28.67 64.35 -40.31
C ASN W 113 29.45 63.49 -39.33
N GLY W 114 30.66 63.94 -39.00
CA GLY W 114 31.38 63.41 -37.86
C GLY W 114 30.68 63.84 -36.60
N SER W 115 31.45 63.95 -35.52
CA SER W 115 30.82 64.43 -34.31
C SER W 115 30.47 65.89 -34.43
N VAL W 116 31.48 66.73 -34.58
CA VAL W 116 31.28 68.15 -34.32
C VAL W 116 32.51 68.85 -34.83
N LYS W 117 32.40 70.13 -35.18
CA LYS W 117 33.62 70.87 -35.50
C LYS W 117 33.71 72.14 -34.68
N TRP W 118 34.77 72.22 -33.89
CA TRP W 118 35.13 73.42 -33.15
C TRP W 118 35.55 74.52 -34.10
N PHE W 119 35.87 75.69 -33.54
CA PHE W 119 36.38 76.80 -34.32
C PHE W 119 37.22 77.70 -33.45
N CYS W 120 38.47 77.86 -33.82
CA CYS W 120 39.34 78.88 -33.26
C CYS W 120 38.96 80.20 -33.89
N GLY W 121 38.25 81.03 -33.15
CA GLY W 121 37.87 82.32 -33.71
C GLY W 121 37.14 83.15 -32.69
N GLN W 122 36.59 84.25 -33.18
CA GLN W 122 36.17 85.39 -32.39
C GLN W 122 35.39 85.04 -31.15
N PRO W 123 35.56 85.81 -30.08
CA PRO W 123 34.73 85.63 -28.89
C PRO W 123 33.26 85.58 -29.27
N VAL W 124 32.65 84.43 -29.06
CA VAL W 124 31.25 84.19 -29.35
C VAL W 124 30.73 83.25 -28.27
N THR W 125 29.44 82.94 -28.31
CA THR W 125 28.85 82.06 -27.31
C THR W 125 27.72 81.26 -27.94
N ARG W 126 27.50 80.06 -27.42
CA ARG W 126 26.46 79.23 -28.00
C ARG W 126 25.10 79.63 -27.49
N THR W 127 24.14 79.67 -28.41
CA THR W 127 22.78 80.09 -28.09
C THR W 127 22.28 79.37 -26.85
N THR W 128 22.38 78.06 -26.84
CA THR W 128 22.10 77.30 -25.64
C THR W 128 23.18 76.26 -25.43
N ALA W 129 23.36 75.90 -24.16
CA ALA W 129 24.15 74.72 -23.85
C ALA W 129 23.63 73.51 -24.60
N THR W 130 22.31 73.46 -24.81
CA THR W 130 21.72 72.38 -25.59
C THR W 130 22.13 72.48 -27.06
N ALA W 131 22.25 73.69 -27.58
CA ALA W 131 22.42 73.89 -29.01
C ALA W 131 23.79 73.45 -29.47
N THR W 132 24.06 73.72 -30.75
CA THR W 132 25.42 73.78 -31.27
C THR W 132 25.70 75.17 -31.81
N ASP W 133 24.71 75.76 -32.49
CA ASP W 133 24.85 77.11 -33.04
C ASP W 133 25.17 78.12 -31.94
N VAL W 134 26.10 79.02 -32.26
CA VAL W 134 26.64 79.93 -31.27
C VAL W 134 26.47 81.36 -31.74
N ALA W 135 26.51 82.28 -30.79
CA ALA W 135 26.17 83.68 -31.02
C ALA W 135 27.41 84.55 -30.92
N ALA W 136 27.56 85.47 -31.87
CA ALA W 136 28.76 86.28 -31.97
C ALA W 136 28.75 87.36 -30.90
N ALA W 137 28.79 86.94 -29.63
CA ALA W 137 28.85 87.88 -28.52
C ALA W 137 30.21 88.57 -28.60
N ASN W 138 30.24 89.77 -29.15
CA ASN W 138 31.47 90.34 -29.69
C ASN W 138 32.25 91.18 -28.68
N GLY W 139 31.63 91.54 -27.56
CA GLY W 139 32.32 92.31 -26.54
C GLY W 139 32.95 93.57 -27.11
N LYS W 140 32.29 94.15 -28.11
CA LYS W 140 32.79 95.34 -28.78
C LYS W 140 34.19 95.11 -29.31
N THR W 141 34.47 93.87 -29.67
CA THR W 141 35.64 93.45 -30.43
C THR W 141 36.94 93.69 -29.70
N ASP W 142 36.93 94.27 -28.50
CA ASP W 142 38.19 94.43 -27.78
C ASP W 142 38.81 93.05 -27.55
N ASP W 143 38.12 92.20 -26.80
CA ASP W 143 38.57 90.82 -26.69
C ASP W 143 38.67 90.15 -28.03
N LYS W 144 37.74 90.42 -28.94
CA LYS W 144 37.92 89.93 -30.30
C LYS W 144 39.28 90.32 -30.81
N ILE W 145 39.86 89.45 -31.62
CA ILE W 145 41.25 89.60 -32.00
C ILE W 145 41.35 89.86 -33.49
N ASN W 146 42.25 90.77 -33.85
CA ASN W 146 42.47 91.10 -35.25
C ASN W 146 42.81 89.87 -36.06
N THR W 147 42.01 89.59 -37.08
CA THR W 147 42.35 88.53 -38.01
C THR W 147 43.73 88.73 -38.58
N LYS W 148 44.17 89.97 -38.72
CA LYS W 148 45.58 90.19 -39.00
C LYS W 148 46.42 89.70 -37.83
N HIS W 149 46.20 90.26 -36.65
CA HIS W 149 46.88 89.75 -35.46
C HIS W 149 46.46 88.34 -35.11
N LEU W 150 45.56 87.78 -35.85
CA LEU W 150 45.39 86.35 -35.80
C LEU W 150 46.10 85.72 -36.97
N PRO W 151 46.49 84.49 -36.85
CA PRO W 151 46.95 83.76 -38.04
C PRO W 151 45.81 83.52 -39.02
N SER W 152 46.15 82.98 -40.20
CA SER W 152 45.17 82.85 -41.26
C SER W 152 44.01 81.98 -40.84
N THR W 153 44.30 80.83 -40.22
CA THR W 153 43.23 79.90 -39.89
C THR W 153 42.32 80.45 -38.81
N CYS W 154 42.87 80.82 -37.66
CA CYS W 154 42.06 81.09 -36.47
C CYS W 154 41.34 82.41 -36.70
N ARG W 155 40.42 82.40 -37.64
CA ARG W 155 39.65 83.56 -38.03
C ARG W 155 38.17 83.26 -38.08
N ASP W 156 37.62 82.71 -36.98
CA ASP W 156 36.28 82.14 -37.00
C ASP W 156 35.29 83.03 -36.26
N ASP W 157 34.08 83.12 -36.80
CA ASP W 157 32.94 83.77 -36.16
C ASP W 157 31.95 82.72 -35.68
N SER W 158 31.13 83.11 -34.71
CA SER W 158 30.06 82.26 -34.20
C SER W 158 29.39 81.47 -35.31
N SER W 159 29.08 82.17 -36.40
CA SER W 159 28.60 81.56 -37.62
C SER W 159 29.35 80.29 -37.99
N ALA W 160 30.63 80.19 -37.65
CA ALA W 160 31.38 78.98 -37.97
C ALA W 160 30.71 77.77 -37.34
N SER W 161 30.37 76.79 -38.17
CA SER W 161 29.53 75.69 -37.76
C SER W 161 30.09 74.32 -38.12
N PHE X 1 94.41 122.63 -51.35
CA PHE X 1 94.03 122.17 -50.03
C PHE X 1 92.69 121.45 -50.08
N THR X 2 92.21 121.23 -51.31
CA THR X 2 91.33 120.10 -51.52
C THR X 2 91.98 118.85 -50.95
N LEU X 3 93.31 118.80 -50.96
CA LEU X 3 94.04 117.79 -50.20
C LEU X 3 93.53 117.70 -48.77
N ILE X 4 93.39 118.84 -48.10
CA ILE X 4 92.72 118.80 -46.80
C ILE X 4 91.36 118.15 -46.96
N GLU X 5 90.50 118.75 -47.78
CA GLU X 5 89.23 118.12 -48.12
C GLU X 5 89.40 116.65 -48.40
N LEU X 6 90.41 116.30 -49.19
CA LEU X 6 90.80 114.90 -49.33
C LEU X 6 91.16 114.30 -47.98
N MET X 7 92.21 114.82 -47.36
CA MET X 7 92.65 114.27 -46.09
C MET X 7 91.52 114.35 -45.07
N ILE X 8 90.63 115.33 -45.19
CA ILE X 8 89.37 115.29 -44.45
C ILE X 8 88.64 113.99 -44.74
N VAL X 9 88.30 113.79 -46.01
CA VAL X 9 87.64 112.55 -46.40
C VAL X 9 88.46 111.37 -45.92
N ILE X 10 89.79 111.48 -46.00
CA ILE X 10 90.64 110.49 -45.34
C ILE X 10 90.39 110.52 -43.85
N ALA X 11 90.50 111.71 -43.25
CA ALA X 11 90.36 111.83 -41.80
C ALA X 11 89.05 111.25 -41.33
N ILE X 12 87.94 111.67 -41.96
CA ILE X 12 86.64 111.16 -41.52
C ILE X 12 86.57 109.65 -41.75
N VAL X 13 87.21 109.17 -42.82
CA VAL X 13 87.43 107.73 -42.93
C VAL X 13 88.42 107.29 -41.87
N GLY X 14 89.37 108.16 -41.54
CA GLY X 14 90.37 107.85 -40.54
C GLY X 14 89.77 107.32 -39.25
N ILE X 15 88.80 108.05 -38.71
CA ILE X 15 88.14 107.66 -37.48
C ILE X 15 86.75 107.11 -37.76
N LEU X 16 86.59 106.42 -38.88
CA LEU X 16 85.32 105.84 -39.26
C LEU X 16 85.36 104.32 -39.23
N ALA X 17 86.56 103.76 -39.34
CA ALA X 17 86.74 102.32 -39.33
C ALA X 17 87.21 101.83 -37.96
N ALA X 18 86.77 102.54 -36.91
CA ALA X 18 87.14 102.18 -35.55
C ALA X 18 86.06 102.54 -34.55
N VAL X 19 85.65 101.54 -33.77
CA VAL X 19 84.62 101.67 -32.71
C VAL X 19 83.19 101.99 -33.18
N ALA X 20 82.90 101.77 -34.46
CA ALA X 20 81.59 102.04 -35.02
C ALA X 20 80.77 100.75 -35.15
N LEU X 21 81.05 99.80 -34.27
CA LEU X 21 80.34 98.52 -34.27
C LEU X 21 79.98 98.08 -32.86
N PRO X 22 78.76 98.41 -32.44
CA PRO X 22 78.29 98.04 -31.09
C PRO X 22 77.96 96.56 -31.01
N ALA X 23 78.06 95.98 -29.83
CA ALA X 23 77.14 94.93 -29.37
C ALA X 23 76.90 93.75 -30.29
N TYR X 24 77.74 93.52 -31.29
CA TYR X 24 77.44 92.38 -32.15
C TYR X 24 77.99 91.08 -31.57
N GLN X 25 79.18 91.14 -30.96
CA GLN X 25 79.60 90.01 -30.15
C GLN X 25 78.59 89.80 -29.05
N ASP X 26 77.95 90.88 -28.61
CA ASP X 26 76.78 90.80 -27.75
C ASP X 26 75.62 90.10 -28.42
N TYR X 27 75.36 90.40 -29.69
CA TYR X 27 74.16 89.89 -30.33
C TYR X 27 74.28 88.41 -30.67
N THR X 28 75.31 88.05 -31.44
CA THR X 28 75.56 86.64 -31.74
C THR X 28 75.35 85.79 -30.52
N ALA X 29 75.90 86.24 -29.39
CA ALA X 29 75.72 85.58 -28.12
C ALA X 29 74.30 85.14 -27.91
N ARG X 30 73.36 86.09 -27.96
CA ARG X 30 71.95 85.78 -27.74
C ARG X 30 71.55 84.50 -28.45
N ALA X 31 71.69 84.48 -29.78
CA ALA X 31 71.40 83.28 -30.53
C ALA X 31 72.31 82.14 -30.10
N GLN X 32 73.62 82.37 -30.13
CA GLN X 32 74.57 81.41 -29.61
C GLN X 32 74.14 80.91 -28.23
N VAL X 33 73.76 81.82 -27.34
CA VAL X 33 73.04 81.42 -26.14
C VAL X 33 71.78 80.67 -26.52
N SER X 34 70.90 81.32 -27.28
CA SER X 34 69.57 80.77 -27.53
C SER X 34 69.65 79.38 -28.13
N GLU X 35 70.68 79.13 -28.93
CA GLU X 35 70.94 77.77 -29.35
C GLU X 35 70.90 76.81 -28.17
N ALA X 36 71.64 77.14 -27.12
CA ALA X 36 71.61 76.32 -25.91
C ALA X 36 70.20 76.19 -25.37
N ILE X 37 69.41 77.27 -25.46
CA ILE X 37 68.04 77.21 -24.97
C ILE X 37 67.26 76.13 -25.69
N LEU X 38 67.62 75.89 -26.95
CA LEU X 38 66.76 75.08 -27.81
C LEU X 38 66.70 73.62 -27.37
N LEU X 39 67.61 73.20 -26.49
CA LEU X 39 67.86 71.77 -26.38
C LEU X 39 67.11 71.14 -25.21
N ALA X 40 67.37 71.63 -23.98
CA ALA X 40 66.78 71.04 -22.78
C ALA X 40 65.25 71.13 -22.76
N GLU X 41 64.69 71.84 -23.72
CA GLU X 41 63.25 72.00 -23.83
C GLU X 41 62.52 70.67 -23.71
N GLY X 42 62.97 69.66 -24.46
CA GLY X 42 62.29 68.37 -24.43
C GLY X 42 62.32 67.72 -23.07
N GLN X 43 63.36 68.01 -22.28
CA GLN X 43 63.46 67.41 -20.96
C GLN X 43 62.26 67.77 -20.10
N LYS X 44 61.68 68.94 -20.32
CA LYS X 44 60.52 69.43 -19.58
C LYS X 44 59.41 68.40 -19.48
N SER X 45 59.29 67.53 -20.47
CA SER X 45 58.18 66.57 -20.50
C SER X 45 58.25 65.60 -19.34
N ALA X 46 59.27 64.75 -19.32
CA ALA X 46 59.39 63.77 -18.25
C ALA X 46 59.50 64.48 -16.91
N VAL X 47 60.20 65.60 -16.89
CA VAL X 47 60.17 66.49 -15.74
C VAL X 47 58.74 66.75 -15.31
N THR X 48 57.93 67.24 -16.24
CA THR X 48 56.50 67.37 -15.97
C THR X 48 55.92 66.02 -15.61
N GLU X 49 56.12 65.02 -16.48
CA GLU X 49 55.61 63.67 -16.25
C GLU X 49 55.97 63.18 -14.86
N TYR X 50 57.23 63.32 -14.50
CA TYR X 50 57.64 63.01 -13.14
C TYR X 50 56.78 63.79 -12.15
N TYR X 51 56.71 65.11 -12.34
CA TYR X 51 55.79 65.90 -11.55
C TYR X 51 54.35 65.48 -11.83
N LEU X 52 54.09 65.05 -13.04
CA LEU X 52 52.74 64.66 -13.42
C LEU X 52 52.36 63.37 -12.74
N ASN X 53 53.15 62.34 -12.99
CA ASN X 53 53.00 61.10 -12.25
C ASN X 53 52.94 61.37 -10.76
N HIS X 54 54.00 61.94 -10.21
CA HIS X 54 54.20 61.94 -8.76
C HIS X 54 53.45 63.08 -8.08
N GLY X 55 53.43 64.25 -8.69
CA GLY X 55 53.17 65.48 -7.99
C GLY X 55 54.42 66.19 -7.54
N GLU X 56 55.59 65.59 -7.76
CA GLU X 56 56.88 66.17 -7.45
C GLU X 56 57.71 66.27 -8.71
N TRP X 57 58.42 67.37 -8.88
CA TRP X 57 59.34 67.45 -9.99
C TRP X 57 60.43 66.41 -9.81
N PRO X 58 61.13 66.07 -10.88
CA PRO X 58 62.28 65.19 -10.74
C PRO X 58 63.46 65.98 -10.22
N GLY X 59 64.08 65.48 -9.15
CA GLY X 59 65.25 66.14 -8.61
C GLY X 59 66.25 66.47 -9.69
N ASP X 60 66.27 65.69 -10.76
CA ASP X 60 67.18 65.93 -11.87
C ASP X 60 66.74 65.08 -13.05
N ASN X 61 67.63 65.03 -14.03
CA ASN X 61 67.53 64.09 -15.13
C ASN X 61 67.33 62.66 -14.65
N SER X 62 68.14 62.22 -13.69
CA SER X 62 68.11 60.83 -13.24
C SER X 62 66.85 60.54 -12.41
N SER X 63 66.49 61.45 -11.52
CA SER X 63 65.19 61.35 -10.86
C SER X 63 64.10 61.16 -11.90
N ALA X 64 64.05 62.05 -12.90
CA ALA X 64 63.19 61.82 -14.05
C ALA X 64 63.58 60.54 -14.77
N GLY X 65 64.85 60.16 -14.70
CA GLY X 65 65.36 59.07 -15.50
C GLY X 65 65.77 59.48 -16.89
N VAL X 66 66.19 60.72 -17.08
CA VAL X 66 66.43 61.24 -18.42
C VAL X 66 67.86 61.74 -18.57
N ALA X 67 68.17 62.25 -19.76
CA ALA X 67 69.55 62.54 -20.14
C ALA X 67 70.18 63.57 -19.22
N THR X 68 71.30 63.21 -18.61
CA THR X 68 71.89 63.97 -17.51
C THR X 68 72.61 65.22 -18.01
N SER X 69 73.34 65.86 -17.08
CA SER X 69 74.07 67.09 -17.37
C SER X 69 74.93 66.93 -18.61
N ALA X 70 75.92 66.06 -18.54
CA ALA X 70 76.79 65.76 -19.67
C ALA X 70 76.07 65.01 -20.77
N ASP X 71 74.84 64.59 -20.53
CA ASP X 71 74.01 64.14 -21.62
C ASP X 71 73.46 65.34 -22.35
N ILE X 72 72.36 65.10 -23.05
CA ILE X 72 72.08 65.64 -24.37
C ILE X 72 72.75 66.99 -24.61
N LYS X 73 73.56 67.08 -25.67
CA LYS X 73 74.42 68.23 -25.93
C LYS X 73 74.81 68.31 -27.40
N GLY X 74 75.62 69.33 -27.67
CA GLY X 74 76.16 69.59 -29.00
C GLY X 74 76.85 70.94 -29.05
N LYS X 75 76.57 71.69 -30.11
CA LYS X 75 77.06 73.05 -30.23
C LYS X 75 76.49 73.94 -29.14
N TYR X 76 77.36 74.77 -28.56
CA TYR X 76 76.97 75.76 -27.58
C TYR X 76 76.31 75.14 -26.37
N VAL X 77 76.41 73.82 -26.23
CA VAL X 77 75.80 73.09 -25.13
C VAL X 77 76.84 72.15 -24.56
N GLN X 78 77.44 72.53 -23.43
CA GLN X 78 78.38 71.65 -22.76
C GLN X 78 77.81 71.09 -21.48
N SER X 79 76.51 71.22 -21.26
CA SER X 79 75.79 70.51 -20.22
C SER X 79 74.30 70.77 -20.43
N VAL X 80 73.48 69.84 -19.95
CA VAL X 80 72.02 69.99 -19.92
C VAL X 80 71.51 69.28 -18.67
N THR X 81 70.94 70.03 -17.74
CA THR X 81 70.73 69.50 -16.40
C THR X 81 69.38 69.91 -15.85
N VAL X 82 68.77 69.00 -15.07
CA VAL X 82 67.52 69.27 -14.36
C VAL X 82 67.81 69.39 -12.87
N ALA X 83 67.09 70.27 -12.21
CA ALA X 83 67.30 70.53 -10.78
C ALA X 83 65.93 70.60 -10.10
N ASN X 84 65.48 69.47 -9.53
CA ASN X 84 64.15 69.42 -8.92
C ASN X 84 63.11 69.90 -9.91
N GLY X 85 63.18 69.35 -11.12
CA GLY X 85 62.37 69.83 -12.21
C GLY X 85 62.86 71.10 -12.85
N VAL X 86 63.88 71.75 -12.30
CA VAL X 86 64.41 72.96 -12.91
C VAL X 86 65.55 72.58 -13.83
N ILE X 87 65.42 72.88 -15.11
CA ILE X 87 66.30 72.34 -16.13
C ILE X 87 67.25 73.45 -16.58
N THR X 88 68.46 73.06 -16.96
CA THR X 88 69.48 74.05 -17.26
C THR X 88 70.51 73.47 -18.22
N ALA X 89 71.04 74.32 -19.09
CA ALA X 89 72.07 73.93 -20.05
C ALA X 89 73.13 75.03 -20.11
N GLN X 90 74.34 74.66 -20.54
CA GLN X 90 75.44 75.60 -20.51
C GLN X 90 75.98 75.92 -21.90
N MET X 91 76.45 77.15 -22.05
CA MET X 91 77.14 77.52 -23.27
C MET X 91 78.42 76.74 -23.43
N ALA X 92 78.83 76.60 -24.68
CA ALA X 92 80.13 76.02 -24.96
C ALA X 92 81.22 76.91 -24.42
N SER X 93 82.45 76.43 -24.50
CA SER X 93 83.60 77.18 -24.05
C SER X 93 84.49 77.66 -25.17
N SER X 94 83.95 77.86 -26.38
CA SER X 94 84.76 78.32 -27.51
C SER X 94 83.85 78.56 -28.70
N ASN X 95 84.39 79.26 -29.70
CA ASN X 95 83.65 79.60 -30.92
C ASN X 95 82.35 80.31 -30.59
N VAL X 96 82.33 80.93 -29.43
CA VAL X 96 81.17 81.62 -28.91
C VAL X 96 81.50 83.09 -28.88
N ASN X 97 80.51 83.88 -28.51
CA ASN X 97 80.84 85.12 -27.86
C ASN X 97 81.78 84.82 -26.72
N ASN X 98 83.00 85.34 -26.83
CA ASN X 98 83.97 85.23 -25.75
C ASN X 98 83.35 85.54 -24.40
N GLU X 99 82.33 86.41 -24.41
CA GLU X 99 81.62 86.77 -23.19
C GLU X 99 80.84 85.59 -22.65
N ILE X 100 79.82 85.14 -23.39
CA ILE X 100 78.85 84.18 -22.90
C ILE X 100 79.47 82.81 -22.76
N LYS X 101 80.75 82.73 -23.07
CA LYS X 101 81.44 81.46 -23.08
C LYS X 101 81.12 80.68 -21.81
N SER X 102 80.51 79.51 -22.00
CA SER X 102 80.19 78.60 -20.89
C SER X 102 79.21 79.24 -19.90
N LYS X 103 77.99 79.46 -20.36
CA LYS X 103 76.96 80.07 -19.53
C LYS X 103 75.65 79.29 -19.59
N LYS X 104 74.82 79.49 -18.57
CA LYS X 104 73.59 78.72 -18.39
C LYS X 104 72.40 79.60 -18.09
N LEU X 105 71.23 78.97 -18.07
CA LEU X 105 70.05 79.55 -17.49
C LEU X 105 69.04 78.45 -17.24
N SER X 106 68.40 78.50 -16.08
CA SER X 106 67.54 77.42 -15.66
C SER X 106 66.16 77.51 -16.30
N LEU X 107 65.33 76.52 -15.98
CA LEU X 107 64.04 76.33 -16.59
C LEU X 107 63.13 75.71 -15.55
N TRP X 108 62.27 76.53 -14.96
CA TRP X 108 61.55 76.09 -13.78
C TRP X 108 60.08 76.42 -13.90
N ALA X 109 59.25 75.42 -13.69
CA ALA X 109 57.81 75.53 -13.83
C ALA X 109 57.16 75.50 -12.46
N LYS X 110 56.32 76.49 -12.18
CA LYS X 110 55.65 76.58 -10.89
C LYS X 110 54.16 76.64 -11.12
N ARG X 111 53.41 75.93 -10.28
CA ARG X 111 52.09 75.44 -10.67
C ARG X 111 51.07 76.57 -10.77
N GLN X 112 50.17 76.46 -11.75
CA GLN X 112 49.32 77.55 -12.20
C GLN X 112 47.86 77.34 -11.83
N ASN X 113 47.05 78.36 -12.12
CA ASN X 113 45.65 78.11 -12.43
C ASN X 113 45.57 76.98 -13.43
N GLY X 114 46.34 77.09 -14.51
CA GLY X 114 46.60 75.98 -15.39
C GLY X 114 47.47 74.99 -14.68
N SER X 115 48.23 74.23 -15.45
CA SER X 115 49.13 73.30 -14.78
C SER X 115 50.23 74.05 -14.07
N VAL X 116 51.06 74.75 -14.84
CA VAL X 116 52.35 75.16 -14.30
C VAL X 116 52.92 76.14 -15.31
N LYS X 117 53.80 77.04 -14.87
CA LYS X 117 54.50 77.86 -15.85
C LYS X 117 56.00 77.77 -15.66
N TRP X 118 56.67 77.30 -16.71
CA TRP X 118 58.11 77.30 -16.81
C TRP X 118 58.64 78.71 -16.89
N PHE X 119 59.98 78.82 -16.94
CA PHE X 119 60.62 80.11 -17.12
C PHE X 119 61.99 79.92 -17.75
N CYS X 120 62.16 80.54 -18.91
CA CYS X 120 63.47 80.67 -19.53
C CYS X 120 64.19 81.79 -18.80
N GLY X 121 65.14 81.43 -17.95
CA GLY X 121 65.86 82.46 -17.24
C GLY X 121 66.94 81.86 -16.37
N GLN X 122 67.52 82.71 -15.55
CA GLN X 122 68.81 82.50 -14.91
C GLN X 122 68.98 81.13 -14.29
N PRO X 123 70.20 80.60 -14.32
CA PRO X 123 70.49 79.35 -13.62
C PRO X 123 69.98 79.41 -12.19
N VAL X 124 69.00 78.57 -11.90
CA VAL X 124 68.38 78.49 -10.58
C VAL X 124 68.03 77.03 -10.37
N THR X 125 67.50 76.70 -9.19
CA THR X 125 67.14 75.32 -8.88
C THR X 125 65.95 75.29 -7.97
N ARG X 126 65.15 74.23 -8.06
CA ARG X 126 63.96 74.16 -7.24
C ARG X 126 64.30 73.70 -5.85
N THR X 127 63.70 74.36 -4.86
CA THR X 127 63.96 74.06 -3.46
C THR X 127 63.88 72.57 -3.21
N THR X 128 62.79 71.93 -3.64
CA THR X 128 62.69 70.50 -3.60
C THR X 128 62.12 69.99 -4.91
N ALA X 129 62.49 68.77 -5.25
CA ALA X 129 61.81 68.06 -6.31
C ALA X 129 60.30 68.05 -6.07
N THR X 130 59.90 67.99 -4.80
CA THR X 130 58.49 68.06 -4.44
C THR X 130 57.91 69.43 -4.74
N ALA X 131 58.70 70.48 -4.55
CA ALA X 131 58.18 71.84 -4.58
C ALA X 131 57.85 72.26 -6.01
N THR X 132 57.48 73.52 -6.13
CA THR X 132 57.52 74.23 -7.41
C THR X 132 58.47 75.42 -7.31
N ASP X 133 58.46 76.12 -6.17
CA ASP X 133 59.34 77.25 -5.94
C ASP X 133 60.81 76.84 -6.06
N VAL X 134 61.59 77.70 -6.72
CA VAL X 134 62.95 77.36 -7.08
C VAL X 134 63.89 78.42 -6.53
N ALA X 135 65.16 78.04 -6.40
CA ALA X 135 66.16 78.85 -5.71
C ALA X 135 67.17 79.37 -6.70
N ALA X 136 67.51 80.65 -6.57
CA ALA X 136 68.37 81.34 -7.52
C ALA X 136 69.80 80.92 -7.30
N ALA X 137 70.11 79.64 -7.51
CA ALA X 137 71.46 79.13 -7.39
C ALA X 137 72.26 79.75 -8.54
N ASN X 138 73.01 80.80 -8.24
CA ASN X 138 73.45 81.73 -9.26
C ASN X 138 74.81 81.39 -9.86
N GLY X 139 75.57 80.50 -9.24
CA GLY X 139 76.86 80.10 -9.75
C GLY X 139 77.75 81.28 -10.03
N LYS X 140 77.61 82.32 -9.21
CA LYS X 140 78.38 83.55 -9.36
C LYS X 140 78.18 84.13 -10.76
N THR X 141 77.00 83.89 -11.31
CA THR X 141 76.49 84.55 -12.50
C THR X 141 77.31 84.25 -13.74
N ASP X 142 78.40 83.49 -13.65
CA ASP X 142 79.13 83.14 -14.86
C ASP X 142 78.19 82.40 -15.80
N ASP X 143 77.72 81.23 -15.39
CA ASP X 143 76.71 80.54 -16.17
C ASP X 143 75.48 81.41 -16.37
N LYS X 144 75.08 82.17 -15.36
CA LYS X 144 74.02 83.14 -15.57
C LYS X 144 74.34 83.99 -16.78
N ILE X 145 73.32 84.38 -17.50
CA ILE X 145 73.51 85.00 -18.81
C ILE X 145 73.01 86.43 -18.75
N ASN X 146 73.77 87.32 -19.39
CA ASN X 146 73.39 88.72 -19.45
C ASN X 146 72.01 88.88 -20.05
N THR X 147 71.11 89.51 -19.29
CA THR X 147 69.81 89.86 -19.83
C THR X 147 69.96 90.67 -21.09
N LYS X 148 71.02 91.47 -21.21
CA LYS X 148 71.33 92.05 -22.50
C LYS X 148 71.66 90.95 -23.50
N HIS X 149 72.69 90.15 -23.22
CA HIS X 149 72.98 88.99 -24.05
C HIS X 149 71.88 87.95 -24.01
N LEU X 150 70.87 88.16 -23.23
CA LEU X 150 69.66 87.42 -23.42
C LEU X 150 68.66 88.26 -24.21
N PRO X 151 67.76 87.62 -24.89
CA PRO X 151 66.64 88.39 -25.46
C PRO X 151 65.73 88.92 -24.36
N SER X 152 64.76 89.74 -24.77
CA SER X 152 63.93 90.44 -23.81
C SER X 152 63.17 89.47 -22.92
N THR X 153 62.57 88.43 -23.50
CA THR X 153 61.75 87.53 -22.72
C THR X 153 62.58 86.71 -21.75
N CYS X 154 63.57 85.98 -22.25
CA CYS X 154 64.25 84.95 -21.46
C CYS X 154 65.11 85.65 -20.42
N ARG X 155 64.46 86.32 -19.50
CA ARG X 155 65.10 87.07 -18.44
C ARG X 155 64.53 86.73 -17.08
N ASP X 156 64.51 85.44 -16.73
CA ASP X 156 63.77 84.96 -15.57
C ASP X 156 64.71 84.57 -14.43
N ASP X 157 64.28 84.89 -13.21
CA ASP X 157 64.93 84.45 -11.98
C ASP X 157 64.10 83.37 -11.31
N SER X 158 64.76 82.58 -10.47
CA SER X 158 64.11 81.56 -9.66
C SER X 158 62.75 82.04 -9.15
N SER X 159 62.75 83.27 -8.63
CA SER X 159 61.52 83.95 -8.25
C SER X 159 60.40 83.79 -9.28
N ALA X 160 60.72 83.65 -10.56
CA ALA X 160 59.69 83.48 -11.57
C ALA X 160 58.85 82.24 -11.25
N SER X 161 57.55 82.45 -11.12
CA SER X 161 56.66 81.43 -10.59
C SER X 161 55.44 81.19 -11.46
N PHE Y 1 101.78 126.19 -61.18
CA PHE Y 1 101.97 124.75 -60.99
C PHE Y 1 101.09 124.26 -59.87
N THR Y 2 100.20 125.12 -59.41
CA THR Y 2 98.97 124.62 -58.82
C THR Y 2 98.32 123.64 -59.77
N LEU Y 3 98.53 123.84 -61.08
CA LEU Y 3 98.20 122.83 -62.07
C LEU Y 3 98.74 121.47 -61.67
N ILE Y 4 100.01 121.40 -61.28
CA ILE Y 4 100.51 120.16 -60.71
C ILE Y 4 99.61 119.75 -59.55
N GLU Y 5 99.55 120.61 -58.53
CA GLU Y 5 98.62 120.40 -57.44
C GLU Y 5 97.26 119.97 -57.96
N LEU Y 6 96.75 120.65 -58.98
CA LEU Y 6 95.58 120.17 -59.69
C LEU Y 6 95.81 118.79 -60.25
N MET Y 7 96.76 118.67 -61.18
CA MET Y 7 97.02 117.38 -61.80
C MET Y 7 97.38 116.35 -60.73
N ILE Y 8 97.98 116.78 -59.63
CA ILE Y 8 98.08 115.91 -58.45
C ILE Y 8 96.70 115.41 -58.06
N VAL Y 9 95.83 116.36 -57.70
CA VAL Y 9 94.46 116.00 -57.36
C VAL Y 9 93.86 115.15 -58.47
N ILE Y 10 94.16 115.50 -59.71
CA ILE Y 10 93.82 114.60 -60.81
C ILE Y 10 94.55 113.29 -60.64
N ALA Y 11 95.88 113.36 -60.49
CA ALA Y 11 96.67 112.14 -60.40
C ALA Y 11 96.17 111.24 -59.27
N ILE Y 12 96.00 111.79 -58.08
CA ILE Y 12 95.53 110.96 -56.97
C ILE Y 12 94.15 110.43 -57.27
N VAL Y 13 93.32 111.23 -57.94
CA VAL Y 13 92.10 110.68 -58.51
C VAL Y 13 92.43 109.72 -59.63
N GLY Y 14 93.51 110.00 -60.35
CA GLY Y 14 93.94 109.15 -61.45
C GLY Y 14 94.03 107.69 -61.06
N ILE Y 15 94.73 107.41 -59.97
CA ILE Y 15 94.90 106.04 -59.48
C ILE Y 15 94.02 105.80 -58.25
N LEU Y 16 92.85 106.42 -58.23
CA LEU Y 16 91.93 106.26 -57.10
C LEU Y 16 90.67 105.52 -57.52
N ALA Y 17 90.37 105.55 -58.82
CA ALA Y 17 89.19 104.88 -59.35
C ALA Y 17 89.56 103.54 -59.99
N ALA Y 18 90.59 102.90 -59.45
CA ALA Y 18 91.04 101.62 -59.96
C ALA Y 18 91.64 100.74 -58.87
N VAL Y 19 91.11 99.52 -58.76
CA VAL Y 19 91.55 98.51 -57.78
C VAL Y 19 91.32 98.83 -56.29
N ALA Y 20 90.44 99.78 -56.01
CA ALA Y 20 90.14 100.17 -54.65
C ALA Y 20 88.84 99.54 -54.16
N LEU Y 21 88.53 98.37 -54.71
CA LEU Y 21 87.31 97.65 -54.33
C LEU Y 21 87.57 96.16 -54.16
N PRO Y 22 87.82 95.74 -52.92
CA PRO Y 22 88.10 94.33 -52.63
C PRO Y 22 86.83 93.50 -52.67
N ALA Y 23 86.95 92.22 -52.98
CA ALA Y 23 86.12 91.18 -52.37
C ALA Y 23 84.62 91.37 -52.38
N TYR Y 24 84.08 92.26 -53.19
CA TYR Y 24 82.63 92.42 -53.14
C TYR Y 24 81.92 91.40 -54.03
N GLN Y 25 82.51 91.09 -55.19
CA GLN Y 25 82.04 89.92 -55.92
C GLN Y 25 82.22 88.69 -55.04
N ASP Y 26 83.23 88.73 -54.18
CA ASP Y 26 83.38 87.75 -53.11
C ASP Y 26 82.22 87.81 -52.13
N TYR Y 27 81.79 89.01 -51.74
CA TYR Y 27 80.82 89.12 -50.67
C TYR Y 27 79.42 88.73 -51.12
N THR Y 28 78.93 89.39 -52.18
CA THR Y 28 77.64 89.03 -52.76
C THR Y 28 77.49 87.52 -52.82
N ALA Y 29 78.54 86.87 -53.31
CA ALA Y 29 78.58 85.42 -53.36
C ALA Y 29 78.04 84.79 -52.09
N ARG Y 30 78.64 85.13 -50.94
CA ARG Y 30 78.23 84.57 -49.67
C ARG Y 30 76.71 84.50 -49.57
N ALA Y 31 76.07 85.66 -49.64
CA ALA Y 31 74.62 85.69 -49.61
C ALA Y 31 74.04 84.92 -50.79
N GLN Y 32 74.47 85.28 -52.00
CA GLN Y 32 74.10 84.53 -53.19
C GLN Y 32 74.28 83.04 -52.96
N VAL Y 33 75.43 82.63 -52.41
CA VAL Y 33 75.55 81.29 -51.88
C VAL Y 33 74.48 81.05 -50.82
N SER Y 34 74.50 81.87 -49.77
CA SER Y 34 73.65 81.60 -48.61
C SER Y 34 72.20 81.48 -49.00
N GLU Y 35 71.77 82.22 -50.01
CA GLU Y 35 70.46 81.98 -50.59
C GLU Y 35 70.24 80.50 -50.84
N ALA Y 36 71.19 79.87 -51.53
CA ALA Y 36 71.08 78.43 -51.75
C ALA Y 36 70.98 77.66 -50.45
N ILE Y 37 71.70 78.12 -49.41
CA ILE Y 37 71.63 77.45 -48.12
C ILE Y 37 70.21 77.43 -47.59
N LEU Y 38 69.44 78.47 -47.94
CA LEU Y 38 68.16 78.68 -47.28
C LEU Y 38 67.16 77.60 -47.60
N LEU Y 39 67.41 76.79 -48.63
CA LEU Y 39 66.30 76.05 -49.22
C LEU Y 39 66.21 74.62 -48.71
N ALA Y 40 67.28 73.83 -48.90
CA ALA Y 40 67.28 72.41 -48.53
C ALA Y 40 67.08 72.19 -47.04
N GLU Y 41 67.09 73.27 -46.26
CA GLU Y 41 66.90 73.20 -44.82
C GLU Y 41 65.70 72.34 -44.46
N GLY Y 42 64.55 72.59 -45.10
CA GLY Y 42 63.36 71.83 -44.76
C GLY Y 42 63.50 70.35 -45.02
N GLN Y 43 64.33 69.98 -46.00
CA GLN Y 43 64.50 68.57 -46.31
C GLN Y 43 65.01 67.79 -45.10
N LYS Y 44 65.78 68.46 -44.23
CA LYS Y 44 66.34 67.85 -43.04
C LYS Y 44 65.31 67.10 -42.22
N SER Y 45 64.06 67.52 -42.25
CA SER Y 45 63.03 66.91 -41.42
C SER Y 45 62.80 65.45 -41.79
N ALA Y 46 62.28 65.20 -42.99
CA ALA Y 46 62.02 63.83 -43.39
C ALA Y 46 63.30 63.02 -43.39
N VAL Y 47 64.39 63.67 -43.79
CA VAL Y 47 65.71 63.08 -43.61
C VAL Y 47 65.89 62.59 -42.18
N THR Y 48 65.67 63.50 -41.22
CA THR Y 48 65.64 63.09 -39.83
C THR Y 48 64.57 62.04 -39.62
N GLU Y 49 63.34 62.36 -40.01
CA GLU Y 49 62.21 61.43 -39.86
C GLU Y 49 62.56 60.06 -40.39
N TYR Y 50 63.10 60.01 -41.60
CA TYR Y 50 63.60 58.76 -42.14
C TYR Y 50 64.59 58.13 -41.17
N TYR Y 51 65.59 58.92 -40.76
CA TYR Y 51 66.49 58.46 -39.72
C TYR Y 51 65.72 58.26 -38.42
N LEU Y 52 64.70 59.07 -38.19
CA LEU Y 52 63.93 58.99 -36.98
C LEU Y 52 63.10 57.72 -36.96
N ASN Y 53 62.25 57.57 -37.97
CA ASN Y 53 61.55 56.32 -38.16
C ASN Y 53 62.52 55.15 -38.11
N HIS Y 54 63.48 55.12 -39.03
CA HIS Y 54 64.24 53.90 -39.29
C HIS Y 54 65.40 53.72 -38.31
N GLY Y 55 66.08 54.82 -37.98
CA GLY Y 55 67.42 54.74 -37.45
C GLY Y 55 68.47 54.90 -38.53
N GLU Y 56 68.08 55.00 -39.79
CA GLU Y 56 68.98 55.22 -40.90
C GLU Y 56 68.58 56.50 -41.63
N TRP Y 57 69.56 57.28 -42.03
CA TRP Y 57 69.25 58.43 -42.84
C TRP Y 57 68.66 57.96 -44.16
N PRO Y 58 67.97 58.83 -44.88
CA PRO Y 58 67.52 58.47 -46.21
C PRO Y 58 68.67 58.61 -47.19
N GLY Y 59 68.90 57.55 -47.96
CA GLY Y 59 69.95 57.59 -48.95
C GLY Y 59 69.88 58.84 -49.80
N ASP Y 60 68.68 59.40 -49.95
CA ASP Y 60 68.51 60.61 -50.72
C ASP Y 60 67.12 61.16 -50.44
N ASN Y 61 66.74 62.13 -51.26
CA ASN Y 61 65.37 62.62 -51.34
C ASN Y 61 64.38 61.50 -51.53
N SER Y 62 64.64 60.60 -52.47
CA SER Y 62 63.69 59.54 -52.79
C SER Y 62 63.62 58.47 -51.70
N SER Y 63 64.77 58.07 -51.17
CA SER Y 63 64.76 57.26 -49.97
C SER Y 63 63.87 57.87 -48.91
N ALA Y 64 64.12 59.15 -48.59
CA ALA Y 64 63.18 59.89 -47.76
C ALA Y 64 61.81 59.97 -48.42
N GLY Y 65 61.78 59.95 -49.74
CA GLY Y 65 60.55 60.21 -50.47
C GLY Y 65 60.27 61.66 -50.69
N VAL Y 66 61.32 62.49 -50.78
CA VAL Y 66 61.12 63.94 -50.83
C VAL Y 66 61.74 64.53 -52.07
N ALA Y 67 61.63 65.85 -52.19
CA ALA Y 67 61.95 66.55 -53.44
C ALA Y 67 63.40 66.35 -53.84
N THR Y 68 63.61 65.84 -55.04
CA THR Y 68 64.91 65.35 -55.48
C THR Y 68 65.86 66.49 -55.85
N SER Y 69 67.00 66.11 -56.43
CA SER Y 69 68.03 67.06 -56.84
C SER Y 69 67.44 68.21 -57.64
N ALA Y 70 66.92 67.89 -58.82
CA ALA Y 70 66.27 68.87 -59.67
C ALA Y 70 64.94 69.35 -59.10
N ASP Y 71 64.48 68.73 -58.04
CA ASP Y 71 63.40 69.32 -57.29
C ASP Y 71 63.94 70.44 -56.42
N ILE Y 72 63.19 70.74 -55.38
CA ILE Y 72 62.93 72.10 -54.92
C ILE Y 72 64.07 73.06 -55.22
N LYS Y 73 63.77 74.16 -55.92
CA LYS Y 73 64.77 75.06 -56.48
C LYS Y 73 64.18 76.44 -56.75
N GLY Y 74 65.07 77.29 -57.27
CA GLY Y 74 64.71 78.65 -57.66
C GLY Y 74 65.96 79.44 -58.00
N LYS Y 75 66.01 80.67 -57.49
CA LYS Y 75 67.20 81.50 -57.63
C LYS Y 75 68.39 80.90 -56.91
N TYR Y 76 69.54 80.93 -57.57
CA TYR Y 76 70.80 80.49 -57.00
C TYR Y 76 70.75 79.03 -56.59
N VAL Y 77 69.72 78.30 -57.01
CA VAL Y 77 69.54 76.91 -56.65
C VAL Y 77 69.23 76.14 -57.93
N GLN Y 78 70.22 75.45 -58.46
CA GLN Y 78 70.00 74.60 -59.61
C GLN Y 78 70.06 73.12 -59.27
N SER Y 79 70.03 72.80 -57.98
CA SER Y 79 69.82 71.44 -57.50
C SER Y 79 69.66 71.50 -56.00
N VAL Y 80 68.96 70.50 -55.45
CA VAL Y 80 68.81 70.31 -54.01
C VAL Y 80 68.74 68.81 -53.75
N THR Y 81 69.74 68.27 -53.05
CA THR Y 81 69.91 66.82 -53.06
C THR Y 81 70.28 66.31 -51.67
N VAL Y 82 69.79 65.12 -51.35
CA VAL Y 82 70.14 64.42 -50.10
C VAL Y 82 71.05 63.25 -50.43
N ALA Y 83 71.99 62.97 -49.54
CA ALA Y 83 72.95 61.89 -49.75
C ALA Y 83 73.10 61.11 -48.45
N ASN Y 84 72.36 60.01 -48.32
CA ASN Y 84 72.36 59.24 -47.08
C ASN Y 84 72.07 60.14 -45.90
N GLY Y 85 71.01 60.94 -46.05
CA GLY Y 85 70.72 61.98 -45.09
C GLY Y 85 71.56 63.22 -45.22
N VAL Y 86 72.58 63.22 -46.07
CA VAL Y 86 73.40 64.40 -46.26
C VAL Y 86 72.83 65.21 -47.41
N ILE Y 87 72.43 66.43 -47.14
CA ILE Y 87 71.63 67.22 -48.08
C ILE Y 87 72.51 68.28 -48.70
N THR Y 88 72.22 68.63 -49.96
CA THR Y 88 73.10 69.53 -50.68
C THR Y 88 72.32 70.25 -51.77
N ALA Y 89 72.72 71.49 -52.04
CA ALA Y 89 72.09 72.30 -53.08
C ALA Y 89 73.18 73.05 -53.83
N GLN Y 90 72.90 73.45 -55.07
CA GLN Y 90 73.91 74.05 -55.92
C GLN Y 90 73.58 75.50 -56.28
N MET Y 91 74.64 76.29 -56.44
CA MET Y 91 74.47 77.63 -56.94
C MET Y 91 73.96 77.61 -58.37
N ALA Y 92 73.29 78.69 -58.74
CA ALA Y 92 72.92 78.87 -60.12
C ALA Y 92 74.15 79.00 -60.99
N SER Y 93 73.92 79.06 -62.29
CA SER Y 93 75.01 79.20 -63.24
C SER Y 93 75.02 80.55 -63.94
N SER Y 94 74.49 81.59 -63.30
CA SER Y 94 74.47 82.92 -63.91
C SER Y 94 73.90 83.92 -62.91
N ASN Y 95 74.09 85.21 -63.21
CA ASN Y 95 73.63 86.30 -62.36
C ASN Y 95 74.14 86.14 -60.95
N VAL Y 96 75.24 85.42 -60.83
CA VAL Y 96 75.86 85.12 -59.56
C VAL Y 96 77.19 85.85 -59.52
N ASN Y 97 77.85 85.73 -58.38
CA ASN Y 97 79.29 85.82 -58.44
C ASN Y 97 79.79 84.84 -59.47
N ASN Y 98 80.40 85.38 -60.52
CA ASN Y 98 81.02 84.56 -61.54
C ASN Y 98 81.85 83.45 -60.92
N GLU Y 99 82.39 83.70 -59.73
CA GLU Y 99 83.16 82.69 -59.02
C GLU Y 99 82.28 81.53 -58.58
N ILE Y 100 81.35 81.80 -57.66
CA ILE Y 100 80.61 80.76 -56.99
C ILE Y 100 79.63 80.10 -57.93
N LYS Y 101 79.65 80.53 -59.18
CA LYS Y 101 78.70 80.04 -60.14
C LYS Y 101 78.61 78.52 -60.10
N SER Y 102 77.43 78.03 -59.78
CA SER Y 102 77.15 76.60 -59.75
C SER Y 102 78.00 75.88 -58.70
N LYS Y 103 77.72 76.17 -57.43
CA LYS Y 103 78.46 75.58 -56.33
C LYS Y 103 77.52 75.05 -55.26
N LYS Y 104 78.05 74.12 -54.45
CA LYS Y 104 77.25 73.39 -53.46
C LYS Y 104 77.93 73.37 -52.10
N LEU Y 105 77.18 72.85 -51.13
CA LEU Y 105 77.74 72.43 -49.86
C LEU Y 105 76.74 71.53 -49.18
N SER Y 106 77.25 70.45 -48.60
CA SER Y 106 76.38 69.42 -48.05
C SER Y 106 75.87 69.79 -46.67
N LEU Y 107 75.04 68.91 -46.13
CA LEU Y 107 74.33 69.14 -44.89
C LEU Y 107 74.16 67.79 -44.21
N TRP Y 108 74.98 67.52 -43.20
CA TRP Y 108 75.07 66.18 -42.67
C TRP Y 108 75.00 66.20 -41.17
N ALA Y 109 74.11 65.40 -40.62
CA ALA Y 109 73.86 65.33 -39.19
C ALA Y 109 74.40 64.03 -38.64
N LYS Y 110 75.21 64.11 -37.59
CA LYS Y 110 75.81 62.94 -36.99
C LYS Y 110 75.47 62.92 -35.51
N ARG Y 111 75.14 61.73 -35.00
CA ARG Y 111 74.28 61.61 -33.83
C ARG Y 111 75.00 62.07 -32.57
N GLN Y 112 74.25 62.72 -31.67
CA GLN Y 112 74.78 63.49 -30.55
C GLN Y 112 74.51 62.83 -29.22
N ASN Y 113 75.07 63.43 -28.16
CA ASN Y 113 74.43 63.34 -26.86
C ASN Y 113 72.97 63.67 -27.01
N GLY Y 114 72.67 64.78 -27.67
CA GLY Y 114 71.34 65.06 -28.14
C GLY Y 114 71.02 64.10 -29.27
N SER Y 115 70.14 64.53 -30.15
CA SER Y 115 69.86 63.67 -31.29
C SER Y 115 71.06 63.60 -32.20
N VAL Y 116 71.42 64.72 -32.80
CA VAL Y 116 72.28 64.67 -33.97
C VAL Y 116 72.72 66.10 -34.24
N LYS Y 117 73.86 66.29 -34.89
CA LYS Y 117 74.18 67.64 -35.32
C LYS Y 117 74.49 67.69 -36.81
N TRP Y 118 73.70 68.48 -37.50
CA TRP Y 118 73.92 68.80 -38.90
C TRP Y 118 75.18 69.63 -39.07
N PHE Y 119 75.50 69.95 -40.33
CA PHE Y 119 76.61 70.83 -40.63
C PHE Y 119 76.40 71.51 -41.96
N CYS Y 120 76.36 72.82 -41.92
CA CYS Y 120 76.42 73.64 -43.12
C CYS Y 120 77.87 73.67 -43.58
N GLY Y 121 78.16 72.91 -44.63
CA GLY Y 121 79.53 72.91 -45.12
C GLY Y 121 79.66 72.05 -46.36
N GLN Y 122 80.90 71.84 -46.74
CA GLN Y 122 81.29 71.40 -48.07
C GLN Y 122 80.47 70.24 -48.61
N PRO Y 123 80.25 70.21 -49.91
CA PRO Y 123 79.59 69.07 -50.53
C PRO Y 123 80.26 67.78 -50.09
N VAL Y 124 79.52 66.97 -49.37
CA VAL Y 124 79.98 65.69 -48.86
C VAL Y 124 78.80 64.74 -48.89
N THR Y 125 79.00 63.48 -48.51
CA THR Y 125 77.93 62.50 -48.53
C THR Y 125 78.14 61.50 -47.41
N ARG Y 126 77.04 60.94 -46.90
CA ARG Y 126 77.18 60.01 -45.81
C ARG Y 126 77.54 58.63 -46.33
N THR Y 127 78.47 58.00 -45.62
CA THR Y 127 78.97 56.69 -46.02
C THR Y 127 77.82 55.76 -46.32
N THR Y 128 76.88 55.65 -45.40
CA THR Y 128 75.66 54.90 -45.65
C THR Y 128 74.46 55.71 -45.16
N ALA Y 129 73.33 55.48 -45.81
CA ALA Y 129 72.07 55.95 -45.27
C ALA Y 129 71.90 55.48 -43.83
N THR Y 130 72.41 54.29 -43.52
CA THR Y 130 72.38 53.79 -42.15
C THR Y 130 73.28 54.60 -41.24
N ALA Y 131 74.42 55.06 -41.76
CA ALA Y 131 75.45 55.65 -40.92
C ALA Y 131 75.02 57.02 -40.42
N THR Y 132 75.96 57.68 -39.74
CA THR Y 132 75.93 59.12 -39.55
C THR Y 132 77.16 59.75 -40.18
N ASP Y 133 78.32 59.10 -40.05
CA ASP Y 133 79.55 59.59 -40.65
C ASP Y 133 79.42 59.74 -42.16
N VAL Y 134 79.97 60.84 -42.67
CA VAL Y 134 79.76 61.22 -44.06
C VAL Y 134 81.11 61.40 -44.73
N ALA Y 135 81.10 61.32 -46.05
CA ALA Y 135 82.31 61.28 -46.85
C ALA Y 135 82.44 62.56 -47.65
N ALA Y 136 83.66 63.10 -47.68
CA ALA Y 136 83.92 64.39 -48.30
C ALA Y 136 83.95 64.23 -49.80
N ALA Y 137 82.81 63.86 -50.40
CA ALA Y 137 82.70 63.74 -51.84
C ALA Y 137 82.80 65.15 -52.40
N ASN Y 138 83.99 65.51 -52.88
CA ASN Y 138 84.34 66.91 -53.04
C ASN Y 138 84.01 67.50 -54.39
N GLY Y 139 83.72 66.66 -55.39
CA GLY Y 139 83.37 67.13 -56.71
C GLY Y 139 84.39 68.08 -57.27
N LYS Y 140 85.65 67.84 -56.92
CA LYS Y 140 86.76 68.68 -57.35
C LYS Y 140 86.52 70.12 -56.95
N THR Y 141 85.82 70.30 -55.84
CA THR Y 141 85.69 71.56 -55.12
C THR Y 141 84.96 72.62 -55.92
N ASP Y 142 84.57 72.35 -57.17
CA ASP Y 142 83.80 73.36 -57.90
C ASP Y 142 82.53 73.67 -57.13
N ASP Y 143 81.66 72.67 -56.98
CA ASP Y 143 80.50 72.87 -56.14
C ASP Y 143 80.89 73.24 -54.73
N LYS Y 144 81.96 72.66 -54.20
CA LYS Y 144 82.47 73.13 -52.92
C LYS Y 144 82.66 74.64 -52.97
N ILE Y 145 82.42 75.27 -51.84
CA ILE Y 145 82.34 76.72 -51.82
C ILE Y 145 83.47 77.29 -50.98
N ASN Y 146 84.06 78.37 -51.46
CA ASN Y 146 85.14 79.03 -50.75
C ASN Y 146 84.71 79.41 -49.34
N THR Y 147 85.44 78.89 -48.36
CA THR Y 147 85.22 79.31 -46.98
C THR Y 147 85.32 80.82 -46.86
N LYS Y 148 86.13 81.47 -47.70
CA LYS Y 148 86.03 82.91 -47.79
C LYS Y 148 84.66 83.29 -48.33
N HIS Y 149 84.32 82.85 -49.53
CA HIS Y 149 82.99 83.06 -50.06
C HIS Y 149 81.91 82.36 -49.25
N LEU Y 150 82.30 81.62 -48.26
CA LEU Y 150 81.34 81.23 -47.26
C LEU Y 150 81.46 82.15 -46.06
N PRO Y 151 80.42 82.29 -45.30
CA PRO Y 151 80.57 82.95 -44.00
C PRO Y 151 81.40 82.11 -43.05
N SER Y 152 81.71 82.69 -41.88
CA SER Y 152 82.62 82.05 -40.95
C SER Y 152 82.09 80.70 -40.50
N THR Y 153 80.82 80.62 -40.15
CA THR Y 153 80.29 79.37 -39.61
C THR Y 153 80.24 78.28 -40.67
N CYS Y 154 79.57 78.54 -41.78
CA CYS Y 154 79.21 77.47 -42.73
C CYS Y 154 80.50 77.05 -43.44
N ARG Y 155 81.39 76.46 -42.69
CA ARG Y 155 82.68 76.02 -43.18
C ARG Y 155 82.96 74.58 -42.78
N ASP Y 156 82.04 73.67 -43.10
CA ASP Y 156 82.08 72.32 -42.55
C ASP Y 156 82.50 71.29 -43.62
N ASP Y 157 83.30 70.31 -43.19
CA ASP Y 157 83.66 69.16 -43.99
C ASP Y 157 82.94 67.92 -43.48
N SER Y 158 82.82 66.93 -44.35
CA SER Y 158 82.23 65.64 -44.00
C SER Y 158 82.64 65.20 -42.60
N SER Y 159 83.93 65.33 -42.33
CA SER Y 159 84.46 65.13 -40.99
C SER Y 159 83.61 65.75 -39.90
N ALA Y 160 82.92 66.85 -40.18
CA ALA Y 160 82.06 67.47 -39.17
C ALA Y 160 81.03 66.47 -38.68
N SER Y 161 81.02 66.24 -37.38
CA SER Y 161 80.26 65.15 -36.79
C SER Y 161 79.38 65.58 -35.62
N PHE Z 1 101.26 137.59 -66.96
CA PHE Z 1 100.17 136.77 -67.51
C PHE Z 1 100.15 135.43 -66.83
N THR Z 2 100.94 135.29 -65.78
CA THR Z 2 100.58 134.34 -64.75
C THR Z 2 99.15 134.60 -64.31
N LEU Z 3 98.71 135.85 -64.39
CA LEU Z 3 97.30 136.17 -64.27
C LEU Z 3 96.45 135.27 -65.15
N ILE Z 4 96.83 135.11 -66.42
CA ILE Z 4 96.15 134.11 -67.23
C ILE Z 4 96.23 132.77 -66.53
N GLU Z 5 97.45 132.29 -66.30
CA GLU Z 5 97.65 131.08 -65.50
C GLU Z 5 96.76 131.10 -64.27
N LEU Z 6 96.72 132.23 -63.57
CA LEU Z 6 95.74 132.41 -62.51
C LEU Z 6 94.34 132.28 -63.05
N MET Z 7 93.96 133.18 -63.95
CA MET Z 7 92.61 133.15 -64.49
C MET Z 7 92.33 131.80 -65.14
N ILE Z 8 93.36 131.15 -65.67
CA ILE Z 8 93.23 129.74 -66.04
C ILE Z 8 92.76 128.93 -64.84
N VAL Z 9 93.56 128.93 -63.78
CA VAL Z 9 93.17 128.24 -62.57
C VAL Z 9 91.80 128.70 -62.14
N ILE Z 10 91.52 129.98 -62.28
CA ILE Z 10 90.16 130.45 -62.12
C ILE Z 10 89.26 129.79 -63.16
N ALA Z 11 89.64 129.92 -64.43
CA ALA Z 11 88.81 129.39 -65.50
C ALA Z 11 88.52 127.91 -65.30
N ILE Z 12 89.55 127.11 -65.05
CA ILE Z 12 89.31 125.68 -64.87
C ILE Z 12 88.45 125.46 -63.63
N VAL Z 13 88.64 126.28 -62.61
CA VAL Z 13 87.66 126.31 -61.53
C VAL Z 13 86.35 126.88 -62.03
N GLY Z 14 86.43 127.81 -62.98
CA GLY Z 14 85.25 128.42 -63.54
C GLY Z 14 84.23 127.41 -64.00
N ILE Z 15 84.67 126.46 -64.82
CA ILE Z 15 83.79 125.40 -65.33
C ILE Z 15 84.03 124.09 -64.61
N LEU Z 16 84.34 124.16 -63.32
CA LEU Z 16 84.60 122.97 -62.53
C LEU Z 16 83.53 122.77 -61.46
N ALA Z 17 82.84 123.85 -61.10
CA ALA Z 17 81.79 123.80 -60.10
C ALA Z 17 80.41 123.77 -60.75
N ALA Z 18 80.34 123.18 -61.94
CA ALA Z 18 79.09 123.08 -62.66
C ALA Z 18 79.00 121.82 -63.51
N VAL Z 19 77.93 121.06 -63.32
CA VAL Z 19 77.64 119.80 -64.03
C VAL Z 19 78.61 118.64 -63.80
N ALA Z 20 79.39 118.71 -62.72
CA ALA Z 20 80.34 117.65 -62.41
C ALA Z 20 79.81 116.73 -61.32
N LEU Z 21 78.49 116.59 -61.28
CA LEU Z 21 77.84 115.71 -60.30
C LEU Z 21 76.72 114.90 -60.94
N PRO Z 22 77.03 113.69 -61.35
CA PRO Z 22 76.04 112.81 -61.97
C PRO Z 22 75.08 112.24 -60.94
N ALA Z 23 73.86 111.90 -61.36
CA ALA Z 23 73.14 110.75 -60.85
C ALA Z 23 73.01 110.61 -59.34
N TYR Z 24 73.25 111.65 -58.56
CA TYR Z 24 73.13 111.43 -57.11
C TYR Z 24 71.69 111.60 -56.65
N GLN Z 25 70.96 112.55 -57.23
CA GLN Z 25 69.52 112.54 -57.03
C GLN Z 25 68.96 111.23 -57.54
N ASP Z 26 69.62 110.68 -58.56
CA ASP Z 26 69.35 109.31 -59.00
C ASP Z 26 69.68 108.30 -57.91
N TYR Z 27 70.80 108.47 -57.22
CA TYR Z 27 71.24 107.43 -56.30
C TYR Z 27 70.42 107.41 -55.03
N THR Z 28 70.36 108.55 -54.33
CA THR Z 28 69.52 108.67 -53.14
C THR Z 28 68.19 107.99 -53.37
N ALA Z 29 67.59 108.25 -54.52
CA ALA Z 29 66.35 107.62 -54.91
C ALA Z 29 66.35 106.13 -54.61
N ARG Z 30 67.33 105.42 -55.15
CA ARG Z 30 67.41 103.98 -54.97
C ARG Z 30 67.13 103.60 -53.51
N ALA Z 31 67.94 104.11 -52.59
CA ALA Z 31 67.70 103.86 -51.19
C ALA Z 31 66.36 104.42 -50.76
N GLN Z 32 66.13 105.71 -51.04
CA GLN Z 32 64.83 106.33 -50.81
C GLN Z 32 63.72 105.45 -51.35
N VAL Z 33 63.88 104.97 -52.58
CA VAL Z 33 63.04 103.88 -53.07
C VAL Z 33 63.15 102.67 -52.15
N SER Z 34 64.37 102.16 -52.00
CA SER Z 34 64.57 100.89 -51.32
C SER Z 34 64.00 100.93 -49.91
N GLU Z 35 64.03 102.09 -49.27
CA GLU Z 35 63.30 102.25 -48.03
C GLU Z 35 61.87 101.74 -48.17
N ALA Z 36 61.18 102.18 -49.21
CA ALA Z 36 59.83 101.69 -49.45
C ALA Z 36 59.82 100.17 -49.61
N ILE Z 37 60.86 99.61 -50.24
CA ILE Z 37 60.92 98.16 -50.41
C ILE Z 37 60.91 97.47 -49.06
N LEU Z 38 61.45 98.13 -48.05
CA LEU Z 38 61.73 97.45 -46.79
C LEU Z 38 60.47 97.05 -46.06
N LEU Z 39 59.32 97.58 -46.45
CA LEU Z 39 58.19 97.57 -45.53
C LEU Z 39 57.21 96.43 -45.82
N ALA Z 40 56.65 96.39 -47.05
CA ALA Z 40 55.64 95.40 -47.41
C ALA Z 40 56.17 93.98 -47.35
N GLU Z 41 57.46 93.82 -47.13
CA GLU Z 41 58.08 92.52 -47.03
C GLU Z 41 57.32 91.59 -46.09
N GLY Z 42 56.99 92.07 -44.90
CA GLY Z 42 56.30 91.23 -43.95
C GLY Z 42 54.94 90.76 -44.43
N GLN Z 43 54.30 91.56 -45.28
CA GLN Z 43 52.99 91.20 -45.78
C GLN Z 43 53.03 89.86 -46.52
N LYS Z 44 54.17 89.57 -47.14
CA LYS Z 44 54.37 88.34 -47.89
C LYS Z 44 53.94 87.10 -47.13
N SER Z 45 54.04 87.13 -45.80
CA SER Z 45 53.75 85.95 -45.00
C SER Z 45 52.29 85.53 -45.11
N ALA Z 46 51.37 86.36 -44.61
CA ALA Z 46 49.97 86.02 -44.68
C ALA Z 46 49.52 85.84 -46.12
N VAL Z 47 50.08 86.67 -47.00
CA VAL Z 47 49.92 86.46 -48.44
C VAL Z 47 50.27 85.02 -48.78
N THR Z 48 51.47 84.59 -48.41
CA THR Z 48 51.82 83.18 -48.55
C THR Z 48 50.83 82.32 -47.78
N GLU Z 49 50.66 82.61 -46.49
CA GLU Z 49 49.76 81.86 -45.64
C GLU Z 49 48.39 81.72 -46.29
N TYR Z 50 47.84 82.83 -46.75
CA TYR Z 50 46.61 82.78 -47.52
C TYR Z 50 46.76 81.81 -48.68
N TYR Z 51 47.81 82.00 -49.48
CA TYR Z 51 48.12 81.02 -50.51
C TYR Z 51 48.45 79.68 -49.89
N LEU Z 52 49.06 79.71 -48.71
CA LEU Z 52 49.46 78.49 -48.04
C LEU Z 52 48.23 77.74 -47.55
N ASN Z 53 47.45 78.40 -46.72
CA ASN Z 53 46.15 77.85 -46.34
C ASN Z 53 45.38 77.40 -47.57
N HIS Z 54 45.08 78.34 -48.45
CA HIS Z 54 44.05 78.12 -49.48
C HIS Z 54 44.61 77.38 -50.68
N GLY Z 55 45.84 77.72 -51.09
CA GLY Z 55 46.29 77.45 -52.43
C GLY Z 55 46.09 78.63 -53.37
N GLU Z 56 45.47 79.70 -52.90
CA GLU Z 56 45.26 80.92 -53.65
C GLU Z 56 45.90 82.09 -52.92
N TRP Z 57 46.54 82.97 -53.67
CA TRP Z 57 47.05 84.18 -53.04
C TRP Z 57 45.88 84.99 -52.52
N PRO Z 58 46.13 85.91 -51.60
CA PRO Z 58 45.07 86.82 -51.19
C PRO Z 58 44.92 87.92 -52.21
N GLY Z 59 43.68 88.11 -52.67
CA GLY Z 59 43.41 89.17 -53.61
C GLY Z 59 44.04 90.47 -53.19
N ASP Z 60 44.20 90.67 -51.90
CA ASP Z 60 44.82 91.89 -51.39
C ASP Z 60 45.15 91.68 -49.93
N ASN Z 61 45.49 92.79 -49.29
CA ASN Z 61 45.61 92.87 -47.83
C ASN Z 61 44.37 92.33 -47.13
N SER Z 62 43.19 92.76 -47.56
CA SER Z 62 41.95 92.38 -46.89
C SER Z 62 41.59 90.92 -47.14
N SER Z 63 41.73 90.46 -48.37
CA SER Z 63 41.64 89.03 -48.63
C SER Z 63 42.53 88.26 -47.67
N ALA Z 64 43.81 88.63 -47.60
CA ALA Z 64 44.68 88.11 -46.56
C ALA Z 64 44.16 88.50 -45.18
N GLY Z 65 43.46 89.62 -45.09
CA GLY Z 65 43.09 90.16 -43.81
C GLY Z 65 44.16 91.01 -43.17
N VAL Z 66 45.00 91.65 -43.96
CA VAL Z 66 46.17 92.34 -43.42
C VAL Z 66 46.16 93.81 -43.81
N ALA Z 67 47.19 94.52 -43.38
CA ALA Z 67 47.22 95.98 -43.44
C ALA Z 67 47.13 96.48 -44.89
N THR Z 68 46.13 97.31 -45.15
CA THR Z 68 45.75 97.66 -46.51
C THR Z 68 46.70 98.68 -47.13
N SER Z 69 46.31 99.19 -48.30
CA SER Z 69 47.10 100.16 -49.04
C SER Z 69 47.56 101.31 -48.15
N ALA Z 70 46.61 102.09 -47.66
CA ALA Z 70 46.88 103.19 -46.75
C ALA Z 70 47.31 102.71 -45.39
N ASP Z 71 47.24 101.41 -45.14
CA ASP Z 71 47.91 100.87 -43.98
C ASP Z 71 49.39 100.73 -44.28
N ILE Z 72 50.03 99.86 -43.51
CA ILE Z 72 51.35 100.06 -42.95
C ILE Z 72 52.23 100.96 -43.81
N LYS Z 73 52.75 102.04 -43.21
CA LYS Z 73 53.43 103.12 -43.94
C LYS Z 73 54.34 103.91 -43.02
N GLY Z 74 54.96 104.92 -43.63
CA GLY Z 74 55.85 105.84 -42.94
C GLY Z 74 56.59 106.72 -43.94
N LYS Z 75 57.90 106.86 -43.71
CA LYS Z 75 58.75 107.57 -44.65
C LYS Z 75 58.82 106.86 -45.98
N TYR Z 76 58.74 107.64 -47.06
CA TYR Z 76 58.89 107.14 -48.41
C TYR Z 76 57.86 106.08 -48.74
N VAL Z 77 56.84 105.94 -47.90
CA VAL Z 77 55.80 104.93 -48.09
C VAL Z 77 54.45 105.61 -47.92
N GLN Z 78 53.79 105.91 -49.02
CA GLN Z 78 52.46 106.48 -48.96
C GLN Z 78 51.39 105.48 -49.40
N SER Z 79 51.75 104.21 -49.51
CA SER Z 79 50.80 103.12 -49.66
C SER Z 79 51.58 101.81 -49.56
N VAL Z 80 50.88 100.76 -49.16
CA VAL Z 80 51.41 99.39 -49.15
C VAL Z 80 50.27 98.45 -49.46
N THR Z 81 50.34 97.75 -50.58
CA THR Z 81 49.15 97.09 -51.11
C THR Z 81 49.49 95.72 -51.66
N VAL Z 82 48.55 94.78 -51.50
CA VAL Z 82 48.65 93.44 -52.06
C VAL Z 82 47.66 93.31 -53.22
N ALA Z 83 48.05 92.57 -54.25
CA ALA Z 83 47.21 92.39 -55.43
C ALA Z 83 47.23 90.92 -55.82
N ASN Z 84 46.23 90.16 -55.38
CA ASN Z 84 46.20 88.72 -55.64
C ASN Z 84 47.50 88.09 -55.19
N GLY Z 85 47.90 88.42 -53.96
CA GLY Z 85 49.19 88.04 -53.48
C GLY Z 85 50.34 88.88 -53.98
N VAL Z 86 50.11 89.78 -54.93
CA VAL Z 86 51.17 90.65 -55.41
C VAL Z 86 51.16 91.93 -54.62
N ILE Z 87 52.26 92.21 -53.93
CA ILE Z 87 52.30 93.25 -52.91
C ILE Z 87 53.05 94.45 -53.48
N THR Z 88 52.67 95.66 -53.05
CA THR Z 88 53.23 96.85 -53.65
C THR Z 88 53.14 98.01 -52.66
N ALA Z 89 54.13 98.89 -52.72
CA ALA Z 89 54.18 100.08 -51.87
C ALA Z 89 54.65 101.26 -52.70
N GLN Z 90 54.30 102.47 -52.27
CA GLN Z 90 54.58 103.66 -53.06
C GLN Z 90 55.56 104.60 -52.37
N MET Z 91 56.35 105.28 -53.19
CA MET Z 91 57.19 106.34 -52.68
C MET Z 91 56.37 107.47 -52.12
N ALA Z 92 56.97 108.20 -51.18
CA ALA Z 92 56.35 109.42 -50.71
C ALA Z 92 56.27 110.44 -51.83
N SER Z 93 55.62 111.55 -51.53
CA SER Z 93 55.47 112.62 -52.50
C SER Z 93 56.26 113.87 -52.15
N SER Z 94 57.36 113.74 -51.40
CA SER Z 94 58.18 114.87 -51.02
C SER Z 94 59.41 114.40 -50.27
N ASN Z 95 60.38 115.30 -50.13
CA ASN Z 95 61.64 115.01 -49.45
C ASN Z 95 62.31 113.80 -50.07
N VAL Z 96 61.97 113.52 -51.32
CA VAL Z 96 62.48 112.39 -52.05
C VAL Z 96 63.36 112.93 -53.15
N ASN Z 97 63.95 111.99 -53.88
CA ASN Z 97 64.28 112.32 -55.25
C ASN Z 97 63.02 112.83 -55.92
N ASN Z 98 63.08 114.10 -56.33
CA ASN Z 98 61.99 114.69 -57.08
C ASN Z 98 61.50 113.76 -58.18
N GLU Z 99 62.42 112.93 -58.71
CA GLU Z 99 62.08 111.97 -59.74
C GLU Z 99 61.15 110.89 -59.20
N ILE Z 100 61.66 110.08 -58.27
CA ILE Z 100 60.97 108.87 -57.84
C ILE Z 100 59.77 109.21 -57.02
N LYS Z 101 59.51 110.51 -56.86
CA LYS Z 101 58.43 110.95 -56.02
C LYS Z 101 57.15 110.18 -56.31
N SER Z 102 56.67 109.46 -55.29
CA SER Z 102 55.42 108.71 -55.38
C SER Z 102 55.50 107.61 -56.44
N LYS Z 103 56.34 106.61 -56.15
CA LYS Z 103 56.52 105.50 -57.07
C LYS Z 103 56.43 104.16 -56.35
N LYS Z 104 56.16 103.11 -57.12
CA LYS Z 104 55.89 101.77 -56.58
C LYS Z 104 56.67 100.70 -57.31
N LEU Z 105 56.58 99.49 -56.75
CA LEU Z 105 56.97 98.29 -57.47
C LEU Z 105 56.36 97.11 -56.75
N SER Z 106 55.82 96.17 -57.54
CA SER Z 106 55.08 95.07 -56.98
C SER Z 106 55.99 93.97 -56.46
N LEU Z 107 55.35 92.94 -55.90
CA LEU Z 107 56.03 91.86 -55.22
C LEU Z 107 55.20 90.60 -55.43
N TRP Z 108 55.63 89.74 -56.33
CA TRP Z 108 54.78 88.67 -56.78
C TRP Z 108 55.54 87.36 -56.77
N ALA Z 109 54.97 86.36 -56.14
CA ALA Z 109 55.59 85.05 -55.98
C ALA Z 109 54.86 84.05 -56.85
N LYS Z 110 55.61 83.32 -57.68
CA LYS Z 110 55.03 82.33 -58.57
C LYS Z 110 55.69 80.99 -58.31
N ARG Z 111 54.88 79.94 -58.31
CA ARG Z 111 55.21 78.73 -57.57
C ARG Z 111 56.36 77.96 -58.21
N GLN Z 112 57.21 77.38 -57.36
CA GLN Z 112 58.52 76.87 -57.75
C GLN Z 112 58.59 75.35 -57.72
N ASN Z 113 59.72 74.82 -58.17
CA ASN Z 113 60.19 73.54 -57.63
C ASN Z 113 60.11 73.59 -56.13
N GLY Z 114 60.66 74.63 -55.54
CA GLY Z 114 60.40 74.96 -54.16
C GLY Z 114 58.97 75.42 -54.03
N SER Z 115 58.73 76.26 -53.02
CA SER Z 115 57.37 76.77 -52.91
C SER Z 115 57.08 77.73 -54.04
N VAL Z 116 57.80 78.84 -54.09
CA VAL Z 116 57.33 79.97 -54.87
C VAL Z 116 58.49 80.95 -54.93
N LYS Z 117 58.55 81.79 -55.96
CA LYS Z 117 59.53 82.86 -55.92
C LYS Z 117 58.88 84.21 -56.14
N TRP Z 118 59.05 85.07 -55.14
CA TRP Z 118 58.67 86.46 -55.20
C TRP Z 118 59.52 87.21 -56.20
N PHE Z 119 59.22 88.50 -56.38
CA PHE Z 119 60.02 89.36 -57.23
C PHE Z 119 59.89 90.80 -56.79
N CYS Z 120 61.02 91.38 -56.43
CA CYS Z 120 61.12 92.82 -56.22
C CYS Z 120 61.18 93.47 -57.60
N GLY Z 121 60.07 94.06 -58.02
CA GLY Z 121 60.08 94.71 -59.31
C GLY Z 121 58.77 95.39 -59.58
N GLN Z 122 58.63 95.83 -60.83
CA GLN Z 122 57.67 96.84 -61.25
C GLN Z 122 56.27 96.61 -60.71
N PRO Z 123 55.54 97.69 -60.43
CA PRO Z 123 54.14 97.57 -60.05
C PRO Z 123 53.40 96.70 -61.04
N VAL Z 124 52.93 95.56 -60.55
CA VAL Z 124 52.20 94.58 -61.34
C VAL Z 124 51.15 93.97 -60.42
N THR Z 125 50.32 93.08 -60.96
CA THR Z 125 49.28 92.44 -60.15
C THR Z 125 49.03 91.04 -60.66
N ARG Z 126 48.62 90.16 -59.76
CA ARG Z 126 48.39 88.79 -60.17
C ARG Z 126 47.04 88.64 -60.84
N THR Z 127 47.04 87.89 -61.93
CA THR Z 127 45.83 87.68 -62.72
C THR Z 127 44.67 87.30 -61.82
N THR Z 128 44.86 86.31 -60.98
CA THR Z 128 43.87 85.98 -59.97
C THR Z 128 44.58 85.74 -58.64
N ALA Z 129 43.84 86.00 -57.56
CA ALA Z 129 44.27 85.55 -56.25
C ALA Z 129 44.57 84.05 -56.28
N THR Z 130 43.81 83.30 -57.08
CA THR Z 130 44.07 81.88 -57.24
C THR Z 130 45.38 81.63 -57.96
N ALA Z 131 45.73 82.48 -58.92
CA ALA Z 131 46.84 82.21 -59.81
C ALA Z 131 48.17 82.35 -59.09
N THR Z 132 49.24 82.24 -59.88
CA THR Z 132 50.55 82.75 -59.50
C THR Z 132 51.00 83.80 -60.49
N ASP Z 133 50.73 83.57 -61.78
CA ASP Z 133 51.09 84.52 -62.84
C ASP Z 133 50.43 85.88 -62.59
N VAL Z 134 51.21 86.93 -62.83
CA VAL Z 134 50.79 88.27 -62.46
C VAL Z 134 50.86 89.16 -63.69
N ALA Z 135 50.12 90.26 -63.64
CA ALA Z 135 49.92 91.14 -64.78
C ALA Z 135 50.62 92.47 -64.56
N ALA Z 136 51.30 92.94 -65.60
CA ALA Z 136 52.13 94.13 -65.50
C ALA Z 136 51.25 95.37 -65.49
N ALA Z 137 50.42 95.51 -64.46
CA ALA Z 137 49.57 96.68 -64.31
C ALA Z 137 50.50 97.86 -64.03
N ASN Z 138 50.80 98.64 -65.07
CA ASN Z 138 51.97 99.50 -65.05
C ASN Z 138 51.72 100.90 -64.52
N GLY Z 139 50.46 101.30 -64.41
CA GLY Z 139 50.12 102.62 -63.88
C GLY Z 139 50.85 103.72 -64.61
N LYS Z 140 51.05 103.51 -65.90
CA LYS Z 140 51.76 104.46 -66.75
C LYS Z 140 53.13 104.77 -66.18
N THR Z 141 53.70 103.77 -65.52
CA THR Z 141 55.09 103.73 -65.11
C THR Z 141 55.45 104.81 -64.10
N ASP Z 142 54.53 105.69 -63.73
CA ASP Z 142 54.87 106.68 -62.71
C ASP Z 142 55.28 105.96 -61.43
N ASP Z 143 54.34 105.20 -60.84
CA ASP Z 143 54.72 104.37 -59.72
C ASP Z 143 55.81 103.40 -60.07
N LYS Z 144 55.78 102.84 -61.29
CA LYS Z 144 56.92 102.05 -61.73
C LYS Z 144 58.20 102.84 -61.53
N ILE Z 145 59.27 102.13 -61.20
CA ILE Z 145 60.48 102.78 -60.77
C ILE Z 145 61.59 102.51 -61.77
N ASN Z 146 62.38 103.54 -62.03
CA ASN Z 146 63.50 103.41 -62.96
C ASN Z 146 64.43 102.31 -62.53
N THR Z 147 64.63 101.34 -63.41
CA THR Z 147 65.64 100.31 -63.17
C THR Z 147 66.99 100.93 -62.89
N LYS Z 148 67.27 102.09 -63.48
CA LYS Z 148 68.42 102.85 -63.01
C LYS Z 148 68.23 103.27 -61.57
N HIS Z 149 67.17 104.04 -61.30
CA HIS Z 149 66.85 104.38 -59.92
C HIS Z 149 66.45 103.16 -59.10
N LEU Z 150 66.40 102.03 -59.69
CA LEU Z 150 66.39 100.82 -58.91
C LEU Z 150 67.78 100.23 -58.86
N PRO Z 151 68.09 99.48 -57.86
CA PRO Z 151 69.33 98.69 -57.90
C PRO Z 151 69.25 97.61 -58.97
N SER Z 152 70.38 96.92 -59.17
CA SER Z 152 70.48 95.97 -60.27
C SER Z 152 69.46 94.85 -60.11
N THR Z 153 69.33 94.29 -58.91
CA THR Z 153 68.45 93.15 -58.74
C THR Z 153 66.99 93.54 -58.90
N CYS Z 154 66.51 94.50 -58.13
CA CYS Z 154 65.08 94.76 -58.01
C CYS Z 154 64.61 95.39 -59.31
N ARG Z 155 64.65 94.61 -60.37
CA ARG Z 155 64.27 95.04 -61.70
C ARG Z 155 63.31 94.05 -62.34
N ASP Z 156 62.21 93.74 -61.66
CA ASP Z 156 61.34 92.64 -62.06
C ASP Z 156 60.03 93.14 -62.66
N ASP Z 157 59.58 92.43 -63.70
CA ASP Z 157 58.27 92.62 -64.30
C ASP Z 157 57.34 91.49 -63.92
N SER Z 158 56.04 91.76 -64.01
CA SER Z 158 55.01 90.74 -63.77
C SER Z 158 55.42 89.39 -64.34
N SER Z 159 55.92 89.42 -65.58
CA SER Z 159 56.52 88.26 -66.21
C SER Z 159 57.43 87.47 -65.28
N ALA Z 160 58.08 88.12 -64.32
CA ALA Z 160 58.95 87.41 -63.39
C ALA Z 160 58.16 86.33 -62.66
N SER Z 161 58.61 85.09 -62.78
CA SER Z 161 57.84 83.94 -62.34
C SER Z 161 58.63 82.99 -61.44
#